data_5URS
#
_entry.id   5URS
#
_cell.length_a   85.345
_cell.length_b   89.581
_cell.length_c   104.158
_cell.angle_alpha   98.71
_cell.angle_beta   89.82
_cell.angle_gamma   96.69
#
_symmetry.space_group_name_H-M   'P 1'
#
loop_
_entity.id
_entity.type
_entity.pdbx_description
1 polymer "Inosine-5'-monophosphate dehydrogenase"
2 non-polymer 'INOSINIC ACID'
3 non-polymer "N-[4-chloro-3-(alpha-D-ribofuranosyloxy)phenyl]-N'-{2-[3-(prop-1-en-2-yl)phenyl]propan-2-yl}urea"
4 non-polymer 'POTASSIUM ION'
5 non-polymer 1,2-ETHANEDIOL
6 non-polymer 'PHOSPHATE ION'
7 non-polymer GLYCEROL
8 non-polymer DI(HYDROXYETHYL)ETHER
9 water water
#
_entity_poly.entity_id   1
_entity_poly.type   'polypeptide(L)'
_entity_poly.pdbx_seq_one_letter_code
;MHHHHHHSSGVDLGTENLYFQSNAMWESKFVKEGLTFDDVLLVPAKSDVLPREVSVKTVLSESLQLNIPLISAGMDTVTE
ADMAIAMARQGGLGIIHKNMSIEQQAEQVDKVKRSGGLLVGAAVGVTADAMTRIDALVKASVDAIVLDTAHGHSQGVIDK
VKEVRAKYPSLNIIAGNVATAEATKALIEAGANVVKVGIGPGSICTTRVVAGVGVPQLTAVYDCATEARKHGIPVIADGG
IKYSGDMVKALAAGAHVVMLGSMFAGVAESPGETEIYQGRQFKVYRGMGSVGAMEKGSKDRYFQEGNKKLVPEGIEGRVP
YKGPLADTVHQLVGGLRAGMGYCGAQDLEFLRENAQFIRMSGAGLLESHPHHVQITKEAPNYSL
;
_entity_poly.pdbx_strand_id   A,B,C,D,E,F,G,H
#
# COMPACT_ATOMS: atom_id res chain seq x y z
N GLN A 21 8.25 -6.03 55.28
CA GLN A 21 7.18 -6.68 54.54
C GLN A 21 7.69 -7.01 53.14
N SER A 22 7.77 -8.29 52.82
CA SER A 22 8.31 -8.76 51.54
C SER A 22 7.43 -9.89 51.03
N ASN A 23 6.79 -9.67 49.88
CA ASN A 23 5.85 -10.62 49.33
C ASN A 23 6.38 -11.13 47.99
N ALA A 24 7.66 -11.50 47.96
CA ALA A 24 8.32 -11.74 46.68
C ALA A 24 7.88 -13.04 46.02
N MET A 25 7.75 -14.15 46.78
CA MET A 25 7.27 -15.40 46.21
C MET A 25 5.78 -15.35 45.92
N TRP A 26 5.04 -14.56 46.70
CA TRP A 26 3.61 -14.44 46.45
C TRP A 26 3.36 -13.76 45.12
N GLU A 27 4.07 -12.66 44.86
CA GLU A 27 3.83 -11.93 43.63
C GLU A 27 4.49 -12.56 42.42
N SER A 28 5.34 -13.57 42.58
CA SER A 28 5.99 -14.16 41.41
C SER A 28 5.36 -15.48 40.99
N LYS A 29 4.26 -15.88 41.62
CA LYS A 29 3.75 -17.24 41.44
C LYS A 29 3.46 -17.53 39.97
N PHE A 30 2.92 -16.55 39.24
CA PHE A 30 2.47 -16.81 37.88
C PHE A 30 3.30 -16.09 36.85
N VAL A 31 4.57 -15.81 37.15
CA VAL A 31 5.35 -14.97 36.23
C VAL A 31 5.96 -15.75 35.06
N LYS A 32 6.46 -16.97 35.29
CA LYS A 32 7.24 -17.70 34.30
C LYS A 32 6.38 -18.24 33.15
N GLU A 33 7.02 -18.47 31.99
CA GLU A 33 6.34 -18.99 30.80
C GLU A 33 7.16 -20.11 30.18
N GLY A 34 6.50 -21.19 29.76
CA GLY A 34 7.20 -22.36 29.26
C GLY A 34 6.65 -22.86 27.94
N LEU A 35 7.53 -23.45 27.14
CA LEU A 35 7.21 -23.93 25.80
C LEU A 35 7.52 -25.41 25.61
N THR A 36 6.74 -26.06 24.74
CA THR A 36 7.14 -27.40 24.35
C THR A 36 7.19 -27.55 22.82
N PHE A 37 7.42 -28.78 22.35
CA PHE A 37 7.74 -29.03 20.95
C PHE A 37 6.70 -28.42 20.02
N ASP A 38 5.41 -28.64 20.32
CA ASP A 38 4.36 -28.17 19.43
C ASP A 38 4.17 -26.66 19.44
N ASP A 39 4.88 -25.90 20.29
CA ASP A 39 4.82 -24.45 20.30
C ASP A 39 5.79 -23.79 19.32
N VAL A 40 6.77 -24.51 18.78
CA VAL A 40 7.85 -23.85 18.08
C VAL A 40 8.20 -24.58 16.80
N LEU A 41 8.95 -23.87 15.96
CA LEU A 41 9.57 -24.41 14.76
C LEU A 41 11.02 -23.94 14.74
N LEU A 42 11.87 -24.71 14.07
CA LEU A 42 13.27 -24.37 13.86
C LEU A 42 13.42 -23.51 12.60
N VAL A 43 14.12 -22.40 12.73
CA VAL A 43 14.26 -21.46 11.63
C VAL A 43 15.38 -21.92 10.68
N PRO A 44 15.07 -22.19 9.40
CA PRO A 44 16.14 -22.57 8.49
C PRO A 44 17.13 -21.43 8.35
N ALA A 45 18.40 -21.79 8.12
CA ALA A 45 19.48 -20.81 8.00
C ALA A 45 20.43 -21.25 6.89
N LYS A 46 21.37 -20.36 6.56
CA LYS A 46 22.30 -20.60 5.45
C LYS A 46 23.02 -21.92 5.68
N SER A 47 23.01 -22.77 4.67
CA SER A 47 23.60 -24.09 4.82
C SER A 47 24.51 -24.36 3.63
N ASP A 48 25.69 -24.87 3.92
CA ASP A 48 26.61 -25.38 2.92
C ASP A 48 26.78 -26.88 3.01
N VAL A 49 25.97 -27.54 3.82
CA VAL A 49 26.21 -28.94 4.19
C VAL A 49 24.99 -29.77 3.79
N LEU A 50 25.25 -30.86 3.22
CA LEU A 50 24.20 -31.79 2.84
C LEU A 50 23.88 -32.67 4.04
N PRO A 51 22.62 -33.07 4.22
CA PRO A 51 22.28 -33.93 5.39
C PRO A 51 23.11 -35.19 5.49
N ARG A 52 23.46 -35.79 4.36
CA ARG A 52 24.19 -37.04 4.34
C ARG A 52 25.62 -36.91 4.85
N GLU A 53 26.11 -35.69 5.02
CA GLU A 53 27.46 -35.48 5.50
C GLU A 53 27.53 -34.89 6.90
N VAL A 54 26.40 -34.59 7.56
CA VAL A 54 26.51 -34.00 8.91
C VAL A 54 26.98 -35.06 9.88
N SER A 55 27.51 -34.60 11.00
CA SER A 55 27.94 -35.46 12.09
C SER A 55 26.89 -35.46 13.19
N VAL A 56 26.42 -36.65 13.59
CA VAL A 56 25.45 -36.77 14.67
C VAL A 56 26.06 -37.41 15.90
N LYS A 57 27.39 -37.56 15.92
CA LYS A 57 28.06 -38.10 17.10
C LYS A 57 28.00 -37.12 18.25
N THR A 58 28.04 -37.65 19.47
CA THR A 58 27.95 -36.82 20.66
C THR A 58 28.75 -37.47 21.77
N VAL A 59 29.40 -36.63 22.60
CA VAL A 59 30.23 -37.05 23.73
C VAL A 59 29.54 -36.63 25.03
N LEU A 60 29.08 -37.61 25.79
CA LEU A 60 28.48 -37.33 27.10
C LEU A 60 29.56 -37.19 28.16
N SER A 61 30.54 -38.08 28.14
CA SER A 61 31.69 -38.01 29.03
C SER A 61 32.87 -38.61 28.30
N GLU A 62 34.04 -38.50 28.92
CA GLU A 62 35.23 -39.05 28.29
C GLU A 62 35.10 -40.54 28.06
N SER A 63 34.31 -41.23 28.90
CA SER A 63 34.16 -42.67 28.80
C SER A 63 32.82 -43.12 28.22
N LEU A 64 32.01 -42.20 27.67
CA LEU A 64 30.70 -42.57 27.15
C LEU A 64 30.40 -41.67 25.96
N GLN A 65 30.60 -42.21 24.76
CA GLN A 65 30.45 -41.46 23.52
C GLN A 65 29.57 -42.24 22.58
N LEU A 66 28.57 -41.57 22.03
CA LEU A 66 27.56 -42.19 21.19
C LEU A 66 27.70 -41.72 19.76
N ASN A 67 27.54 -42.65 18.82
CA ASN A 67 27.54 -42.30 17.40
C ASN A 67 26.20 -41.69 16.94
N ILE A 68 25.09 -41.95 17.63
CA ILE A 68 23.78 -41.36 17.33
C ILE A 68 23.18 -40.87 18.65
N PRO A 69 22.44 -39.75 18.67
CA PRO A 69 22.03 -39.17 19.97
C PRO A 69 20.73 -39.75 20.53
N LEU A 70 20.68 -41.08 20.66
CA LEU A 70 19.46 -41.77 21.05
C LEU A 70 19.72 -42.78 22.16
N ILE A 71 18.87 -42.74 23.17
CA ILE A 71 18.93 -43.63 24.32
C ILE A 71 17.54 -44.26 24.51
N SER A 72 17.49 -45.55 24.75
CA SER A 72 16.22 -46.19 25.02
C SER A 72 15.93 -46.11 26.52
N ALA A 73 14.72 -45.68 26.86
CA ALA A 73 14.37 -45.43 28.26
C ALA A 73 14.46 -46.73 29.05
N GLY A 74 14.80 -46.59 30.33
CA GLY A 74 14.86 -47.73 31.25
C GLY A 74 13.50 -48.12 31.79
N MET A 75 12.64 -48.67 30.93
CA MET A 75 11.28 -49.06 31.30
C MET A 75 11.09 -50.54 30.95
N ASP A 76 10.23 -51.24 31.70
CA ASP A 76 10.15 -52.68 31.47
C ASP A 76 9.42 -53.06 30.18
N THR A 77 8.92 -52.11 29.41
CA THR A 77 8.34 -52.43 28.12
C THR A 77 9.16 -51.84 26.97
N VAL A 78 10.39 -51.38 27.24
CA VAL A 78 11.24 -50.71 26.24
C VAL A 78 12.63 -51.34 26.15
N THR A 79 13.38 -51.41 27.26
CA THR A 79 14.80 -51.78 27.21
C THR A 79 15.08 -52.98 28.11
N GLU A 80 15.42 -54.09 27.48
CA GLU A 80 16.13 -55.18 28.14
C GLU A 80 17.37 -55.45 27.28
N ALA A 81 17.95 -56.64 27.42
CA ALA A 81 19.25 -56.90 26.81
C ALA A 81 19.20 -56.75 25.30
N ASP A 82 18.21 -57.38 24.65
CA ASP A 82 18.15 -57.30 23.20
C ASP A 82 18.01 -55.86 22.73
N MET A 83 17.23 -55.05 23.44
CA MET A 83 17.06 -53.66 23.03
C MET A 83 18.36 -52.87 23.19
N ALA A 84 19.06 -53.06 24.32
CA ALA A 84 20.29 -52.30 24.54
C ALA A 84 21.36 -52.68 23.52
N ILE A 85 21.40 -53.96 23.14
CA ILE A 85 22.33 -54.44 22.12
C ILE A 85 22.01 -53.84 20.75
N ALA A 86 20.76 -53.86 20.34
CA ALA A 86 20.47 -53.30 19.02
C ALA A 86 20.71 -51.80 19.03
N MET A 87 20.38 -51.13 20.13
CA MET A 87 20.65 -49.70 20.28
C MET A 87 22.14 -49.40 20.20
N ALA A 88 22.95 -50.16 20.97
CA ALA A 88 24.38 -49.92 20.97
C ALA A 88 24.97 -50.14 19.58
N ARG A 89 24.54 -51.20 18.89
CA ARG A 89 25.10 -51.48 17.57
C ARG A 89 24.78 -50.39 16.57
N GLN A 90 23.71 -49.61 16.78
CA GLN A 90 23.46 -48.43 15.97
C GLN A 90 24.27 -47.21 16.38
N GLY A 91 25.01 -47.27 17.47
CA GLY A 91 25.68 -46.09 17.98
C GLY A 91 24.96 -45.40 19.10
N GLY A 92 23.85 -45.97 19.60
CA GLY A 92 23.12 -45.40 20.70
C GLY A 92 23.32 -46.17 22.00
N LEU A 93 22.36 -46.04 22.90
CA LEU A 93 22.53 -46.58 24.24
C LEU A 93 21.23 -47.11 24.78
N GLY A 94 21.31 -48.20 25.54
CA GLY A 94 20.15 -48.72 26.22
C GLY A 94 20.32 -48.71 27.73
N ILE A 95 19.28 -48.26 28.43
CA ILE A 95 19.22 -48.24 29.88
C ILE A 95 18.36 -49.41 30.32
N ILE A 96 18.96 -50.45 30.90
CA ILE A 96 18.17 -51.58 31.40
C ILE A 96 17.45 -51.19 32.68
N HIS A 97 16.14 -51.45 32.72
CA HIS A 97 15.27 -51.04 33.80
C HIS A 97 15.49 -51.88 35.06
N LYS A 98 15.03 -51.33 36.19
N LYS A 98 15.02 -51.34 36.18
CA LYS A 98 15.30 -51.90 37.52
CA LYS A 98 15.29 -51.90 37.51
C LYS A 98 14.13 -52.71 38.06
C LYS A 98 14.14 -52.73 38.05
N ASN A 99 13.13 -53.01 37.23
CA ASN A 99 12.00 -53.84 37.65
C ASN A 99 12.36 -55.33 37.49
N MET A 100 13.48 -55.70 38.11
CA MET A 100 13.99 -57.06 38.10
C MET A 100 14.92 -57.17 39.28
N SER A 101 15.31 -58.39 39.59
CA SER A 101 16.22 -58.56 40.71
C SER A 101 17.59 -57.99 40.36
N ILE A 102 18.38 -57.73 41.40
CA ILE A 102 19.76 -57.30 41.22
C ILE A 102 20.52 -58.29 40.36
N GLU A 103 20.37 -59.58 40.65
CA GLU A 103 21.08 -60.61 39.91
C GLU A 103 20.69 -60.56 38.44
N GLN A 104 19.38 -60.49 38.20
CA GLN A 104 18.85 -60.48 36.85
C GLN A 104 19.27 -59.22 36.09
N GLN A 105 19.45 -58.09 36.78
CA GLN A 105 19.89 -56.90 36.05
C GLN A 105 21.37 -57.01 35.71
N ALA A 106 22.17 -57.53 36.65
CA ALA A 106 23.57 -57.74 36.37
C ALA A 106 23.76 -58.74 35.24
N GLU A 107 22.91 -59.77 35.17
CA GLU A 107 23.03 -60.70 34.06
C GLU A 107 22.73 -60.02 32.73
N GLN A 108 21.70 -59.17 32.70
CA GLN A 108 21.37 -58.41 31.50
C GLN A 108 22.51 -57.47 31.11
N VAL A 109 23.11 -56.80 32.09
CA VAL A 109 24.26 -55.95 31.78
C VAL A 109 25.37 -56.80 31.18
N ASP A 110 25.64 -57.94 31.82
CA ASP A 110 26.70 -58.82 31.37
C ASP A 110 26.45 -59.26 29.93
N LYS A 111 25.20 -59.60 29.59
CA LYS A 111 24.87 -60.06 28.24
C LYS A 111 25.19 -59.01 27.18
N VAL A 112 24.93 -57.74 27.47
CA VAL A 112 25.23 -56.68 26.51
C VAL A 112 26.74 -56.53 26.34
N LYS A 113 27.48 -56.50 27.45
CA LYS A 113 28.93 -56.37 27.37
C LYS A 113 29.56 -57.57 26.70
N ARG A 114 29.10 -58.78 27.02
CA ARG A 114 29.65 -59.97 26.40
C ARG A 114 29.23 -60.11 24.95
N SER A 115 28.40 -59.18 24.44
CA SER A 115 27.90 -59.22 23.07
C SER A 115 28.65 -58.25 22.15
N GLY A 116 29.96 -58.18 22.27
CA GLY A 116 30.80 -57.38 21.40
C GLY A 116 31.39 -56.15 22.05
N GLY A 117 31.43 -56.09 23.38
CA GLY A 117 31.91 -54.92 24.06
C GLY A 117 31.03 -53.70 23.90
N LEU A 118 29.71 -53.87 23.92
CA LEU A 118 28.80 -52.76 23.67
C LEU A 118 28.59 -51.90 24.91
N LEU A 119 28.36 -50.61 24.71
CA LEU A 119 27.98 -49.75 25.81
C LEU A 119 26.59 -50.14 26.33
N VAL A 120 26.38 -49.98 27.64
CA VAL A 120 25.09 -50.27 28.27
C VAL A 120 24.98 -49.49 29.57
N GLY A 121 23.75 -49.06 29.89
CA GLY A 121 23.46 -48.42 31.16
C GLY A 121 22.38 -49.17 31.94
N ALA A 122 22.24 -48.82 33.21
CA ALA A 122 21.25 -49.51 34.03
C ALA A 122 20.63 -48.53 35.00
N ALA A 123 19.33 -48.65 35.16
CA ALA A 123 18.59 -47.75 36.04
C ALA A 123 18.72 -48.24 37.47
N VAL A 124 18.85 -47.27 38.39
CA VAL A 124 18.87 -47.51 39.82
C VAL A 124 18.02 -46.43 40.50
N GLY A 125 17.28 -46.83 41.53
CA GLY A 125 16.51 -45.93 42.36
C GLY A 125 17.26 -45.53 43.63
N VAL A 126 16.65 -44.63 44.39
CA VAL A 126 17.20 -44.21 45.68
C VAL A 126 16.60 -45.12 46.76
N THR A 127 17.31 -46.17 47.11
CA THR A 127 16.86 -47.18 48.05
C THR A 127 17.98 -47.47 49.02
N ALA A 128 17.67 -48.31 50.01
CA ALA A 128 18.71 -48.83 50.89
C ALA A 128 19.66 -49.72 50.09
N ASP A 129 19.11 -50.63 49.29
CA ASP A 129 19.94 -51.54 48.50
C ASP A 129 20.38 -50.95 47.18
N ALA A 130 20.32 -49.63 47.00
CA ALA A 130 20.80 -49.07 45.74
C ALA A 130 22.28 -49.36 45.57
N MET A 131 23.06 -49.15 46.65
CA MET A 131 24.48 -49.39 46.60
C MET A 131 24.80 -50.85 46.32
N THR A 132 23.97 -51.76 46.84
CA THR A 132 24.13 -53.18 46.53
C THR A 132 23.87 -53.44 45.05
N ARG A 133 22.79 -52.88 44.53
CA ARG A 133 22.49 -53.04 43.12
C ARG A 133 23.61 -52.42 42.29
N ILE A 134 24.08 -51.24 42.68
CA ILE A 134 25.17 -50.59 41.95
C ILE A 134 26.43 -51.45 42.01
N ASP A 135 26.73 -52.06 43.16
CA ASP A 135 27.92 -52.89 43.24
C ASP A 135 27.86 -54.01 42.21
N ALA A 136 26.71 -54.67 42.08
CA ALA A 136 26.64 -55.77 41.11
C ALA A 136 26.70 -55.26 39.67
N LEU A 137 26.14 -54.08 39.40
CA LEU A 137 26.13 -53.58 38.03
C LEU A 137 27.53 -53.18 37.57
N VAL A 138 28.29 -52.52 38.44
CA VAL A 138 29.65 -52.13 38.10
C VAL A 138 30.53 -53.35 37.92
N LYS A 139 30.27 -54.38 38.70
CA LYS A 139 31.03 -55.60 38.59
C LYS A 139 30.79 -56.17 37.21
N ALA A 140 29.56 -56.07 36.73
CA ALA A 140 29.25 -56.59 35.40
C ALA A 140 29.71 -55.64 34.30
N SER A 141 30.46 -54.60 34.67
CA SER A 141 31.10 -53.66 33.74
C SER A 141 30.10 -52.75 33.03
N VAL A 142 29.09 -52.29 33.78
CA VAL A 142 28.13 -51.34 33.21
C VAL A 142 28.88 -50.05 32.88
N ASP A 143 28.41 -49.37 31.84
CA ASP A 143 29.01 -48.11 31.38
C ASP A 143 28.38 -46.89 32.04
N ALA A 144 27.16 -47.00 32.53
CA ALA A 144 26.59 -45.85 33.22
C ALA A 144 25.47 -46.35 34.11
N ILE A 145 25.39 -45.80 35.31
CA ILE A 145 24.22 -46.02 36.15
C ILE A 145 23.33 -44.79 35.98
N VAL A 146 22.03 -45.02 35.91
CA VAL A 146 21.07 -43.96 35.77
C VAL A 146 20.36 -43.88 37.11
N LEU A 147 20.69 -42.85 37.88
CA LEU A 147 20.03 -42.59 39.16
C LEU A 147 18.67 -41.99 38.86
N ASP A 148 17.69 -42.89 38.76
CA ASP A 148 16.34 -42.60 38.27
C ASP A 148 15.38 -42.44 39.43
N THR A 149 14.78 -41.26 39.53
CA THR A 149 13.71 -41.00 40.48
C THR A 149 12.74 -40.05 39.83
N ALA A 150 11.54 -40.00 40.42
CA ALA A 150 10.50 -39.11 39.94
C ALA A 150 10.87 -37.65 40.18
N HIS A 151 11.49 -37.36 41.31
CA HIS A 151 11.81 -36.00 41.72
C HIS A 151 13.32 -36.00 41.96
N GLY A 152 14.06 -35.71 40.90
CA GLY A 152 15.50 -35.65 41.01
C GLY A 152 16.00 -34.58 41.95
N HIS A 153 15.21 -33.54 42.22
CA HIS A 153 15.65 -32.45 43.10
C HIS A 153 15.35 -32.72 44.57
N SER A 154 15.72 -33.89 45.07
CA SER A 154 15.45 -34.25 46.45
C SER A 154 16.72 -34.66 47.18
N GLN A 155 16.70 -34.48 48.49
CA GLN A 155 17.87 -34.75 49.34
C GLN A 155 18.33 -36.19 49.22
N GLY A 156 17.41 -37.14 49.10
CA GLY A 156 17.80 -38.54 48.98
C GLY A 156 18.61 -38.82 47.74
N VAL A 157 18.18 -38.29 46.59
CA VAL A 157 18.91 -38.45 45.35
C VAL A 157 20.29 -37.81 45.45
N ILE A 158 20.33 -36.57 45.92
CA ILE A 158 21.61 -35.84 46.03
C ILE A 158 22.60 -36.63 46.85
N ASP A 159 22.19 -37.03 48.06
CA ASP A 159 23.09 -37.77 48.94
C ASP A 159 23.50 -39.09 48.33
N LYS A 160 22.59 -39.74 47.60
CA LYS A 160 22.93 -40.98 46.91
C LYS A 160 23.92 -40.70 45.78
N VAL A 161 23.73 -39.59 45.05
CA VAL A 161 24.70 -39.21 44.03
C VAL A 161 26.06 -38.99 44.67
N LYS A 162 26.09 -38.23 45.77
CA LYS A 162 27.33 -37.99 46.48
C LYS A 162 27.96 -39.30 46.95
N GLU A 163 27.13 -40.21 47.43
CA GLU A 163 27.61 -41.49 47.95
C GLU A 163 28.24 -42.35 46.85
N VAL A 164 27.65 -42.35 45.65
CA VAL A 164 28.15 -43.19 44.57
C VAL A 164 29.44 -42.63 43.97
N ARG A 165 29.52 -41.30 43.82
CA ARG A 165 30.76 -40.69 43.32
C ARG A 165 31.95 -40.97 44.24
N ALA A 166 31.72 -41.04 45.55
CA ALA A 166 32.82 -41.32 46.47
C ALA A 166 33.37 -42.72 46.27
N LYS A 167 32.48 -43.69 46.04
CA LYS A 167 32.88 -45.09 45.92
C LYS A 167 33.33 -45.41 44.50
N TYR A 168 32.78 -44.74 43.49
CA TYR A 168 33.09 -45.01 42.09
C TYR A 168 33.47 -43.69 41.44
N PRO A 169 34.73 -43.28 41.58
CA PRO A 169 35.11 -41.94 41.07
C PRO A 169 35.09 -41.80 39.57
N SER A 170 35.23 -42.90 38.83
CA SER A 170 35.28 -42.83 37.37
C SER A 170 34.03 -43.39 36.75
N LEU A 171 33.00 -43.65 37.55
CA LEU A 171 31.75 -44.21 37.05
C LEU A 171 30.89 -43.10 36.47
N ASN A 172 30.32 -43.37 35.30
CA ASN A 172 29.35 -42.45 34.69
C ASN A 172 28.05 -42.49 35.47
N ILE A 173 27.62 -41.33 35.95
CA ILE A 173 26.41 -41.19 36.77
C ILE A 173 25.45 -40.28 36.03
N ILE A 174 24.32 -40.81 35.62
CA ILE A 174 23.23 -40.04 35.03
C ILE A 174 22.16 -39.89 36.11
N ALA A 175 21.85 -38.66 36.48
CA ALA A 175 20.90 -38.41 37.55
C ALA A 175 19.73 -37.62 37.01
N GLY A 176 18.54 -37.96 37.50
CA GLY A 176 17.31 -37.29 37.09
C GLY A 176 16.18 -37.79 37.96
N ASN A 177 14.98 -37.29 37.68
CA ASN A 177 14.76 -36.31 36.63
C ASN A 177 14.56 -34.93 37.24
N VAL A 178 14.93 -33.89 36.51
CA VAL A 178 14.84 -32.54 36.98
C VAL A 178 14.24 -31.65 35.89
N ALA A 179 13.95 -30.43 36.25
CA ALA A 179 13.32 -29.55 35.27
C ALA A 179 13.73 -28.10 35.44
N THR A 180 14.66 -27.79 36.35
CA THR A 180 15.08 -26.43 36.63
C THR A 180 16.60 -26.32 36.56
N ALA A 181 17.08 -25.10 36.34
CA ALA A 181 18.52 -24.85 36.40
C ALA A 181 19.04 -25.11 37.81
N GLU A 182 18.25 -24.73 38.84
CA GLU A 182 18.68 -24.96 40.22
C GLU A 182 18.88 -26.46 40.49
N ALA A 183 17.91 -27.28 40.07
CA ALA A 183 17.99 -28.73 40.29
C ALA A 183 19.19 -29.30 39.58
N THR A 184 19.46 -28.79 38.38
CA THR A 184 20.63 -29.16 37.59
C THR A 184 21.90 -28.85 38.36
N LYS A 185 22.01 -27.64 38.91
CA LYS A 185 23.17 -27.29 39.70
C LYS A 185 23.36 -28.24 40.90
N ALA A 186 22.28 -28.59 41.59
CA ALA A 186 22.40 -29.45 42.77
C ALA A 186 22.91 -30.84 42.42
N LEU A 187 22.37 -31.44 41.37
CA LEU A 187 22.83 -32.77 40.99
C LEU A 187 24.25 -32.73 40.49
N ILE A 188 24.62 -31.67 39.75
CA ILE A 188 25.99 -31.55 39.26
C ILE A 188 26.96 -31.39 40.42
N GLU A 189 26.65 -30.50 41.37
CA GLU A 189 27.55 -30.39 42.51
C GLU A 189 27.54 -31.65 43.35
N ALA A 190 26.49 -32.45 43.26
CA ALA A 190 26.50 -33.72 43.97
C ALA A 190 27.45 -34.71 43.33
N GLY A 191 27.71 -34.56 42.04
CA GLY A 191 28.69 -35.43 41.42
C GLY A 191 28.22 -36.15 40.17
N ALA A 192 27.00 -35.90 39.69
CA ALA A 192 26.57 -36.58 38.48
C ALA A 192 27.22 -35.87 37.29
N ASN A 193 27.77 -36.64 36.35
CA ASN A 193 28.38 -36.05 35.17
C ASN A 193 27.42 -35.92 33.99
N VAL A 194 26.20 -36.46 34.11
CA VAL A 194 25.14 -36.28 33.12
C VAL A 194 23.83 -36.01 33.87
N VAL A 195 23.03 -35.05 33.37
CA VAL A 195 21.76 -34.69 33.97
C VAL A 195 20.63 -35.02 32.98
N LYS A 196 19.55 -35.64 33.47
CA LYS A 196 18.43 -36.04 32.63
C LYS A 196 17.20 -35.15 32.86
N VAL A 197 16.63 -34.63 31.78
CA VAL A 197 15.60 -33.60 31.88
C VAL A 197 14.26 -34.15 31.43
N GLY A 198 13.23 -33.85 32.23
CA GLY A 198 11.87 -34.19 31.90
C GLY A 198 11.02 -34.51 33.10
N ILE A 199 10.07 -33.64 33.43
CA ILE A 199 9.13 -33.89 34.50
C ILE A 199 7.72 -33.81 33.92
N GLY A 200 7.15 -34.96 33.59
CA GLY A 200 5.78 -35.00 33.13
C GLY A 200 5.49 -35.08 31.64
N PRO A 201 6.46 -34.94 30.73
CA PRO A 201 6.07 -34.88 29.32
C PRO A 201 5.79 -36.24 28.70
N GLY A 202 6.12 -37.32 29.40
CA GLY A 202 6.12 -38.64 28.81
C GLY A 202 4.75 -39.02 28.26
N SER A 203 4.75 -39.75 27.14
CA SER A 203 3.49 -40.11 26.50
C SER A 203 2.59 -40.90 27.44
N ILE A 204 3.16 -41.70 28.34
CA ILE A 204 2.39 -42.52 29.26
C ILE A 204 2.32 -41.91 30.66
N CYS A 205 2.74 -40.65 30.82
CA CYS A 205 2.91 -40.06 32.13
C CYS A 205 1.68 -39.22 32.54
N THR A 206 1.30 -39.33 33.82
CA THR A 206 0.26 -38.48 34.37
C THR A 206 0.72 -37.61 35.52
N THR A 207 2.04 -37.54 35.80
CA THR A 207 2.51 -36.73 36.94
C THR A 207 1.90 -35.33 36.96
N ARG A 208 1.90 -34.64 35.81
CA ARG A 208 1.36 -33.29 35.79
C ARG A 208 -0.15 -33.26 36.02
N VAL A 209 -0.87 -34.33 35.72
CA VAL A 209 -2.31 -34.33 35.93
C VAL A 209 -2.65 -34.69 37.36
N VAL A 210 -1.97 -35.70 37.92
CA VAL A 210 -2.31 -36.14 39.26
C VAL A 210 -1.56 -35.33 40.31
N ALA A 211 -0.39 -34.79 39.98
CA ALA A 211 0.38 -34.05 40.95
C ALA A 211 0.40 -32.54 40.70
N GLY A 212 0.04 -32.09 39.50
CA GLY A 212 0.04 -30.68 39.12
C GLY A 212 1.41 -30.09 38.84
N VAL A 213 2.45 -30.91 38.76
CA VAL A 213 3.84 -30.44 38.74
C VAL A 213 4.49 -30.77 37.41
N GLY A 214 5.26 -29.81 36.89
CA GLY A 214 6.06 -30.07 35.71
C GLY A 214 6.55 -28.79 35.09
N VAL A 215 7.38 -28.95 34.06
CA VAL A 215 7.85 -27.84 33.23
C VAL A 215 7.76 -28.25 31.75
N PRO A 216 7.16 -27.42 30.89
CA PRO A 216 7.12 -27.73 29.46
C PRO A 216 8.48 -28.11 28.92
N GLN A 217 8.55 -29.25 28.22
CA GLN A 217 9.82 -29.95 28.08
C GLN A 217 10.85 -29.11 27.36
N LEU A 218 10.45 -28.32 26.37
CA LEU A 218 11.42 -27.51 25.67
C LEU A 218 11.98 -26.42 26.59
N THR A 219 11.13 -25.82 27.41
CA THR A 219 11.61 -24.87 28.40
C THR A 219 12.50 -25.55 29.42
N ALA A 220 12.12 -26.76 29.83
CA ALA A 220 12.94 -27.50 30.80
C ALA A 220 14.32 -27.83 30.23
N VAL A 221 14.39 -28.26 28.97
CA VAL A 221 15.68 -28.60 28.36
C VAL A 221 16.57 -27.35 28.26
N TYR A 222 15.99 -26.23 27.83
CA TYR A 222 16.75 -25.00 27.69
C TYR A 222 17.22 -24.47 29.04
N ASP A 223 16.33 -24.47 30.04
CA ASP A 223 16.68 -23.97 31.37
C ASP A 223 17.81 -24.79 31.99
N CYS A 224 17.74 -26.10 31.87
CA CYS A 224 18.76 -26.97 32.48
C CYS A 224 20.05 -26.94 31.68
N ALA A 225 19.96 -26.93 30.35
CA ALA A 225 21.16 -26.79 29.53
C ALA A 225 21.81 -25.44 29.75
N THR A 226 21.02 -24.41 30.08
CA THR A 226 21.63 -23.13 30.38
C THR A 226 22.57 -23.26 31.58
N GLU A 227 22.16 -24.00 32.60
CA GLU A 227 23.00 -24.17 33.77
C GLU A 227 24.14 -25.17 33.54
N ALA A 228 23.80 -26.33 32.96
CA ALA A 228 24.78 -27.41 32.81
C ALA A 228 25.94 -27.02 31.90
N ARG A 229 25.67 -26.20 30.87
CA ARG A 229 26.73 -25.79 29.97
C ARG A 229 27.79 -24.98 30.71
N LYS A 230 27.41 -24.29 31.79
CA LYS A 230 28.41 -23.55 32.57
C LYS A 230 29.42 -24.47 33.23
N HIS A 231 29.04 -25.73 33.51
CA HIS A 231 29.90 -26.73 34.12
C HIS A 231 30.50 -27.67 33.07
N GLY A 232 30.14 -27.46 31.80
CA GLY A 232 30.55 -28.35 30.74
C GLY A 232 29.91 -29.72 30.86
N ILE A 233 28.67 -29.79 31.31
CA ILE A 233 27.98 -31.05 31.58
C ILE A 233 26.82 -31.17 30.61
N PRO A 234 26.64 -32.33 29.98
CA PRO A 234 25.49 -32.54 29.08
C PRO A 234 24.19 -32.85 29.81
N VAL A 235 23.11 -32.65 29.09
CA VAL A 235 21.79 -32.99 29.59
C VAL A 235 21.13 -33.92 28.57
N ILE A 236 20.31 -34.82 29.10
CA ILE A 236 19.50 -35.72 28.30
C ILE A 236 18.09 -35.14 28.27
N ALA A 237 17.56 -34.92 27.07
CA ALA A 237 16.17 -34.51 26.92
C ALA A 237 15.30 -35.77 26.92
N ASP A 238 14.55 -35.99 27.98
CA ASP A 238 13.87 -37.28 28.21
C ASP A 238 12.34 -37.14 28.22
N GLY A 239 11.70 -37.66 27.18
CA GLY A 239 10.27 -37.79 27.12
C GLY A 239 9.60 -36.68 26.33
N GLY A 240 8.41 -36.99 25.80
CA GLY A 240 7.61 -36.03 25.07
C GLY A 240 7.92 -35.96 23.57
N ILE A 241 8.93 -36.67 23.10
CA ILE A 241 9.22 -36.73 21.69
C ILE A 241 8.28 -37.74 21.05
N LYS A 242 7.42 -37.25 20.16
CA LYS A 242 6.46 -38.05 19.45
C LYS A 242 6.80 -38.20 17.97
N TYR A 243 7.53 -37.24 17.38
CA TYR A 243 7.97 -37.35 15.99
C TYR A 243 9.46 -37.01 15.88
N SER A 244 10.08 -37.37 14.74
CA SER A 244 11.52 -37.18 14.64
C SER A 244 11.91 -35.70 14.73
N GLY A 245 11.04 -34.79 14.28
CA GLY A 245 11.36 -33.38 14.40
C GLY A 245 11.41 -32.92 15.85
N ASP A 246 10.72 -33.60 16.75
CA ASP A 246 10.81 -33.27 18.16
C ASP A 246 12.21 -33.55 18.69
N MET A 247 12.88 -34.57 18.18
CA MET A 247 14.25 -34.80 18.59
C MET A 247 15.15 -33.64 18.15
N VAL A 248 14.96 -33.14 16.93
CA VAL A 248 15.76 -31.99 16.48
C VAL A 248 15.55 -30.79 17.39
N LYS A 249 14.30 -30.53 17.79
CA LYS A 249 14.04 -29.35 18.60
C LYS A 249 14.73 -29.46 19.96
N ALA A 250 14.67 -30.64 20.57
CA ALA A 250 15.27 -30.85 21.87
C ALA A 250 16.78 -30.71 21.83
N LEU A 251 17.44 -31.28 20.81
CA LEU A 251 18.88 -31.06 20.70
C LEU A 251 19.19 -29.60 20.41
N ALA A 252 18.36 -28.96 19.58
CA ALA A 252 18.54 -27.54 19.32
C ALA A 252 18.30 -26.70 20.57
N ALA A 253 17.57 -27.24 21.54
CA ALA A 253 17.35 -26.50 22.79
C ALA A 253 18.49 -26.66 23.81
N GLY A 254 19.49 -27.51 23.53
CA GLY A 254 20.61 -27.58 24.45
C GLY A 254 20.99 -28.98 24.86
N ALA A 255 20.14 -29.96 24.58
CA ALA A 255 20.40 -31.34 24.99
C ALA A 255 21.48 -31.99 24.13
N HIS A 256 22.35 -32.77 24.77
CA HIS A 256 23.34 -33.51 23.99
C HIS A 256 22.70 -34.69 23.30
N VAL A 257 21.66 -35.25 23.90
CA VAL A 257 21.12 -36.53 23.47
C VAL A 257 19.69 -36.56 23.98
N VAL A 258 18.83 -37.32 23.31
CA VAL A 258 17.43 -37.44 23.73
C VAL A 258 17.15 -38.87 24.19
N MET A 259 16.19 -39.02 25.12
CA MET A 259 15.74 -40.33 25.59
C MET A 259 14.27 -40.54 25.19
N LEU A 260 13.97 -41.72 24.64
CA LEU A 260 12.66 -42.02 24.09
C LEU A 260 12.06 -43.26 24.72
N GLY A 261 10.76 -43.19 25.02
CA GLY A 261 10.06 -44.37 25.49
C GLY A 261 9.12 -44.92 24.43
N SER A 262 8.07 -44.17 24.08
CA SER A 262 7.03 -44.71 23.21
C SER A 262 7.51 -44.96 21.78
N MET A 263 8.40 -44.12 21.25
N MET A 263 8.41 -44.12 21.26
CA MET A 263 8.86 -44.30 19.87
CA MET A 263 8.92 -44.26 19.89
C MET A 263 9.65 -45.60 19.69
C MET A 263 9.62 -45.61 19.70
N PHE A 264 10.13 -46.20 20.79
CA PHE A 264 10.87 -47.43 20.72
C PHE A 264 10.08 -48.62 21.22
N ALA A 265 8.98 -48.38 21.94
CA ALA A 265 8.29 -49.45 22.63
C ALA A 265 7.65 -50.46 21.69
N GLY A 266 7.37 -50.06 20.44
CA GLY A 266 6.73 -50.89 19.44
C GLY A 266 7.68 -51.68 18.58
N VAL A 267 8.97 -51.57 18.83
CA VAL A 267 9.96 -52.17 17.95
C VAL A 267 10.18 -53.63 18.31
N ALA A 268 10.73 -54.40 17.34
CA ALA A 268 10.90 -55.85 17.51
C ALA A 268 11.75 -56.19 18.73
N GLU A 269 12.85 -55.46 18.94
CA GLU A 269 13.78 -55.76 20.01
C GLU A 269 13.25 -55.39 21.39
N SER A 270 12.16 -54.65 21.45
CA SER A 270 11.61 -54.28 22.74
C SER A 270 11.09 -55.52 23.46
N PRO A 271 11.16 -55.55 24.78
CA PRO A 271 10.64 -56.70 25.51
C PRO A 271 9.13 -56.73 25.37
N GLY A 272 8.57 -57.93 25.37
CA GLY A 272 7.15 -58.13 25.19
C GLY A 272 6.83 -58.64 23.78
N GLU A 273 5.69 -59.30 23.65
CA GLU A 273 5.34 -59.81 22.34
C GLU A 273 4.23 -58.99 21.71
N THR A 274 3.93 -59.32 20.45
CA THR A 274 2.95 -58.60 19.65
C THR A 274 1.57 -59.21 19.82
N GLU A 275 0.57 -58.37 20.03
CA GLU A 275 -0.82 -58.77 20.04
C GLU A 275 -1.52 -58.17 18.81
N ILE A 276 -2.56 -58.85 18.33
CA ILE A 276 -3.28 -58.43 17.12
C ILE A 276 -4.64 -57.89 17.51
N TYR A 277 -4.94 -56.66 17.09
CA TYR A 277 -6.26 -56.07 17.30
C TYR A 277 -6.69 -55.34 16.02
N GLN A 278 -7.90 -55.64 15.53
CA GLN A 278 -8.41 -55.04 14.29
C GLN A 278 -7.46 -55.28 13.11
N GLY A 279 -6.77 -56.42 13.11
CA GLY A 279 -5.91 -56.71 12.03
C GLY A 279 -4.54 -56.09 12.14
N ARG A 280 -4.29 -55.24 13.12
CA ARG A 280 -2.98 -54.63 13.26
C ARG A 280 -2.27 -55.11 14.51
N GLN A 281 -0.94 -55.05 14.46
CA GLN A 281 -0.08 -55.52 15.53
C GLN A 281 0.28 -54.38 16.46
N PHE A 282 0.25 -54.66 17.77
CA PHE A 282 0.51 -53.70 18.82
C PHE A 282 1.42 -54.34 19.87
N LYS A 283 2.01 -53.49 20.71
CA LYS A 283 2.83 -53.90 21.85
C LYS A 283 2.40 -53.10 23.08
N VAL A 284 2.50 -53.74 24.26
CA VAL A 284 2.15 -53.06 25.50
C VAL A 284 3.20 -51.99 25.82
N TYR A 285 2.74 -50.81 26.24
CA TYR A 285 3.62 -49.75 26.71
C TYR A 285 2.99 -49.10 27.92
N ARG A 286 3.72 -49.03 29.03
CA ARG A 286 3.17 -48.57 30.30
C ARG A 286 4.20 -47.76 31.04
N GLY A 287 3.70 -46.82 31.83
CA GLY A 287 4.58 -46.02 32.64
C GLY A 287 5.13 -46.83 33.79
N MET A 288 6.34 -46.49 34.21
CA MET A 288 6.92 -47.18 35.36
C MET A 288 6.22 -46.81 36.65
N GLY A 289 5.47 -45.71 36.66
CA GLY A 289 4.61 -45.35 37.75
C GLY A 289 3.18 -45.84 37.59
N SER A 290 2.91 -46.70 36.61
CA SER A 290 1.55 -47.20 36.46
C SER A 290 1.28 -48.33 37.46
N VAL A 291 0.00 -48.66 37.61
CA VAL A 291 -0.41 -49.71 38.54
C VAL A 291 0.33 -51.01 38.22
N GLY A 292 0.34 -51.38 36.93
CA GLY A 292 0.93 -52.66 36.54
C GLY A 292 2.42 -52.74 36.81
N ALA A 293 3.15 -51.64 36.60
CA ALA A 293 4.59 -51.69 36.80
C ALA A 293 4.94 -51.87 38.27
N MET A 294 4.15 -51.29 39.18
CA MET A 294 4.40 -51.48 40.61
C MET A 294 3.90 -52.81 41.11
N GLU A 295 3.02 -53.48 40.36
CA GLU A 295 2.49 -54.77 40.78
C GLU A 295 3.56 -55.86 40.71
N LYS A 296 4.48 -55.75 39.78
CA LYS A 296 5.49 -56.75 39.55
C LYS A 296 6.85 -56.08 39.74
N LYS A 309 -4.71 -48.16 47.16
CA LYS A 309 -3.60 -48.09 48.12
C LYS A 309 -2.37 -47.49 47.42
N LEU A 310 -2.39 -47.55 46.10
CA LEU A 310 -1.33 -47.00 45.26
C LEU A 310 -1.88 -45.80 44.50
N VAL A 311 -1.12 -44.72 44.46
CA VAL A 311 -1.52 -43.56 43.68
C VAL A 311 -0.52 -43.46 42.52
N PRO A 312 -0.89 -43.92 41.33
CA PRO A 312 0.07 -44.01 40.23
C PRO A 312 0.31 -42.66 39.58
N GLU A 313 1.38 -42.60 38.79
CA GLU A 313 1.70 -41.42 38.01
C GLU A 313 1.90 -41.78 36.53
N GLY A 314 1.28 -42.88 36.10
CA GLY A 314 1.31 -43.31 34.72
C GLY A 314 0.12 -44.20 34.40
N ILE A 315 -0.01 -44.55 33.12
CA ILE A 315 -1.07 -45.43 32.64
C ILE A 315 -0.45 -46.54 31.80
N GLU A 316 -1.29 -47.52 31.44
CA GLU A 316 -0.92 -48.67 30.62
C GLU A 316 -1.67 -48.61 29.30
N GLY A 317 -0.94 -48.89 28.22
CA GLY A 317 -1.51 -48.83 26.89
C GLY A 317 -0.79 -49.69 25.86
N ARG A 318 -1.01 -49.35 24.59
CA ARG A 318 -0.41 -50.06 23.47
C ARG A 318 0.01 -49.05 22.41
N VAL A 319 1.12 -49.35 21.75
CA VAL A 319 1.63 -48.58 20.63
C VAL A 319 1.74 -49.51 19.43
N PRO A 320 1.73 -48.96 18.21
CA PRO A 320 1.78 -49.80 17.02
C PRO A 320 3.08 -50.59 16.92
N TYR A 321 2.97 -51.77 16.32
CA TYR A 321 4.16 -52.57 16.03
C TYR A 321 4.91 -51.90 14.89
N LYS A 322 6.23 -51.81 15.04
CA LYS A 322 7.04 -51.06 14.08
C LYS A 322 8.11 -51.91 13.41
N GLY A 323 8.30 -53.15 13.85
CA GLY A 323 9.29 -54.00 13.24
C GLY A 323 10.65 -53.80 13.85
N PRO A 324 11.69 -54.07 13.07
CA PRO A 324 13.05 -54.00 13.62
C PRO A 324 13.46 -52.58 13.98
N LEU A 325 14.27 -52.48 15.04
CA LEU A 325 14.68 -51.18 15.55
C LEU A 325 15.37 -50.34 14.48
N ALA A 326 16.14 -50.99 13.58
CA ALA A 326 16.92 -50.27 12.57
C ALA A 326 16.05 -49.37 11.68
N ASP A 327 14.81 -49.77 11.41
CA ASP A 327 13.97 -48.89 10.59
C ASP A 327 13.57 -47.63 11.34
N THR A 328 13.20 -47.76 12.61
CA THR A 328 12.87 -46.59 13.40
C THR A 328 14.07 -45.66 13.50
N VAL A 329 15.24 -46.21 13.80
CA VAL A 329 16.46 -45.39 13.94
C VAL A 329 16.78 -44.72 12.62
N HIS A 330 16.57 -45.42 11.50
CA HIS A 330 16.87 -44.79 10.23
C HIS A 330 15.99 -43.55 10.00
N GLN A 331 14.69 -43.64 10.28
CA GLN A 331 13.87 -42.45 10.11
C GLN A 331 14.30 -41.39 11.11
N LEU A 332 14.62 -41.81 12.33
CA LEU A 332 15.01 -40.84 13.34
C LEU A 332 16.30 -40.14 12.94
N VAL A 333 17.35 -40.92 12.62
CA VAL A 333 18.59 -40.25 12.23
C VAL A 333 18.37 -39.47 10.93
N GLY A 334 17.54 -40.02 10.02
CA GLY A 334 17.25 -39.32 8.77
C GLY A 334 16.53 -38.00 8.94
N GLY A 335 15.55 -37.95 9.84
CA GLY A 335 14.88 -36.68 10.08
C GLY A 335 15.80 -35.66 10.71
N LEU A 336 16.68 -36.11 11.63
CA LEU A 336 17.65 -35.20 12.25
C LEU A 336 18.62 -34.63 11.22
N ARG A 337 19.10 -35.46 10.30
CA ARG A 337 20.01 -34.96 9.26
C ARG A 337 19.32 -33.92 8.40
N ALA A 338 18.04 -34.14 8.07
CA ALA A 338 17.29 -33.15 7.31
C ALA A 338 17.17 -31.86 8.11
N GLY A 339 16.88 -31.97 9.41
CA GLY A 339 16.79 -30.77 10.24
C GLY A 339 18.10 -30.01 10.31
N MET A 340 19.20 -30.72 10.61
CA MET A 340 20.50 -30.05 10.67
C MET A 340 20.86 -29.42 9.34
N GLY A 341 20.52 -30.09 8.23
CA GLY A 341 20.76 -29.50 6.93
C GLY A 341 20.02 -28.18 6.79
N TYR A 342 18.74 -28.15 7.17
CA TYR A 342 17.97 -26.90 7.14
C TYR A 342 18.58 -25.85 8.03
N CYS A 343 19.20 -26.26 9.14
CA CYS A 343 19.78 -25.31 10.07
C CYS A 343 21.25 -24.96 9.76
N GLY A 344 21.83 -25.52 8.71
CA GLY A 344 23.24 -25.28 8.42
C GLY A 344 24.19 -25.82 9.46
N ALA A 345 23.82 -26.90 10.16
CA ALA A 345 24.60 -27.46 11.25
C ALA A 345 25.40 -28.68 10.78
N GLN A 346 26.72 -28.52 10.61
CA GLN A 346 27.56 -29.68 10.30
C GLN A 346 27.67 -30.64 11.48
N ASP A 347 27.63 -30.13 12.71
CA ASP A 347 27.66 -30.97 13.88
C ASP A 347 26.61 -30.51 14.89
N LEU A 348 26.36 -31.39 15.86
CA LEU A 348 25.33 -31.15 16.87
C LEU A 348 25.73 -30.07 17.84
N GLU A 349 27.03 -29.84 18.05
CA GLU A 349 27.38 -28.69 18.87
C GLU A 349 26.97 -27.39 18.17
N PHE A 350 27.19 -27.31 16.86
CA PHE A 350 26.73 -26.14 16.11
C PHE A 350 25.24 -25.95 16.26
N LEU A 351 24.47 -27.05 16.18
CA LEU A 351 23.03 -26.96 16.34
C LEU A 351 22.68 -26.46 17.74
N ARG A 352 23.39 -26.95 18.75
CA ARG A 352 23.12 -26.52 20.12
C ARG A 352 23.38 -25.03 20.30
N GLU A 353 24.44 -24.49 19.69
CA GLU A 353 24.83 -23.13 19.99
C GLU A 353 24.17 -22.11 19.09
N ASN A 354 23.69 -22.52 17.92
CA ASN A 354 23.27 -21.58 16.89
C ASN A 354 21.81 -21.70 16.44
N ALA A 355 21.16 -22.86 16.58
CA ALA A 355 19.83 -23.06 16.05
C ALA A 355 18.84 -22.08 16.69
N GLN A 356 17.96 -21.53 15.87
CA GLN A 356 16.99 -20.56 16.33
C GLN A 356 15.58 -21.11 16.17
N PHE A 357 14.69 -20.72 17.08
CA PHE A 357 13.30 -21.10 17.02
C PHE A 357 12.44 -19.90 16.68
N ILE A 358 11.22 -20.21 16.24
CA ILE A 358 10.15 -19.22 16.12
C ILE A 358 8.91 -19.83 16.77
N ARG A 359 8.23 -19.04 17.57
CA ARG A 359 7.04 -19.54 18.23
C ARG A 359 5.85 -19.45 17.29
N MET A 360 4.90 -20.37 17.48
CA MET A 360 3.68 -20.44 16.67
C MET A 360 2.50 -20.79 17.58
N SER A 361 1.30 -20.56 17.08
CA SER A 361 0.06 -20.82 17.81
C SER A 361 -0.46 -22.20 17.47
N GLY A 362 -1.62 -22.54 18.04
CA GLY A 362 -2.28 -23.78 17.65
C GLY A 362 -2.57 -23.82 16.17
N ALA A 363 -2.92 -22.67 15.59
CA ALA A 363 -3.10 -22.57 14.14
C ALA A 363 -1.78 -22.78 13.40
N GLY A 364 -0.65 -22.40 14.00
CA GLY A 364 0.61 -22.75 13.38
C GLY A 364 0.82 -24.25 13.31
N LEU A 365 0.51 -24.95 14.41
CA LEU A 365 0.68 -26.39 14.48
C LEU A 365 -0.24 -27.13 13.50
N LEU A 366 -1.48 -26.67 13.35
CA LEU A 366 -2.38 -27.32 12.40
C LEU A 366 -1.87 -27.16 10.97
N GLU A 367 -1.25 -26.02 10.64
CA GLU A 367 -0.62 -25.84 9.32
C GLU A 367 0.61 -26.74 9.16
N SER A 368 1.36 -26.99 10.24
CA SER A 368 2.64 -27.70 10.14
C SER A 368 2.43 -29.18 9.80
N HIS A 369 1.40 -29.80 10.36
CA HIS A 369 1.05 -31.15 10.02
C HIS A 369 0.43 -31.20 8.61
N PRO A 370 0.32 -32.39 8.01
CA PRO A 370 -0.52 -32.49 6.81
C PRO A 370 -1.94 -32.10 7.17
N HIS A 371 -2.63 -31.43 6.25
CA HIS A 371 -3.94 -30.87 6.57
C HIS A 371 -4.81 -30.81 5.32
N HIS A 372 -6.12 -30.94 5.50
CA HIS A 372 -7.08 -30.72 4.41
C HIS A 372 -6.88 -31.62 3.21
N VAL A 373 -6.34 -32.81 3.42
CA VAL A 373 -6.19 -33.82 2.37
C VAL A 373 -6.28 -35.17 3.05
N GLN A 374 -7.05 -36.09 2.47
CA GLN A 374 -7.18 -37.41 3.09
C GLN A 374 -5.92 -38.25 2.85
N ILE A 375 -5.26 -38.65 3.93
CA ILE A 375 -4.03 -39.44 3.87
C ILE A 375 -4.37 -40.88 3.52
N THR A 376 -3.80 -41.39 2.43
CA THR A 376 -4.07 -42.74 1.90
C THR A 376 -3.08 -43.79 2.39
N LYS A 377 -1.78 -43.52 2.36
CA LYS A 377 -0.76 -44.48 2.76
C LYS A 377 -0.07 -44.01 4.03
N GLU A 378 0.36 -44.96 4.85
CA GLU A 378 1.12 -44.59 6.03
C GLU A 378 2.56 -44.29 5.63
N ALA A 379 3.07 -43.20 6.13
CA ALA A 379 4.44 -42.82 5.84
C ALA A 379 5.37 -43.53 6.82
N PRO A 380 6.62 -43.78 6.45
CA PRO A 380 7.54 -44.46 7.40
C PRO A 380 7.85 -43.61 8.63
N ASN A 381 7.66 -42.30 8.57
CA ASN A 381 7.98 -41.38 9.64
C ASN A 381 6.76 -40.59 10.11
N TYR A 382 5.56 -40.89 9.61
CA TYR A 382 4.37 -40.15 9.99
C TYR A 382 3.16 -41.06 10.08
N SER A 383 2.65 -41.22 11.30
CA SER A 383 1.44 -42.00 11.52
C SER A 383 0.50 -41.21 12.45
N SER B 22 30.28 -15.06 22.87
CA SER B 22 28.99 -14.38 23.01
C SER B 22 27.84 -15.35 23.22
N ASN B 23 26.97 -15.03 24.17
CA ASN B 23 25.74 -15.80 24.39
C ASN B 23 24.55 -15.15 23.72
N ALA B 24 24.81 -14.52 22.57
CA ALA B 24 23.74 -13.87 21.83
C ALA B 24 22.86 -14.88 21.11
N MET B 25 23.46 -15.92 20.53
CA MET B 25 22.66 -16.91 19.86
C MET B 25 21.89 -17.77 20.83
N TRP B 26 22.46 -17.98 22.02
CA TRP B 26 21.77 -18.78 23.04
C TRP B 26 20.56 -18.04 23.60
N GLU B 27 20.68 -16.73 23.83
CA GLU B 27 19.65 -15.93 24.45
C GLU B 27 18.55 -15.51 23.50
N SER B 28 18.72 -15.72 22.20
CA SER B 28 17.67 -15.37 21.23
C SER B 28 16.98 -16.59 20.64
N LYS B 29 17.24 -17.81 21.15
CA LYS B 29 16.71 -19.00 20.50
C LYS B 29 15.18 -18.96 20.38
N PHE B 30 14.48 -18.54 21.43
CA PHE B 30 13.01 -18.58 21.45
C PHE B 30 12.34 -17.20 21.41
N VAL B 31 12.94 -16.18 20.80
CA VAL B 31 12.28 -14.88 20.86
C VAL B 31 11.28 -14.65 19.73
N LYS B 32 11.52 -15.17 18.53
CA LYS B 32 10.68 -14.86 17.37
C LYS B 32 9.27 -15.47 17.49
N GLU B 33 8.31 -14.81 16.83
CA GLU B 33 6.90 -15.19 16.80
C GLU B 33 6.35 -15.17 15.37
N GLY B 34 5.56 -16.17 15.03
CA GLY B 34 5.09 -16.32 13.67
C GLY B 34 3.59 -16.56 13.62
N LEU B 35 3.01 -16.08 12.54
CA LEU B 35 1.58 -16.14 12.32
C LEU B 35 1.33 -16.90 11.03
N THR B 36 0.20 -17.60 11.00
CA THR B 36 -0.26 -18.29 9.81
C THR B 36 -1.65 -17.73 9.46
N PHE B 37 -2.24 -18.24 8.36
CA PHE B 37 -3.47 -17.65 7.82
C PHE B 37 -4.59 -17.56 8.86
N ASP B 38 -4.81 -18.65 9.64
CA ASP B 38 -5.89 -18.73 10.61
C ASP B 38 -5.64 -17.90 11.88
N ASP B 39 -4.49 -17.23 12.02
CA ASP B 39 -4.22 -16.37 13.17
C ASP B 39 -4.74 -14.94 13.01
N VAL B 40 -5.14 -14.55 11.79
CA VAL B 40 -5.37 -13.16 11.46
C VAL B 40 -6.60 -12.99 10.57
N LEU B 41 -7.11 -11.74 10.54
CA LEU B 41 -8.11 -11.28 9.58
C LEU B 41 -7.70 -9.95 8.95
N LEU B 42 -8.22 -9.71 7.74
CA LEU B 42 -8.00 -8.46 7.04
C LEU B 42 -9.02 -7.43 7.52
N VAL B 43 -8.54 -6.26 7.89
CA VAL B 43 -9.39 -5.21 8.45
C VAL B 43 -10.15 -4.51 7.33
N PRO B 44 -11.47 -4.41 7.41
CA PRO B 44 -12.21 -3.70 6.38
C PRO B 44 -11.79 -2.25 6.31
N ALA B 45 -11.87 -1.67 5.12
CA ALA B 45 -11.49 -0.27 4.93
C ALA B 45 -12.42 0.39 3.93
N LYS B 46 -12.35 1.72 3.89
CA LYS B 46 -13.20 2.50 3.00
C LYS B 46 -13.01 2.05 1.56
N SER B 47 -14.10 1.83 0.86
CA SER B 47 -14.07 1.31 -0.51
C SER B 47 -14.83 2.25 -1.45
N ASP B 48 -14.18 2.61 -2.55
CA ASP B 48 -14.83 3.30 -3.66
C ASP B 48 -15.04 2.36 -4.83
N VAL B 49 -14.69 1.09 -4.66
CA VAL B 49 -14.61 0.15 -5.77
C VAL B 49 -15.43 -1.08 -5.45
N LEU B 50 -16.19 -1.55 -6.43
CA LEU B 50 -17.00 -2.76 -6.45
C LEU B 50 -16.10 -3.94 -6.83
N PRO B 51 -16.41 -5.15 -6.35
CA PRO B 51 -15.60 -6.32 -6.77
C PRO B 51 -15.46 -6.51 -8.27
N ARG B 52 -16.49 -6.20 -9.07
CA ARG B 52 -16.33 -6.40 -10.51
C ARG B 52 -15.40 -5.37 -11.15
N GLU B 53 -14.98 -4.31 -10.44
CA GLU B 53 -14.12 -3.32 -11.08
C GLU B 53 -12.67 -3.33 -10.59
N VAL B 54 -12.31 -4.12 -9.56
CA VAL B 54 -10.92 -4.13 -9.15
C VAL B 54 -10.08 -4.90 -10.18
N SER B 55 -8.78 -4.64 -10.16
CA SER B 55 -7.83 -5.31 -11.04
C SER B 55 -7.11 -6.43 -10.30
N VAL B 56 -7.06 -7.60 -10.90
CA VAL B 56 -6.35 -8.74 -10.35
C VAL B 56 -5.09 -9.07 -11.16
N LYS B 57 -4.73 -8.21 -12.09
CA LYS B 57 -3.54 -8.46 -12.89
C LYS B 57 -2.27 -8.30 -12.03
N THR B 58 -1.22 -8.99 -12.45
CA THR B 58 0.02 -8.92 -11.70
C THR B 58 1.21 -9.15 -12.64
N VAL B 59 2.30 -8.44 -12.35
CA VAL B 59 3.50 -8.42 -13.16
C VAL B 59 4.61 -9.09 -12.37
N LEU B 60 5.03 -10.27 -12.80
CA LEU B 60 6.19 -10.88 -12.15
C LEU B 60 7.47 -10.33 -12.77
N SER B 61 7.52 -10.22 -14.09
CA SER B 61 8.59 -9.50 -14.75
C SER B 61 8.01 -8.95 -16.05
N GLU B 62 8.80 -8.13 -16.76
CA GLU B 62 8.30 -7.53 -17.99
C GLU B 62 7.90 -8.58 -19.02
N SER B 63 8.51 -9.75 -18.97
CA SER B 63 8.16 -10.81 -19.90
C SER B 63 7.30 -11.86 -19.25
N LEU B 64 6.78 -11.58 -18.04
CA LEU B 64 6.02 -12.59 -17.30
C LEU B 64 4.95 -11.82 -16.52
N GLN B 65 3.76 -11.75 -17.10
CA GLN B 65 2.69 -10.91 -16.60
C GLN B 65 1.44 -11.77 -16.51
N LEU B 66 0.76 -11.72 -15.37
CA LEU B 66 -0.42 -12.55 -15.18
C LEU B 66 -1.66 -11.67 -15.10
N ASN B 67 -2.74 -12.14 -15.72
CA ASN B 67 -4.05 -11.53 -15.55
C ASN B 67 -4.75 -11.95 -14.26
N ILE B 68 -4.36 -13.10 -13.69
CA ILE B 68 -4.82 -13.57 -12.38
C ILE B 68 -3.63 -14.07 -11.55
N PRO B 69 -3.61 -13.83 -10.26
CA PRO B 69 -2.41 -14.11 -9.45
C PRO B 69 -2.32 -15.55 -8.95
N LEU B 70 -2.35 -16.50 -9.89
CA LEU B 70 -2.40 -17.91 -9.54
C LEU B 70 -1.40 -18.71 -10.38
N ILE B 71 -0.61 -19.55 -9.71
CA ILE B 71 0.30 -20.48 -10.38
C ILE B 71 -0.05 -21.86 -9.86
N SER B 72 -0.18 -22.84 -10.76
CA SER B 72 -0.44 -24.21 -10.34
C SER B 72 0.90 -24.88 -10.04
N ALA B 73 0.96 -25.55 -8.88
CA ALA B 73 2.23 -26.05 -8.34
C ALA B 73 2.90 -27.04 -9.31
N GLY B 74 4.23 -27.03 -9.28
CA GLY B 74 5.01 -27.91 -10.12
C GLY B 74 5.16 -29.30 -9.53
N MET B 75 4.06 -30.04 -9.46
CA MET B 75 4.00 -31.36 -8.88
C MET B 75 3.43 -32.35 -9.90
N ASP B 76 3.82 -33.63 -9.74
CA ASP B 76 3.38 -34.64 -10.70
C ASP B 76 1.90 -34.99 -10.56
N THR B 77 1.18 -34.43 -9.58
CA THR B 77 -0.27 -34.61 -9.54
C THR B 77 -1.01 -33.29 -9.68
N VAL B 78 -0.33 -32.24 -10.15
CA VAL B 78 -0.95 -30.92 -10.23
C VAL B 78 -0.81 -30.39 -11.66
N THR B 79 0.42 -30.30 -12.18
CA THR B 79 0.65 -29.58 -13.45
C THR B 79 1.41 -30.44 -14.47
N GLU B 80 0.72 -30.82 -15.55
CA GLU B 80 1.41 -31.20 -16.78
C GLU B 80 0.88 -30.29 -17.89
N ALA B 81 1.11 -30.65 -19.14
CA ALA B 81 0.79 -29.74 -20.25
C ALA B 81 -0.68 -29.34 -20.21
N ASP B 82 -1.56 -30.31 -19.94
CA ASP B 82 -2.99 -30.01 -19.88
C ASP B 82 -3.28 -28.96 -18.81
N MET B 83 -2.66 -29.10 -17.65
CA MET B 83 -2.89 -28.13 -16.60
C MET B 83 -2.27 -26.78 -16.97
N ALA B 84 -1.10 -26.79 -17.59
CA ALA B 84 -0.46 -25.52 -17.93
C ALA B 84 -1.28 -24.74 -18.96
N ILE B 85 -1.85 -25.44 -19.95
CA ILE B 85 -2.63 -24.72 -20.97
C ILE B 85 -3.87 -24.10 -20.36
N ALA B 86 -4.62 -24.87 -19.54
CA ALA B 86 -5.85 -24.35 -18.98
C ALA B 86 -5.58 -23.22 -17.99
N MET B 87 -4.52 -23.35 -17.20
CA MET B 87 -4.13 -22.26 -16.31
C MET B 87 -3.82 -21.00 -17.11
N ALA B 88 -3.03 -21.16 -18.18
CA ALA B 88 -2.66 -20.00 -19.00
C ALA B 88 -3.89 -19.33 -19.62
N ARG B 89 -4.87 -20.13 -20.06
CA ARG B 89 -6.08 -19.54 -20.63
C ARG B 89 -6.92 -18.81 -19.59
N GLN B 90 -6.82 -19.19 -18.32
CA GLN B 90 -7.53 -18.46 -17.27
C GLN B 90 -6.80 -17.20 -16.84
N GLY B 91 -5.60 -16.96 -17.38
CA GLY B 91 -4.79 -15.85 -16.99
C GLY B 91 -3.72 -16.18 -15.97
N GLY B 92 -3.54 -17.44 -15.63
CA GLY B 92 -2.53 -17.84 -14.68
C GLY B 92 -1.33 -18.47 -15.34
N LEU B 93 -0.62 -19.29 -14.57
CA LEU B 93 0.64 -19.87 -15.01
C LEU B 93 0.76 -21.28 -14.47
N GLY B 94 1.29 -22.17 -15.30
CA GLY B 94 1.49 -23.52 -14.85
C GLY B 94 2.95 -23.91 -14.87
N ILE B 95 3.40 -24.57 -13.81
CA ILE B 95 4.76 -25.04 -13.73
C ILE B 95 4.72 -26.51 -14.04
N ILE B 96 5.28 -26.90 -15.18
CA ILE B 96 5.35 -28.30 -15.52
C ILE B 96 6.39 -28.97 -14.63
N HIS B 97 5.99 -30.06 -13.96
CA HIS B 97 6.86 -30.70 -12.99
C HIS B 97 7.96 -31.45 -13.73
N LYS B 98 8.95 -31.94 -12.97
CA LYS B 98 10.19 -32.48 -13.53
C LYS B 98 10.37 -33.97 -13.25
N ASN B 99 9.31 -34.68 -12.86
CA ASN B 99 9.41 -36.13 -12.65
C ASN B 99 9.11 -36.85 -13.96
N MET B 100 9.95 -36.55 -14.93
CA MET B 100 9.87 -37.12 -16.27
C MET B 100 11.25 -36.89 -16.90
N SER B 101 11.43 -37.42 -18.10
CA SER B 101 12.70 -37.19 -18.77
C SER B 101 12.83 -35.72 -19.16
N ILE B 102 14.08 -35.31 -19.40
CA ILE B 102 14.37 -33.95 -19.84
C ILE B 102 13.63 -33.61 -21.13
N GLU B 103 13.62 -34.52 -22.11
CA GLU B 103 12.90 -34.26 -23.36
C GLU B 103 11.39 -34.17 -23.20
N GLN B 104 10.77 -35.10 -22.47
CA GLN B 104 9.32 -35.04 -22.40
C GLN B 104 8.87 -33.77 -21.70
N GLN B 105 9.71 -33.22 -20.83
CA GLN B 105 9.35 -31.94 -20.23
C GLN B 105 9.43 -30.82 -21.26
N ALA B 106 10.43 -30.87 -22.13
CA ALA B 106 10.47 -29.89 -23.20
C ALA B 106 9.29 -30.05 -24.17
N GLU B 107 8.83 -31.27 -24.44
CA GLU B 107 7.65 -31.39 -25.31
C GLU B 107 6.44 -30.75 -24.69
N GLN B 108 6.26 -30.97 -23.39
CA GLN B 108 5.12 -30.38 -22.74
C GLN B 108 5.21 -28.87 -22.85
N VAL B 109 6.41 -28.34 -22.67
CA VAL B 109 6.62 -26.90 -22.81
C VAL B 109 6.26 -26.46 -24.22
N ASP B 110 6.79 -27.15 -25.22
CA ASP B 110 6.49 -26.79 -26.61
C ASP B 110 5.01 -26.91 -26.89
N LYS B 111 4.36 -27.94 -26.36
CA LYS B 111 2.93 -28.10 -26.55
C LYS B 111 2.18 -26.88 -26.02
N VAL B 112 2.59 -26.33 -24.88
CA VAL B 112 1.92 -25.14 -24.39
C VAL B 112 2.23 -23.95 -25.28
N LYS B 113 3.50 -23.74 -25.62
CA LYS B 113 3.86 -22.54 -26.36
C LYS B 113 3.22 -22.55 -27.75
N ARG B 114 3.19 -23.72 -28.39
CA ARG B 114 2.55 -23.87 -29.69
C ARG B 114 1.02 -23.90 -29.58
N SER B 115 0.47 -23.81 -28.37
CA SER B 115 -0.96 -23.89 -28.14
C SER B 115 -1.59 -22.51 -27.94
N GLY B 116 -1.11 -21.52 -28.69
CA GLY B 116 -1.62 -20.18 -28.64
C GLY B 116 -0.67 -19.15 -28.03
N GLY B 117 0.62 -19.44 -27.94
CA GLY B 117 1.49 -18.47 -27.32
C GLY B 117 1.22 -18.26 -25.85
N LEU B 118 0.99 -19.34 -25.10
CA LEU B 118 0.71 -19.25 -23.68
C LEU B 118 2.00 -19.19 -22.88
N LEU B 119 1.95 -18.50 -21.75
CA LEU B 119 3.07 -18.53 -20.81
C LEU B 119 3.15 -19.89 -20.13
N VAL B 120 4.37 -20.34 -19.85
CA VAL B 120 4.53 -21.66 -19.25
C VAL B 120 5.85 -21.68 -18.48
N GLY B 121 5.83 -22.37 -17.35
CA GLY B 121 7.03 -22.50 -16.57
C GLY B 121 7.41 -23.94 -16.36
N ALA B 122 8.65 -24.18 -15.92
CA ALA B 122 9.14 -25.54 -15.72
C ALA B 122 10.06 -25.60 -14.51
N ALA B 123 9.92 -26.69 -13.77
CA ALA B 123 10.71 -26.91 -12.58
C ALA B 123 12.03 -27.57 -12.93
N VAL B 124 13.07 -27.12 -12.26
CA VAL B 124 14.41 -27.68 -12.38
C VAL B 124 14.98 -27.84 -10.98
N GLY B 125 15.70 -28.95 -10.75
CA GLY B 125 16.37 -29.19 -9.48
C GLY B 125 17.82 -28.76 -9.51
N VAL B 126 18.46 -28.80 -8.33
CA VAL B 126 19.88 -28.52 -8.24
C VAL B 126 20.59 -29.86 -8.34
N THR B 127 20.92 -30.27 -9.55
CA THR B 127 21.49 -31.58 -9.82
C THR B 127 22.60 -31.45 -10.85
N ALA B 128 23.21 -32.59 -11.18
CA ALA B 128 24.23 -32.61 -12.20
C ALA B 128 23.68 -32.22 -13.56
N ASP B 129 22.56 -32.82 -13.95
CA ASP B 129 21.94 -32.57 -15.25
C ASP B 129 21.07 -31.33 -15.26
N ALA B 130 21.33 -30.38 -14.36
CA ALA B 130 20.50 -29.18 -14.33
C ALA B 130 20.60 -28.41 -15.63
N MET B 131 21.83 -28.15 -16.10
CA MET B 131 22.03 -27.31 -17.28
C MET B 131 21.52 -27.95 -18.56
N THR B 132 21.63 -29.28 -18.68
CA THR B 132 21.09 -29.94 -19.87
C THR B 132 19.57 -29.76 -19.95
N ARG B 133 18.89 -29.99 -18.83
CA ARG B 133 17.44 -29.82 -18.78
C ARG B 133 17.04 -28.37 -19.02
N ILE B 134 17.77 -27.42 -18.39
CA ILE B 134 17.47 -26.00 -18.57
C ILE B 134 17.70 -25.60 -20.03
N ASP B 135 18.77 -26.12 -20.63
CA ASP B 135 19.01 -25.88 -22.04
C ASP B 135 17.88 -26.44 -22.88
N ALA B 136 17.41 -27.66 -22.57
CA ALA B 136 16.32 -28.20 -23.35
C ALA B 136 15.06 -27.38 -23.18
N LEU B 137 14.82 -26.83 -21.97
CA LEU B 137 13.65 -26.00 -21.75
C LEU B 137 13.77 -24.66 -22.47
N VAL B 138 14.99 -24.11 -22.55
CA VAL B 138 15.20 -22.85 -23.25
C VAL B 138 14.96 -23.00 -24.75
N LYS B 139 15.40 -24.12 -25.33
CA LYS B 139 15.16 -24.39 -26.75
C LYS B 139 13.67 -24.50 -27.05
N ALA B 140 12.86 -24.92 -26.08
CA ALA B 140 11.42 -25.03 -26.20
C ALA B 140 10.66 -23.74 -25.86
N SER B 141 11.36 -22.65 -25.55
CA SER B 141 10.75 -21.33 -25.28
C SER B 141 10.02 -21.27 -23.93
N VAL B 142 10.61 -21.85 -22.88
CA VAL B 142 10.02 -21.67 -21.56
C VAL B 142 10.04 -20.19 -21.22
N ASP B 143 9.02 -19.75 -20.49
CA ASP B 143 8.95 -18.35 -20.10
C ASP B 143 9.56 -18.10 -18.72
N ALA B 144 9.68 -19.14 -17.89
CA ALA B 144 10.34 -19.08 -16.59
C ALA B 144 10.75 -20.49 -16.20
N ILE B 145 11.93 -20.65 -15.57
CA ILE B 145 12.27 -21.93 -14.96
C ILE B 145 12.05 -21.80 -13.45
N VAL B 146 11.66 -22.89 -12.81
CA VAL B 146 11.51 -22.91 -11.35
C VAL B 146 12.63 -23.76 -10.79
N LEU B 147 13.60 -23.11 -10.14
CA LEU B 147 14.63 -23.84 -9.40
C LEU B 147 14.03 -24.28 -8.06
N ASP B 148 13.47 -25.49 -8.04
CA ASP B 148 12.66 -25.98 -6.93
C ASP B 148 13.50 -26.88 -6.03
N THR B 149 13.68 -26.48 -4.77
CA THR B 149 14.41 -27.27 -3.79
C THR B 149 13.75 -27.17 -2.42
N ALA B 150 14.13 -28.11 -1.56
CA ALA B 150 13.64 -28.12 -0.20
C ALA B 150 14.18 -26.95 0.61
N HIS B 151 15.43 -26.56 0.36
CA HIS B 151 16.13 -25.53 1.14
C HIS B 151 16.75 -24.52 0.18
N GLY B 152 16.00 -23.46 -0.14
CA GLY B 152 16.53 -22.45 -1.04
C GLY B 152 17.74 -21.72 -0.52
N HIS B 153 17.91 -21.66 0.81
CA HIS B 153 19.03 -20.93 1.43
C HIS B 153 20.27 -21.80 1.55
N SER B 154 20.67 -22.45 0.47
CA SER B 154 21.82 -23.32 0.53
C SER B 154 22.78 -22.93 -0.57
N GLN B 155 24.06 -23.19 -0.32
CA GLN B 155 25.09 -22.78 -1.28
C GLN B 155 24.86 -23.43 -2.65
N GLY B 156 24.39 -24.68 -2.67
CA GLY B 156 24.10 -25.34 -3.94
C GLY B 156 23.06 -24.60 -4.75
N VAL B 157 21.99 -24.13 -4.11
CA VAL B 157 21.02 -23.33 -4.84
C VAL B 157 21.68 -22.06 -5.34
N ILE B 158 22.35 -21.35 -4.42
CA ILE B 158 23.00 -20.09 -4.75
C ILE B 158 23.95 -20.27 -5.94
N ASP B 159 24.81 -21.28 -5.88
CA ASP B 159 25.78 -21.48 -6.96
C ASP B 159 25.07 -21.74 -8.29
N LYS B 160 24.02 -22.55 -8.29
CA LYS B 160 23.34 -22.89 -9.54
C LYS B 160 22.57 -21.69 -10.11
N VAL B 161 21.92 -20.91 -9.26
CA VAL B 161 21.24 -19.71 -9.74
C VAL B 161 22.26 -18.78 -10.39
N LYS B 162 23.39 -18.58 -9.71
CA LYS B 162 24.45 -17.75 -10.27
C LYS B 162 24.89 -18.27 -11.62
N GLU B 163 25.01 -19.60 -11.74
CA GLU B 163 25.44 -20.26 -12.98
C GLU B 163 24.39 -20.12 -14.08
N VAL B 164 23.11 -20.18 -13.72
CA VAL B 164 22.04 -20.08 -14.72
C VAL B 164 21.88 -18.66 -15.23
N ARG B 165 21.97 -17.66 -14.32
CA ARG B 165 21.83 -16.27 -14.75
C ARG B 165 22.95 -15.88 -15.72
N ALA B 166 24.14 -16.45 -15.53
CA ALA B 166 25.28 -16.18 -16.40
C ALA B 166 25.06 -16.73 -17.81
N LYS B 167 24.40 -17.89 -17.93
CA LYS B 167 24.22 -18.43 -19.27
C LYS B 167 23.04 -17.78 -19.98
N TYR B 168 21.99 -17.43 -19.24
CA TYR B 168 20.75 -16.88 -19.80
C TYR B 168 20.42 -15.58 -19.06
N PRO B 169 21.02 -14.45 -19.48
CA PRO B 169 20.84 -13.18 -18.74
C PRO B 169 19.44 -12.59 -18.80
N SER B 170 18.57 -13.03 -19.72
CA SER B 170 17.23 -12.49 -19.83
C SER B 170 16.11 -13.50 -19.52
N LEU B 171 16.47 -14.71 -19.05
CA LEU B 171 15.50 -15.75 -18.72
C LEU B 171 14.92 -15.56 -17.32
N ASN B 172 13.61 -15.74 -17.19
CA ASN B 172 12.99 -15.67 -15.86
C ASN B 172 13.40 -16.87 -15.00
N ILE B 173 13.98 -16.57 -13.83
CA ILE B 173 14.46 -17.56 -12.87
C ILE B 173 13.70 -17.39 -11.56
N ILE B 174 12.90 -18.40 -11.22
CA ILE B 174 12.15 -18.47 -9.97
C ILE B 174 12.86 -19.44 -9.06
N ALA B 175 13.32 -18.96 -7.90
CA ALA B 175 14.10 -19.76 -6.97
C ALA B 175 13.45 -19.87 -5.61
N GLY B 176 13.54 -21.06 -5.02
CA GLY B 176 12.99 -21.30 -3.70
C GLY B 176 13.42 -22.67 -3.20
N ASN B 177 12.89 -23.07 -2.05
CA ASN B 177 11.98 -22.24 -1.24
C ASN B 177 12.72 -21.65 -0.06
N VAL B 178 12.26 -20.48 0.36
CA VAL B 178 12.86 -19.75 1.46
C VAL B 178 11.74 -19.29 2.37
N ALA B 179 12.14 -18.83 3.53
CA ALA B 179 11.18 -18.37 4.53
C ALA B 179 11.78 -17.28 5.42
N THR B 180 12.98 -16.77 5.10
CA THR B 180 13.61 -15.70 5.87
C THR B 180 14.04 -14.59 4.93
N ALA B 181 14.19 -13.40 5.50
CA ALA B 181 14.69 -12.29 4.72
C ALA B 181 16.12 -12.54 4.24
N GLU B 182 16.94 -13.17 5.10
CA GLU B 182 18.31 -13.54 4.71
C GLU B 182 18.35 -14.44 3.48
N ALA B 183 17.52 -15.47 3.47
CA ALA B 183 17.52 -16.38 2.33
C ALA B 183 17.08 -15.68 1.04
N THR B 184 16.05 -14.83 1.14
CA THR B 184 15.57 -14.06 -0.01
C THR B 184 16.65 -13.14 -0.56
N LYS B 185 17.31 -12.40 0.33
CA LYS B 185 18.42 -11.53 -0.06
C LYS B 185 19.54 -12.31 -0.72
N ALA B 186 19.81 -13.53 -0.25
CA ALA B 186 20.88 -14.29 -0.89
C ALA B 186 20.50 -14.67 -2.32
N LEU B 187 19.28 -15.20 -2.50
CA LEU B 187 18.87 -15.64 -3.83
C LEU B 187 18.71 -14.47 -4.79
N ILE B 188 18.28 -13.29 -4.29
CA ILE B 188 18.19 -12.10 -5.15
C ILE B 188 19.57 -11.70 -5.64
N GLU B 189 20.54 -11.66 -4.74
CA GLU B 189 21.92 -11.39 -5.16
C GLU B 189 22.50 -12.51 -6.02
N ALA B 190 21.95 -13.72 -5.97
CA ALA B 190 22.42 -14.79 -6.86
C ALA B 190 21.90 -14.60 -8.28
N GLY B 191 20.76 -13.92 -8.44
CA GLY B 191 20.26 -13.60 -9.76
C GLY B 191 18.82 -13.96 -10.04
N ALA B 192 18.12 -14.50 -9.05
CA ALA B 192 16.72 -14.87 -9.23
C ALA B 192 15.84 -13.64 -9.32
N ASN B 193 14.96 -13.60 -10.31
CA ASN B 193 14.06 -12.47 -10.44
C ASN B 193 12.81 -12.67 -9.60
N VAL B 194 12.53 -13.92 -9.25
CA VAL B 194 11.38 -14.26 -8.43
C VAL B 194 11.79 -15.22 -7.33
N VAL B 195 11.30 -14.96 -6.13
CA VAL B 195 11.64 -15.78 -4.98
C VAL B 195 10.35 -16.46 -4.54
N LYS B 196 10.42 -17.76 -4.29
CA LYS B 196 9.26 -18.53 -3.86
C LYS B 196 9.41 -18.82 -2.38
N VAL B 197 8.35 -18.55 -1.62
CA VAL B 197 8.36 -18.57 -0.16
C VAL B 197 7.52 -19.73 0.35
N GLY B 198 8.06 -20.47 1.33
CA GLY B 198 7.30 -21.52 1.96
C GLY B 198 8.11 -22.72 2.40
N ILE B 199 8.33 -22.87 3.69
CA ILE B 199 9.00 -24.06 4.25
C ILE B 199 8.06 -24.72 5.26
N GLY B 200 7.41 -25.80 4.83
CA GLY B 200 6.58 -26.61 5.69
C GLY B 200 5.06 -26.44 5.67
N PRO B 201 4.49 -25.40 5.03
CA PRO B 201 3.03 -25.20 5.13
C PRO B 201 2.18 -26.05 4.18
N GLY B 202 2.76 -26.75 3.22
CA GLY B 202 2.01 -27.48 2.21
C GLY B 202 1.01 -28.46 2.80
N SER B 203 -0.13 -28.64 2.11
CA SER B 203 -1.20 -29.52 2.61
C SER B 203 -0.71 -30.94 2.84
N ILE B 204 0.21 -31.41 2.00
CA ILE B 204 0.70 -32.79 2.01
C ILE B 204 2.08 -32.89 2.65
N CYS B 205 2.54 -31.83 3.29
CA CYS B 205 3.93 -31.68 3.68
C CYS B 205 4.15 -32.11 5.12
N THR B 206 5.28 -32.79 5.38
CA THR B 206 5.62 -33.17 6.76
C THR B 206 6.95 -32.61 7.24
N THR B 207 7.56 -31.70 6.45
CA THR B 207 8.90 -31.21 6.76
C THR B 207 9.01 -30.73 8.20
N ARG B 208 8.05 -29.91 8.65
CA ARG B 208 8.08 -29.37 10.00
C ARG B 208 7.93 -30.45 11.06
N VAL B 209 7.33 -31.58 10.71
CA VAL B 209 7.16 -32.65 11.69
C VAL B 209 8.35 -33.59 11.72
N VAL B 210 8.88 -33.97 10.56
CA VAL B 210 9.95 -34.96 10.60
C VAL B 210 11.28 -34.28 10.86
N ALA B 211 11.42 -33.03 10.43
CA ALA B 211 12.66 -32.30 10.60
C ALA B 211 12.57 -31.17 11.61
N GLY B 212 11.37 -30.78 12.05
CA GLY B 212 11.20 -29.73 13.05
C GLY B 212 11.40 -28.32 12.57
N VAL B 213 11.49 -28.11 11.27
CA VAL B 213 11.98 -26.86 10.68
C VAL B 213 10.86 -26.17 9.92
N GLY B 214 10.77 -24.86 10.08
CA GLY B 214 9.80 -24.10 9.31
C GLY B 214 9.60 -22.70 9.88
N VAL B 215 8.76 -21.95 9.18
CA VAL B 215 8.24 -20.65 9.62
C VAL B 215 6.77 -20.58 9.21
N PRO B 216 5.86 -20.18 10.10
CA PRO B 216 4.45 -19.96 9.70
C PRO B 216 4.36 -19.08 8.46
N GLN B 217 3.55 -19.54 7.50
CA GLN B 217 3.65 -19.05 6.12
C GLN B 217 3.34 -17.56 6.02
N LEU B 218 2.38 -17.05 6.80
CA LEU B 218 2.06 -15.62 6.69
C LEU B 218 3.22 -14.75 7.17
N THR B 219 3.84 -15.11 8.31
CA THR B 219 5.04 -14.38 8.72
C THR B 219 6.16 -14.57 7.73
N ALA B 220 6.28 -15.77 7.14
CA ALA B 220 7.33 -16.01 6.16
C ALA B 220 7.12 -15.16 4.90
N VAL B 221 5.88 -15.08 4.42
CA VAL B 221 5.65 -14.25 3.25
C VAL B 221 5.98 -12.80 3.58
N TYR B 222 5.55 -12.34 4.74
CA TYR B 222 5.82 -10.96 5.14
C TYR B 222 7.32 -10.71 5.32
N ASP B 223 8.04 -11.60 6.03
CA ASP B 223 9.48 -11.40 6.24
C ASP B 223 10.24 -11.35 4.92
N CYS B 224 9.88 -12.22 3.98
CA CYS B 224 10.59 -12.30 2.71
C CYS B 224 10.22 -11.12 1.84
N ALA B 225 8.94 -10.76 1.81
CA ALA B 225 8.52 -9.61 1.02
C ALA B 225 9.16 -8.34 1.53
N THR B 226 9.38 -8.25 2.84
CA THR B 226 10.03 -7.06 3.41
C THR B 226 11.40 -6.85 2.80
N GLU B 227 12.17 -7.92 2.62
CA GLU B 227 13.47 -7.83 1.98
C GLU B 227 13.30 -7.69 0.47
N ALA B 228 12.41 -8.50 -0.12
CA ALA B 228 12.26 -8.46 -1.56
C ALA B 228 11.79 -7.09 -2.04
N ARG B 229 10.97 -6.39 -1.23
CA ARG B 229 10.48 -5.08 -1.67
C ARG B 229 11.61 -4.08 -1.84
N LYS B 230 12.67 -4.19 -1.07
CA LYS B 230 13.75 -3.23 -1.22
C LYS B 230 14.45 -3.36 -2.57
N HIS B 231 14.37 -4.52 -3.20
CA HIS B 231 15.00 -4.75 -4.50
C HIS B 231 14.03 -4.70 -5.67
N GLY B 232 12.74 -4.46 -5.42
CA GLY B 232 11.78 -4.50 -6.49
C GLY B 232 11.59 -5.90 -7.04
N ILE B 233 11.66 -6.91 -6.17
CA ILE B 233 11.61 -8.30 -6.57
C ILE B 233 10.33 -8.90 -6.03
N PRO B 234 9.51 -9.56 -6.86
CA PRO B 234 8.25 -10.13 -6.38
C PRO B 234 8.45 -11.48 -5.69
N VAL B 235 7.52 -11.81 -4.82
CA VAL B 235 7.59 -13.08 -4.11
C VAL B 235 6.30 -13.84 -4.34
N ILE B 236 6.42 -15.16 -4.31
CA ILE B 236 5.28 -16.08 -4.44
C ILE B 236 4.94 -16.70 -3.08
N ALA B 237 3.67 -16.62 -2.69
CA ALA B 237 3.19 -17.37 -1.53
C ALA B 237 2.83 -18.79 -2.00
N ASP B 238 3.63 -19.77 -1.58
CA ASP B 238 3.54 -21.15 -2.03
C ASP B 238 3.23 -22.07 -0.86
N GLY B 239 2.03 -22.67 -0.83
CA GLY B 239 1.59 -23.71 0.08
C GLY B 239 0.79 -23.17 1.25
N GLY B 240 -0.08 -24.04 1.80
CA GLY B 240 -0.84 -23.74 3.01
C GLY B 240 -2.17 -23.03 2.79
N ILE B 241 -2.49 -22.69 1.56
CA ILE B 241 -3.71 -21.98 1.23
C ILE B 241 -4.83 -22.99 1.07
N LYS B 242 -5.82 -22.92 1.97
CA LYS B 242 -6.94 -23.86 1.96
C LYS B 242 -8.23 -23.25 1.49
N TYR B 243 -8.43 -21.95 1.70
CA TYR B 243 -9.63 -21.30 1.22
C TYR B 243 -9.22 -20.06 0.45
N SER B 244 -10.17 -19.54 -0.33
CA SER B 244 -9.84 -18.41 -1.20
C SER B 244 -9.41 -17.22 -0.39
N GLY B 245 -9.89 -17.10 0.85
CA GLY B 245 -9.48 -16.00 1.70
C GLY B 245 -8.02 -16.06 2.13
N ASP B 246 -7.44 -17.26 2.18
CA ASP B 246 -6.01 -17.35 2.50
C ASP B 246 -5.17 -16.68 1.43
N MET B 247 -5.60 -16.78 0.17
CA MET B 247 -4.88 -16.12 -0.92
C MET B 247 -4.90 -14.61 -0.74
N VAL B 248 -6.04 -14.06 -0.31
CA VAL B 248 -6.13 -12.63 -0.08
C VAL B 248 -5.15 -12.20 1.01
N LYS B 249 -5.04 -12.99 2.07
CA LYS B 249 -4.08 -12.69 3.14
C LYS B 249 -2.66 -12.82 2.65
N ALA B 250 -2.40 -13.86 1.83
CA ALA B 250 -1.06 -14.06 1.29
C ALA B 250 -0.65 -12.90 0.38
N LEU B 251 -1.56 -12.47 -0.50
CA LEU B 251 -1.30 -11.29 -1.32
C LEU B 251 -1.24 -10.04 -0.45
N ALA B 252 -2.07 -9.98 0.57
CA ALA B 252 -2.01 -8.82 1.45
C ALA B 252 -0.75 -8.79 2.30
N ALA B 253 -0.13 -9.94 2.57
CA ALA B 253 1.08 -9.94 3.38
C ALA B 253 2.34 -9.62 2.59
N GLY B 254 2.24 -9.44 1.26
CA GLY B 254 3.37 -9.00 0.45
C GLY B 254 3.61 -9.82 -0.81
N ALA B 255 2.96 -10.97 -0.92
CA ALA B 255 3.19 -11.82 -2.08
C ALA B 255 2.52 -11.22 -3.32
N HIS B 256 3.23 -11.30 -4.46
CA HIS B 256 2.72 -10.85 -5.74
C HIS B 256 1.75 -11.85 -6.34
N VAL B 257 1.90 -13.13 -6.00
CA VAL B 257 1.14 -14.22 -6.61
C VAL B 257 1.20 -15.40 -5.66
N VAL B 258 0.21 -16.28 -5.74
CA VAL B 258 0.21 -17.49 -4.93
C VAL B 258 0.34 -18.73 -5.82
N MET B 259 0.96 -19.76 -5.26
CA MET B 259 1.05 -21.08 -5.87
C MET B 259 0.25 -22.07 -5.03
N LEU B 260 -0.59 -22.87 -5.70
CA LEU B 260 -1.51 -23.78 -5.05
C LEU B 260 -1.25 -25.19 -5.56
N GLY B 261 -1.36 -26.15 -4.65
CA GLY B 261 -1.29 -27.55 -5.01
C GLY B 261 -2.63 -28.22 -4.81
N SER B 262 -3.09 -28.30 -3.57
CA SER B 262 -4.32 -29.05 -3.29
C SER B 262 -5.54 -28.40 -3.92
N MET B 263 -5.61 -27.06 -3.93
CA MET B 263 -6.76 -26.37 -4.53
C MET B 263 -6.93 -26.69 -6.01
N PHE B 264 -5.91 -27.20 -6.67
CA PHE B 264 -5.98 -27.50 -8.09
C PHE B 264 -5.91 -28.99 -8.39
N ALA B 265 -5.45 -29.80 -7.45
CA ALA B 265 -5.17 -31.21 -7.73
C ALA B 265 -6.41 -31.99 -8.12
N GLY B 266 -7.60 -31.56 -7.72
CA GLY B 266 -8.76 -32.32 -8.08
C GLY B 266 -9.45 -31.93 -9.38
N VAL B 267 -8.91 -30.95 -10.14
CA VAL B 267 -9.60 -30.44 -11.32
C VAL B 267 -9.38 -31.36 -12.52
N ALA B 268 -10.24 -31.18 -13.53
CA ALA B 268 -10.17 -32.04 -14.71
C ALA B 268 -8.78 -32.00 -15.36
N GLU B 269 -8.18 -30.81 -15.46
CA GLU B 269 -6.92 -30.69 -16.21
C GLU B 269 -5.68 -31.21 -15.48
N SER B 270 -5.73 -31.47 -14.17
CA SER B 270 -4.54 -31.96 -13.49
C SER B 270 -4.20 -33.38 -13.96
N PRO B 271 -2.94 -33.78 -13.89
CA PRO B 271 -2.58 -35.13 -14.32
C PRO B 271 -3.22 -36.14 -13.39
N GLY B 272 -3.52 -37.31 -13.96
CA GLY B 272 -4.12 -38.40 -13.22
C GLY B 272 -5.59 -38.62 -13.49
N GLU B 273 -5.96 -39.90 -13.62
CA GLU B 273 -7.33 -40.31 -13.84
C GLU B 273 -8.10 -40.11 -12.54
N THR B 274 -9.39 -40.38 -12.59
CA THR B 274 -10.21 -40.21 -11.40
C THR B 274 -10.16 -41.51 -10.63
N GLU B 275 -10.02 -41.40 -9.31
CA GLU B 275 -10.06 -42.54 -8.41
C GLU B 275 -11.43 -42.61 -7.78
N ILE B 276 -11.95 -43.83 -7.62
CA ILE B 276 -13.27 -44.02 -7.03
C ILE B 276 -13.06 -44.56 -5.62
N TYR B 277 -13.56 -43.83 -4.64
CA TYR B 277 -13.44 -44.18 -3.23
C TYR B 277 -14.79 -43.99 -2.58
N GLN B 278 -15.31 -45.05 -1.93
CA GLN B 278 -16.61 -45.02 -1.26
C GLN B 278 -17.71 -44.52 -2.17
N GLY B 279 -17.62 -44.82 -3.46
CA GLY B 279 -18.63 -44.42 -4.42
C GLY B 279 -18.45 -43.03 -5.02
N ARG B 280 -17.53 -42.22 -4.52
CA ARG B 280 -17.32 -40.90 -5.10
C ARG B 280 -15.98 -40.79 -5.80
N GLN B 281 -15.86 -39.69 -6.53
CA GLN B 281 -14.72 -39.39 -7.37
C GLN B 281 -13.65 -38.66 -6.58
N PHE B 282 -12.40 -39.09 -6.73
CA PHE B 282 -11.26 -38.49 -6.06
C PHE B 282 -10.10 -38.50 -7.05
N LYS B 283 -9.05 -37.77 -6.70
CA LYS B 283 -7.82 -37.81 -7.47
C LYS B 283 -6.66 -37.94 -6.51
N VAL B 284 -5.62 -38.65 -6.93
CA VAL B 284 -4.45 -38.81 -6.09
C VAL B 284 -3.77 -37.46 -5.94
N TYR B 285 -3.32 -37.15 -4.72
CA TYR B 285 -2.52 -35.96 -4.50
C TYR B 285 -1.40 -36.28 -3.52
N ARG B 286 -0.15 -36.05 -3.92
CA ARG B 286 1.00 -36.47 -3.11
C ARG B 286 2.12 -35.45 -3.15
N GLY B 287 2.86 -35.38 -2.05
CA GLY B 287 4.01 -34.50 -1.99
C GLY B 287 5.13 -35.02 -2.86
N MET B 288 5.91 -34.09 -3.39
CA MET B 288 7.04 -34.52 -4.21
C MET B 288 8.13 -35.16 -3.36
N GLY B 289 8.08 -34.99 -2.04
CA GLY B 289 8.94 -35.69 -1.12
C GLY B 289 8.35 -36.93 -0.46
N SER B 290 7.19 -37.40 -0.89
CA SER B 290 6.63 -38.63 -0.33
C SER B 290 7.33 -39.84 -0.94
N VAL B 291 7.08 -41.01 -0.34
CA VAL B 291 7.71 -42.22 -0.86
C VAL B 291 7.33 -42.44 -2.31
N GLY B 292 6.02 -42.38 -2.60
CA GLY B 292 5.55 -42.75 -3.93
C GLY B 292 6.09 -41.85 -5.03
N ALA B 293 6.19 -40.55 -4.75
CA ALA B 293 6.68 -39.63 -5.79
C ALA B 293 8.17 -39.81 -6.06
N MET B 294 8.95 -40.21 -5.06
CA MET B 294 10.40 -40.27 -5.22
C MET B 294 10.90 -41.54 -5.91
N GLU B 295 10.11 -42.61 -5.94
CA GLU B 295 10.58 -43.84 -6.58
C GLU B 295 10.66 -43.66 -8.08
N LYS B 296 9.72 -42.93 -8.66
CA LYS B 296 9.87 -42.37 -9.99
C LYS B 296 10.95 -41.28 -9.95
N LYS B 309 17.60 -46.21 3.05
CA LYS B 309 16.43 -45.89 2.24
C LYS B 309 15.85 -44.49 2.54
N LEU B 310 14.73 -44.18 1.88
CA LEU B 310 14.19 -42.82 1.89
C LEU B 310 13.76 -42.40 3.29
N VAL B 311 13.93 -41.13 3.60
CA VAL B 311 13.26 -40.49 4.72
C VAL B 311 12.40 -39.36 4.16
N PRO B 312 11.10 -39.59 4.02
CA PRO B 312 10.27 -38.66 3.25
C PRO B 312 9.92 -37.42 4.04
N GLU B 313 9.48 -36.39 3.31
CA GLU B 313 8.99 -35.16 3.92
C GLU B 313 7.61 -34.79 3.40
N GLY B 314 6.86 -35.78 2.93
CA GLY B 314 5.51 -35.55 2.48
C GLY B 314 4.75 -36.85 2.55
N ILE B 315 3.47 -36.75 2.27
CA ILE B 315 2.60 -37.91 2.32
C ILE B 315 1.88 -38.07 0.99
N GLU B 316 1.16 -39.17 0.89
CA GLU B 316 0.33 -39.49 -0.26
C GLU B 316 -1.13 -39.47 0.15
N GLY B 317 -1.95 -38.82 -0.65
CA GLY B 317 -3.35 -38.73 -0.31
C GLY B 317 -4.28 -38.62 -1.51
N ARG B 318 -5.51 -38.22 -1.24
CA ARG B 318 -6.52 -38.07 -2.27
C ARG B 318 -7.35 -36.83 -1.97
N VAL B 319 -7.77 -36.14 -3.03
CA VAL B 319 -8.67 -35.01 -2.91
C VAL B 319 -9.86 -35.23 -3.82
N PRO B 320 -11.03 -34.74 -3.47
CA PRO B 320 -12.21 -34.95 -4.31
C PRO B 320 -12.12 -34.28 -5.66
N TYR B 321 -12.73 -34.91 -6.64
CA TYR B 321 -12.77 -34.36 -7.98
C TYR B 321 -13.62 -33.10 -8.00
N LYS B 322 -13.14 -32.07 -8.68
CA LYS B 322 -13.75 -30.75 -8.62
C LYS B 322 -14.31 -30.30 -9.97
N GLY B 323 -14.04 -31.05 -11.04
CA GLY B 323 -14.47 -30.69 -12.36
C GLY B 323 -13.46 -29.85 -13.09
N PRO B 324 -13.95 -29.01 -14.00
CA PRO B 324 -13.06 -28.18 -14.84
C PRO B 324 -12.38 -27.08 -14.05
N LEU B 325 -11.18 -26.73 -14.50
CA LEU B 325 -10.40 -25.72 -13.78
C LEU B 325 -11.15 -24.40 -13.67
N ALA B 326 -11.91 -24.02 -14.71
CA ALA B 326 -12.53 -22.69 -14.75
C ALA B 326 -13.41 -22.39 -13.53
N ASP B 327 -14.09 -23.40 -12.99
CA ASP B 327 -14.99 -23.20 -11.85
C ASP B 327 -14.20 -22.91 -10.58
N THR B 328 -13.13 -23.68 -10.33
CA THR B 328 -12.29 -23.42 -9.17
C THR B 328 -11.64 -22.05 -9.28
N VAL B 329 -11.13 -21.70 -10.46
CA VAL B 329 -10.54 -20.37 -10.60
C VAL B 329 -11.59 -19.30 -10.33
N HIS B 330 -12.81 -19.53 -10.83
CA HIS B 330 -13.85 -18.53 -10.69
C HIS B 330 -14.20 -18.28 -9.22
N GLN B 331 -14.25 -19.34 -8.41
CA GLN B 331 -14.48 -19.14 -6.99
C GLN B 331 -13.31 -18.45 -6.33
N LEU B 332 -12.10 -18.83 -6.73
CA LEU B 332 -10.89 -18.26 -6.14
C LEU B 332 -10.77 -16.78 -6.47
N VAL B 333 -10.92 -16.43 -7.76
CA VAL B 333 -10.86 -15.02 -8.16
C VAL B 333 -12.04 -14.25 -7.56
N GLY B 334 -13.20 -14.89 -7.46
CA GLY B 334 -14.34 -14.23 -6.87
C GLY B 334 -14.09 -13.86 -5.42
N GLY B 335 -13.48 -14.76 -4.67
CA GLY B 335 -13.16 -14.44 -3.29
C GLY B 335 -12.11 -13.36 -3.18
N LEU B 336 -11.11 -13.39 -4.06
CA LEU B 336 -10.12 -12.31 -4.07
C LEU B 336 -10.78 -10.99 -4.41
N ARG B 337 -11.66 -10.98 -5.41
CA ARG B 337 -12.33 -9.73 -5.78
C ARG B 337 -13.15 -9.19 -4.62
N ALA B 338 -13.90 -10.07 -3.97
CA ALA B 338 -14.69 -9.62 -2.83
C ALA B 338 -13.79 -9.08 -1.74
N GLY B 339 -12.66 -9.77 -1.48
CA GLY B 339 -11.74 -9.31 -0.47
C GLY B 339 -11.15 -7.94 -0.76
N MET B 340 -10.74 -7.72 -2.01
CA MET B 340 -10.19 -6.42 -2.35
C MET B 340 -11.22 -5.32 -2.16
N GLY B 341 -12.48 -5.60 -2.49
CA GLY B 341 -13.53 -4.61 -2.25
C GLY B 341 -13.64 -4.25 -0.78
N TYR B 342 -13.64 -5.27 0.09
CA TYR B 342 -13.71 -5.03 1.54
C TYR B 342 -12.53 -4.20 2.02
N CYS B 343 -11.34 -4.40 1.45
CA CYS B 343 -10.14 -3.69 1.83
C CYS B 343 -9.95 -2.40 1.05
N GLY B 344 -10.91 -2.05 0.19
CA GLY B 344 -10.77 -0.85 -0.62
C GLY B 344 -9.62 -0.89 -1.58
N ALA B 345 -9.23 -2.08 -2.04
CA ALA B 345 -8.09 -2.24 -2.94
C ALA B 345 -8.58 -2.34 -4.38
N GLN B 346 -8.32 -1.29 -5.17
CA GLN B 346 -8.64 -1.34 -6.58
C GLN B 346 -7.66 -2.22 -7.36
N ASP B 347 -6.42 -2.32 -6.91
CA ASP B 347 -5.46 -3.21 -7.55
C ASP B 347 -4.64 -3.94 -6.48
N LEU B 348 -3.89 -4.93 -6.92
CA LEU B 348 -3.15 -5.75 -5.96
C LEU B 348 -2.00 -4.97 -5.33
N GLU B 349 -1.46 -3.97 -6.02
CA GLU B 349 -0.43 -3.14 -5.41
C GLU B 349 -0.97 -2.38 -4.21
N PHE B 350 -2.16 -1.78 -4.34
CA PHE B 350 -2.78 -1.12 -3.19
C PHE B 350 -2.99 -2.11 -2.04
N LEU B 351 -3.39 -3.35 -2.36
CA LEU B 351 -3.59 -4.36 -1.34
C LEU B 351 -2.29 -4.69 -0.62
N ARG B 352 -1.18 -4.77 -1.37
CA ARG B 352 0.12 -5.11 -0.79
C ARG B 352 0.60 -4.03 0.19
N GLU B 353 0.41 -2.76 -0.16
CA GLU B 353 0.98 -1.66 0.59
C GLU B 353 0.06 -1.08 1.66
N ASN B 354 -1.25 -1.32 1.60
CA ASN B 354 -2.17 -0.68 2.52
C ASN B 354 -2.97 -1.65 3.38
N ALA B 355 -3.24 -2.86 2.94
CA ALA B 355 -4.11 -3.71 3.73
C ALA B 355 -3.47 -3.99 5.08
N GLN B 356 -4.28 -3.93 6.12
CA GLN B 356 -3.88 -4.16 7.50
C GLN B 356 -4.58 -5.42 8.00
N PHE B 357 -3.92 -6.13 8.90
CA PHE B 357 -4.46 -7.33 9.53
C PHE B 357 -4.83 -7.06 10.98
N ILE B 358 -5.63 -7.96 11.55
CA ILE B 358 -5.82 -7.99 13.00
C ILE B 358 -5.66 -9.44 13.47
N ARG B 359 -4.93 -9.64 14.57
CA ARG B 359 -4.70 -11.01 15.08
C ARG B 359 -5.86 -11.46 15.94
N MET B 360 -6.09 -12.79 15.96
CA MET B 360 -7.23 -13.34 16.68
C MET B 360 -6.84 -14.63 17.37
N SER B 361 -7.69 -15.08 18.29
CA SER B 361 -7.39 -16.32 19.00
C SER B 361 -8.01 -17.47 18.25
N GLY B 362 -7.81 -18.69 18.77
CA GLY B 362 -8.56 -19.82 18.27
C GLY B 362 -10.06 -19.60 18.39
N ALA B 363 -10.48 -18.92 19.45
CA ALA B 363 -11.88 -18.57 19.58
C ALA B 363 -12.31 -17.63 18.45
N GLY B 364 -11.41 -16.73 18.03
CA GLY B 364 -11.68 -15.92 16.85
C GLY B 364 -11.82 -16.73 15.56
N LEU B 365 -10.93 -17.73 15.36
CA LEU B 365 -11.04 -18.55 14.15
C LEU B 365 -12.36 -19.36 14.15
N LEU B 366 -12.76 -19.86 15.30
CA LEU B 366 -14.02 -20.60 15.35
C LEU B 366 -15.22 -19.70 15.12
N GLU B 367 -15.15 -18.41 15.52
CA GLU B 367 -16.23 -17.48 15.19
C GLU B 367 -16.27 -17.19 13.68
N SER B 368 -15.09 -17.27 13.00
CA SER B 368 -14.95 -16.92 11.58
C SER B 368 -15.53 -17.99 10.65
N HIS B 369 -15.37 -19.26 10.98
CA HIS B 369 -16.06 -20.29 10.22
C HIS B 369 -17.53 -20.25 10.57
N PRO B 370 -18.38 -20.88 9.76
CA PRO B 370 -19.76 -21.12 10.22
C PRO B 370 -19.73 -21.95 11.48
N HIS B 371 -20.68 -21.71 12.37
CA HIS B 371 -20.66 -22.42 13.63
C HIS B 371 -22.07 -22.55 14.18
N HIS B 372 -22.29 -23.62 14.93
CA HIS B 372 -23.52 -23.84 15.70
C HIS B 372 -24.75 -23.91 14.78
N VAL B 373 -24.57 -24.50 13.61
CA VAL B 373 -25.69 -24.78 12.72
C VAL B 373 -25.31 -26.00 11.89
N GLN B 374 -26.26 -26.91 11.71
CA GLN B 374 -25.98 -28.10 10.92
C GLN B 374 -25.98 -27.73 9.44
N ILE B 375 -24.85 -27.93 8.77
CA ILE B 375 -24.72 -27.57 7.36
C ILE B 375 -25.48 -28.58 6.51
N THR B 376 -26.32 -28.07 5.61
CA THR B 376 -27.13 -28.96 4.76
C THR B 376 -26.47 -29.28 3.42
N LYS B 377 -26.08 -28.25 2.66
CA LYS B 377 -25.46 -28.41 1.36
C LYS B 377 -24.09 -27.73 1.37
N GLU B 378 -23.12 -28.28 0.63
CA GLU B 378 -21.85 -27.59 0.50
C GLU B 378 -21.93 -26.49 -0.55
N ALA B 379 -21.27 -25.50 -0.32
CA ALA B 379 -21.08 -24.31 -1.13
C ALA B 379 -19.95 -24.51 -2.14
N PRO B 380 -20.02 -23.80 -3.27
CA PRO B 380 -18.92 -23.89 -4.26
C PRO B 380 -17.60 -23.43 -3.71
N ASN B 381 -17.62 -22.79 -2.55
CA ASN B 381 -16.54 -22.07 -1.89
C ASN B 381 -16.07 -22.72 -0.59
N TYR B 382 -16.82 -23.67 -0.06
CA TYR B 382 -16.57 -24.18 1.29
C TYR B 382 -17.00 -25.63 1.29
N SER B 383 -16.04 -26.55 1.35
CA SER B 383 -16.36 -27.99 1.32
C SER B 383 -16.65 -28.53 2.71
N SER C 22 -16.04 9.75 32.29
CA SER C 22 -14.61 9.45 32.28
C SER C 22 -14.33 8.17 31.49
N ASN C 23 -13.23 8.23 30.74
CA ASN C 23 -12.83 7.16 29.84
C ASN C 23 -12.01 6.09 30.53
N ALA C 24 -11.65 6.29 31.79
CA ALA C 24 -10.81 5.30 32.48
C ALA C 24 -11.50 3.96 32.58
N MET C 25 -12.76 3.95 32.95
CA MET C 25 -13.51 2.69 32.96
C MET C 25 -13.79 2.24 31.55
N TRP C 26 -13.92 3.17 30.61
CA TRP C 26 -14.11 2.75 29.23
C TRP C 26 -12.86 2.09 28.70
N GLU C 27 -11.73 2.70 29.01
CA GLU C 27 -10.43 2.23 28.60
C GLU C 27 -9.97 0.92 29.22
N SER C 28 -10.40 0.67 30.45
CA SER C 28 -10.01 -0.50 31.22
C SER C 28 -10.86 -1.75 31.09
N LYS C 29 -11.84 -1.76 30.21
CA LYS C 29 -12.74 -2.90 30.07
C LYS C 29 -12.06 -4.23 29.76
N PHE C 30 -11.04 -4.20 28.93
CA PHE C 30 -10.35 -5.41 28.48
C PHE C 30 -8.92 -5.52 28.99
N VAL C 31 -8.61 -4.97 30.17
CA VAL C 31 -7.22 -5.02 30.63
C VAL C 31 -6.90 -6.38 31.26
N LYS C 32 -7.81 -6.92 32.09
CA LYS C 32 -7.48 -8.08 32.90
C LYS C 32 -7.28 -9.35 32.08
N GLU C 33 -6.50 -10.23 32.67
CA GLU C 33 -6.13 -11.54 32.13
C GLU C 33 -6.36 -12.60 33.23
N GLY C 34 -6.85 -13.77 32.87
CA GLY C 34 -7.15 -14.79 33.86
C GLY C 34 -6.66 -16.15 33.43
N LEU C 35 -6.28 -16.94 34.42
CA LEU C 35 -5.74 -18.27 34.24
C LEU C 35 -6.63 -19.25 34.98
N THR C 36 -6.73 -20.44 34.42
CA THR C 36 -7.43 -21.53 35.07
C THR C 36 -6.43 -22.68 35.26
N PHE C 37 -6.90 -23.81 35.80
CA PHE C 37 -6.00 -24.89 36.17
C PHE C 37 -5.14 -25.37 35.00
N ASP C 38 -5.74 -25.59 33.83
CA ASP C 38 -5.06 -26.13 32.66
C ASP C 38 -4.11 -25.13 31.96
N ASP C 39 -4.02 -23.89 32.42
CA ASP C 39 -3.07 -22.93 31.89
C ASP C 39 -1.69 -23.03 32.54
N VAL C 40 -1.55 -23.79 33.64
CA VAL C 40 -0.35 -23.70 34.45
C VAL C 40 0.16 -25.08 34.89
N LEU C 41 1.41 -25.08 35.35
CA LEU C 41 2.03 -26.18 36.07
C LEU C 41 2.75 -25.60 37.29
N LEU C 42 2.96 -26.45 38.29
CA LEU C 42 3.77 -26.10 39.45
C LEU C 42 5.24 -26.44 39.17
N VAL C 43 6.14 -25.50 39.45
CA VAL C 43 7.55 -25.71 39.20
C VAL C 43 8.10 -26.53 40.36
N PRO C 44 8.69 -27.69 40.13
CA PRO C 44 9.25 -28.44 41.24
C PRO C 44 10.36 -27.68 41.94
N ALA C 45 10.51 -27.92 43.23
CA ALA C 45 11.51 -27.23 44.04
C ALA C 45 12.17 -28.25 44.94
N LYS C 46 13.29 -27.85 45.54
CA LYS C 46 14.09 -28.78 46.31
C LYS C 46 13.27 -29.37 47.46
N SER C 47 13.38 -30.68 47.62
CA SER C 47 12.60 -31.41 48.62
C SER C 47 13.55 -32.16 49.54
N ASP C 48 13.38 -31.96 50.83
CA ASP C 48 14.00 -32.76 51.88
C ASP C 48 12.96 -33.61 52.59
N VAL C 49 11.76 -33.68 52.01
CA VAL C 49 10.59 -34.26 52.68
C VAL C 49 10.03 -35.37 51.79
N LEU C 50 9.73 -36.48 52.40
CA LEU C 50 9.10 -37.55 51.67
C LEU C 50 7.60 -37.32 51.59
N PRO C 51 6.97 -37.76 50.50
CA PRO C 51 5.53 -37.53 50.35
C PRO C 51 4.70 -38.05 51.51
N ARG C 52 5.05 -39.21 52.07
CA ARG C 52 4.26 -39.77 53.16
C ARG C 52 4.45 -39.05 54.48
N GLU C 53 5.39 -38.12 54.59
CA GLU C 53 5.61 -37.39 55.82
C GLU C 53 5.10 -35.96 55.75
N VAL C 54 4.61 -35.50 54.59
CA VAL C 54 4.10 -34.13 54.54
C VAL C 54 2.84 -34.05 55.39
N SER C 55 2.52 -32.85 55.82
CA SER C 55 1.32 -32.63 56.59
C SER C 55 0.25 -32.01 55.70
N VAL C 56 -0.94 -32.61 55.69
CA VAL C 56 -2.07 -32.06 54.93
C VAL C 56 -3.16 -31.52 55.87
N LYS C 57 -2.86 -31.37 57.15
CA LYS C 57 -3.80 -30.77 58.09
C LYS C 57 -3.93 -29.29 57.79
N THR C 58 -5.09 -28.73 58.15
CA THR C 58 -5.37 -27.34 57.83
C THR C 58 -6.29 -26.75 58.89
N VAL C 59 -6.13 -25.45 59.16
CA VAL C 59 -6.91 -24.74 60.17
C VAL C 59 -7.76 -23.65 59.49
N LEU C 60 -9.09 -23.84 59.48
CA LEU C 60 -9.99 -22.82 58.95
C LEU C 60 -10.30 -21.76 60.01
N SER C 61 -10.59 -22.21 61.23
CA SER C 61 -10.68 -21.35 62.40
C SER C 61 -10.29 -22.24 63.57
N GLU C 62 -10.14 -21.62 64.75
CA GLU C 62 -9.73 -22.40 65.90
C GLU C 62 -10.74 -23.50 66.23
N SER C 63 -12.00 -23.31 65.87
CA SER C 63 -13.04 -24.26 66.21
C SER C 63 -13.37 -25.16 65.03
N LEU C 64 -12.55 -25.11 63.98
CA LEU C 64 -12.79 -25.87 62.74
C LEU C 64 -11.43 -26.24 62.15
N GLN C 65 -10.98 -27.46 62.44
CA GLN C 65 -9.66 -27.88 61.99
C GLN C 65 -9.81 -29.22 61.30
N LEU C 66 -9.22 -29.33 60.11
CA LEU C 66 -9.37 -30.49 59.26
C LEU C 66 -8.04 -31.23 59.12
N ASN C 67 -8.13 -32.55 59.10
CA ASN C 67 -6.96 -33.39 58.86
C ASN C 67 -6.58 -33.45 57.38
N ILE C 68 -7.52 -33.21 56.47
CA ILE C 68 -7.24 -33.13 55.03
C ILE C 68 -7.99 -31.92 54.47
N PRO C 69 -7.46 -31.22 53.44
CA PRO C 69 -8.13 -30.02 52.90
C PRO C 69 -9.21 -30.33 51.86
N LEU C 70 -10.24 -31.08 52.27
CA LEU C 70 -11.31 -31.46 51.34
C LEU C 70 -12.67 -31.21 51.97
N ILE C 71 -13.55 -30.52 51.24
CA ILE C 71 -14.94 -30.28 51.66
C ILE C 71 -15.88 -30.75 50.53
N SER C 72 -16.91 -31.49 50.90
CA SER C 72 -17.88 -31.96 49.93
C SER C 72 -19.00 -30.93 49.78
N ALA C 73 -19.29 -30.57 48.53
CA ALA C 73 -20.17 -29.45 48.24
C ALA C 73 -21.59 -29.71 48.74
N GLY C 74 -22.26 -28.62 49.12
CA GLY C 74 -23.62 -28.65 49.60
C GLY C 74 -24.63 -28.70 48.47
N MET C 75 -24.73 -29.85 47.82
CA MET C 75 -25.65 -30.05 46.73
C MET C 75 -26.48 -31.30 46.99
N ASP C 76 -27.70 -31.31 46.44
CA ASP C 76 -28.61 -32.41 46.72
C ASP C 76 -28.20 -33.72 46.05
N THR C 77 -27.11 -33.73 45.27
CA THR C 77 -26.56 -34.95 44.70
C THR C 77 -25.16 -35.27 45.20
N VAL C 78 -24.69 -34.60 46.25
CA VAL C 78 -23.32 -34.77 46.74
C VAL C 78 -23.30 -35.07 48.23
N THR C 79 -23.93 -34.23 49.04
CA THR C 79 -23.75 -34.30 50.48
C THR C 79 -25.08 -34.40 51.19
N GLU C 80 -25.34 -35.55 51.80
CA GLU C 80 -26.33 -35.68 52.86
C GLU C 80 -25.59 -36.34 54.03
N ALA C 81 -26.36 -36.93 54.95
CA ALA C 81 -25.79 -37.38 56.21
C ALA C 81 -24.68 -38.42 56.03
N ASP C 82 -24.92 -39.46 55.24
CA ASP C 82 -23.90 -40.49 55.06
C ASP C 82 -22.63 -39.92 54.45
N MET C 83 -22.76 -38.97 53.53
CA MET C 83 -21.57 -38.37 52.95
C MET C 83 -20.80 -37.54 53.98
N ALA C 84 -21.52 -36.71 54.75
CA ALA C 84 -20.83 -35.86 55.71
C ALA C 84 -20.14 -36.69 56.79
N ILE C 85 -20.78 -37.76 57.27
CA ILE C 85 -20.13 -38.63 58.25
C ILE C 85 -18.87 -39.25 57.66
N ALA C 86 -18.94 -39.71 56.42
CA ALA C 86 -17.78 -40.32 55.78
C ALA C 86 -16.68 -39.29 55.51
N MET C 87 -17.05 -38.06 55.09
CA MET C 87 -16.06 -37.00 54.87
C MET C 87 -15.32 -36.66 56.15
N ALA C 88 -16.06 -36.52 57.26
CA ALA C 88 -15.44 -36.20 58.53
C ALA C 88 -14.50 -37.32 58.97
N ARG C 89 -14.93 -38.58 58.79
CA ARG C 89 -14.10 -39.73 59.15
C ARG C 89 -12.87 -39.84 58.27
N GLN C 90 -12.92 -39.30 57.06
CA GLN C 90 -11.71 -39.24 56.25
C GLN C 90 -10.83 -38.07 56.64
N GLY C 91 -11.29 -37.23 57.56
CA GLY C 91 -10.60 -36.02 57.92
C GLY C 91 -11.10 -34.78 57.22
N GLY C 92 -12.18 -34.88 56.46
CA GLY C 92 -12.71 -33.73 55.78
C GLY C 92 -14.00 -33.21 56.36
N LEU C 93 -14.81 -32.56 55.53
CA LEU C 93 -16.01 -31.87 55.96
C LEU C 93 -17.07 -31.93 54.86
N GLY C 94 -18.32 -32.10 55.27
CA GLY C 94 -19.46 -32.11 54.37
C GLY C 94 -20.43 -30.99 54.70
N ILE C 95 -20.95 -30.34 53.67
CA ILE C 95 -21.94 -29.27 53.80
C ILE C 95 -23.30 -29.86 53.49
N ILE C 96 -24.16 -29.96 54.50
CA ILE C 96 -25.47 -30.50 54.23
C ILE C 96 -26.24 -29.50 53.37
N HIS C 97 -26.78 -29.97 52.24
CA HIS C 97 -27.44 -29.08 51.31
C HIS C 97 -28.77 -28.62 51.90
N LYS C 98 -29.28 -27.51 51.34
CA LYS C 98 -30.42 -26.79 51.90
C LYS C 98 -31.71 -27.09 51.19
N ASN C 99 -31.72 -28.03 50.25
CA ASN C 99 -32.96 -28.39 49.53
C ASN C 99 -33.75 -29.44 50.32
N MET C 100 -34.11 -29.07 51.54
CA MET C 100 -34.89 -29.92 52.43
C MET C 100 -35.53 -28.99 53.46
N SER C 101 -36.45 -29.54 54.24
CA SER C 101 -37.10 -28.70 55.23
C SER C 101 -36.09 -28.33 56.32
N ILE C 102 -36.43 -27.28 57.07
CA ILE C 102 -35.59 -26.89 58.20
C ILE C 102 -35.39 -28.05 59.17
N GLU C 103 -36.47 -28.73 59.54
CA GLU C 103 -36.32 -29.88 60.43
C GLU C 103 -35.47 -30.97 59.78
N GLN C 104 -35.70 -31.24 58.50
CA GLN C 104 -34.93 -32.29 57.84
C GLN C 104 -33.44 -31.98 57.81
N GLN C 105 -33.07 -30.71 57.71
CA GLN C 105 -31.65 -30.37 57.74
C GLN C 105 -31.09 -30.36 59.15
N ALA C 106 -31.83 -29.84 60.12
CA ALA C 106 -31.34 -29.87 61.49
C ALA C 106 -31.18 -31.31 61.98
N GLU C 107 -32.10 -32.19 61.59
CA GLU C 107 -31.99 -33.61 61.95
C GLU C 107 -30.74 -34.25 61.40
N GLN C 108 -30.43 -33.99 60.12
CA GLN C 108 -29.21 -34.56 59.54
C GLN C 108 -27.96 -34.00 60.20
N VAL C 109 -27.94 -32.71 60.52
CA VAL C 109 -26.80 -32.17 61.25
C VAL C 109 -26.63 -32.90 62.57
N ASP C 110 -27.75 -33.13 63.27
CA ASP C 110 -27.70 -33.89 64.52
C ASP C 110 -27.17 -35.29 64.30
N LYS C 111 -27.57 -35.93 63.20
CA LYS C 111 -27.12 -37.30 62.95
C LYS C 111 -25.60 -37.37 62.79
N VAL C 112 -25.00 -36.39 62.12
CA VAL C 112 -23.55 -36.42 61.97
C VAL C 112 -22.87 -36.20 63.32
N LYS C 113 -23.42 -35.32 64.14
CA LYS C 113 -22.81 -35.05 65.43
C LYS C 113 -22.86 -36.31 66.30
N ARG C 114 -23.95 -37.07 66.21
CA ARG C 114 -24.09 -38.29 67.01
C ARG C 114 -23.16 -39.41 66.54
N SER C 115 -22.40 -39.23 65.47
CA SER C 115 -21.55 -40.29 64.95
C SER C 115 -20.10 -40.14 65.39
N GLY C 116 -19.89 -39.72 66.63
CA GLY C 116 -18.57 -39.58 67.17
C GLY C 116 -18.11 -38.16 67.39
N GLY C 117 -19.02 -37.20 67.50
CA GLY C 117 -18.64 -35.80 67.61
C GLY C 117 -17.97 -35.28 66.35
N LEU C 118 -18.48 -35.67 65.18
CA LEU C 118 -17.86 -35.29 63.92
C LEU C 118 -18.26 -33.90 63.50
N LEU C 119 -17.37 -33.25 62.75
CA LEU C 119 -17.65 -31.95 62.16
C LEU C 119 -18.67 -32.06 61.03
N VAL C 120 -19.51 -31.03 60.91
CA VAL C 120 -20.52 -30.97 59.84
C VAL C 120 -20.85 -29.52 59.56
N GLY C 121 -21.08 -29.22 58.29
CA GLY C 121 -21.49 -27.89 57.93
C GLY C 121 -22.81 -27.95 57.19
N ALA C 122 -23.49 -26.82 57.08
CA ALA C 122 -24.79 -26.79 56.43
C ALA C 122 -24.94 -25.51 55.62
N ALA C 123 -25.51 -25.65 54.44
CA ALA C 123 -25.76 -24.50 53.57
C ALA C 123 -27.08 -23.81 53.93
N VAL C 124 -27.08 -22.48 53.85
CA VAL C 124 -28.26 -21.65 54.03
C VAL C 124 -28.29 -20.61 52.92
N GLY C 125 -29.50 -20.25 52.48
CA GLY C 125 -29.67 -19.22 51.49
C GLY C 125 -29.94 -17.84 52.09
N VAL C 126 -29.94 -16.84 51.22
CA VAL C 126 -30.28 -15.48 51.63
C VAL C 126 -31.78 -15.32 51.41
N THR C 127 -32.56 -15.65 52.42
CA THR C 127 -34.01 -15.63 52.31
C THR C 127 -34.60 -15.00 53.56
N ALA C 128 -35.92 -14.83 53.54
CA ALA C 128 -36.62 -14.33 54.73
C ALA C 128 -36.47 -15.30 55.88
N ASP C 129 -36.73 -16.59 55.63
CA ASP C 129 -36.67 -17.61 56.67
C ASP C 129 -35.26 -18.12 56.91
N ALA C 130 -34.25 -17.38 56.45
CA ALA C 130 -32.88 -17.82 56.65
C ALA C 130 -32.54 -17.92 58.13
N MET C 131 -32.90 -16.90 58.90
CA MET C 131 -32.55 -16.89 60.32
C MET C 131 -33.20 -18.05 61.07
N THR C 132 -34.42 -18.43 60.65
CA THR C 132 -35.10 -19.57 61.27
C THR C 132 -34.31 -20.86 61.06
N ARG C 133 -33.85 -21.10 59.83
CA ARG C 133 -33.07 -22.31 59.56
C ARG C 133 -31.77 -22.32 60.34
N ILE C 134 -31.09 -21.18 60.43
CA ILE C 134 -29.83 -21.10 61.16
C ILE C 134 -30.05 -21.43 62.63
N ASP C 135 -31.13 -20.93 63.21
CA ASP C 135 -31.40 -21.21 64.61
C ASP C 135 -31.47 -22.71 64.84
N ALA C 136 -32.17 -23.43 63.96
CA ALA C 136 -32.27 -24.88 64.08
C ALA C 136 -30.92 -25.56 63.84
N LEU C 137 -30.10 -25.04 62.92
CA LEU C 137 -28.80 -25.66 62.68
C LEU C 137 -27.86 -25.45 63.86
N VAL C 138 -27.96 -24.29 64.52
CA VAL C 138 -27.16 -24.05 65.71
C VAL C 138 -27.63 -24.92 66.87
N LYS C 139 -28.94 -25.11 67.01
CA LYS C 139 -29.39 -25.97 68.09
C LYS C 139 -28.90 -27.40 67.88
N ALA C 140 -28.71 -27.80 66.63
CA ALA C 140 -28.17 -29.10 66.30
C ALA C 140 -26.67 -29.14 66.38
N SER C 141 -26.05 -28.05 66.84
CA SER C 141 -24.60 -27.99 67.09
C SER C 141 -23.80 -28.07 65.79
N VAL C 142 -24.27 -27.38 64.74
CA VAL C 142 -23.52 -27.34 63.49
C VAL C 142 -22.21 -26.62 63.75
N ASP C 143 -21.17 -27.03 63.02
CA ASP C 143 -19.84 -26.48 63.22
C ASP C 143 -19.56 -25.28 62.32
N ALA C 144 -20.25 -25.20 61.19
CA ALA C 144 -20.15 -24.06 60.28
C ALA C 144 -21.40 -24.05 59.43
N ILE C 145 -21.92 -22.86 59.15
CA ILE C 145 -22.95 -22.67 58.13
C ILE C 145 -22.31 -22.06 56.90
N VAL C 146 -22.80 -22.45 55.72
CA VAL C 146 -22.36 -21.89 54.45
C VAL C 146 -23.49 -21.02 53.93
N LEU C 147 -23.30 -19.71 53.99
CA LEU C 147 -24.21 -18.77 53.34
C LEU C 147 -23.87 -18.77 51.86
N ASP C 148 -24.54 -19.66 51.13
CA ASP C 148 -24.20 -19.98 49.75
C ASP C 148 -25.15 -19.27 48.80
N THR C 149 -24.59 -18.47 47.91
CA THR C 149 -25.37 -17.77 46.91
C THR C 149 -24.59 -17.69 45.61
N ALA C 150 -25.31 -17.44 44.51
CA ALA C 150 -24.66 -17.31 43.21
C ALA C 150 -23.78 -16.06 43.16
N HIS C 151 -24.21 -14.99 43.80
CA HIS C 151 -23.46 -13.73 43.77
C HIS C 151 -23.31 -13.25 45.22
N GLY C 152 -22.25 -13.74 45.89
CA GLY C 152 -21.94 -13.35 47.25
C GLY C 152 -21.61 -11.90 47.41
N HIS C 153 -21.19 -11.23 46.33
CA HIS C 153 -20.85 -9.81 46.37
C HIS C 153 -22.09 -8.95 46.19
N SER C 154 -23.15 -9.19 46.95
CA SER C 154 -24.37 -8.40 46.82
C SER C 154 -24.86 -7.99 48.19
N GLN C 155 -25.62 -6.89 48.22
CA GLN C 155 -26.06 -6.33 49.49
C GLN C 155 -26.87 -7.34 50.30
N GLY C 156 -27.68 -8.16 49.63
CA GLY C 156 -28.46 -9.14 50.36
C GLY C 156 -27.59 -10.11 51.14
N VAL C 157 -26.50 -10.57 50.53
CA VAL C 157 -25.56 -11.42 51.26
C VAL C 157 -24.90 -10.64 52.39
N ILE C 158 -24.37 -9.46 52.07
CA ILE C 158 -23.70 -8.66 53.08
C ILE C 158 -24.61 -8.40 54.27
N ASP C 159 -25.84 -7.95 53.99
CA ASP C 159 -26.78 -7.71 55.08
C ASP C 159 -27.09 -9.00 55.84
N LYS C 160 -27.23 -10.12 55.12
CA LYS C 160 -27.51 -11.37 55.81
C LYS C 160 -26.32 -11.83 56.64
N VAL C 161 -25.10 -11.63 56.14
CA VAL C 161 -23.92 -11.96 56.93
C VAL C 161 -23.83 -11.09 58.19
N LYS C 162 -24.04 -9.77 58.06
CA LYS C 162 -23.87 -8.92 59.23
C LYS C 162 -24.80 -9.32 60.39
N GLU C 163 -26.07 -9.60 60.10
CA GLU C 163 -26.98 -9.94 61.20
C GLU C 163 -26.64 -11.30 61.82
N VAL C 164 -26.13 -12.24 61.02
CA VAL C 164 -25.80 -13.55 61.57
C VAL C 164 -24.58 -13.44 62.50
N ARG C 165 -23.62 -12.61 62.13
CA ARG C 165 -22.45 -12.42 63.01
C ARG C 165 -22.87 -11.83 64.35
N ALA C 166 -23.85 -10.93 64.35
CA ALA C 166 -24.31 -10.33 65.60
C ALA C 166 -25.02 -11.34 66.50
N LYS C 167 -25.83 -12.22 65.92
CA LYS C 167 -26.61 -13.13 66.75
C LYS C 167 -25.78 -14.29 67.26
N TYR C 168 -24.83 -14.76 66.48
CA TYR C 168 -24.00 -15.90 66.84
C TYR C 168 -22.54 -15.49 66.68
N PRO C 169 -21.95 -14.85 67.69
CA PRO C 169 -20.59 -14.31 67.50
C PRO C 169 -19.51 -15.36 67.35
N SER C 170 -19.74 -16.60 67.78
CA SER C 170 -18.71 -17.63 67.72
C SER C 170 -18.96 -18.61 66.60
N LEU C 171 -19.93 -18.33 65.76
CA LEU C 171 -20.30 -19.27 64.72
C LEU C 171 -19.37 -19.12 63.53
N ASN C 172 -18.85 -20.24 63.06
CA ASN C 172 -18.06 -20.26 61.83
C ASN C 172 -18.97 -19.92 60.66
N ILE C 173 -18.65 -18.84 59.95
CA ILE C 173 -19.49 -18.38 58.85
C ILE C 173 -18.66 -18.40 57.57
N ILE C 174 -19.06 -19.29 56.67
CA ILE C 174 -18.49 -19.37 55.33
C ILE C 174 -19.47 -18.70 54.37
N ALA C 175 -19.04 -17.63 53.71
CA ALA C 175 -19.92 -16.89 52.82
C ALA C 175 -19.37 -16.94 51.42
N GLY C 176 -20.27 -17.16 50.46
CA GLY C 176 -19.86 -17.21 49.08
C GLY C 176 -21.11 -17.19 48.22
N ASN C 177 -20.91 -17.22 46.91
CA ASN C 177 -19.59 -17.28 46.28
C ASN C 177 -19.09 -15.95 45.72
N VAL C 178 -17.77 -15.79 45.66
CA VAL C 178 -17.18 -14.56 45.12
C VAL C 178 -16.00 -14.93 44.22
N ALA C 179 -15.48 -13.91 43.51
CA ALA C 179 -14.35 -14.14 42.63
C ALA C 179 -13.39 -12.97 42.52
N THR C 180 -13.59 -11.88 43.27
CA THR C 180 -12.72 -10.70 43.23
C THR C 180 -12.29 -10.34 44.66
N ALA C 181 -11.18 -9.60 44.74
CA ALA C 181 -10.66 -9.14 46.03
C ALA C 181 -11.63 -8.18 46.72
N GLU C 182 -12.24 -7.26 45.96
CA GLU C 182 -13.22 -6.36 46.55
C GLU C 182 -14.35 -7.14 47.19
N ALA C 183 -14.85 -8.15 46.49
CA ALA C 183 -15.91 -8.97 47.05
C ALA C 183 -15.43 -9.69 48.31
N THR C 184 -14.19 -10.19 48.29
CA THR C 184 -13.61 -10.83 49.48
C THR C 184 -13.53 -9.87 50.65
N LYS C 185 -12.99 -8.69 50.41
CA LYS C 185 -12.90 -7.69 51.46
C LYS C 185 -14.26 -7.36 52.06
N ALA C 186 -15.29 -7.24 51.19
CA ALA C 186 -16.62 -6.91 51.69
C ALA C 186 -17.20 -8.04 52.55
N LEU C 187 -17.06 -9.28 52.11
CA LEU C 187 -17.60 -10.37 52.91
C LEU C 187 -16.88 -10.46 54.26
N ILE C 188 -15.57 -10.21 54.28
CA ILE C 188 -14.88 -10.22 55.55
C ILE C 188 -15.37 -9.10 56.45
N GLU C 189 -15.56 -7.90 55.89
CA GLU C 189 -16.02 -6.79 56.71
C GLU C 189 -17.44 -7.00 57.20
N ALA C 190 -18.24 -7.81 56.51
CA ALA C 190 -19.57 -8.13 56.98
C ALA C 190 -19.54 -9.10 58.16
N GLY C 191 -18.46 -9.90 58.28
CA GLY C 191 -18.26 -10.80 59.42
C GLY C 191 -17.93 -12.26 59.15
N ALA C 192 -17.77 -12.69 57.89
CA ALA C 192 -17.49 -14.09 57.59
C ALA C 192 -16.05 -14.45 57.88
N ASN C 193 -15.81 -15.62 58.49
CA ASN C 193 -14.44 -16.00 58.84
C ASN C 193 -13.76 -16.83 57.76
N VAL C 194 -14.51 -17.34 56.80
CA VAL C 194 -13.97 -18.09 55.68
C VAL C 194 -14.69 -17.60 54.43
N VAL C 195 -13.96 -17.45 53.33
CA VAL C 195 -14.52 -16.95 52.09
C VAL C 195 -14.47 -18.05 51.04
N LYS C 196 -15.56 -18.24 50.32
CA LYS C 196 -15.64 -19.28 49.30
C LYS C 196 -15.59 -18.65 47.92
N VAL C 197 -14.66 -19.14 47.11
CA VAL C 197 -14.30 -18.54 45.83
C VAL C 197 -14.73 -19.46 44.69
N GLY C 198 -15.35 -18.88 43.66
CA GLY C 198 -15.70 -19.60 42.46
C GLY C 198 -17.02 -19.15 41.88
N ILE C 199 -16.99 -18.43 40.77
CA ILE C 199 -18.19 -18.09 40.02
C ILE C 199 -18.03 -18.63 38.61
N GLY C 200 -18.67 -19.78 38.36
CA GLY C 200 -18.67 -20.36 37.03
C GLY C 200 -17.73 -21.53 36.71
N PRO C 201 -16.83 -21.96 37.61
CA PRO C 201 -15.92 -23.03 37.20
C PRO C 201 -16.54 -24.40 37.30
N GLY C 202 -17.73 -24.49 37.88
CA GLY C 202 -18.31 -25.79 38.18
C GLY C 202 -18.52 -26.66 36.95
N SER C 203 -18.33 -27.96 37.13
CA SER C 203 -18.53 -28.95 36.07
C SER C 203 -19.97 -28.96 35.56
N ILE C 204 -20.93 -28.67 36.43
CA ILE C 204 -22.34 -28.63 36.08
C ILE C 204 -22.85 -27.20 35.91
N CYS C 205 -21.95 -26.22 35.88
CA CYS C 205 -22.30 -24.81 35.96
C CYS C 205 -22.37 -24.17 34.57
N THR C 206 -23.37 -23.30 34.37
CA THR C 206 -23.50 -22.57 33.10
C THR C 206 -23.55 -21.08 33.27
N THR C 207 -23.25 -20.55 34.47
CA THR C 207 -23.35 -19.12 34.73
C THR C 207 -22.59 -18.30 33.67
N ARG C 208 -21.35 -18.70 33.39
CA ARG C 208 -20.51 -17.95 32.47
C ARG C 208 -21.04 -17.99 31.06
N VAL C 209 -21.80 -19.03 30.72
CA VAL C 209 -22.34 -19.14 29.37
C VAL C 209 -23.66 -18.38 29.24
N VAL C 210 -24.54 -18.53 30.23
CA VAL C 210 -25.88 -17.95 30.14
C VAL C 210 -25.93 -16.54 30.70
N ALA C 211 -25.02 -16.17 31.60
CA ALA C 211 -24.95 -14.81 32.15
C ALA C 211 -23.72 -14.05 31.69
N GLY C 212 -22.72 -14.71 31.12
CA GLY C 212 -21.53 -14.07 30.62
C GLY C 212 -20.53 -13.65 31.68
N VAL C 213 -20.71 -14.08 32.92
CA VAL C 213 -19.95 -13.56 34.06
C VAL C 213 -19.07 -14.65 34.64
N GLY C 214 -17.84 -14.29 35.03
CA GLY C 214 -16.96 -15.20 35.74
C GLY C 214 -15.53 -14.69 35.82
N VAL C 215 -14.72 -15.45 36.55
CA VAL C 215 -13.29 -15.23 36.66
C VAL C 215 -12.65 -16.61 36.63
N PRO C 216 -11.72 -16.85 35.72
CA PRO C 216 -11.03 -18.16 35.70
C PRO C 216 -10.53 -18.55 37.08
N GLN C 217 -10.83 -19.80 37.46
CA GLN C 217 -10.86 -20.16 38.87
C GLN C 217 -9.50 -19.96 39.54
N LEU C 218 -8.42 -20.23 38.81
CA LEU C 218 -7.10 -20.07 39.40
C LEU C 218 -6.79 -18.61 39.72
N THR C 219 -7.14 -17.71 38.81
CA THR C 219 -6.95 -16.28 39.07
C THR C 219 -7.86 -15.78 40.20
N ALA C 220 -9.11 -16.27 40.24
CA ALA C 220 -10.04 -15.87 41.29
C ALA C 220 -9.55 -16.30 42.65
N VAL C 221 -9.03 -17.53 42.77
CA VAL C 221 -8.52 -17.96 44.06
C VAL C 221 -7.36 -17.06 44.47
N TYR C 222 -6.43 -16.82 43.53
CA TYR C 222 -5.26 -16.01 43.84
C TYR C 222 -5.65 -14.57 44.17
N ASP C 223 -6.57 -13.97 43.39
CA ASP C 223 -7.05 -12.63 43.71
C ASP C 223 -7.71 -12.59 45.09
N CYS C 224 -8.51 -13.60 45.43
CA CYS C 224 -9.23 -13.58 46.71
C CYS C 224 -8.31 -13.90 47.86
N ALA C 225 -7.43 -14.89 47.68
CA ALA C 225 -6.48 -15.21 48.73
C ALA C 225 -5.56 -14.05 48.99
N THR C 226 -5.21 -13.28 47.95
CA THR C 226 -4.37 -12.11 48.18
C THR C 226 -5.03 -11.16 49.14
N GLU C 227 -6.33 -10.96 48.99
CA GLU C 227 -7.00 -10.03 49.90
C GLU C 227 -7.27 -10.67 51.25
N ALA C 228 -7.75 -11.91 51.26
CA ALA C 228 -8.14 -12.48 52.54
C ALA C 228 -6.95 -12.62 53.48
N ARG C 229 -5.76 -12.93 52.94
CA ARG C 229 -4.59 -13.16 53.78
C ARG C 229 -4.19 -11.90 54.51
N LYS C 230 -4.47 -10.71 53.96
CA LYS C 230 -4.14 -9.52 54.72
C LYS C 230 -4.94 -9.45 56.02
N HIS C 231 -6.06 -10.15 56.11
CA HIS C 231 -6.83 -10.25 57.35
C HIS C 231 -6.58 -11.55 58.09
N GLY C 232 -5.74 -12.43 57.57
CA GLY C 232 -5.63 -13.71 58.25
C GLY C 232 -6.87 -14.54 58.11
N ILE C 233 -7.47 -14.53 56.92
CA ILE C 233 -8.74 -15.21 56.65
C ILE C 233 -8.49 -16.27 55.59
N PRO C 234 -8.97 -17.49 55.78
CA PRO C 234 -8.80 -18.52 54.75
C PRO C 234 -9.83 -18.41 53.63
N VAL C 235 -9.49 -18.98 52.48
CA VAL C 235 -10.42 -19.05 51.34
C VAL C 235 -10.58 -20.50 50.94
N ILE C 236 -11.79 -20.85 50.51
CA ILE C 236 -12.11 -22.18 50.01
C ILE C 236 -12.14 -22.08 48.49
N ALA C 237 -11.34 -22.91 47.82
CA ALA C 237 -11.41 -22.96 46.37
C ALA C 237 -12.53 -23.90 45.98
N ASP C 238 -13.63 -23.34 45.48
CA ASP C 238 -14.85 -24.11 45.25
C ASP C 238 -15.10 -24.24 43.75
N GLY C 239 -15.01 -25.48 43.24
CA GLY C 239 -15.44 -25.79 41.89
C GLY C 239 -14.29 -25.87 40.88
N GLY C 240 -14.54 -26.59 39.78
CA GLY C 240 -13.62 -26.60 38.66
C GLY C 240 -12.52 -27.63 38.73
N ILE C 241 -12.48 -28.41 39.80
CA ILE C 241 -11.45 -29.42 40.02
C ILE C 241 -11.88 -30.75 39.37
N LYS C 242 -11.16 -31.18 38.33
CA LYS C 242 -11.42 -32.46 37.65
C LYS C 242 -10.39 -33.53 38.01
N TYR C 243 -9.17 -33.15 38.36
CA TYR C 243 -8.17 -34.10 38.81
C TYR C 243 -7.54 -33.60 40.10
N SER C 244 -6.84 -34.51 40.79
CA SER C 244 -6.23 -34.21 42.07
C SER C 244 -5.15 -33.13 41.93
N GLY C 245 -4.52 -33.06 40.75
CA GLY C 245 -3.54 -32.02 40.50
C GLY C 245 -4.14 -30.60 40.41
N ASP C 246 -5.42 -30.49 40.01
CA ASP C 246 -6.03 -29.18 40.08
C ASP C 246 -6.15 -28.73 41.54
N MET C 247 -6.38 -29.67 42.45
CA MET C 247 -6.46 -29.33 43.86
C MET C 247 -5.12 -28.82 44.38
N VAL C 248 -4.02 -29.45 44.00
CA VAL C 248 -2.70 -28.96 44.42
C VAL C 248 -2.49 -27.56 43.90
N LYS C 249 -2.96 -27.30 42.67
CA LYS C 249 -2.84 -25.96 42.10
C LYS C 249 -3.65 -24.94 42.87
N ALA C 250 -4.86 -25.33 43.33
CA ALA C 250 -5.69 -24.39 44.04
C ALA C 250 -5.07 -23.98 45.38
N LEU C 251 -4.52 -24.96 46.11
CA LEU C 251 -3.89 -24.63 47.38
C LEU C 251 -2.60 -23.85 47.17
N ALA C 252 -1.86 -24.20 46.12
CA ALA C 252 -0.66 -23.46 45.79
C ALA C 252 -1.02 -22.08 45.29
N ALA C 253 -2.24 -21.90 44.79
CA ALA C 253 -2.67 -20.58 44.35
C ALA C 253 -3.24 -19.76 45.50
N GLY C 254 -3.40 -20.34 46.70
CA GLY C 254 -3.78 -19.57 47.88
C GLY C 254 -4.89 -20.11 48.76
N ALA C 255 -5.68 -21.07 48.29
CA ALA C 255 -6.80 -21.57 49.05
C ALA C 255 -6.33 -22.45 50.21
N HIS C 256 -7.02 -22.35 51.34
CA HIS C 256 -6.69 -23.23 52.46
C HIS C 256 -7.23 -24.63 52.23
N VAL C 257 -8.31 -24.74 51.46
CA VAL C 257 -9.06 -25.97 51.34
C VAL C 257 -9.81 -25.89 50.02
N VAL C 258 -10.16 -27.04 49.47
CA VAL C 258 -10.91 -27.11 48.22
C VAL C 258 -12.28 -27.71 48.50
N MET C 259 -13.25 -27.33 47.68
CA MET C 259 -14.59 -27.91 47.72
C MET C 259 -14.86 -28.59 46.38
N LEU C 260 -15.40 -29.82 46.45
CA LEU C 260 -15.64 -30.65 45.28
C LEU C 260 -17.09 -31.07 45.19
N GLY C 261 -17.62 -31.05 43.97
CA GLY C 261 -18.94 -31.57 43.69
C GLY C 261 -18.84 -32.81 42.83
N SER C 262 -18.35 -32.65 41.60
CA SER C 262 -18.33 -33.75 40.63
C SER C 262 -17.38 -34.88 41.03
N MET C 263 -16.28 -34.58 41.71
CA MET C 263 -15.38 -35.66 42.07
C MET C 263 -15.87 -36.48 43.25
N PHE C 264 -16.96 -36.08 43.90
CA PHE C 264 -17.51 -36.80 45.04
C PHE C 264 -18.87 -37.42 44.79
N ALA C 265 -19.61 -36.95 43.77
CA ALA C 265 -20.97 -37.40 43.59
C ALA C 265 -21.04 -38.85 43.16
N GLY C 266 -19.95 -39.39 42.63
CA GLY C 266 -20.02 -40.77 42.18
C GLY C 266 -19.76 -41.84 43.23
N VAL C 267 -19.52 -41.47 44.48
CA VAL C 267 -19.21 -42.44 45.52
C VAL C 267 -20.49 -42.99 46.15
N ALA C 268 -20.36 -44.15 46.82
CA ALA C 268 -21.52 -44.83 47.39
C ALA C 268 -22.27 -43.95 48.40
N GLU C 269 -21.54 -43.17 49.21
CA GLU C 269 -22.10 -42.35 50.28
C GLU C 269 -22.80 -41.09 49.79
N SER C 270 -22.71 -40.74 48.50
CA SER C 270 -23.45 -39.59 48.00
C SER C 270 -24.94 -39.91 48.02
N PRO C 271 -25.80 -38.89 48.08
CA PRO C 271 -27.24 -39.15 48.18
C PRO C 271 -27.80 -39.78 46.92
N GLY C 272 -28.76 -40.69 47.09
CA GLY C 272 -29.33 -41.37 45.95
C GLY C 272 -28.76 -42.77 45.77
N GLU C 273 -29.34 -43.46 44.79
CA GLU C 273 -28.85 -44.74 44.28
C GLU C 273 -28.26 -44.59 42.87
N THR C 274 -27.73 -45.71 42.36
CA THR C 274 -27.02 -45.80 41.08
C THR C 274 -27.94 -46.21 39.93
N GLU C 275 -27.75 -45.60 38.77
CA GLU C 275 -28.42 -45.99 37.53
C GLU C 275 -27.42 -46.65 36.58
N ILE C 276 -27.98 -47.48 35.67
CA ILE C 276 -27.22 -48.28 34.71
C ILE C 276 -27.33 -47.66 33.32
N TYR C 277 -26.20 -47.37 32.71
CA TYR C 277 -26.17 -46.77 31.38
C TYR C 277 -25.12 -47.44 30.51
N GLN C 278 -25.53 -47.96 29.35
CA GLN C 278 -24.58 -48.49 28.39
C GLN C 278 -23.67 -49.56 29.01
N GLY C 279 -24.20 -50.32 29.97
CA GLY C 279 -23.43 -51.37 30.62
C GLY C 279 -22.61 -50.97 31.83
N ARG C 280 -22.51 -49.68 32.14
CA ARG C 280 -21.76 -49.20 33.30
C ARG C 280 -22.71 -48.57 34.32
N GLN C 281 -22.22 -48.40 35.56
CA GLN C 281 -22.99 -47.78 36.64
C GLN C 281 -22.71 -46.28 36.73
N PHE C 282 -23.76 -45.51 36.99
CA PHE C 282 -23.68 -44.05 37.08
C PHE C 282 -24.50 -43.53 38.26
N LYS C 283 -24.25 -42.28 38.62
CA LYS C 283 -25.05 -41.57 39.63
C LYS C 283 -25.40 -40.20 39.08
N VAL C 284 -26.60 -39.73 39.43
CA VAL C 284 -27.08 -38.44 38.94
C VAL C 284 -26.21 -37.34 39.54
N TYR C 285 -25.80 -36.39 38.70
CA TYR C 285 -25.13 -35.19 39.20
C TYR C 285 -25.66 -34.00 38.44
N ARG C 286 -26.14 -33.01 39.18
CA ARG C 286 -26.79 -31.85 38.60
C ARG C 286 -26.44 -30.63 39.45
N GLY C 287 -26.41 -29.45 38.81
CA GLY C 287 -26.18 -28.23 39.56
C GLY C 287 -27.40 -27.86 40.39
N MET C 288 -27.14 -27.12 41.48
CA MET C 288 -28.26 -26.62 42.28
C MET C 288 -29.03 -25.51 41.58
N GLY C 289 -28.48 -24.92 40.53
CA GLY C 289 -29.23 -23.96 39.73
C GLY C 289 -29.87 -24.55 38.50
N SER C 290 -29.90 -25.88 38.38
CA SER C 290 -30.55 -26.55 37.26
C SER C 290 -32.06 -26.63 37.47
N VAL C 291 -32.74 -26.99 36.38
CA VAL C 291 -34.20 -27.09 36.40
C VAL C 291 -34.65 -28.13 37.43
N GLY C 292 -34.04 -29.32 37.39
CA GLY C 292 -34.49 -30.38 38.30
C GLY C 292 -34.31 -30.07 39.77
N ALA C 293 -33.20 -29.39 40.13
CA ALA C 293 -32.96 -29.07 41.53
C ALA C 293 -33.94 -28.01 42.04
N MET C 294 -34.31 -27.05 41.19
CA MET C 294 -35.22 -26.00 41.61
C MET C 294 -36.69 -26.42 41.57
N GLU C 295 -37.04 -27.43 40.80
CA GLU C 295 -38.43 -27.87 40.72
C GLU C 295 -38.91 -28.75 41.91
N LYS C 309 -41.35 -18.79 34.69
CA LYS C 309 -40.50 -19.91 34.26
C LYS C 309 -39.03 -19.67 34.60
N LEU C 310 -38.40 -20.69 35.17
CA LEU C 310 -37.04 -20.56 35.68
C LEU C 310 -36.04 -20.41 34.53
N VAL C 311 -34.97 -19.67 34.81
CA VAL C 311 -33.84 -19.49 33.91
C VAL C 311 -32.61 -20.11 34.59
N PRO C 312 -32.17 -21.28 34.16
CA PRO C 312 -31.15 -22.00 34.91
C PRO C 312 -29.74 -21.44 34.72
N GLU C 313 -28.88 -21.83 35.66
CA GLU C 313 -27.44 -21.59 35.59
C GLU C 313 -26.68 -22.87 35.89
N GLY C 314 -27.31 -24.01 35.63
CA GLY C 314 -26.72 -25.33 35.77
C GLY C 314 -27.47 -26.29 34.88
N ILE C 315 -26.90 -27.50 34.78
CA ILE C 315 -27.41 -28.58 33.95
C ILE C 315 -27.58 -29.83 34.81
N GLU C 316 -28.21 -30.83 34.22
CA GLU C 316 -28.44 -32.10 34.88
C GLU C 316 -27.65 -33.20 34.18
N GLY C 317 -27.03 -34.08 34.98
CA GLY C 317 -26.22 -35.10 34.35
C GLY C 317 -26.02 -36.38 35.13
N ARG C 318 -24.98 -37.12 34.75
CA ARG C 318 -24.60 -38.36 35.39
C ARG C 318 -23.09 -38.49 35.39
N VAL C 319 -22.58 -39.10 36.45
CA VAL C 319 -21.14 -39.39 36.55
C VAL C 319 -20.91 -40.85 36.88
N PRO C 320 -19.75 -41.41 36.51
CA PRO C 320 -19.49 -42.82 36.79
C PRO C 320 -19.51 -43.14 38.28
N TYR C 321 -20.01 -44.33 38.58
CA TYR C 321 -19.98 -44.83 39.95
C TYR C 321 -18.54 -45.20 40.33
N LYS C 322 -18.12 -44.78 41.54
CA LYS C 322 -16.73 -44.95 41.99
C LYS C 322 -16.56 -45.86 43.21
N GLY C 323 -17.63 -46.23 43.92
CA GLY C 323 -17.52 -47.03 45.11
C GLY C 323 -17.35 -46.17 46.35
N PRO C 324 -16.71 -46.71 47.39
CA PRO C 324 -16.64 -45.99 48.67
C PRO C 324 -15.81 -44.72 48.61
N LEU C 325 -16.21 -43.74 49.42
CA LEU C 325 -15.53 -42.45 49.46
C LEU C 325 -14.05 -42.60 49.79
N ALA C 326 -13.72 -43.58 50.63
CA ALA C 326 -12.34 -43.73 51.10
C ALA C 326 -11.37 -43.91 49.95
N ASP C 327 -11.80 -44.60 48.88
CA ASP C 327 -10.90 -44.86 47.76
C ASP C 327 -10.63 -43.60 46.94
N THR C 328 -11.68 -42.81 46.67
CA THR C 328 -11.48 -41.56 45.94
C THR C 328 -10.63 -40.59 46.76
N VAL C 329 -10.92 -40.47 48.06
CA VAL C 329 -10.14 -39.58 48.92
C VAL C 329 -8.69 -40.01 48.94
N HIS C 330 -8.46 -41.32 49.01
CA HIS C 330 -7.09 -41.83 49.09
C HIS C 330 -6.26 -41.40 47.88
N GLN C 331 -6.85 -41.48 46.69
CA GLN C 331 -6.16 -41.04 45.48
C GLN C 331 -5.95 -39.52 45.48
N LEU C 332 -6.94 -38.79 45.99
CA LEU C 332 -6.86 -37.33 46.04
C LEU C 332 -5.74 -36.86 46.95
N VAL C 333 -5.74 -37.34 48.20
CA VAL C 333 -4.68 -36.97 49.15
C VAL C 333 -3.34 -37.51 48.69
N GLY C 334 -3.34 -38.69 48.04
CA GLY C 334 -2.10 -39.21 47.48
C GLY C 334 -1.52 -38.28 46.43
N GLY C 335 -2.39 -37.70 45.59
CA GLY C 335 -1.91 -36.73 44.63
C GLY C 335 -1.40 -35.47 45.31
N LEU C 336 -2.08 -35.05 46.38
CA LEU C 336 -1.63 -33.88 47.12
C LEU C 336 -0.27 -34.11 47.75
N ARG C 337 -0.06 -35.27 48.36
CA ARG C 337 1.23 -35.58 48.97
C ARG C 337 2.34 -35.58 47.95
N ALA C 338 2.09 -36.21 46.78
CA ALA C 338 3.10 -36.22 45.72
C ALA C 338 3.40 -34.82 45.21
N GLY C 339 2.35 -34.00 45.01
CA GLY C 339 2.57 -32.64 44.56
C GLY C 339 3.36 -31.81 45.56
N MET C 340 3.01 -31.90 46.84
CA MET C 340 3.76 -31.16 47.84
C MET C 340 5.21 -31.61 47.87
N GLY C 341 5.46 -32.91 47.72
CA GLY C 341 6.83 -33.39 47.73
C GLY C 341 7.64 -32.81 46.59
N TYR C 342 7.06 -32.84 45.39
CA TYR C 342 7.68 -32.25 44.20
C TYR C 342 8.00 -30.79 44.45
N CYS C 343 7.14 -30.12 45.20
CA CYS C 343 7.33 -28.72 45.55
C CYS C 343 8.15 -28.55 46.79
N GLY C 344 8.63 -29.63 47.40
CA GLY C 344 9.40 -29.46 48.61
C GLY C 344 8.62 -28.76 49.70
N ALA C 345 7.30 -28.95 49.72
CA ALA C 345 6.43 -28.33 50.71
C ALA C 345 6.19 -29.35 51.80
N GLN C 346 6.79 -29.11 52.97
CA GLN C 346 6.57 -29.99 54.11
C GLN C 346 5.15 -29.86 54.67
N ASP C 347 4.52 -28.67 54.61
CA ASP C 347 3.13 -28.47 55.04
C ASP C 347 2.42 -27.52 54.07
N LEU C 348 1.11 -27.38 54.26
CA LEU C 348 0.31 -26.61 53.31
C LEU C 348 0.58 -25.11 53.37
N GLU C 349 1.01 -24.62 54.53
CA GLU C 349 1.41 -23.22 54.61
C GLU C 349 2.59 -22.94 53.70
N PHE C 350 3.60 -23.82 53.70
CA PHE C 350 4.73 -23.63 52.81
C PHE C 350 4.30 -23.65 51.35
N LEU C 351 3.34 -24.52 51.01
CA LEU C 351 2.84 -24.58 49.64
C LEU C 351 2.14 -23.28 49.27
N ARG C 352 1.33 -22.72 50.17
CA ARG C 352 0.63 -21.49 49.88
C ARG C 352 1.60 -20.33 49.72
N GLU C 353 2.65 -20.30 50.55
CA GLU C 353 3.53 -19.15 50.60
C GLU C 353 4.71 -19.22 49.63
N ASN C 354 5.03 -20.42 49.11
CA ASN C 354 6.24 -20.53 48.30
C ASN C 354 6.08 -21.13 46.90
N ALA C 355 5.05 -21.96 46.67
CA ALA C 355 4.96 -22.70 45.41
C ALA C 355 4.90 -21.74 44.24
N GLN C 356 5.58 -22.09 43.14
CA GLN C 356 5.61 -21.29 41.93
C GLN C 356 4.95 -22.03 40.76
N PHE C 357 4.36 -21.27 39.85
CA PHE C 357 3.76 -21.81 38.63
C PHE C 357 4.58 -21.41 37.39
N ILE C 358 4.31 -22.12 36.29
CA ILE C 358 4.78 -21.76 34.96
C ILE C 358 3.62 -21.90 33.99
N ARG C 359 3.44 -20.94 33.10
CA ARG C 359 2.30 -20.98 32.20
C ARG C 359 2.60 -21.76 30.93
N MET C 360 1.57 -22.43 30.40
CA MET C 360 1.73 -23.26 29.20
C MET C 360 0.50 -23.07 28.32
N SER C 361 0.66 -23.40 27.06
CA SER C 361 -0.39 -23.25 26.07
C SER C 361 -1.18 -24.56 25.94
N GLY C 362 -2.16 -24.58 25.04
CA GLY C 362 -2.87 -25.81 24.78
C GLY C 362 -1.95 -26.96 24.42
N ALA C 363 -0.84 -26.67 23.73
CA ALA C 363 0.10 -27.73 23.40
C ALA C 363 0.80 -28.27 24.65
N GLY C 364 1.13 -27.40 25.59
CA GLY C 364 1.68 -27.92 26.82
C GLY C 364 0.67 -28.78 27.54
N LEU C 365 -0.59 -28.33 27.59
CA LEU C 365 -1.62 -29.12 28.24
C LEU C 365 -1.72 -30.49 27.60
N LEU C 366 -1.64 -30.55 26.26
CA LEU C 366 -1.67 -31.84 25.59
C LEU C 366 -0.43 -32.63 25.90
N GLU C 367 0.70 -31.94 26.12
CA GLU C 367 1.88 -32.67 26.57
C GLU C 367 1.69 -33.15 27.98
N SER C 368 0.91 -32.42 28.78
CA SER C 368 0.77 -32.78 30.19
C SER C 368 -0.07 -34.05 30.37
N HIS C 369 -1.15 -34.20 29.62
CA HIS C 369 -1.92 -35.42 29.65
C HIS C 369 -1.16 -36.53 28.95
N PRO C 370 -1.55 -37.79 29.14
CA PRO C 370 -1.04 -38.85 28.26
C PRO C 370 -1.37 -38.54 26.81
N HIS C 371 -0.46 -38.94 25.92
CA HIS C 371 -0.60 -38.60 24.50
C HIS C 371 0.07 -39.67 23.65
N HIS C 372 -0.50 -39.89 22.45
CA HIS C 372 0.09 -40.78 21.44
C HIS C 372 0.28 -42.19 21.95
N VAL C 373 -0.60 -42.65 22.82
CA VAL C 373 -0.59 -44.03 23.30
C VAL C 373 -2.03 -44.41 23.55
N GLN C 374 -2.44 -45.57 23.06
CA GLN C 374 -3.81 -46.02 23.24
C GLN C 374 -3.95 -46.58 24.65
N ILE C 375 -4.77 -45.95 25.49
CA ILE C 375 -4.89 -46.38 26.88
C ILE C 375 -5.74 -47.64 26.98
N THR C 376 -5.18 -48.66 27.62
CA THR C 376 -5.78 -49.98 27.80
C THR C 376 -6.52 -50.15 29.13
N LYS C 377 -5.91 -49.75 30.25
CA LYS C 377 -6.50 -49.94 31.56
C LYS C 377 -6.78 -48.59 32.20
N GLU C 378 -7.83 -48.55 33.01
CA GLU C 378 -8.19 -47.35 33.72
C GLU C 378 -7.33 -47.21 34.98
N ALA C 379 -6.85 -46.03 35.19
CA ALA C 379 -6.10 -45.76 36.40
C ALA C 379 -7.05 -45.26 37.49
N PRO C 380 -6.73 -45.52 38.75
CA PRO C 380 -7.62 -45.04 39.84
C PRO C 380 -7.71 -43.53 39.96
N ASN C 381 -6.78 -42.79 39.38
CA ASN C 381 -6.81 -41.34 39.45
C ASN C 381 -6.85 -40.68 38.05
N TYR C 382 -6.95 -41.45 36.98
CA TYR C 382 -6.97 -40.89 35.63
C TYR C 382 -7.88 -41.72 34.75
N SER C 383 -8.92 -41.10 34.19
CA SER C 383 -9.86 -41.82 33.35
C SER C 383 -9.76 -41.39 31.89
N PHE D 20 8.93 7.49 -0.42
CA PHE D 20 8.57 6.41 -1.31
C PHE D 20 8.42 5.12 -0.51
N GLN D 21 9.51 4.70 0.13
CA GLN D 21 9.53 3.54 1.02
C GLN D 21 9.29 3.93 2.48
N SER D 22 8.84 5.17 2.73
CA SER D 22 8.62 5.65 4.10
C SER D 22 7.49 4.90 4.78
N ASN D 23 6.69 4.19 4.01
CA ASN D 23 5.38 3.70 4.37
C ASN D 23 5.29 3.00 5.73
N ALA D 24 4.73 3.69 6.72
CA ALA D 24 4.54 3.10 8.04
C ALA D 24 3.46 2.03 8.03
N MET D 25 2.65 1.98 6.97
CA MET D 25 1.57 1.00 6.86
C MET D 25 2.11 -0.41 6.71
N TRP D 26 3.29 -0.55 6.13
CA TRP D 26 3.88 -1.87 5.94
C TRP D 26 4.26 -2.50 7.28
N GLU D 27 4.85 -1.72 8.18
CA GLU D 27 5.32 -2.27 9.46
C GLU D 27 4.20 -2.46 10.47
N SER D 28 3.01 -1.91 10.23
CA SER D 28 1.90 -1.97 11.17
C SER D 28 0.83 -2.99 10.78
N LYS D 29 1.08 -3.81 9.76
CA LYS D 29 0.08 -4.74 9.24
C LYS D 29 -0.43 -5.69 10.31
N PHE D 30 0.45 -6.20 11.17
CA PHE D 30 0.09 -7.25 12.13
C PHE D 30 0.09 -6.74 13.56
N VAL D 31 -0.16 -5.44 13.73
CA VAL D 31 -0.12 -4.86 15.06
C VAL D 31 -1.41 -5.11 15.84
N LYS D 32 -2.56 -4.98 15.20
CA LYS D 32 -3.82 -4.98 15.92
C LYS D 32 -4.19 -6.36 16.45
N GLU D 33 -4.98 -6.37 17.52
CA GLU D 33 -5.44 -7.58 18.21
C GLU D 33 -6.91 -7.47 18.47
N GLY D 34 -7.61 -8.58 18.29
CA GLY D 34 -9.06 -8.61 18.41
C GLY D 34 -9.53 -9.75 19.29
N LEU D 35 -10.63 -9.50 19.98
CA LEU D 35 -11.22 -10.44 20.92
C LEU D 35 -12.64 -10.71 20.50
N THR D 36 -13.09 -11.93 20.73
CA THR D 36 -14.48 -12.23 20.50
C THR D 36 -15.06 -12.80 21.78
N PHE D 37 -16.34 -13.21 21.71
CA PHE D 37 -17.10 -13.52 22.92
C PHE D 37 -16.39 -14.58 23.74
N ASP D 38 -15.96 -15.67 23.08
CA ASP D 38 -15.35 -16.77 23.80
C ASP D 38 -13.94 -16.46 24.31
N ASP D 39 -13.39 -15.28 24.06
CA ASP D 39 -12.09 -14.91 24.61
C ASP D 39 -12.17 -14.28 26.00
N VAL D 40 -13.37 -13.93 26.49
CA VAL D 40 -13.49 -13.09 27.67
C VAL D 40 -14.63 -13.58 28.56
N LEU D 41 -14.62 -13.11 29.83
CA LEU D 41 -15.73 -13.20 30.78
C LEU D 41 -15.98 -11.82 31.38
N LEU D 42 -17.20 -11.62 31.91
CA LEU D 42 -17.50 -10.40 32.65
C LEU D 42 -17.10 -10.54 34.11
N VAL D 43 -16.36 -9.55 34.61
CA VAL D 43 -15.91 -9.59 36.01
C VAL D 43 -17.09 -9.19 36.89
N PRO D 44 -17.48 -10.04 37.83
CA PRO D 44 -18.57 -9.69 38.76
C PRO D 44 -18.20 -8.47 39.60
N ALA D 45 -19.23 -7.72 40.01
CA ALA D 45 -19.04 -6.49 40.76
C ALA D 45 -20.15 -6.33 41.81
N LYS D 46 -19.94 -5.38 42.73
CA LYS D 46 -20.89 -5.16 43.83
C LYS D 46 -22.28 -4.82 43.30
N SER D 47 -23.28 -5.53 43.81
CA SER D 47 -24.65 -5.43 43.35
C SER D 47 -25.62 -5.18 44.50
N ASP D 48 -26.45 -4.18 44.34
CA ASP D 48 -27.58 -3.92 45.23
C ASP D 48 -28.91 -4.17 44.57
N VAL D 49 -28.92 -4.70 43.36
CA VAL D 49 -30.14 -4.76 42.56
C VAL D 49 -30.36 -6.20 42.14
N LEU D 50 -31.56 -6.62 42.21
CA LEU D 50 -31.91 -7.98 41.84
C LEU D 50 -32.16 -8.10 40.33
N PRO D 51 -31.90 -9.28 39.74
CA PRO D 51 -32.18 -9.44 38.31
C PRO D 51 -33.60 -9.07 37.94
N ARG D 52 -34.59 -9.40 38.77
CA ARG D 52 -35.96 -9.03 38.42
C ARG D 52 -36.18 -7.54 38.54
N GLU D 53 -35.23 -6.81 39.11
CA GLU D 53 -35.39 -5.40 39.33
C GLU D 53 -34.67 -4.55 38.30
N VAL D 54 -33.79 -5.12 37.51
CA VAL D 54 -33.02 -4.32 36.57
C VAL D 54 -33.91 -3.85 35.44
N SER D 55 -33.47 -2.80 34.76
CA SER D 55 -34.14 -2.25 33.59
C SER D 55 -33.38 -2.67 32.35
N VAL D 56 -34.09 -3.25 31.36
CA VAL D 56 -33.45 -3.65 30.10
C VAL D 56 -33.91 -2.78 28.93
N LYS D 57 -34.59 -1.67 29.18
CA LYS D 57 -34.97 -0.79 28.08
C LYS D 57 -33.76 -0.09 27.48
N THR D 58 -33.94 0.31 26.22
CA THR D 58 -32.91 0.97 25.44
C THR D 58 -33.57 1.97 24.49
N VAL D 59 -32.92 3.11 24.30
CA VAL D 59 -33.43 4.19 23.47
C VAL D 59 -32.50 4.29 22.28
N LEU D 60 -33.01 3.94 21.10
CA LEU D 60 -32.26 4.06 19.85
C LEU D 60 -32.33 5.44 19.21
N SER D 61 -33.51 6.06 19.20
CA SER D 61 -33.67 7.40 18.66
C SER D 61 -34.83 8.12 19.32
N GLU D 62 -35.03 9.37 18.89
CA GLU D 62 -36.15 10.16 19.36
C GLU D 62 -37.46 9.44 19.05
N SER D 63 -37.50 8.68 17.95
CA SER D 63 -38.69 7.99 17.51
C SER D 63 -38.62 6.47 17.68
N LEU D 64 -37.60 5.95 18.38
CA LEU D 64 -37.38 4.51 18.42
C LEU D 64 -36.85 4.11 19.79
N GLN D 65 -37.53 3.16 20.42
CA GLN D 65 -37.14 2.74 21.76
C GLN D 65 -37.67 1.35 21.97
N LEU D 66 -36.81 0.45 22.48
CA LEU D 66 -37.14 -0.95 22.67
C LEU D 66 -37.25 -1.29 24.14
N ASN D 67 -38.23 -2.12 24.50
CA ASN D 67 -38.30 -2.55 25.87
C ASN D 67 -37.28 -3.64 26.19
N ILE D 68 -36.82 -4.38 25.19
CA ILE D 68 -35.73 -5.36 25.36
C ILE D 68 -34.74 -5.17 24.22
N PRO D 69 -33.43 -5.31 24.44
CA PRO D 69 -32.46 -4.93 23.41
C PRO D 69 -32.21 -6.06 22.41
N LEU D 70 -33.28 -6.52 21.76
CA LEU D 70 -33.21 -7.66 20.84
C LEU D 70 -33.92 -7.31 19.54
N ILE D 71 -33.26 -7.61 18.42
CA ILE D 71 -33.78 -7.42 17.06
C ILE D 71 -33.58 -8.71 16.28
N SER D 72 -34.62 -9.14 15.56
CA SER D 72 -34.51 -10.33 14.71
C SER D 72 -34.05 -9.93 13.31
N ALA D 73 -33.06 -10.63 12.82
CA ALA D 73 -32.39 -10.25 11.59
C ALA D 73 -33.34 -10.21 10.39
N GLY D 74 -33.03 -9.31 9.44
CA GLY D 74 -33.76 -9.20 8.20
C GLY D 74 -33.30 -10.23 7.19
N MET D 75 -33.61 -11.49 7.47
CA MET D 75 -33.26 -12.61 6.60
C MET D 75 -34.51 -13.41 6.27
N ASP D 76 -34.48 -14.06 5.10
CA ASP D 76 -35.66 -14.76 4.61
C ASP D 76 -35.96 -16.03 5.38
N THR D 77 -35.13 -16.44 6.33
CA THR D 77 -35.41 -17.59 7.18
C THR D 77 -35.62 -17.20 8.63
N VAL D 78 -35.80 -15.90 8.91
CA VAL D 78 -35.94 -15.41 10.28
C VAL D 78 -37.12 -14.50 10.50
N THR D 79 -37.22 -13.41 9.75
CA THR D 79 -38.16 -12.35 10.08
C THR D 79 -39.05 -12.04 8.89
N GLU D 80 -40.34 -12.36 9.02
CA GLU D 80 -41.41 -11.78 8.21
C GLU D 80 -42.44 -11.22 9.20
N ALA D 81 -43.68 -11.01 8.75
CA ALA D 81 -44.67 -10.35 9.60
C ALA D 81 -44.92 -11.13 10.90
N ASP D 82 -45.18 -12.44 10.78
CA ASP D 82 -45.53 -13.21 11.98
C ASP D 82 -44.40 -13.11 13.01
N MET D 83 -43.15 -13.15 12.56
CA MET D 83 -42.01 -12.98 13.46
C MET D 83 -41.95 -11.55 14.00
N ALA D 84 -42.17 -10.57 13.11
CA ALA D 84 -42.09 -9.17 13.51
C ALA D 84 -43.15 -8.81 14.53
N ILE D 85 -44.36 -9.35 14.37
CA ILE D 85 -45.41 -9.10 15.35
C ILE D 85 -45.04 -9.71 16.68
N ALA D 86 -44.54 -10.94 16.69
CA ALA D 86 -44.23 -11.58 17.96
C ALA D 86 -43.04 -10.92 18.63
N MET D 87 -42.05 -10.48 17.85
CA MET D 87 -40.89 -9.76 18.40
C MET D 87 -41.31 -8.46 19.08
N ALA D 88 -42.06 -7.63 18.37
CA ALA D 88 -42.51 -6.36 18.93
C ALA D 88 -43.35 -6.59 20.18
N ARG D 89 -44.19 -7.62 20.17
CA ARG D 89 -44.96 -7.95 21.36
C ARG D 89 -44.06 -8.41 22.50
N GLN D 90 -42.89 -8.92 22.20
CA GLN D 90 -42.02 -9.23 23.33
C GLN D 90 -41.30 -7.99 23.87
N GLY D 91 -41.45 -6.83 23.22
CA GLY D 91 -40.68 -5.65 23.55
C GLY D 91 -39.47 -5.42 22.65
N GLY D 92 -39.32 -6.20 21.58
CA GLY D 92 -38.21 -6.09 20.66
C GLY D 92 -38.57 -5.49 19.32
N LEU D 93 -37.85 -5.88 18.27
CA LEU D 93 -38.06 -5.34 16.93
C LEU D 93 -37.70 -6.40 15.89
N GLY D 94 -38.47 -6.48 14.82
CA GLY D 94 -38.18 -7.38 13.72
C GLY D 94 -37.95 -6.63 12.42
N ILE D 95 -36.91 -7.03 11.69
CA ILE D 95 -36.56 -6.40 10.42
C ILE D 95 -37.08 -7.29 9.29
N ILE D 96 -38.06 -6.80 8.53
CA ILE D 96 -38.58 -7.54 7.41
C ILE D 96 -37.52 -7.61 6.32
N HIS D 97 -37.22 -8.82 5.84
CA HIS D 97 -36.17 -9.02 4.86
C HIS D 97 -36.64 -8.54 3.46
N LYS D 98 -35.69 -8.48 2.53
CA LYS D 98 -35.91 -7.81 1.25
C LYS D 98 -35.91 -8.76 0.05
N ASN D 99 -35.86 -10.07 0.28
CA ASN D 99 -35.93 -11.08 -0.79
C ASN D 99 -37.39 -11.27 -1.19
N MET D 100 -37.97 -10.17 -1.63
CA MET D 100 -39.40 -10.03 -1.78
C MET D 100 -39.66 -8.91 -2.77
N SER D 101 -40.90 -8.82 -3.26
CA SER D 101 -41.20 -7.66 -4.09
C SER D 101 -41.39 -6.43 -3.22
N ILE D 102 -41.18 -5.25 -3.82
CA ILE D 102 -41.45 -4.02 -3.08
C ILE D 102 -42.90 -4.02 -2.61
N GLU D 103 -43.79 -4.45 -3.50
CA GLU D 103 -45.21 -4.53 -3.19
C GLU D 103 -45.44 -5.48 -2.02
N GLN D 104 -44.78 -6.64 -2.03
CA GLN D 104 -45.02 -7.60 -0.96
C GLN D 104 -44.37 -7.19 0.36
N GLN D 105 -43.24 -6.47 0.33
CA GLN D 105 -42.61 -6.06 1.59
C GLN D 105 -43.39 -4.94 2.26
N ALA D 106 -43.91 -3.99 1.48
CA ALA D 106 -44.74 -2.96 2.08
C ALA D 106 -46.00 -3.55 2.69
N GLU D 107 -46.52 -4.62 2.06
CA GLU D 107 -47.67 -5.34 2.60
C GLU D 107 -47.37 -5.94 3.96
N GLN D 108 -46.17 -6.49 4.13
CA GLN D 108 -45.81 -7.07 5.42
C GLN D 108 -45.74 -5.98 6.50
N VAL D 109 -45.14 -4.83 6.18
CA VAL D 109 -44.96 -3.78 7.18
C VAL D 109 -46.30 -3.32 7.73
N ASP D 110 -47.26 -3.03 6.85
CA ASP D 110 -48.57 -2.58 7.32
C ASP D 110 -49.23 -3.59 8.25
N LYS D 111 -49.10 -4.89 7.93
CA LYS D 111 -49.72 -5.90 8.77
C LYS D 111 -49.25 -5.79 10.21
N VAL D 112 -47.98 -5.46 10.41
CA VAL D 112 -47.44 -5.28 11.75
C VAL D 112 -48.00 -4.02 12.38
N LYS D 113 -48.13 -2.95 11.58
CA LYS D 113 -48.63 -1.67 12.09
C LYS D 113 -50.09 -1.72 12.50
N ARG D 114 -50.96 -2.32 11.68
CA ARG D 114 -52.36 -2.34 12.07
C ARG D 114 -52.66 -3.33 13.18
N SER D 115 -51.66 -4.04 13.67
CA SER D 115 -51.86 -5.10 14.66
C SER D 115 -51.65 -4.62 16.09
N GLY D 116 -52.08 -3.40 16.41
CA GLY D 116 -52.00 -2.90 17.75
C GLY D 116 -50.97 -1.81 18.01
N GLY D 117 -50.51 -1.11 16.99
CA GLY D 117 -49.44 -0.13 17.14
C GLY D 117 -48.06 -0.70 17.38
N LEU D 118 -47.70 -1.76 16.68
CA LEU D 118 -46.40 -2.38 16.86
C LEU D 118 -45.32 -1.68 16.04
N LEU D 119 -44.10 -1.64 16.58
CA LEU D 119 -42.92 -1.20 15.85
C LEU D 119 -42.49 -2.27 14.86
N VAL D 120 -41.91 -1.84 13.74
CA VAL D 120 -41.42 -2.77 12.73
C VAL D 120 -40.35 -2.09 11.89
N GLY D 121 -39.35 -2.87 11.47
CA GLY D 121 -38.32 -2.40 10.57
C GLY D 121 -38.31 -3.20 9.28
N ALA D 122 -37.59 -2.68 8.29
CA ALA D 122 -37.54 -3.36 7.01
C ALA D 122 -36.16 -3.20 6.40
N ALA D 123 -35.67 -4.27 5.78
CA ALA D 123 -34.35 -4.27 5.14
C ALA D 123 -34.43 -3.73 3.72
N VAL D 124 -33.42 -2.93 3.33
CA VAL D 124 -33.25 -2.42 1.98
C VAL D 124 -31.79 -2.49 1.59
N GLY D 125 -31.54 -2.78 0.32
CA GLY D 125 -30.20 -2.77 -0.22
C GLY D 125 -29.80 -1.48 -0.93
N VAL D 126 -28.52 -1.42 -1.27
CA VAL D 126 -27.95 -0.32 -2.03
C VAL D 126 -28.08 -0.76 -3.48
N THR D 127 -29.19 -0.37 -4.11
CA THR D 127 -29.53 -0.77 -5.46
C THR D 127 -30.08 0.44 -6.20
N ALA D 128 -30.35 0.25 -7.49
CA ALA D 128 -30.97 1.33 -8.26
C ALA D 128 -32.38 1.62 -7.76
N ASP D 129 -33.20 0.58 -7.58
CA ASP D 129 -34.57 0.77 -7.15
C ASP D 129 -34.71 0.86 -5.63
N ALA D 130 -33.64 1.17 -4.91
CA ALA D 130 -33.71 1.22 -3.45
C ALA D 130 -34.68 2.29 -2.96
N MET D 131 -34.55 3.51 -3.48
CA MET D 131 -35.40 4.60 -3.00
C MET D 131 -36.87 4.33 -3.32
N THR D 132 -37.14 3.68 -4.45
CA THR D 132 -38.50 3.28 -4.77
C THR D 132 -39.04 2.36 -3.68
N ARG D 133 -38.24 1.35 -3.30
CA ARG D 133 -38.66 0.43 -2.25
C ARG D 133 -38.87 1.19 -0.95
N ILE D 134 -37.96 2.12 -0.65
CA ILE D 134 -38.05 2.93 0.56
C ILE D 134 -39.33 3.77 0.53
N ASP D 135 -39.70 4.28 -0.64
CA ASP D 135 -40.92 5.07 -0.71
C ASP D 135 -42.13 4.26 -0.29
N ALA D 136 -42.23 3.03 -0.77
CA ALA D 136 -43.35 2.19 -0.37
C ALA D 136 -43.28 1.84 1.11
N LEU D 137 -42.08 1.72 1.66
CA LEU D 137 -41.99 1.37 3.07
C LEU D 137 -42.45 2.51 3.97
N VAL D 138 -42.13 3.76 3.61
CA VAL D 138 -42.57 4.89 4.43
C VAL D 138 -44.09 5.03 4.38
N LYS D 139 -44.69 4.72 3.23
CA LYS D 139 -46.15 4.73 3.10
C LYS D 139 -46.82 3.74 4.04
N ALA D 140 -46.17 2.64 4.38
CA ALA D 140 -46.70 1.66 5.32
C ALA D 140 -46.36 1.99 6.77
N SER D 141 -45.76 3.16 7.04
CA SER D 141 -45.48 3.63 8.40
C SER D 141 -44.39 2.78 9.10
N VAL D 142 -43.36 2.37 8.35
CA VAL D 142 -42.25 1.66 8.98
C VAL D 142 -41.52 2.62 9.90
N ASP D 143 -40.97 2.10 10.98
CA ASP D 143 -40.25 2.89 11.96
C ASP D 143 -38.76 2.99 11.69
N ALA D 144 -38.18 2.04 10.96
CA ALA D 144 -36.77 2.14 10.63
C ALA D 144 -36.50 1.30 9.40
N ILE D 145 -35.70 1.85 8.47
CA ILE D 145 -35.20 1.07 7.35
C ILE D 145 -33.78 0.67 7.69
N VAL D 146 -33.41 -0.53 7.27
CA VAL D 146 -32.08 -1.06 7.49
C VAL D 146 -31.40 -1.07 6.13
N LEU D 147 -30.48 -0.13 5.92
CA LEU D 147 -29.61 -0.12 4.73
C LEU D 147 -28.55 -1.16 4.96
N ASP D 148 -28.84 -2.37 4.51
CA ASP D 148 -28.05 -3.54 4.85
C ASP D 148 -27.18 -3.94 3.66
N THR D 149 -25.87 -3.92 3.83
CA THR D 149 -24.94 -4.32 2.77
C THR D 149 -23.82 -5.14 3.38
N ALA D 150 -23.13 -5.91 2.52
CA ALA D 150 -22.03 -6.74 3.00
C ALA D 150 -20.88 -5.87 3.49
N HIS D 151 -20.63 -4.74 2.81
CA HIS D 151 -19.54 -3.82 3.14
C HIS D 151 -20.15 -2.43 3.29
N GLY D 152 -20.59 -2.12 4.51
CA GLY D 152 -21.17 -0.82 4.79
C GLY D 152 -20.20 0.32 4.61
N HIS D 153 -18.91 0.03 4.65
CA HIS D 153 -17.89 1.07 4.49
C HIS D 153 -17.58 1.32 3.01
N SER D 154 -18.60 1.61 2.22
CA SER D 154 -18.41 1.87 0.80
C SER D 154 -19.11 3.17 0.41
N GLN D 155 -18.60 3.82 -0.64
CA GLN D 155 -19.19 5.09 -1.10
C GLN D 155 -20.65 4.89 -1.49
N GLY D 156 -20.99 3.73 -2.07
CA GLY D 156 -22.36 3.46 -2.47
C GLY D 156 -23.32 3.47 -1.29
N VAL D 157 -22.93 2.84 -0.17
CA VAL D 157 -23.76 2.95 1.01
C VAL D 157 -23.81 4.39 1.47
N ILE D 158 -22.63 5.02 1.52
CA ILE D 158 -22.54 6.40 2.01
C ILE D 158 -23.50 7.30 1.22
N ASP D 159 -23.43 7.23 -0.11
CA ASP D 159 -24.28 8.06 -0.94
C ASP D 159 -25.75 7.73 -0.75
N LYS D 160 -26.07 6.45 -0.56
CA LYS D 160 -27.47 6.05 -0.34
C LYS D 160 -27.99 6.55 1.01
N VAL D 161 -27.17 6.51 2.07
CA VAL D 161 -27.63 7.08 3.34
C VAL D 161 -27.93 8.56 3.17
N LYS D 162 -27.01 9.29 2.56
CA LYS D 162 -27.21 10.72 2.33
C LYS D 162 -28.47 10.96 1.51
N GLU D 163 -28.72 10.10 0.51
CA GLU D 163 -29.90 10.23 -0.33
C GLU D 163 -31.18 10.03 0.46
N VAL D 164 -31.20 9.03 1.35
CA VAL D 164 -32.41 8.77 2.10
C VAL D 164 -32.66 9.86 3.11
N ARG D 165 -31.58 10.33 3.76
CA ARG D 165 -31.72 11.37 4.77
C ARG D 165 -32.23 12.69 4.18
N ALA D 166 -31.84 13.02 2.94
CA ALA D 166 -32.31 14.27 2.34
C ALA D 166 -33.83 14.25 2.12
N LYS D 167 -34.36 13.11 1.68
CA LYS D 167 -35.78 12.99 1.41
C LYS D 167 -36.60 12.74 2.67
N TYR D 168 -36.03 12.03 3.65
CA TYR D 168 -36.73 11.67 4.88
C TYR D 168 -35.91 12.12 6.08
N PRO D 169 -35.99 13.39 6.46
CA PRO D 169 -35.13 13.89 7.54
C PRO D 169 -35.44 13.31 8.90
N SER D 170 -36.63 12.74 9.08
CA SER D 170 -37.04 12.21 10.39
C SER D 170 -37.15 10.69 10.41
N LEU D 171 -36.69 10.03 9.36
CA LEU D 171 -36.77 8.58 9.27
C LEU D 171 -35.58 7.94 9.99
N ASN D 172 -35.85 6.92 10.83
CA ASN D 172 -34.79 6.13 11.46
C ASN D 172 -34.05 5.34 10.40
N ILE D 173 -32.74 5.54 10.31
CA ILE D 173 -31.89 4.91 9.31
C ILE D 173 -30.88 4.05 10.05
N ILE D 174 -30.94 2.74 9.83
CA ILE D 174 -29.93 1.81 10.33
C ILE D 174 -29.04 1.43 9.17
N ALA D 175 -27.74 1.74 9.30
CA ALA D 175 -26.78 1.52 8.23
C ALA D 175 -25.70 0.54 8.68
N GLY D 176 -25.34 -0.36 7.76
CA GLY D 176 -24.34 -1.39 7.99
C GLY D 176 -24.01 -2.15 6.71
N ASN D 177 -23.14 -3.15 6.84
CA ASN D 177 -22.51 -3.46 8.12
C ASN D 177 -21.06 -2.93 8.14
N VAL D 178 -20.56 -2.55 9.31
CA VAL D 178 -19.19 -2.05 9.43
C VAL D 178 -18.52 -2.72 10.61
N ALA D 179 -17.20 -2.52 10.71
CA ALA D 179 -16.47 -3.12 11.81
C ALA D 179 -15.35 -2.24 12.36
N THR D 180 -15.20 -1.01 11.89
CA THR D 180 -14.16 -0.10 12.34
C THR D 180 -14.74 1.23 12.76
N ALA D 181 -13.96 1.94 13.59
CA ALA D 181 -14.36 3.26 14.03
C ALA D 181 -14.43 4.24 12.87
N GLU D 182 -13.50 4.15 11.92
CA GLU D 182 -13.56 5.04 10.76
C GLU D 182 -14.86 4.84 9.97
N ALA D 183 -15.27 3.58 9.78
CA ALA D 183 -16.51 3.28 9.07
C ALA D 183 -17.73 3.80 9.81
N THR D 184 -17.74 3.70 11.13
CA THR D 184 -18.85 4.22 11.93
C THR D 184 -18.98 5.73 11.76
N LYS D 185 -17.85 6.44 11.89
CA LYS D 185 -17.85 7.90 11.73
C LYS D 185 -18.37 8.30 10.37
N ALA D 186 -17.98 7.55 9.34
CA ALA D 186 -18.43 7.86 7.99
C ALA D 186 -19.93 7.68 7.85
N LEU D 187 -20.45 6.55 8.35
CA LEU D 187 -21.89 6.30 8.24
C LEU D 187 -22.67 7.32 9.07
N ILE D 188 -22.14 7.69 10.25
CA ILE D 188 -22.81 8.68 11.09
C ILE D 188 -22.84 10.05 10.42
N GLU D 189 -21.71 10.47 9.83
CA GLU D 189 -21.68 11.75 9.14
C GLU D 189 -22.49 11.73 7.85
N ALA D 190 -22.75 10.56 7.27
CA ALA D 190 -23.60 10.51 6.09
C ALA D 190 -25.07 10.71 6.45
N GLY D 191 -25.44 10.49 7.69
CA GLY D 191 -26.80 10.74 8.13
C GLY D 191 -27.47 9.56 8.83
N ALA D 192 -26.74 8.45 9.05
CA ALA D 192 -27.34 7.30 9.71
C ALA D 192 -27.45 7.58 11.21
N ASN D 193 -28.61 7.26 11.80
CA ASN D 193 -28.78 7.47 13.23
C ASN D 193 -28.53 6.23 14.07
N VAL D 194 -28.41 5.04 13.47
CA VAL D 194 -28.02 3.81 14.16
C VAL D 194 -27.02 3.09 13.25
N VAL D 195 -25.95 2.56 13.82
CA VAL D 195 -24.91 1.87 13.06
C VAL D 195 -24.84 0.41 13.45
N LYS D 196 -24.82 -0.48 12.45
CA LYS D 196 -24.81 -1.93 12.69
C LYS D 196 -23.44 -2.54 12.47
N VAL D 197 -22.98 -3.28 13.46
CA VAL D 197 -21.61 -3.74 13.56
C VAL D 197 -21.57 -5.25 13.36
N GLY D 198 -20.63 -5.70 12.54
CA GLY D 198 -20.45 -7.13 12.33
C GLY D 198 -20.06 -7.44 10.90
N ILE D 199 -18.79 -7.77 10.71
CA ILE D 199 -18.27 -8.23 9.44
C ILE D 199 -17.69 -9.61 9.71
N GLY D 200 -18.40 -10.66 9.28
CA GLY D 200 -17.90 -12.01 9.37
C GLY D 200 -18.30 -12.90 10.54
N PRO D 201 -19.01 -12.42 11.58
CA PRO D 201 -19.20 -13.31 12.73
C PRO D 201 -20.37 -14.30 12.60
N GLY D 202 -21.23 -14.14 11.61
CA GLY D 202 -22.47 -14.90 11.53
C GLY D 202 -22.37 -16.41 11.58
N SER D 203 -23.35 -17.03 12.22
CA SER D 203 -23.35 -18.47 12.31
C SER D 203 -23.33 -19.11 10.92
N ILE D 204 -23.97 -18.48 9.95
CA ILE D 204 -24.07 -19.05 8.61
C ILE D 204 -23.14 -18.36 7.64
N CYS D 205 -22.23 -17.54 8.15
CA CYS D 205 -21.43 -16.63 7.34
C CYS D 205 -20.04 -17.19 7.07
N THR D 206 -19.57 -17.04 5.82
CA THR D 206 -18.26 -17.48 5.39
C THR D 206 -17.41 -16.33 4.85
N THR D 207 -17.85 -15.08 5.04
CA THR D 207 -17.11 -13.94 4.52
C THR D 207 -15.63 -14.01 4.88
N ARG D 208 -15.32 -14.26 6.15
CA ARG D 208 -13.93 -14.26 6.61
C ARG D 208 -13.12 -15.39 5.98
N VAL D 209 -13.77 -16.47 5.56
CA VAL D 209 -13.06 -17.61 4.99
C VAL D 209 -12.81 -17.42 3.49
N VAL D 210 -13.80 -16.93 2.75
CA VAL D 210 -13.66 -16.84 1.30
C VAL D 210 -12.98 -15.55 0.87
N ALA D 211 -13.16 -14.47 1.64
CA ALA D 211 -12.51 -13.20 1.35
C ALA D 211 -11.39 -12.87 2.33
N GLY D 212 -11.29 -13.61 3.44
CA GLY D 212 -10.23 -13.33 4.38
C GLY D 212 -10.44 -12.10 5.22
N VAL D 213 -11.65 -11.55 5.24
CA VAL D 213 -11.89 -10.21 5.78
C VAL D 213 -12.75 -10.27 7.02
N GLY D 214 -12.37 -9.50 8.03
CA GLY D 214 -13.22 -9.37 9.21
C GLY D 214 -12.49 -8.77 10.39
N VAL D 215 -13.26 -8.56 11.46
CA VAL D 215 -12.76 -8.11 12.76
C VAL D 215 -13.47 -8.92 13.86
N PRO D 216 -12.75 -9.51 14.81
CA PRO D 216 -13.41 -10.25 15.90
C PRO D 216 -14.50 -9.43 16.57
N GLN D 217 -15.70 -10.05 16.69
CA GLN D 217 -16.94 -9.26 16.86
C GLN D 217 -16.95 -8.39 18.11
N LEU D 218 -16.41 -8.89 19.21
CA LEU D 218 -16.42 -8.10 20.43
C LEU D 218 -15.51 -6.88 20.31
N THR D 219 -14.36 -7.04 19.66
CA THR D 219 -13.50 -5.90 19.36
C THR D 219 -14.15 -4.94 18.37
N ALA D 220 -14.92 -5.47 17.42
CA ALA D 220 -15.65 -4.59 16.50
C ALA D 220 -16.69 -3.76 17.25
N VAL D 221 -17.40 -4.36 18.20
CA VAL D 221 -18.40 -3.62 18.95
C VAL D 221 -17.75 -2.49 19.74
N TYR D 222 -16.65 -2.82 20.43
CA TYR D 222 -15.98 -1.85 21.29
C TYR D 222 -15.37 -0.71 20.47
N ASP D 223 -14.68 -1.05 19.39
CA ASP D 223 -14.09 -0.03 18.53
C ASP D 223 -15.16 0.85 17.91
N CYS D 224 -16.28 0.25 17.48
CA CYS D 224 -17.31 1.06 16.83
C CYS D 224 -18.07 1.91 17.81
N ALA D 225 -18.46 1.34 18.95
CA ALA D 225 -19.19 2.11 19.96
C ALA D 225 -18.33 3.21 20.53
N THR D 226 -17.02 2.97 20.60
CA THR D 226 -16.10 4.01 21.05
C THR D 226 -16.22 5.26 20.19
N GLU D 227 -16.36 5.09 18.87
CA GLU D 227 -16.52 6.24 17.99
C GLU D 227 -17.94 6.78 18.07
N ALA D 228 -18.94 5.90 18.04
CA ALA D 228 -20.31 6.35 18.01
C ALA D 228 -20.66 7.09 19.29
N ARG D 229 -20.01 6.71 20.40
CA ARG D 229 -20.22 7.34 21.70
C ARG D 229 -19.98 8.83 21.63
N LYS D 230 -19.02 9.25 20.81
CA LYS D 230 -18.68 10.66 20.67
C LYS D 230 -19.76 11.45 19.95
N HIS D 231 -20.59 10.80 19.14
CA HIS D 231 -21.70 11.42 18.43
C HIS D 231 -23.05 11.19 19.10
N GLY D 232 -23.10 10.43 20.18
CA GLY D 232 -24.37 10.08 20.79
C GLY D 232 -25.21 9.15 19.94
N ILE D 233 -24.59 8.22 19.25
CA ILE D 233 -25.26 7.35 18.28
C ILE D 233 -25.17 5.91 18.78
N PRO D 234 -26.27 5.15 18.76
CA PRO D 234 -26.21 3.76 19.21
C PRO D 234 -25.62 2.82 18.17
N VAL D 235 -25.16 1.68 18.69
CA VAL D 235 -24.53 0.62 17.88
C VAL D 235 -25.31 -0.68 18.06
N ILE D 236 -25.47 -1.41 16.96
CA ILE D 236 -26.08 -2.73 16.98
C ILE D 236 -25.01 -3.78 16.80
N ALA D 237 -24.97 -4.74 17.72
CA ALA D 237 -24.12 -5.92 17.62
C ALA D 237 -24.88 -6.97 16.83
N ASP D 238 -24.41 -7.28 15.64
CA ASP D 238 -25.12 -8.15 14.71
C ASP D 238 -24.28 -9.39 14.40
N GLY D 239 -24.71 -10.55 14.90
CA GLY D 239 -24.15 -11.83 14.49
C GLY D 239 -23.11 -12.36 15.45
N GLY D 240 -22.92 -13.68 15.42
CA GLY D 240 -21.92 -14.32 16.25
C GLY D 240 -22.37 -14.64 17.66
N ILE D 241 -23.61 -14.28 18.02
CA ILE D 241 -24.15 -14.55 19.35
C ILE D 241 -24.74 -15.96 19.37
N LYS D 242 -24.17 -16.84 20.20
CA LYS D 242 -24.57 -18.24 20.33
C LYS D 242 -25.30 -18.57 21.61
N TYR D 243 -25.02 -17.88 22.71
CA TYR D 243 -25.73 -18.08 23.96
C TYR D 243 -26.18 -16.74 24.48
N SER D 244 -27.07 -16.76 25.47
CA SER D 244 -27.52 -15.50 26.05
C SER D 244 -26.38 -14.73 26.70
N GLY D 245 -25.36 -15.44 27.19
CA GLY D 245 -24.22 -14.76 27.80
C GLY D 245 -23.43 -13.92 26.81
N ASP D 246 -23.45 -14.29 25.53
CA ASP D 246 -22.80 -13.48 24.49
C ASP D 246 -23.50 -12.13 24.31
N MET D 247 -24.82 -12.10 24.44
CA MET D 247 -25.55 -10.84 24.35
C MET D 247 -25.15 -9.89 25.48
N VAL D 248 -24.96 -10.41 26.68
CA VAL D 248 -24.53 -9.57 27.79
C VAL D 248 -23.16 -8.96 27.50
N LYS D 249 -22.25 -9.75 26.93
CA LYS D 249 -20.92 -9.25 26.62
C LYS D 249 -20.98 -8.14 25.58
N ALA D 250 -21.82 -8.33 24.54
CA ALA D 250 -21.96 -7.34 23.49
C ALA D 250 -22.52 -6.03 24.00
N LEU D 251 -23.55 -6.10 24.86
CA LEU D 251 -24.08 -4.88 25.46
C LEU D 251 -23.06 -4.25 26.39
N ALA D 252 -22.30 -5.07 27.13
CA ALA D 252 -21.24 -4.53 27.98
C ALA D 252 -20.06 -4.00 27.18
N ALA D 253 -19.88 -4.44 25.93
CA ALA D 253 -18.81 -3.97 25.07
C ALA D 253 -19.15 -2.66 24.39
N GLY D 254 -20.37 -2.16 24.55
CA GLY D 254 -20.65 -0.84 24.06
C GLY D 254 -21.89 -0.70 23.20
N ALA D 255 -22.42 -1.82 22.72
CA ALA D 255 -23.60 -1.79 21.85
C ALA D 255 -24.87 -1.55 22.65
N HIS D 256 -25.80 -0.78 22.07
CA HIS D 256 -27.11 -0.57 22.67
C HIS D 256 -28.02 -1.80 22.54
N VAL D 257 -27.86 -2.58 21.47
CA VAL D 257 -28.80 -3.65 21.12
C VAL D 257 -28.06 -4.69 20.29
N VAL D 258 -28.60 -5.92 20.30
CA VAL D 258 -28.03 -7.01 19.52
C VAL D 258 -29.03 -7.50 18.46
N MET D 259 -28.48 -8.02 17.35
CA MET D 259 -29.28 -8.63 16.29
C MET D 259 -28.95 -10.10 16.17
N LEU D 260 -29.98 -10.95 16.20
CA LEU D 260 -29.80 -12.39 16.25
C LEU D 260 -30.43 -13.05 15.05
N GLY D 261 -29.71 -14.03 14.50
CA GLY D 261 -30.20 -14.83 13.40
C GLY D 261 -30.45 -16.25 13.81
N SER D 262 -29.39 -16.97 14.17
CA SER D 262 -29.54 -18.39 14.46
C SER D 262 -30.48 -18.61 15.65
N MET D 263 -30.33 -17.82 16.70
CA MET D 263 -31.08 -18.07 17.92
C MET D 263 -32.57 -17.86 17.74
N PHE D 264 -33.00 -17.35 16.57
CA PHE D 264 -34.40 -17.11 16.24
C PHE D 264 -34.91 -17.96 15.10
N ALA D 265 -34.02 -18.57 14.29
CA ALA D 265 -34.48 -19.24 13.08
C ALA D 265 -35.33 -20.45 13.40
N GLY D 266 -35.14 -21.06 14.56
CA GLY D 266 -35.89 -22.23 14.91
C GLY D 266 -37.20 -21.93 15.61
N VAL D 267 -37.53 -20.68 15.78
CA VAL D 267 -38.71 -20.33 16.55
C VAL D 267 -39.97 -20.50 15.68
N ALA D 268 -41.12 -20.72 16.31
CA ALA D 268 -42.32 -21.03 15.55
C ALA D 268 -42.66 -19.91 14.56
N GLU D 269 -42.53 -18.65 14.97
CA GLU D 269 -42.99 -17.56 14.11
C GLU D 269 -42.06 -17.24 12.94
N SER D 270 -40.85 -17.75 12.91
CA SER D 270 -40.00 -17.45 11.78
C SER D 270 -40.59 -18.12 10.53
N PRO D 271 -40.33 -17.57 9.35
CA PRO D 271 -40.88 -18.20 8.15
C PRO D 271 -40.34 -19.60 7.97
N GLY D 272 -41.17 -20.47 7.39
CA GLY D 272 -40.84 -21.84 7.13
C GLY D 272 -41.54 -22.81 8.06
N GLU D 273 -41.61 -24.05 7.64
CA GLU D 273 -42.19 -25.08 8.47
C GLU D 273 -41.08 -25.97 9.02
N THR D 274 -41.52 -26.93 9.82
CA THR D 274 -40.69 -27.87 10.55
C THR D 274 -40.46 -29.15 9.75
N GLU D 275 -39.25 -29.67 9.87
CA GLU D 275 -38.84 -30.90 9.23
C GLU D 275 -38.14 -31.71 10.31
N ILE D 276 -38.19 -33.03 10.21
CA ILE D 276 -37.57 -33.90 11.19
C ILE D 276 -36.20 -34.28 10.66
N TYR D 277 -35.16 -33.99 11.43
CA TYR D 277 -33.82 -34.39 11.04
C TYR D 277 -33.16 -34.95 12.29
N GLN D 278 -32.65 -36.17 12.19
CA GLN D 278 -32.05 -36.91 13.31
C GLN D 278 -33.02 -37.07 14.47
N GLY D 279 -34.29 -37.28 14.15
CA GLY D 279 -35.32 -37.58 15.11
C GLY D 279 -36.03 -36.42 15.76
N ARG D 280 -35.51 -35.21 15.65
CA ARG D 280 -36.19 -34.04 16.21
C ARG D 280 -36.52 -33.05 15.12
N GLN D 281 -37.26 -32.01 15.51
CA GLN D 281 -37.76 -31.03 14.55
C GLN D 281 -36.70 -29.97 14.26
N PHE D 282 -36.60 -29.59 12.98
CA PHE D 282 -35.66 -28.56 12.53
C PHE D 282 -36.37 -27.60 11.59
N LYS D 283 -35.73 -26.44 11.40
CA LYS D 283 -36.15 -25.39 10.49
C LYS D 283 -34.95 -24.94 9.66
N VAL D 284 -35.21 -24.53 8.42
CA VAL D 284 -34.15 -24.06 7.53
C VAL D 284 -33.56 -22.78 8.08
N TYR D 285 -32.23 -22.68 8.10
CA TYR D 285 -31.58 -21.42 8.41
C TYR D 285 -30.41 -21.25 7.46
N ARG D 286 -30.41 -20.16 6.69
CA ARG D 286 -29.42 -19.99 5.63
C ARG D 286 -29.01 -18.53 5.50
N GLY D 287 -27.76 -18.29 5.11
CA GLY D 287 -27.31 -16.92 4.92
C GLY D 287 -27.91 -16.28 3.69
N MET D 288 -28.08 -14.96 3.76
CA MET D 288 -28.60 -14.22 2.60
C MET D 288 -27.57 -14.12 1.49
N GLY D 289 -26.33 -14.41 1.78
CA GLY D 289 -25.28 -14.52 0.79
C GLY D 289 -25.00 -15.93 0.34
N SER D 290 -25.85 -16.88 0.71
CA SER D 290 -25.74 -18.27 0.28
C SER D 290 -26.32 -18.45 -1.11
N VAL D 291 -25.97 -19.58 -1.75
CA VAL D 291 -26.42 -19.83 -3.12
C VAL D 291 -27.95 -19.84 -3.18
N GLY D 292 -28.58 -20.66 -2.33
CA GLY D 292 -30.04 -20.81 -2.39
C GLY D 292 -30.80 -19.53 -2.10
N ALA D 293 -30.27 -18.71 -1.19
CA ALA D 293 -30.92 -17.45 -0.85
C ALA D 293 -30.86 -16.46 -2.00
N MET D 294 -29.82 -16.52 -2.81
CA MET D 294 -29.68 -15.55 -3.89
C MET D 294 -30.50 -15.88 -5.13
N GLU D 295 -31.06 -17.09 -5.23
CA GLU D 295 -31.87 -17.49 -6.38
C GLU D 295 -33.30 -16.95 -6.39
N LEU D 310 -22.00 -16.09 -8.95
CA LEU D 310 -22.35 -15.93 -7.53
C LEU D 310 -21.30 -16.63 -6.70
N VAL D 311 -20.31 -15.88 -6.24
CA VAL D 311 -19.37 -16.41 -5.24
C VAL D 311 -19.98 -16.08 -3.89
N PRO D 312 -20.57 -17.07 -3.23
CA PRO D 312 -21.36 -16.81 -2.03
C PRO D 312 -20.49 -16.51 -0.83
N GLU D 313 -21.12 -15.92 0.19
CA GLU D 313 -20.38 -15.68 1.43
C GLU D 313 -21.13 -16.21 2.64
N GLY D 314 -21.96 -17.23 2.43
CA GLY D 314 -22.72 -17.92 3.47
C GLY D 314 -23.11 -19.30 3.00
N ILE D 315 -23.68 -20.09 3.93
CA ILE D 315 -24.08 -21.46 3.62
C ILE D 315 -25.56 -21.64 4.00
N GLU D 316 -26.08 -22.82 3.68
CA GLU D 316 -27.43 -23.20 4.03
C GLU D 316 -27.39 -24.35 5.03
N GLY D 317 -28.25 -24.25 6.04
CA GLY D 317 -28.27 -25.22 7.11
C GLY D 317 -29.61 -25.34 7.81
N ARG D 318 -29.55 -25.86 9.02
CA ARG D 318 -30.70 -26.15 9.86
C ARG D 318 -30.39 -25.88 11.32
N VAL D 319 -31.37 -25.35 12.05
CA VAL D 319 -31.24 -25.17 13.48
C VAL D 319 -32.42 -25.87 14.16
N PRO D 320 -32.25 -26.39 15.36
CA PRO D 320 -33.34 -27.13 15.99
C PRO D 320 -34.57 -26.27 16.24
N TYR D 321 -35.74 -26.91 16.14
CA TYR D 321 -36.98 -26.23 16.41
C TYR D 321 -37.12 -25.95 17.90
N LYS D 322 -37.51 -24.71 18.24
CA LYS D 322 -37.53 -24.27 19.62
C LYS D 322 -38.92 -23.92 20.13
N GLY D 323 -39.94 -23.94 19.29
CA GLY D 323 -41.27 -23.61 19.75
C GLY D 323 -41.51 -22.13 19.70
N PRO D 324 -42.40 -21.63 20.56
CA PRO D 324 -42.79 -20.22 20.48
C PRO D 324 -41.66 -19.27 20.85
N LEU D 325 -41.69 -18.10 20.21
CA LEU D 325 -40.65 -17.09 20.41
C LEU D 325 -40.56 -16.63 21.87
N ALA D 326 -41.70 -16.57 22.56
CA ALA D 326 -41.72 -16.09 23.95
C ALA D 326 -40.78 -16.90 24.85
N ASP D 327 -40.66 -18.19 24.60
CA ASP D 327 -39.82 -19.04 25.44
C ASP D 327 -38.34 -18.74 25.21
N THR D 328 -37.95 -18.54 23.95
CA THR D 328 -36.57 -18.16 23.64
C THR D 328 -36.23 -16.80 24.23
N VAL D 329 -37.14 -15.83 24.08
CA VAL D 329 -36.94 -14.48 24.59
C VAL D 329 -36.87 -14.47 26.11
N HIS D 330 -37.70 -15.30 26.77
CA HIS D 330 -37.65 -15.37 28.23
C HIS D 330 -36.28 -15.84 28.71
N GLN D 331 -35.69 -16.83 28.03
CA GLN D 331 -34.36 -17.28 28.41
C GLN D 331 -33.33 -16.21 28.10
N LEU D 332 -33.46 -15.53 26.96
CA LEU D 332 -32.51 -14.49 26.61
C LEU D 332 -32.54 -13.36 27.62
N VAL D 333 -33.73 -12.83 27.90
CA VAL D 333 -33.81 -11.78 28.90
C VAL D 333 -33.39 -12.32 30.27
N GLY D 334 -33.71 -13.59 30.56
CA GLY D 334 -33.31 -14.18 31.84
C GLY D 334 -31.80 -14.18 32.04
N GLY D 335 -31.06 -14.51 30.99
CA GLY D 335 -29.61 -14.42 31.07
C GLY D 335 -29.11 -12.99 31.17
N LEU D 336 -29.75 -12.05 30.46
CA LEU D 336 -29.34 -10.67 30.58
C LEU D 336 -29.62 -10.15 31.99
N ARG D 337 -30.78 -10.46 32.55
CA ARG D 337 -31.07 -10.02 33.90
C ARG D 337 -30.10 -10.60 34.91
N ALA D 338 -29.78 -11.89 34.78
CA ALA D 338 -28.81 -12.49 35.68
C ALA D 338 -27.44 -11.83 35.51
N GLY D 339 -27.02 -11.63 34.26
CA GLY D 339 -25.73 -10.99 34.02
C GLY D 339 -25.67 -9.60 34.62
N MET D 340 -26.72 -8.79 34.38
CA MET D 340 -26.73 -7.45 34.96
C MET D 340 -26.72 -7.53 36.47
N GLY D 341 -27.40 -8.50 37.06
CA GLY D 341 -27.32 -8.66 38.49
C GLY D 341 -25.90 -8.90 38.95
N TYR D 342 -25.19 -9.78 38.26
CA TYR D 342 -23.80 -10.07 38.61
C TYR D 342 -22.92 -8.83 38.53
N CYS D 343 -23.16 -7.95 37.57
CA CYS D 343 -22.32 -6.76 37.43
C CYS D 343 -22.82 -5.54 38.23
N GLY D 344 -23.87 -5.70 39.04
CA GLY D 344 -24.42 -4.55 39.76
C GLY D 344 -24.96 -3.44 38.88
N ALA D 345 -25.38 -3.79 37.66
CA ALA D 345 -25.85 -2.82 36.67
C ALA D 345 -27.37 -2.74 36.76
N GLN D 346 -27.87 -1.60 37.24
CA GLN D 346 -29.31 -1.37 37.32
C GLN D 346 -29.95 -1.19 35.95
N ASP D 347 -29.24 -0.56 35.01
CA ASP D 347 -29.73 -0.43 33.64
C ASP D 347 -28.57 -0.71 32.69
N LEU D 348 -28.91 -0.75 31.40
CA LEU D 348 -27.93 -1.11 30.38
C LEU D 348 -26.89 -0.02 30.16
N GLU D 349 -27.25 1.25 30.40
CA GLU D 349 -26.25 2.32 30.30
C GLU D 349 -25.15 2.09 31.33
N PHE D 350 -25.54 1.75 32.56
CA PHE D 350 -24.53 1.43 33.56
C PHE D 350 -23.69 0.25 33.09
N LEU D 351 -24.33 -0.75 32.50
CA LEU D 351 -23.56 -1.90 32.02
C LEU D 351 -22.59 -1.44 30.93
N ARG D 352 -23.02 -0.57 30.03
CA ARG D 352 -22.16 -0.14 28.93
C ARG D 352 -20.94 0.61 29.44
N GLU D 353 -21.11 1.45 30.46
CA GLU D 353 -20.06 2.36 30.87
C GLU D 353 -19.16 1.80 31.98
N ASN D 354 -19.59 0.75 32.68
CA ASN D 354 -18.91 0.33 33.89
C ASN D 354 -18.40 -1.10 33.84
N ALA D 355 -19.01 -1.96 33.04
CA ALA D 355 -18.70 -3.37 33.05
C ALA D 355 -17.25 -3.63 32.65
N GLN D 356 -16.63 -4.57 33.34
CA GLN D 356 -15.27 -4.95 33.02
C GLN D 356 -15.24 -6.37 32.51
N PHE D 357 -14.31 -6.63 31.59
CA PHE D 357 -14.10 -7.98 31.11
C PHE D 357 -12.78 -8.48 31.66
N ILE D 358 -12.62 -9.80 31.65
CA ILE D 358 -11.31 -10.44 31.84
C ILE D 358 -11.16 -11.49 30.76
N ARG D 359 -9.98 -11.48 30.13
CA ARG D 359 -9.60 -12.36 29.05
C ARG D 359 -9.20 -13.75 29.53
N MET D 360 -9.47 -14.77 28.73
CA MET D 360 -9.12 -16.13 29.09
C MET D 360 -8.63 -16.89 27.85
N SER D 361 -8.02 -18.04 28.11
CA SER D 361 -7.48 -18.87 27.05
C SER D 361 -8.51 -19.92 26.67
N GLY D 362 -8.16 -20.81 25.74
CA GLY D 362 -9.06 -21.93 25.44
C GLY D 362 -9.38 -22.74 26.68
N ALA D 363 -8.42 -22.89 27.60
CA ALA D 363 -8.69 -23.54 28.86
C ALA D 363 -9.71 -22.76 29.70
N GLY D 364 -9.73 -21.44 29.60
CA GLY D 364 -10.78 -20.71 30.28
C GLY D 364 -12.14 -21.02 29.71
N LEU D 365 -12.22 -21.07 28.38
CA LEU D 365 -13.51 -21.37 27.75
C LEU D 365 -14.01 -22.76 28.13
N LEU D 366 -13.09 -23.75 28.17
CA LEU D 366 -13.52 -25.12 28.47
C LEU D 366 -13.96 -25.26 29.92
N GLU D 367 -13.32 -24.55 30.86
CA GLU D 367 -13.78 -24.51 32.24
C GLU D 367 -15.14 -23.84 32.35
N SER D 368 -15.38 -22.84 31.50
CA SER D 368 -16.58 -22.04 31.58
C SER D 368 -17.82 -22.81 31.14
N HIS D 369 -17.71 -23.62 30.08
CA HIS D 369 -18.82 -24.50 29.73
C HIS D 369 -18.91 -25.63 30.77
N PRO D 370 -20.03 -26.33 30.84
CA PRO D 370 -20.03 -27.58 31.62
C PRO D 370 -18.96 -28.51 31.08
N HIS D 371 -18.37 -29.32 31.97
CA HIS D 371 -17.26 -30.15 31.55
C HIS D 371 -17.21 -31.43 32.38
N HIS D 372 -16.68 -32.49 31.78
CA HIS D 372 -16.41 -33.76 32.48
C HIS D 372 -17.64 -34.37 33.13
N VAL D 373 -18.80 -34.17 32.52
CA VAL D 373 -20.05 -34.78 32.96
C VAL D 373 -20.95 -34.97 31.74
N GLN D 374 -21.54 -36.15 31.66
CA GLN D 374 -22.49 -36.43 30.58
C GLN D 374 -23.81 -35.74 30.85
N ILE D 375 -24.18 -34.80 29.97
CA ILE D 375 -25.43 -34.08 30.17
C ILE D 375 -26.59 -34.99 29.83
N THR D 376 -27.51 -35.18 30.79
CA THR D 376 -28.63 -36.11 30.62
C THR D 376 -29.86 -35.40 30.05
N LYS D 377 -30.19 -34.21 30.54
CA LYS D 377 -31.35 -33.48 30.05
C LYS D 377 -30.86 -32.16 29.45
N GLU D 378 -31.45 -31.72 28.34
CA GLU D 378 -31.05 -30.43 27.80
C GLU D 378 -31.83 -29.32 28.52
N ALA D 379 -31.14 -28.31 28.87
CA ALA D 379 -31.70 -27.15 29.54
C ALA D 379 -32.28 -26.16 28.54
N PRO D 380 -33.26 -25.38 28.99
CA PRO D 380 -33.83 -24.32 28.13
C PRO D 380 -32.80 -23.28 27.77
N ASN D 381 -31.61 -23.37 28.35
CA ASN D 381 -30.55 -22.39 28.26
C ASN D 381 -29.32 -22.90 27.53
N TYR D 382 -29.10 -24.21 27.52
CA TYR D 382 -27.88 -24.82 27.01
C TYR D 382 -28.30 -26.10 26.29
N SER D 383 -28.10 -26.13 24.99
CA SER D 383 -28.54 -27.26 24.17
C SER D 383 -27.65 -28.50 24.27
N PHE E 20 42.73 39.46 -40.62
CA PHE E 20 41.33 39.75 -40.30
C PHE E 20 40.64 38.56 -39.64
N GLN E 21 39.58 38.85 -38.88
CA GLN E 21 38.78 37.84 -38.22
C GLN E 21 37.31 38.10 -38.48
N SER E 22 36.50 37.06 -38.29
CA SER E 22 35.04 37.12 -38.44
C SER E 22 34.38 36.49 -37.20
N ASN E 23 34.17 37.30 -36.16
CA ASN E 23 33.32 36.94 -35.04
C ASN E 23 31.87 36.71 -35.41
N ALA E 24 31.49 36.82 -36.69
CA ALA E 24 30.07 36.75 -37.00
C ALA E 24 29.54 35.34 -36.86
N MET E 25 30.33 34.33 -37.22
CA MET E 25 29.83 32.99 -37.02
C MET E 25 29.82 32.63 -35.53
N TRP E 26 30.72 33.22 -34.74
CA TRP E 26 30.70 32.97 -33.31
C TRP E 26 29.47 33.59 -32.67
N GLU E 27 29.13 34.81 -33.06
CA GLU E 27 28.00 35.51 -32.48
C GLU E 27 26.66 35.11 -33.09
N SER E 28 26.66 34.35 -34.17
CA SER E 28 25.40 33.92 -34.76
C SER E 28 25.01 32.51 -34.33
N LYS E 29 25.78 31.91 -33.41
CA LYS E 29 25.56 30.50 -33.06
C LYS E 29 24.13 30.25 -32.59
N PHE E 30 23.59 31.16 -31.78
CA PHE E 30 22.28 30.95 -31.16
C PHE E 30 21.22 31.93 -31.66
N VAL E 31 21.34 32.38 -32.90
CA VAL E 31 20.37 33.34 -33.44
C VAL E 31 19.11 32.63 -33.93
N LYS E 32 19.25 31.47 -34.58
CA LYS E 32 18.15 30.84 -35.30
C LYS E 32 17.08 30.25 -34.36
N GLU E 33 15.84 30.20 -34.88
CA GLU E 33 14.65 29.70 -34.19
C GLU E 33 13.80 28.85 -35.14
N GLY E 34 13.24 27.76 -34.64
CA GLY E 34 12.47 26.84 -35.47
C GLY E 34 11.20 26.40 -34.79
N LEU E 35 10.20 26.05 -35.60
CA LEU E 35 8.91 25.61 -35.09
C LEU E 35 8.55 24.23 -35.61
N THR E 36 7.82 23.48 -34.79
CA THR E 36 7.30 22.20 -35.25
C THR E 36 5.78 22.20 -35.15
N PHE E 37 5.18 21.06 -35.55
CA PHE E 37 3.72 21.01 -35.78
C PHE E 37 2.92 21.50 -34.58
N ASP E 38 3.28 21.06 -33.38
CA ASP E 38 2.53 21.41 -32.16
C ASP E 38 2.75 22.85 -31.70
N ASP E 39 3.57 23.62 -32.41
CA ASP E 39 3.76 25.04 -32.13
C ASP E 39 2.73 25.94 -32.80
N VAL E 40 1.94 25.43 -33.75
CA VAL E 40 1.16 26.30 -34.62
C VAL E 40 -0.23 25.75 -34.84
N LEU E 41 -1.11 26.65 -35.28
CA LEU E 41 -2.41 26.32 -35.81
C LEU E 41 -2.58 27.07 -37.11
N LEU E 42 -3.46 26.52 -37.96
CA LEU E 42 -3.83 27.17 -39.20
C LEU E 42 -5.01 28.09 -38.92
N VAL E 43 -4.88 29.34 -39.39
CA VAL E 43 -5.90 30.37 -39.26
C VAL E 43 -6.96 30.07 -40.30
N PRO E 44 -8.19 29.83 -39.90
CA PRO E 44 -9.24 29.62 -40.90
C PRO E 44 -9.45 30.86 -41.76
N ALA E 45 -9.85 30.64 -43.02
CA ALA E 45 -10.00 31.72 -43.98
C ALA E 45 -11.27 31.50 -44.80
N LYS E 46 -11.65 32.55 -45.54
CA LYS E 46 -12.90 32.57 -46.29
C LYS E 46 -12.97 31.41 -47.26
N SER E 47 -14.10 30.70 -47.25
CA SER E 47 -14.26 29.51 -48.04
C SER E 47 -15.56 29.54 -48.84
N ASP E 48 -15.46 29.26 -50.14
CA ASP E 48 -16.59 28.93 -50.99
C ASP E 48 -16.51 27.45 -51.39
N VAL E 49 -15.73 26.67 -50.64
CA VAL E 49 -15.37 25.32 -51.03
C VAL E 49 -15.81 24.34 -49.95
N LEU E 50 -16.44 23.26 -50.37
CA LEU E 50 -16.83 22.14 -49.53
C LEU E 50 -15.67 21.17 -49.44
N PRO E 51 -15.48 20.55 -48.28
CA PRO E 51 -14.39 19.58 -48.16
C PRO E 51 -14.47 18.46 -49.18
N ARG E 52 -15.70 17.97 -49.47
CA ARG E 52 -15.82 16.84 -50.37
C ARG E 52 -15.47 17.18 -51.81
N GLU E 53 -15.33 18.44 -52.16
CA GLU E 53 -15.04 18.80 -53.53
C GLU E 53 -13.64 19.33 -53.75
N VAL E 54 -12.82 19.50 -52.68
CA VAL E 54 -11.46 20.01 -52.91
C VAL E 54 -10.64 18.97 -53.64
N SER E 55 -9.57 19.43 -54.29
CA SER E 55 -8.68 18.53 -55.02
C SER E 55 -7.46 18.21 -54.18
N VAL E 56 -7.13 16.93 -54.08
CA VAL E 56 -5.98 16.46 -53.33
C VAL E 56 -4.88 15.90 -54.23
N LYS E 57 -4.99 16.08 -55.54
CA LYS E 57 -3.95 15.58 -56.42
C LYS E 57 -2.70 16.46 -56.36
N THR E 58 -1.55 15.87 -56.65
CA THR E 58 -0.30 16.61 -56.60
C THR E 58 0.64 16.02 -57.64
N VAL E 59 1.45 16.89 -58.27
CA VAL E 59 2.38 16.50 -59.31
C VAL E 59 3.80 16.69 -58.78
N LEU E 60 4.52 15.57 -58.58
CA LEU E 60 5.93 15.58 -58.17
C LEU E 60 6.86 15.79 -59.35
N SER E 61 6.59 15.11 -60.46
CA SER E 61 7.36 15.35 -61.67
C SER E 61 6.49 15.03 -62.86
N GLU E 62 7.08 15.25 -64.04
CA GLU E 62 6.39 15.02 -65.30
C GLU E 62 5.86 13.59 -65.38
N SER E 63 6.54 12.65 -64.74
CA SER E 63 6.20 11.23 -64.77
C SER E 63 5.58 10.74 -63.48
N LEU E 64 5.26 11.62 -62.54
CA LEU E 64 4.87 11.15 -61.22
C LEU E 64 3.81 12.06 -60.62
N GLN E 65 2.56 11.64 -60.76
CA GLN E 65 1.42 12.43 -60.29
C GLN E 65 0.62 11.53 -59.36
N LEU E 66 0.34 12.04 -58.18
CA LEU E 66 -0.35 11.26 -57.16
C LEU E 66 -1.73 11.84 -56.92
N ASN E 67 -2.71 10.96 -56.74
CA ASN E 67 -4.07 11.40 -56.46
C ASN E 67 -4.22 11.90 -55.03
N ILE E 68 -3.35 11.44 -54.13
CA ILE E 68 -3.35 11.87 -52.74
C ILE E 68 -1.91 12.19 -52.36
N PRO E 69 -1.68 13.13 -51.44
CA PRO E 69 -0.30 13.51 -51.08
C PRO E 69 0.28 12.66 -49.96
N LEU E 70 0.34 11.34 -50.18
CA LEU E 70 0.79 10.41 -49.15
C LEU E 70 1.81 9.42 -49.72
N ILE E 71 2.96 9.30 -49.05
CA ILE E 71 3.99 8.32 -49.39
C ILE E 71 4.33 7.51 -48.15
N SER E 72 4.37 6.19 -48.29
CA SER E 72 4.72 5.31 -47.18
C SER E 72 6.23 5.12 -47.09
N ALA E 73 6.77 5.28 -45.88
CA ALA E 73 8.21 5.37 -45.68
C ALA E 73 8.91 4.10 -46.15
N GLY E 74 10.14 4.27 -46.65
CA GLY E 74 10.94 3.16 -47.11
C GLY E 74 11.68 2.48 -45.97
N MET E 75 10.91 1.83 -45.10
CA MET E 75 11.42 1.13 -43.93
C MET E 75 10.93 -0.30 -43.94
N ASP E 76 11.72 -1.20 -43.33
CA ASP E 76 11.42 -2.63 -43.41
C ASP E 76 10.26 -3.04 -42.52
N THR E 77 9.67 -2.11 -41.78
CA THR E 77 8.47 -2.35 -41.00
C THR E 77 7.28 -1.52 -41.51
N VAL E 78 7.39 -0.93 -42.69
CA VAL E 78 6.36 -0.04 -43.20
C VAL E 78 5.90 -0.48 -44.59
N THR E 79 6.83 -0.61 -45.54
CA THR E 79 6.45 -0.79 -46.93
C THR E 79 7.19 -1.96 -47.55
N GLU E 80 6.45 -2.99 -47.91
CA GLU E 80 6.98 -3.88 -48.93
C GLU E 80 5.94 -3.91 -50.03
N ALA E 81 6.00 -4.92 -50.90
CA ALA E 81 5.16 -4.91 -52.10
C ALA E 81 3.68 -4.77 -51.76
N ASP E 82 3.20 -5.52 -50.76
CA ASP E 82 1.78 -5.49 -50.43
C ASP E 82 1.35 -4.07 -50.07
N MET E 83 2.18 -3.37 -49.30
CA MET E 83 1.92 -1.99 -48.92
C MET E 83 2.03 -1.06 -50.12
N ALA E 84 3.02 -1.28 -50.98
CA ALA E 84 3.20 -0.39 -52.12
C ALA E 84 2.02 -0.44 -53.07
N ILE E 85 1.46 -1.64 -53.30
CA ILE E 85 0.31 -1.76 -54.18
C ILE E 85 -0.91 -1.07 -53.59
N ALA E 86 -1.17 -1.29 -52.30
CA ALA E 86 -2.34 -0.68 -51.67
C ALA E 86 -2.23 0.84 -51.63
N MET E 87 -1.03 1.37 -51.40
CA MET E 87 -0.83 2.82 -51.46
C MET E 87 -1.16 3.36 -52.87
N ALA E 88 -0.62 2.70 -53.89
CA ALA E 88 -0.89 3.11 -55.28
C ALA E 88 -2.36 3.00 -55.61
N ARG E 89 -3.03 1.95 -55.12
CA ARG E 89 -4.46 1.80 -55.39
C ARG E 89 -5.27 2.87 -54.70
N GLN E 90 -4.77 3.39 -53.57
CA GLN E 90 -5.40 4.50 -52.86
C GLN E 90 -5.05 5.84 -53.47
N GLY E 91 -4.17 5.86 -54.46
CA GLY E 91 -3.68 7.09 -55.06
C GLY E 91 -2.34 7.56 -54.54
N GLY E 92 -1.68 6.79 -53.68
CA GLY E 92 -0.41 7.20 -53.13
C GLY E 92 0.76 6.47 -53.76
N LEU E 93 1.85 6.43 -53.01
CA LEU E 93 3.14 5.92 -53.43
C LEU E 93 3.79 5.24 -52.24
N GLY E 94 4.41 4.10 -52.49
CA GLY E 94 5.17 3.38 -51.48
C GLY E 94 6.60 3.23 -51.92
N ILE E 95 7.54 3.44 -51.00
CA ILE E 95 8.95 3.28 -51.29
C ILE E 95 9.38 1.95 -50.72
N ILE E 96 9.75 1.01 -51.59
CA ILE E 96 10.22 -0.29 -51.12
C ILE E 96 11.57 -0.15 -50.46
N HIS E 97 11.69 -0.68 -49.24
CA HIS E 97 12.92 -0.53 -48.47
C HIS E 97 14.02 -1.39 -49.07
N LYS E 98 15.26 -1.11 -48.64
CA LYS E 98 16.47 -1.70 -49.22
C LYS E 98 17.21 -2.64 -48.26
N ASN E 99 16.57 -3.12 -47.19
CA ASN E 99 17.17 -4.18 -46.37
C ASN E 99 16.80 -5.56 -46.92
N MET E 100 17.22 -5.77 -48.15
CA MET E 100 17.00 -7.00 -48.90
C MET E 100 18.03 -7.02 -50.01
N SER E 101 18.14 -8.14 -50.72
CA SER E 101 19.08 -8.20 -51.81
C SER E 101 18.61 -7.32 -52.98
N ILE E 102 19.56 -7.05 -53.88
CA ILE E 102 19.27 -6.28 -55.09
C ILE E 102 18.18 -6.96 -55.93
N GLU E 103 18.32 -8.27 -56.19
CA GLU E 103 17.28 -8.96 -56.96
C GLU E 103 15.96 -8.99 -56.20
N GLN E 104 16.02 -9.23 -54.89
CA GLN E 104 14.80 -9.30 -54.09
C GLN E 104 14.03 -7.99 -54.16
N GLN E 105 14.74 -6.86 -54.18
CA GLN E 105 14.09 -5.56 -54.30
C GLN E 105 13.67 -5.28 -55.72
N ALA E 106 14.48 -5.67 -56.71
CA ALA E 106 14.06 -5.50 -58.09
C ALA E 106 12.82 -6.34 -58.37
N GLU E 107 12.79 -7.56 -57.83
CA GLU E 107 11.61 -8.40 -57.98
C GLU E 107 10.40 -7.77 -57.29
N GLN E 108 10.60 -7.19 -56.09
CA GLN E 108 9.51 -6.50 -55.40
C GLN E 108 8.98 -5.33 -56.21
N VAL E 109 9.88 -4.55 -56.80
CA VAL E 109 9.46 -3.45 -57.66
C VAL E 109 8.62 -3.97 -58.81
N ASP E 110 9.07 -5.08 -59.41
CA ASP E 110 8.33 -5.71 -60.50
C ASP E 110 6.93 -6.14 -60.06
N LYS E 111 6.82 -6.70 -58.86
CA LYS E 111 5.54 -7.18 -58.38
C LYS E 111 4.50 -6.05 -58.33
N VAL E 112 4.91 -4.85 -57.93
CA VAL E 112 3.98 -3.74 -57.93
C VAL E 112 3.61 -3.38 -59.36
N LYS E 113 4.60 -3.41 -60.26
CA LYS E 113 4.36 -3.09 -61.66
C LYS E 113 3.41 -4.11 -62.30
N ARG E 114 3.59 -5.40 -61.96
CA ARG E 114 2.81 -6.52 -62.49
C ARG E 114 1.37 -6.53 -62.00
N SER E 115 1.04 -5.70 -61.02
CA SER E 115 -0.29 -5.65 -60.41
C SER E 115 -1.11 -4.45 -60.89
N GLY E 116 -1.06 -4.10 -62.17
CA GLY E 116 -1.85 -3.03 -62.72
C GLY E 116 -1.13 -1.78 -63.21
N GLY E 117 0.16 -1.86 -63.53
CA GLY E 117 0.90 -0.71 -64.02
C GLY E 117 0.94 0.41 -63.00
N LEU E 118 1.02 0.06 -61.72
CA LEU E 118 0.96 1.02 -60.64
C LEU E 118 2.33 1.65 -60.40
N LEU E 119 2.31 2.87 -59.87
CA LEU E 119 3.51 3.60 -59.50
C LEU E 119 4.21 2.95 -58.30
N VAL E 120 5.53 3.00 -58.29
CA VAL E 120 6.28 2.43 -57.16
C VAL E 120 7.65 3.10 -57.10
N GLY E 121 8.15 3.27 -55.88
CA GLY E 121 9.47 3.80 -55.64
C GLY E 121 10.30 2.80 -54.84
N ALA E 122 11.60 3.05 -54.80
CA ALA E 122 12.53 2.18 -54.08
C ALA E 122 13.63 3.01 -53.44
N ALA E 123 14.01 2.64 -52.23
CA ALA E 123 15.09 3.32 -51.55
C ALA E 123 16.42 2.74 -51.99
N VAL E 124 17.42 3.62 -52.14
CA VAL E 124 18.79 3.25 -52.45
C VAL E 124 19.71 4.02 -51.51
N GLY E 125 20.77 3.35 -51.05
CA GLY E 125 21.78 3.99 -50.24
C GLY E 125 22.97 4.44 -51.07
N VAL E 126 23.84 5.21 -50.43
CA VAL E 126 25.08 5.67 -51.08
C VAL E 126 26.14 4.63 -50.72
N THR E 127 26.33 3.66 -51.63
CA THR E 127 27.24 2.54 -51.44
C THR E 127 28.09 2.45 -52.69
N ALA E 128 29.12 1.60 -52.64
CA ALA E 128 29.92 1.40 -53.84
C ALA E 128 29.09 0.71 -54.92
N ASP E 129 28.42 -0.39 -54.56
CA ASP E 129 27.59 -1.16 -55.46
C ASP E 129 26.15 -0.62 -55.50
N ALA E 130 25.97 0.64 -55.15
CA ALA E 130 24.64 1.25 -55.23
C ALA E 130 24.15 1.29 -56.68
N MET E 131 25.03 1.67 -57.61
CA MET E 131 24.67 1.78 -59.02
C MET E 131 24.21 0.44 -59.59
N THR E 132 24.77 -0.67 -59.10
CA THR E 132 24.29 -1.99 -59.48
C THR E 132 22.84 -2.19 -59.04
N ARG E 133 22.52 -1.82 -57.80
CA ARG E 133 21.14 -1.94 -57.34
C ARG E 133 20.20 -1.08 -58.18
N ILE E 134 20.64 0.12 -58.53
CA ILE E 134 19.82 1.06 -59.29
C ILE E 134 19.48 0.49 -60.67
N ASP E 135 20.46 -0.15 -61.33
CA ASP E 135 20.21 -0.70 -62.66
C ASP E 135 19.11 -1.76 -62.64
N ALA E 136 19.17 -2.67 -61.66
CA ALA E 136 18.14 -3.71 -61.55
C ALA E 136 16.79 -3.10 -61.24
N LEU E 137 16.78 -2.01 -60.49
CA LEU E 137 15.53 -1.33 -60.20
C LEU E 137 14.98 -0.66 -61.46
N VAL E 138 15.87 -0.12 -62.28
CA VAL E 138 15.43 0.49 -63.54
C VAL E 138 14.95 -0.57 -64.51
N LYS E 139 15.61 -1.72 -64.55
CA LYS E 139 15.10 -2.79 -65.40
C LYS E 139 13.71 -3.23 -64.93
N ALA E 140 13.43 -3.08 -63.64
CA ALA E 140 12.10 -3.41 -63.12
C ALA E 140 11.10 -2.27 -63.29
N SER E 141 11.47 -1.18 -63.99
CA SER E 141 10.55 -0.09 -64.33
C SER E 141 10.07 0.65 -63.08
N VAL E 142 10.99 0.91 -62.15
CA VAL E 142 10.62 1.70 -60.99
C VAL E 142 10.31 3.11 -61.46
N ASP E 143 9.40 3.78 -60.78
CA ASP E 143 9.02 5.14 -61.17
C ASP E 143 9.86 6.21 -60.47
N ALA E 144 10.44 5.90 -59.32
CA ALA E 144 11.29 6.85 -58.63
C ALA E 144 12.24 6.07 -57.76
N ILE E 145 13.48 6.52 -57.72
CA ILE E 145 14.42 5.99 -56.74
C ILE E 145 14.57 7.03 -55.64
N VAL E 146 14.66 6.57 -54.41
CA VAL E 146 14.82 7.47 -53.27
C VAL E 146 16.23 7.26 -52.77
N LEU E 147 17.07 8.27 -52.97
CA LEU E 147 18.42 8.26 -52.41
C LEU E 147 18.31 8.63 -50.93
N ASP E 148 18.18 7.62 -50.07
CA ASP E 148 17.86 7.82 -48.66
C ASP E 148 19.12 7.72 -47.80
N THR E 149 19.47 8.81 -47.14
CA THR E 149 20.61 8.80 -46.26
C THR E 149 20.32 9.68 -45.05
N ALA E 150 21.10 9.45 -43.98
CA ALA E 150 20.96 10.22 -42.74
C ALA E 150 21.37 11.67 -42.93
N HIS E 151 22.38 11.93 -43.76
CA HIS E 151 22.81 13.30 -44.03
C HIS E 151 22.85 13.48 -45.55
N GLY E 152 21.73 13.87 -46.13
CA GLY E 152 21.64 14.11 -47.57
C GLY E 152 22.52 15.24 -48.07
N HIS E 153 22.92 16.16 -47.19
CA HIS E 153 23.80 17.26 -47.54
C HIS E 153 25.26 16.81 -47.49
N SER E 154 25.60 15.73 -48.19
CA SER E 154 26.93 15.13 -48.10
C SER E 154 27.61 15.07 -49.46
N GLN E 155 28.95 15.10 -49.43
CA GLN E 155 29.69 15.06 -50.69
C GLN E 155 29.43 13.77 -51.44
N GLY E 156 29.44 12.64 -50.73
CA GLY E 156 29.17 11.37 -51.39
C GLY E 156 27.78 11.32 -51.98
N VAL E 157 26.80 11.84 -51.25
CA VAL E 157 25.44 11.88 -51.74
C VAL E 157 25.35 12.77 -52.98
N ILE E 158 25.90 13.99 -52.90
CA ILE E 158 25.84 14.89 -54.05
C ILE E 158 26.46 14.22 -55.27
N ASP E 159 27.66 13.67 -55.10
CA ASP E 159 28.33 13.00 -56.21
C ASP E 159 27.50 11.82 -56.70
N LYS E 160 26.88 11.08 -55.78
CA LYS E 160 26.04 9.95 -56.19
C LYS E 160 24.82 10.43 -56.96
N VAL E 161 24.21 11.54 -56.56
CA VAL E 161 23.10 12.10 -57.32
C VAL E 161 23.53 12.49 -58.72
N LYS E 162 24.64 13.24 -58.82
CA LYS E 162 25.11 13.69 -60.13
C LYS E 162 25.37 12.52 -61.06
N GLU E 163 25.95 11.45 -60.50
CA GLU E 163 26.30 10.26 -61.26
C GLU E 163 25.05 9.53 -61.76
N VAL E 164 24.00 9.47 -60.94
CA VAL E 164 22.80 8.76 -61.36
C VAL E 164 22.04 9.57 -62.41
N ARG E 165 21.98 10.90 -62.23
CA ARG E 165 21.30 11.72 -63.21
C ARG E 165 21.98 11.64 -64.56
N ALA E 166 23.33 11.61 -64.57
CA ALA E 166 24.04 11.55 -65.83
C ALA E 166 23.74 10.25 -66.57
N LYS E 167 23.58 9.14 -65.83
CA LYS E 167 23.32 7.85 -66.47
C LYS E 167 21.86 7.68 -66.87
N TYR E 168 20.93 8.22 -66.10
CA TYR E 168 19.50 8.08 -66.36
C TYR E 168 18.95 9.49 -66.38
N PRO E 169 19.04 10.19 -67.52
CA PRO E 169 18.73 11.63 -67.52
C PRO E 169 17.27 11.94 -67.23
N SER E 170 16.35 10.98 -67.39
CA SER E 170 14.94 11.24 -67.17
C SER E 170 14.40 10.50 -65.94
N LEU E 171 15.28 9.96 -65.09
CA LEU E 171 14.81 9.20 -63.94
C LEU E 171 14.39 10.15 -62.81
N ASN E 172 13.24 9.86 -62.22
CA ASN E 172 12.82 10.60 -61.03
C ASN E 172 13.78 10.27 -59.90
N ILE E 173 14.47 11.28 -59.39
CA ILE E 173 15.45 11.08 -58.31
C ILE E 173 14.97 11.89 -57.13
N ILE E 174 14.58 11.19 -56.07
CA ILE E 174 14.15 11.80 -54.83
C ILE E 174 15.31 11.69 -53.86
N ALA E 175 15.80 12.84 -53.38
CA ALA E 175 16.99 12.87 -52.55
C ALA E 175 16.69 13.43 -51.17
N GLY E 176 17.32 12.82 -50.17
CA GLY E 176 17.19 13.26 -48.80
C GLY E 176 18.18 12.48 -47.96
N ASN E 177 18.18 12.79 -46.66
CA ASN E 177 17.34 13.83 -46.07
C ASN E 177 18.10 15.10 -45.73
N VAL E 178 17.42 16.24 -45.86
CA VAL E 178 18.00 17.55 -45.60
C VAL E 178 16.99 18.36 -44.79
N ALA E 179 17.48 19.52 -44.30
CA ALA E 179 16.65 20.40 -43.48
C ALA E 179 17.02 21.88 -43.63
N THR E 180 17.90 22.22 -44.57
CA THR E 180 18.26 23.62 -44.81
C THR E 180 18.17 23.95 -46.28
N ALA E 181 17.97 25.22 -46.59
CA ALA E 181 17.81 25.65 -47.96
C ALA E 181 19.08 25.45 -48.76
N GLU E 182 20.22 25.74 -48.15
CA GLU E 182 21.51 25.53 -48.81
C GLU E 182 21.66 24.06 -49.19
N ALA E 183 21.24 23.15 -48.31
CA ALA E 183 21.25 21.74 -48.62
C ALA E 183 20.30 21.42 -49.78
N THR E 184 19.12 22.04 -49.79
CA THR E 184 18.20 21.85 -50.91
C THR E 184 18.82 22.34 -52.21
N LYS E 185 19.39 23.55 -52.19
CA LYS E 185 19.98 24.09 -53.40
C LYS E 185 21.03 23.15 -53.97
N ALA E 186 21.87 22.57 -53.09
CA ALA E 186 22.92 21.65 -53.54
C ALA E 186 22.32 20.39 -54.16
N LEU E 187 21.28 19.83 -53.53
CA LEU E 187 20.68 18.62 -54.06
C LEU E 187 19.97 18.86 -55.39
N ILE E 188 19.28 20.00 -55.51
CA ILE E 188 18.64 20.32 -56.79
C ILE E 188 19.68 20.53 -57.86
N GLU E 189 20.76 21.24 -57.53
CA GLU E 189 21.84 21.45 -58.48
C GLU E 189 22.65 20.20 -58.77
N ALA E 190 22.65 19.22 -57.85
CA ALA E 190 23.31 17.95 -58.11
C ALA E 190 22.54 17.08 -59.08
N GLY E 191 21.23 17.33 -59.25
CA GLY E 191 20.42 16.66 -60.25
C GLY E 191 19.09 16.08 -59.76
N ALA E 192 18.75 16.24 -58.48
CA ALA E 192 17.52 15.68 -57.95
C ALA E 192 16.32 16.55 -58.30
N ASN E 193 15.24 15.92 -58.79
CA ASN E 193 14.03 16.65 -59.14
C ASN E 193 13.02 16.71 -58.00
N VAL E 194 13.20 15.91 -56.94
CA VAL E 194 12.39 15.96 -55.73
C VAL E 194 13.34 15.86 -54.55
N VAL E 195 13.14 16.72 -53.55
CA VAL E 195 14.01 16.76 -52.38
C VAL E 195 13.17 16.34 -51.15
N LYS E 196 13.75 15.50 -50.29
CA LYS E 196 13.05 15.02 -49.10
C LYS E 196 13.60 15.68 -47.83
N VAL E 197 12.71 16.17 -46.98
CA VAL E 197 13.03 17.00 -45.82
C VAL E 197 12.75 16.26 -44.51
N GLY E 198 13.68 16.37 -43.55
CA GLY E 198 13.50 15.84 -42.21
C GLY E 198 14.74 15.25 -41.57
N ILE E 199 15.34 15.94 -40.61
CA ILE E 199 16.46 15.43 -39.83
C ILE E 199 15.99 15.40 -38.38
N GLY E 200 15.58 14.23 -37.91
CA GLY E 200 15.22 14.03 -36.54
C GLY E 200 13.75 14.02 -36.11
N PRO E 201 12.78 14.32 -36.98
CA PRO E 201 11.38 14.34 -36.49
C PRO E 201 10.71 12.98 -36.40
N GLY E 202 11.29 11.93 -36.98
CA GLY E 202 10.60 10.64 -37.01
C GLY E 202 10.26 10.12 -35.62
N SER E 203 9.10 9.48 -35.51
CA SER E 203 8.61 8.98 -34.22
C SER E 203 9.60 8.03 -33.54
N ILE E 204 10.34 7.24 -34.33
CA ILE E 204 11.27 6.25 -33.81
C ILE E 204 12.70 6.75 -33.85
N CYS E 205 12.92 8.04 -34.12
CA CYS E 205 14.24 8.56 -34.42
C CYS E 205 14.91 9.14 -33.16
N THR E 206 16.23 8.95 -33.05
CA THR E 206 17.01 9.48 -31.94
C THR E 206 18.16 10.35 -32.39
N THR E 207 18.24 10.67 -33.69
CA THR E 207 19.37 11.42 -34.23
C THR E 207 19.62 12.69 -33.42
N ARG E 208 18.56 13.44 -33.15
CA ARG E 208 18.70 14.68 -32.40
C ARG E 208 19.11 14.43 -30.96
N VAL E 209 18.78 13.27 -30.42
CA VAL E 209 19.16 12.99 -29.05
C VAL E 209 20.56 12.41 -29.00
N VAL E 210 20.88 11.51 -29.93
CA VAL E 210 22.17 10.83 -29.86
C VAL E 210 23.28 11.65 -30.51
N ALA E 211 22.97 12.41 -31.57
CA ALA E 211 23.98 13.21 -32.25
C ALA E 211 23.79 14.71 -32.02
N GLY E 212 22.64 15.13 -31.47
CA GLY E 212 22.38 16.54 -31.19
C GLY E 212 22.04 17.42 -32.37
N VAL E 213 21.75 16.86 -33.53
CA VAL E 213 21.62 17.63 -34.76
C VAL E 213 20.19 17.53 -35.28
N GLY E 214 19.66 18.64 -35.78
CA GLY E 214 18.38 18.62 -36.44
C GLY E 214 17.81 20.01 -36.60
N VAL E 215 16.67 20.07 -37.28
CA VAL E 215 15.88 21.28 -37.43
C VAL E 215 14.42 20.91 -37.23
N PRO E 216 13.69 21.60 -36.37
CA PRO E 216 12.25 21.34 -36.22
C PRO E 216 11.55 21.29 -37.56
N GLN E 217 10.73 20.23 -37.75
CA GLN E 217 10.35 19.77 -39.08
C GLN E 217 9.59 20.83 -39.86
N LEU E 218 8.74 21.60 -39.19
CA LEU E 218 7.95 22.61 -39.88
C LEU E 218 8.81 23.75 -40.41
N THR E 219 9.78 24.21 -39.60
CA THR E 219 10.73 25.20 -40.07
C THR E 219 11.58 24.64 -41.21
N ALA E 220 11.93 23.36 -41.11
CA ALA E 220 12.69 22.67 -42.15
C ALA E 220 11.91 22.61 -43.44
N VAL E 221 10.63 22.31 -43.37
CA VAL E 221 9.80 22.26 -44.57
C VAL E 221 9.71 23.64 -45.19
N TYR E 222 9.49 24.65 -44.36
CA TYR E 222 9.32 25.99 -44.88
C TYR E 222 10.62 26.50 -45.50
N ASP E 223 11.76 26.31 -44.81
CA ASP E 223 13.05 26.75 -45.35
C ASP E 223 13.41 26.01 -46.63
N CYS E 224 13.13 24.70 -46.70
CA CYS E 224 13.47 23.90 -47.87
C CYS E 224 12.51 24.16 -49.03
N ALA E 225 11.22 24.36 -48.73
CA ALA E 225 10.28 24.70 -49.78
C ALA E 225 10.60 26.08 -50.37
N THR E 226 11.05 27.02 -49.54
CA THR E 226 11.41 28.36 -49.99
C THR E 226 12.53 28.33 -51.03
N GLU E 227 13.52 27.46 -50.84
CA GLU E 227 14.58 27.33 -51.83
C GLU E 227 14.12 26.53 -53.04
N ALA E 228 13.44 25.41 -52.79
CA ALA E 228 13.04 24.55 -53.88
C ALA E 228 12.09 25.26 -54.83
N ARG E 229 11.28 26.17 -54.30
CA ARG E 229 10.30 26.89 -55.10
C ARG E 229 10.97 27.74 -56.19
N LYS E 230 12.19 28.24 -55.95
CA LYS E 230 12.88 29.03 -56.98
C LYS E 230 13.26 28.20 -58.21
N HIS E 231 13.41 26.89 -58.09
CA HIS E 231 13.65 26.04 -59.24
C HIS E 231 12.39 25.33 -59.73
N GLY E 232 11.26 25.52 -59.06
CA GLY E 232 10.08 24.75 -59.39
C GLY E 232 10.19 23.28 -59.00
N ILE E 233 10.75 23.00 -57.82
CA ILE E 233 11.02 21.64 -57.36
C ILE E 233 10.16 21.36 -56.14
N PRO E 234 9.51 20.20 -56.06
CA PRO E 234 8.73 19.87 -54.86
C PRO E 234 9.60 19.33 -53.73
N VAL E 235 9.07 19.44 -52.51
CA VAL E 235 9.70 18.88 -51.33
C VAL E 235 8.71 17.92 -50.66
N ILE E 236 9.26 16.83 -50.13
CA ILE E 236 8.52 15.81 -49.38
C ILE E 236 8.74 16.09 -47.89
N ALA E 237 7.66 16.22 -47.13
CA ALA E 237 7.73 16.38 -45.66
C ALA E 237 7.74 14.99 -45.01
N ASP E 238 8.91 14.57 -44.52
CA ASP E 238 9.13 13.19 -44.08
C ASP E 238 9.41 13.12 -42.58
N GLY E 239 8.49 12.49 -41.84
CA GLY E 239 8.66 12.16 -40.44
C GLY E 239 8.00 13.19 -39.54
N GLY E 240 7.65 12.74 -38.33
CA GLY E 240 7.13 13.64 -37.32
C GLY E 240 5.64 13.87 -37.36
N ILE E 241 4.95 13.26 -38.32
CA ILE E 241 3.50 13.39 -38.47
C ILE E 241 2.85 12.35 -37.55
N LYS E 242 2.13 12.82 -36.52
CA LYS E 242 1.45 11.86 -35.65
C LYS E 242 -0.08 11.87 -35.80
N TYR E 243 -0.68 13.00 -36.21
CA TYR E 243 -2.10 13.10 -36.51
C TYR E 243 -2.29 13.73 -37.89
N SER E 244 -3.50 13.56 -38.46
CA SER E 244 -3.74 14.02 -39.83
C SER E 244 -3.63 15.52 -39.97
N GLY E 245 -3.91 16.27 -38.88
CA GLY E 245 -3.76 17.71 -38.92
C GLY E 245 -2.31 18.13 -39.14
N ASP E 246 -1.36 17.28 -38.72
CA ASP E 246 0.03 17.57 -39.02
C ASP E 246 0.28 17.54 -40.50
N MET E 247 -0.44 16.69 -41.22
CA MET E 247 -0.27 16.61 -42.67
C MET E 247 -0.68 17.91 -43.35
N VAL E 248 -1.80 18.50 -42.93
CA VAL E 248 -2.20 19.78 -43.50
C VAL E 248 -1.15 20.83 -43.22
N LYS E 249 -0.58 20.82 -42.01
CA LYS E 249 0.43 21.81 -41.66
C LYS E 249 1.67 21.68 -42.52
N ALA E 250 2.13 20.44 -42.76
CA ALA E 250 3.28 20.26 -43.62
C ALA E 250 2.99 20.76 -45.03
N LEU E 251 1.79 20.47 -45.55
CA LEU E 251 1.45 20.97 -46.88
C LEU E 251 1.28 22.49 -46.88
N ALA E 252 0.67 23.06 -45.84
CA ALA E 252 0.54 24.50 -45.81
C ALA E 252 1.88 25.20 -45.64
N ALA E 253 2.88 24.48 -45.09
CA ALA E 253 4.21 25.04 -44.95
C ALA E 253 5.07 24.89 -46.21
N GLY E 254 4.61 24.20 -47.25
CA GLY E 254 5.37 24.20 -48.49
C GLY E 254 5.63 22.85 -49.14
N ALA E 255 5.40 21.76 -48.42
CA ALA E 255 5.64 20.44 -48.96
C ALA E 255 4.54 20.06 -49.95
N HIS E 256 4.93 19.35 -51.01
CA HIS E 256 3.96 18.78 -51.95
C HIS E 256 3.28 17.55 -51.38
N VAL E 257 3.99 16.82 -50.52
CA VAL E 257 3.56 15.49 -50.13
C VAL E 257 4.23 15.18 -48.81
N VAL E 258 3.61 14.29 -48.05
CA VAL E 258 4.12 13.87 -46.76
C VAL E 258 4.52 12.41 -46.87
N MET E 259 5.52 12.04 -46.08
CA MET E 259 5.92 10.65 -45.91
C MET E 259 5.70 10.24 -44.46
N LEU E 260 5.06 9.10 -44.26
CA LEU E 260 4.66 8.65 -42.94
C LEU E 260 5.31 7.31 -42.65
N GLY E 261 5.76 7.15 -41.41
CA GLY E 261 6.23 5.86 -40.97
C GLY E 261 5.28 5.25 -39.97
N SER E 262 5.12 5.89 -38.81
CA SER E 262 4.35 5.30 -37.73
C SER E 262 2.87 5.23 -38.08
N MET E 263 2.37 6.21 -38.82
CA MET E 263 0.93 6.17 -39.12
C MET E 263 0.57 5.09 -40.13
N PHE E 264 1.55 4.30 -40.59
CA PHE E 264 1.30 3.24 -41.54
C PHE E 264 1.79 1.89 -41.05
N ALA E 265 2.65 1.85 -40.04
CA ALA E 265 3.24 0.58 -39.63
C ALA E 265 2.21 -0.35 -39.01
N GLY E 266 1.10 0.17 -38.51
CA GLY E 266 0.12 -0.70 -37.90
C GLY E 266 -0.92 -1.27 -38.82
N VAL E 267 -0.88 -0.99 -40.11
CA VAL E 267 -1.93 -1.44 -41.02
C VAL E 267 -1.65 -2.87 -41.49
N ALA E 268 -2.69 -3.54 -41.97
CA ALA E 268 -2.58 -4.94 -42.36
C ALA E 268 -1.55 -5.14 -43.47
N GLU E 269 -1.51 -4.25 -44.47
CA GLU E 269 -0.65 -4.44 -45.64
C GLU E 269 0.84 -4.20 -45.34
N SER E 270 1.16 -3.65 -44.18
CA SER E 270 2.54 -3.42 -43.83
C SER E 270 3.27 -4.75 -43.61
N PRO E 271 4.58 -4.79 -43.87
CA PRO E 271 5.32 -6.02 -43.61
C PRO E 271 5.38 -6.30 -42.13
N GLY E 272 5.41 -7.58 -41.79
CA GLY E 272 5.37 -8.04 -40.42
C GLY E 272 4.02 -8.65 -40.08
N GLU E 273 4.03 -9.47 -39.04
CA GLU E 273 2.82 -10.14 -38.57
C GLU E 273 2.32 -9.44 -37.31
N THR E 274 1.14 -9.87 -36.85
CA THR E 274 0.47 -9.25 -35.71
C THR E 274 0.85 -9.97 -34.43
N GLU E 275 1.23 -9.20 -33.40
CA GLU E 275 1.55 -9.70 -32.07
C GLU E 275 0.51 -9.24 -31.06
N ILE E 276 0.37 -10.00 -29.96
CA ILE E 276 -0.56 -9.69 -28.88
C ILE E 276 0.22 -9.17 -27.68
N TYR E 277 -0.16 -8.00 -27.18
CA TYR E 277 0.44 -7.42 -25.99
C TYR E 277 -0.66 -6.91 -25.06
N GLN E 278 -0.67 -7.40 -23.82
CA GLN E 278 -1.64 -6.98 -22.80
C GLN E 278 -3.08 -7.08 -23.30
N GLY E 279 -3.34 -8.09 -24.13
CA GLY E 279 -4.67 -8.27 -24.66
C GLY E 279 -4.96 -7.50 -25.93
N ARG E 280 -4.07 -6.58 -26.35
CA ARG E 280 -4.23 -5.82 -27.57
C ARG E 280 -3.23 -6.33 -28.58
N GLN E 281 -3.49 -6.09 -29.86
CA GLN E 281 -2.58 -6.51 -30.91
C GLN E 281 -1.74 -5.35 -31.42
N PHE E 282 -0.47 -5.63 -31.69
CA PHE E 282 0.49 -4.59 -32.09
C PHE E 282 1.31 -5.07 -33.28
N LYS E 283 2.01 -4.11 -33.88
CA LYS E 283 2.93 -4.34 -34.98
C LYS E 283 4.28 -3.76 -34.61
N VAL E 284 5.35 -4.44 -35.02
CA VAL E 284 6.68 -3.93 -34.75
C VAL E 284 6.87 -2.67 -35.59
N TYR E 285 7.41 -1.63 -34.97
CA TYR E 285 7.84 -0.45 -35.71
C TYR E 285 9.18 -0.02 -35.14
N ARG E 286 10.18 0.04 -36.00
CA ARG E 286 11.53 0.34 -35.59
C ARG E 286 12.17 1.18 -36.69
N GLY E 287 13.08 2.05 -36.27
CA GLY E 287 13.80 2.86 -37.23
C GLY E 287 14.81 2.05 -38.02
N MET E 288 15.09 2.51 -39.24
CA MET E 288 16.13 1.87 -40.04
C MET E 288 17.52 2.07 -39.45
N GLY E 289 17.67 2.98 -38.49
CA GLY E 289 18.89 3.15 -37.74
C GLY E 289 18.93 2.40 -36.41
N SER E 290 17.98 1.52 -36.13
CA SER E 290 18.03 0.79 -34.88
C SER E 290 18.97 -0.42 -34.95
N VAL E 291 19.30 -0.97 -33.77
CA VAL E 291 20.18 -2.13 -33.71
C VAL E 291 19.56 -3.29 -34.50
N GLY E 292 18.28 -3.56 -34.26
CA GLY E 292 17.64 -4.69 -34.93
C GLY E 292 17.55 -4.53 -36.44
N ALA E 293 17.29 -3.31 -36.91
CA ALA E 293 17.23 -3.09 -38.35
C ALA E 293 18.62 -3.17 -38.96
N MET E 294 19.64 -2.76 -38.21
CA MET E 294 21.00 -2.75 -38.74
C MET E 294 21.59 -4.15 -38.76
N GLU E 295 21.13 -5.02 -37.85
CA GLU E 295 21.56 -6.41 -37.79
C GLU E 295 20.81 -7.26 -38.81
N LYS E 296 19.48 -7.18 -38.80
CA LYS E 296 18.61 -8.06 -39.59
C LYS E 296 18.52 -7.58 -41.03
N VAL E 311 26.54 2.38 -33.76
CA VAL E 311 25.97 3.43 -32.90
C VAL E 311 24.67 3.93 -33.53
N PRO E 312 23.54 3.55 -32.94
CA PRO E 312 22.25 3.75 -33.58
C PRO E 312 21.73 5.18 -33.47
N GLU E 313 20.78 5.46 -34.35
CA GLU E 313 20.03 6.71 -34.35
C GLU E 313 18.55 6.39 -34.41
N GLY E 314 18.17 5.20 -33.94
CA GLY E 314 16.78 4.78 -33.89
C GLY E 314 16.59 3.72 -32.82
N ILE E 315 15.32 3.43 -32.54
CA ILE E 315 14.94 2.41 -31.57
C ILE E 315 13.92 1.47 -32.22
N GLU E 316 13.60 0.41 -31.48
CA GLU E 316 12.65 -0.61 -31.90
C GLU E 316 11.45 -0.56 -30.97
N GLY E 317 10.25 -0.65 -31.52
CA GLY E 317 9.05 -0.54 -30.72
C GLY E 317 7.85 -1.24 -31.33
N ARG E 318 6.66 -0.86 -30.86
CA ARG E 318 5.41 -1.45 -31.30
C ARG E 318 4.34 -0.37 -31.45
N VAL E 319 3.47 -0.54 -32.45
CA VAL E 319 2.32 0.34 -32.65
C VAL E 319 1.04 -0.48 -32.72
N PRO E 320 -0.11 0.08 -32.37
CA PRO E 320 -1.35 -0.71 -32.41
C PRO E 320 -1.73 -1.14 -33.82
N TYR E 321 -2.30 -2.34 -33.93
CA TYR E 321 -2.83 -2.78 -35.22
C TYR E 321 -4.07 -1.97 -35.57
N LYS E 322 -4.15 -1.51 -36.83
CA LYS E 322 -5.20 -0.62 -37.29
C LYS E 322 -6.10 -1.19 -38.37
N GLY E 323 -5.81 -2.36 -38.92
CA GLY E 323 -6.62 -2.96 -39.96
C GLY E 323 -6.18 -2.53 -41.36
N PRO E 324 -7.11 -2.58 -42.32
CA PRO E 324 -6.72 -2.31 -43.71
C PRO E 324 -6.27 -0.86 -43.96
N LEU E 325 -5.34 -0.72 -44.90
CA LEU E 325 -4.75 0.58 -45.19
C LEU E 325 -5.79 1.60 -45.59
N ALA E 326 -6.84 1.15 -46.27
CA ALA E 326 -7.87 2.07 -46.75
C ALA E 326 -8.49 2.85 -45.59
N ASP E 327 -8.62 2.22 -44.41
CA ASP E 327 -9.28 2.90 -43.30
C ASP E 327 -8.43 4.05 -42.77
N THR E 328 -7.12 3.85 -42.65
CA THR E 328 -6.26 4.95 -42.26
C THR E 328 -6.24 6.04 -43.33
N VAL E 329 -6.13 5.66 -44.59
CA VAL E 329 -6.05 6.65 -45.66
C VAL E 329 -7.31 7.50 -45.69
N HIS E 330 -8.47 6.86 -45.50
CA HIS E 330 -9.72 7.61 -45.52
C HIS E 330 -9.76 8.67 -44.43
N GLN E 331 -9.29 8.31 -43.23
CA GLN E 331 -9.30 9.28 -42.13
C GLN E 331 -8.34 10.42 -42.39
N LEU E 332 -7.18 10.11 -42.97
CA LEU E 332 -6.17 11.13 -43.24
C LEU E 332 -6.67 12.17 -44.23
N VAL E 333 -7.14 11.72 -45.40
CA VAL E 333 -7.63 12.63 -46.43
C VAL E 333 -8.85 13.38 -45.91
N GLY E 334 -9.71 12.69 -45.16
CA GLY E 334 -10.85 13.35 -44.58
C GLY E 334 -10.43 14.48 -43.68
N GLY E 335 -9.36 14.26 -42.91
CA GLY E 335 -8.81 15.36 -42.14
C GLY E 335 -8.19 16.42 -43.04
N LEU E 336 -7.53 15.98 -44.12
CA LEU E 336 -6.96 16.92 -45.08
C LEU E 336 -8.07 17.74 -45.76
N ARG E 337 -9.15 17.08 -46.20
CA ARG E 337 -10.23 17.80 -46.85
C ARG E 337 -10.82 18.84 -45.91
N ALA E 338 -11.00 18.48 -44.65
CA ALA E 338 -11.50 19.45 -43.69
C ALA E 338 -10.56 20.63 -43.56
N GLY E 339 -9.25 20.37 -43.50
CA GLY E 339 -8.30 21.47 -43.35
C GLY E 339 -8.35 22.44 -44.50
N MET E 340 -8.37 21.91 -45.73
CA MET E 340 -8.43 22.77 -46.89
C MET E 340 -9.71 23.57 -46.93
N GLY E 341 -10.82 22.95 -46.52
CA GLY E 341 -12.07 23.68 -46.45
C GLY E 341 -12.00 24.86 -45.50
N TYR E 342 -11.46 24.63 -44.30
CA TYR E 342 -11.30 25.70 -43.33
C TYR E 342 -10.41 26.80 -43.89
N CYS E 343 -9.40 26.42 -44.66
CA CYS E 343 -8.46 27.38 -45.21
C CYS E 343 -8.93 27.96 -46.54
N GLY E 344 -10.11 27.58 -47.00
CA GLY E 344 -10.60 28.07 -48.29
C GLY E 344 -9.69 27.69 -49.44
N ALA E 345 -8.98 26.57 -49.31
CA ALA E 345 -8.05 26.12 -50.34
C ALA E 345 -8.75 25.06 -51.18
N GLN E 346 -9.10 25.42 -52.41
CA GLN E 346 -9.75 24.49 -53.32
C GLN E 346 -8.80 23.40 -53.81
N ASP E 347 -7.50 23.72 -53.92
CA ASP E 347 -6.49 22.75 -54.26
C ASP E 347 -5.28 22.94 -53.36
N LEU E 348 -4.33 22.01 -53.46
CA LEU E 348 -3.14 22.07 -52.60
C LEU E 348 -2.22 23.21 -53.03
N GLU E 349 -2.30 23.59 -54.32
CA GLU E 349 -1.56 24.76 -54.81
C GLU E 349 -1.96 26.00 -54.03
N PHE E 350 -3.27 26.23 -53.91
CA PHE E 350 -3.77 27.35 -53.14
C PHE E 350 -3.34 27.22 -51.68
N LEU E 351 -3.36 25.98 -51.17
CA LEU E 351 -3.02 25.76 -49.77
C LEU E 351 -1.57 26.16 -49.47
N ARG E 352 -0.62 25.79 -50.34
CA ARG E 352 0.79 26.11 -50.09
C ARG E 352 1.05 27.61 -50.15
N GLU E 353 0.44 28.31 -51.10
CA GLU E 353 0.83 29.69 -51.34
C GLU E 353 0.07 30.67 -50.47
N ASN E 354 -1.05 30.24 -49.86
CA ASN E 354 -1.96 31.14 -49.17
C ASN E 354 -2.24 30.80 -47.70
N ALA E 355 -2.11 29.55 -47.28
CA ALA E 355 -2.44 29.22 -45.91
C ALA E 355 -1.49 29.95 -44.96
N GLN E 356 -2.06 30.47 -43.87
CA GLN E 356 -1.33 31.21 -42.86
C GLN E 356 -1.36 30.45 -41.54
N PHE E 357 -0.32 30.61 -40.72
CA PHE E 357 -0.25 29.99 -39.41
C PHE E 357 -0.36 31.01 -38.29
N ILE E 358 -0.70 30.52 -37.10
CA ILE E 358 -0.59 31.32 -35.88
C ILE E 358 0.13 30.48 -34.83
N ARG E 359 1.08 31.10 -34.15
CA ARG E 359 1.87 30.39 -33.18
C ARG E 359 1.19 30.39 -31.81
N MET E 360 1.38 29.28 -31.08
CA MET E 360 0.75 29.09 -29.79
C MET E 360 1.73 28.40 -28.85
N SER E 361 1.42 28.49 -27.56
CA SER E 361 2.25 27.91 -26.54
C SER E 361 1.73 26.51 -26.15
N GLY E 362 2.45 25.86 -25.23
CA GLY E 362 2.01 24.56 -24.77
C GLY E 362 0.60 24.55 -24.20
N ALA E 363 0.19 25.67 -23.59
CA ALA E 363 -1.20 25.78 -23.16
C ALA E 363 -2.13 25.86 -24.37
N GLY E 364 -1.72 26.51 -25.44
CA GLY E 364 -2.51 26.47 -26.65
C GLY E 364 -2.60 25.06 -27.19
N LEU E 365 -1.47 24.33 -27.15
CA LEU E 365 -1.54 22.94 -27.54
C LEU E 365 -2.50 22.19 -26.63
N LEU E 366 -2.47 22.50 -25.31
CA LEU E 366 -3.34 21.82 -24.36
C LEU E 366 -4.79 22.17 -24.59
N GLU E 367 -5.07 23.41 -24.98
CA GLU E 367 -6.43 23.75 -25.38
C GLU E 367 -6.80 23.04 -26.66
N SER E 368 -5.81 22.81 -27.52
CA SER E 368 -6.08 22.25 -28.84
C SER E 368 -6.51 20.78 -28.76
N HIS E 369 -5.83 19.99 -27.93
CA HIS E 369 -6.27 18.61 -27.74
C HIS E 369 -7.54 18.59 -26.90
N PRO E 370 -8.30 17.50 -26.91
CA PRO E 370 -9.43 17.38 -25.97
C PRO E 370 -8.94 17.54 -24.54
N HIS E 371 -9.77 18.15 -23.69
CA HIS E 371 -9.30 18.44 -22.34
C HIS E 371 -10.46 18.44 -21.35
N HIS E 372 -10.15 18.02 -20.12
CA HIS E 372 -11.07 18.08 -18.99
C HIS E 372 -12.34 17.27 -19.24
N VAL E 373 -12.19 16.14 -19.93
CA VAL E 373 -13.26 15.18 -20.16
C VAL E 373 -12.62 13.81 -20.29
N GLN E 374 -13.18 12.79 -19.61
CA GLN E 374 -12.63 11.44 -19.73
C GLN E 374 -13.13 10.81 -21.04
N ILE E 375 -12.24 10.48 -21.94
CA ILE E 375 -12.65 9.88 -23.20
C ILE E 375 -13.15 8.48 -22.95
N THR E 376 -14.33 8.19 -23.47
CA THR E 376 -14.94 6.87 -23.30
C THR E 376 -14.67 5.96 -24.48
N LYS E 377 -14.84 6.46 -25.71
CA LYS E 377 -14.68 5.67 -26.91
C LYS E 377 -13.52 6.22 -27.71
N GLU E 378 -12.78 5.33 -28.36
CA GLU E 378 -11.68 5.76 -29.20
C GLU E 378 -12.21 6.25 -30.53
N ALA E 379 -11.70 7.37 -31.00
CA ALA E 379 -12.12 7.87 -32.29
C ALA E 379 -11.26 7.27 -33.40
N PRO E 380 -11.80 7.13 -34.61
CA PRO E 380 -10.99 6.56 -35.71
C PRO E 380 -9.76 7.39 -36.06
N ASN E 381 -9.71 8.66 -35.64
CA ASN E 381 -8.63 9.59 -35.93
C ASN E 381 -7.97 10.19 -34.69
N TYR E 382 -8.36 9.76 -33.49
CA TYR E 382 -7.78 10.29 -32.26
C TYR E 382 -7.68 9.13 -31.29
N SER E 383 -6.47 8.76 -30.88
CA SER E 383 -6.26 7.59 -30.02
C SER E 383 -5.51 7.89 -28.72
N SER F 22 7.18 39.95 -55.43
CA SER F 22 6.02 40.57 -54.81
C SER F 22 5.08 39.54 -54.16
N ASN F 23 5.58 38.75 -53.18
CA ASN F 23 4.81 37.61 -52.61
C ASN F 23 4.85 37.64 -51.08
N ALA F 24 4.04 38.53 -50.50
CA ALA F 24 4.02 38.71 -49.05
C ALA F 24 3.40 37.51 -48.33
N MET F 25 2.45 36.80 -48.96
CA MET F 25 1.75 35.69 -48.31
C MET F 25 2.65 34.49 -48.00
N TRP F 26 3.70 34.26 -48.78
CA TRP F 26 4.64 33.21 -48.40
C TRP F 26 5.40 33.59 -47.14
N GLU F 27 5.80 34.85 -47.04
CA GLU F 27 6.59 35.38 -45.95
C GLU F 27 5.80 35.74 -44.69
N SER F 28 4.46 35.70 -44.70
CA SER F 28 3.70 36.05 -43.50
C SER F 28 3.19 34.81 -42.77
N LYS F 29 3.57 33.61 -43.21
CA LYS F 29 2.94 32.39 -42.73
C LYS F 29 3.08 32.23 -41.21
N PHE F 30 4.25 32.54 -40.65
CA PHE F 30 4.48 32.23 -39.24
C PHE F 30 4.62 33.48 -38.37
N VAL F 31 3.94 34.56 -38.74
CA VAL F 31 4.08 35.85 -38.07
C VAL F 31 3.17 35.99 -36.87
N LYS F 32 1.92 35.56 -37.01
CA LYS F 32 0.91 35.85 -36.00
C LYS F 32 1.15 35.02 -34.74
N GLU F 33 0.65 35.55 -33.60
CA GLU F 33 0.83 34.96 -32.29
C GLU F 33 -0.51 34.89 -31.56
N GLY F 34 -0.75 33.77 -30.87
CA GLY F 34 -2.00 33.56 -30.18
C GLY F 34 -1.82 33.05 -28.77
N LEU F 35 -2.75 33.48 -27.89
CA LEU F 35 -2.82 33.22 -26.47
C LEU F 35 -4.18 32.62 -26.10
N THR F 36 -4.19 31.72 -25.13
CA THR F 36 -5.44 31.20 -24.58
C THR F 36 -5.45 31.46 -23.08
N PHE F 37 -6.51 30.96 -22.43
CA PHE F 37 -6.78 31.33 -21.05
C PHE F 37 -5.57 31.14 -20.14
N ASP F 38 -4.90 29.98 -20.23
CA ASP F 38 -3.78 29.63 -19.33
C ASP F 38 -2.50 30.40 -19.64
N ASP F 39 -2.50 31.24 -20.67
CA ASP F 39 -1.33 32.05 -20.99
C ASP F 39 -1.29 33.37 -20.21
N VAL F 40 -2.40 33.78 -19.61
CA VAL F 40 -2.54 35.13 -19.10
C VAL F 40 -3.25 35.13 -17.75
N LEU F 41 -3.13 36.27 -17.06
CA LEU F 41 -3.90 36.58 -15.86
C LEU F 41 -4.45 38.00 -15.98
N LEU F 42 -5.55 38.25 -15.26
CA LEU F 42 -6.16 39.57 -15.20
C LEU F 42 -5.49 40.37 -14.10
N VAL F 43 -5.10 41.60 -14.43
CA VAL F 43 -4.31 42.42 -13.51
C VAL F 43 -5.24 43.12 -12.52
N PRO F 44 -5.03 42.97 -11.22
CA PRO F 44 -5.84 43.72 -10.25
C PRO F 44 -5.73 45.22 -10.50
N ALA F 45 -6.80 45.95 -10.21
CA ALA F 45 -6.86 47.38 -10.44
C ALA F 45 -7.65 48.06 -9.33
N LYS F 46 -7.61 49.39 -9.33
CA LYS F 46 -8.30 50.18 -8.32
C LYS F 46 -9.78 49.85 -8.32
N SER F 47 -10.33 49.56 -7.16
CA SER F 47 -11.72 49.17 -7.05
C SER F 47 -12.38 50.00 -5.96
N ASP F 48 -13.53 50.59 -6.27
CA ASP F 48 -14.39 51.16 -5.24
C ASP F 48 -15.66 50.33 -5.08
N VAL F 49 -15.69 49.13 -5.67
CA VAL F 49 -16.90 48.31 -5.78
C VAL F 49 -16.63 46.95 -5.14
N LEU F 50 -17.53 46.49 -4.40
CA LEU F 50 -17.52 45.15 -3.80
C LEU F 50 -18.13 44.15 -4.77
N PRO F 51 -17.68 42.89 -4.70
CA PRO F 51 -18.21 41.87 -5.62
C PRO F 51 -19.71 41.74 -5.60
N ARG F 52 -20.32 41.75 -4.40
CA ARG F 52 -21.77 41.61 -4.32
C ARG F 52 -22.49 42.84 -4.79
N GLU F 53 -21.76 43.88 -5.19
CA GLU F 53 -22.39 45.11 -5.68
C GLU F 53 -22.34 45.22 -7.19
N VAL F 54 -21.55 44.38 -7.87
CA VAL F 54 -21.44 44.51 -9.31
C VAL F 54 -22.71 44.02 -9.99
N SER F 55 -22.93 44.55 -11.20
CA SER F 55 -23.98 44.11 -12.12
C SER F 55 -23.34 43.25 -13.20
N VAL F 56 -23.90 42.07 -13.44
CA VAL F 56 -23.41 41.13 -14.45
C VAL F 56 -24.41 40.97 -15.59
N LYS F 57 -25.36 41.88 -15.70
CA LYS F 57 -26.32 41.87 -16.79
C LYS F 57 -25.68 42.26 -18.13
N THR F 58 -26.30 41.79 -19.22
CA THR F 58 -25.77 42.00 -20.56
C THR F 58 -26.90 42.14 -21.56
N VAL F 59 -26.66 42.98 -22.55
CA VAL F 59 -27.60 43.24 -23.64
C VAL F 59 -26.94 42.73 -24.93
N LEU F 60 -27.51 41.69 -25.54
CA LEU F 60 -27.02 41.27 -26.87
C LEU F 60 -27.66 42.08 -27.99
N SER F 61 -28.97 42.24 -27.94
CA SER F 61 -29.69 43.05 -28.90
C SER F 61 -30.88 43.68 -28.19
N GLU F 62 -31.58 44.57 -28.90
CA GLU F 62 -32.69 45.27 -28.26
C GLU F 62 -33.77 44.33 -27.74
N SER F 63 -33.87 43.12 -28.29
CA SER F 63 -34.87 42.13 -27.89
C SER F 63 -34.32 40.95 -27.08
N LEU F 64 -33.07 41.03 -26.61
CA LEU F 64 -32.46 39.86 -25.98
C LEU F 64 -31.49 40.32 -24.91
N GLN F 65 -31.93 40.27 -23.65
CA GLN F 65 -31.16 40.79 -22.53
C GLN F 65 -31.08 39.75 -21.43
N LEU F 66 -29.88 39.49 -20.95
CA LEU F 66 -29.59 38.42 -20.01
C LEU F 66 -29.16 39.00 -18.67
N ASN F 67 -29.67 38.42 -17.58
CA ASN F 67 -29.26 38.85 -16.24
C ASN F 67 -27.90 38.29 -15.84
N ILE F 68 -27.51 37.14 -16.41
CA ILE F 68 -26.19 36.58 -16.16
C ILE F 68 -25.60 36.19 -17.52
N PRO F 69 -24.30 36.39 -17.74
CA PRO F 69 -23.73 36.25 -19.10
C PRO F 69 -23.33 34.82 -19.43
N LEU F 70 -24.30 33.90 -19.35
CA LEU F 70 -24.09 32.49 -19.59
C LEU F 70 -25.15 31.93 -20.52
N ILE F 71 -24.71 31.15 -21.50
CA ILE F 71 -25.57 30.45 -22.44
C ILE F 71 -25.16 28.97 -22.42
N SER F 72 -26.13 28.07 -22.34
CA SER F 72 -25.84 26.65 -22.37
C SER F 72 -25.76 26.18 -23.81
N ALA F 73 -24.72 25.40 -24.13
CA ALA F 73 -24.47 25.02 -25.50
C ALA F 73 -25.61 24.19 -26.06
N GLY F 74 -25.82 24.31 -27.37
CA GLY F 74 -26.80 23.51 -28.09
C GLY F 74 -26.28 22.15 -28.50
N MET F 75 -26.06 21.28 -27.52
CA MET F 75 -25.55 19.94 -27.78
C MET F 75 -26.49 18.93 -27.15
N ASP F 76 -26.56 17.74 -27.75
CA ASP F 76 -27.55 16.75 -27.30
C ASP F 76 -27.24 16.18 -25.92
N THR F 77 -26.13 16.59 -25.30
CA THR F 77 -25.80 16.22 -23.93
C THR F 77 -25.79 17.42 -22.99
N VAL F 78 -26.29 18.57 -23.44
CA VAL F 78 -26.22 19.81 -22.66
C VAL F 78 -27.59 20.46 -22.49
N THR F 79 -28.26 20.79 -23.59
CA THR F 79 -29.47 21.60 -23.53
C THR F 79 -30.61 20.92 -24.29
N GLU F 80 -31.63 20.51 -23.55
CA GLU F 80 -32.94 20.27 -24.13
C GLU F 80 -33.91 21.12 -23.32
N ALA F 81 -35.21 20.82 -23.36
CA ALA F 81 -36.18 21.75 -22.80
C ALA F 81 -35.92 22.04 -21.32
N ASP F 82 -35.70 20.99 -20.51
CA ASP F 82 -35.50 21.17 -19.08
C ASP F 82 -34.29 22.03 -18.76
N MET F 83 -33.21 21.89 -19.54
CA MET F 83 -32.04 22.73 -19.29
C MET F 83 -32.33 24.18 -19.63
N ALA F 84 -33.02 24.43 -20.75
CA ALA F 84 -33.28 25.81 -21.18
C ALA F 84 -34.16 26.56 -20.19
N ILE F 85 -35.12 25.85 -19.57
CA ILE F 85 -35.92 26.45 -18.50
C ILE F 85 -35.05 26.80 -17.30
N ALA F 86 -34.13 25.90 -16.92
CA ALA F 86 -33.31 26.19 -15.76
C ALA F 86 -32.36 27.34 -16.03
N MET F 87 -31.80 27.41 -17.25
CA MET F 87 -30.94 28.53 -17.63
C MET F 87 -31.70 29.84 -17.58
N ALA F 88 -32.88 29.87 -18.21
CA ALA F 88 -33.64 31.11 -18.23
C ALA F 88 -34.01 31.55 -16.82
N ARG F 89 -34.38 30.60 -15.96
CA ARG F 89 -34.74 30.94 -14.59
C ARG F 89 -33.55 31.48 -13.80
N GLN F 90 -32.33 31.09 -14.18
CA GLN F 90 -31.15 31.66 -13.56
C GLN F 90 -30.76 33.02 -14.13
N GLY F 91 -31.42 33.47 -15.19
CA GLY F 91 -31.05 34.70 -15.86
C GLY F 91 -30.17 34.53 -17.07
N GLY F 92 -29.92 33.29 -17.50
CA GLY F 92 -29.12 33.00 -18.67
C GLY F 92 -29.97 32.54 -19.83
N LEU F 93 -29.34 31.79 -20.73
CA LEU F 93 -29.99 31.40 -21.99
C LEU F 93 -29.61 29.98 -22.36
N GLY F 94 -30.58 29.26 -22.93
CA GLY F 94 -30.34 27.91 -23.45
C GLY F 94 -30.59 27.84 -24.94
N ILE F 95 -29.69 27.15 -25.63
CA ILE F 95 -29.81 26.88 -27.07
C ILE F 95 -30.24 25.43 -27.22
N ILE F 96 -31.48 25.19 -27.64
CA ILE F 96 -31.92 23.82 -27.86
C ILE F 96 -31.26 23.29 -29.11
N HIS F 97 -30.59 22.14 -29.00
CA HIS F 97 -29.79 21.64 -30.10
C HIS F 97 -30.69 21.15 -31.23
N LYS F 98 -30.06 20.77 -32.34
CA LYS F 98 -30.76 20.44 -33.55
C LYS F 98 -30.81 18.95 -33.85
N ASN F 99 -30.13 18.12 -33.07
CA ASN F 99 -30.12 16.68 -33.35
C ASN F 99 -31.44 16.06 -32.94
N MET F 100 -32.52 16.59 -33.52
CA MET F 100 -33.86 16.13 -33.26
C MET F 100 -34.69 16.62 -34.44
N SER F 101 -35.91 16.11 -34.51
CA SER F 101 -36.76 16.54 -35.61
C SER F 101 -37.12 18.00 -35.46
N ILE F 102 -37.56 18.59 -36.57
CA ILE F 102 -38.08 19.95 -36.56
C ILE F 102 -39.27 20.05 -35.61
N GLU F 103 -40.22 19.12 -35.73
CA GLU F 103 -41.38 19.10 -34.84
C GLU F 103 -40.94 18.89 -33.41
N GLN F 104 -40.02 17.95 -33.18
CA GLN F 104 -39.57 17.71 -31.81
C GLN F 104 -38.92 18.95 -31.22
N GLN F 105 -38.20 19.72 -32.04
CA GLN F 105 -37.52 20.91 -31.56
C GLN F 105 -38.48 22.06 -31.32
N ALA F 106 -39.47 22.23 -32.20
CA ALA F 106 -40.44 23.30 -32.00
C ALA F 106 -41.25 23.09 -30.73
N GLU F 107 -41.56 21.83 -30.41
CA GLU F 107 -42.26 21.53 -29.16
C GLU F 107 -41.39 21.86 -27.95
N GLN F 108 -40.10 21.53 -28.02
CA GLN F 108 -39.19 21.90 -26.93
C GLN F 108 -39.13 23.42 -26.80
N VAL F 109 -39.08 24.11 -27.94
CA VAL F 109 -39.07 25.57 -27.93
C VAL F 109 -40.35 26.09 -27.29
N ASP F 110 -41.51 25.54 -27.70
CA ASP F 110 -42.77 25.95 -27.08
C ASP F 110 -42.81 25.60 -25.59
N LYS F 111 -42.26 24.43 -25.23
CA LYS F 111 -42.28 23.99 -23.84
C LYS F 111 -41.60 25.01 -22.94
N VAL F 112 -40.49 25.58 -23.40
CA VAL F 112 -39.80 26.59 -22.60
C VAL F 112 -40.60 27.88 -22.59
N LYS F 113 -41.13 28.29 -23.75
CA LYS F 113 -41.88 29.53 -23.81
C LYS F 113 -43.12 29.47 -22.94
N ARG F 114 -43.81 28.34 -22.96
CA ARG F 114 -45.04 28.20 -22.19
C ARG F 114 -44.78 27.95 -20.70
N SER F 115 -43.54 28.05 -20.25
CA SER F 115 -43.21 27.87 -18.83
C SER F 115 -42.97 29.21 -18.13
N GLY F 116 -43.74 30.23 -18.48
CA GLY F 116 -43.62 31.52 -17.84
C GLY F 116 -43.01 32.62 -18.68
N GLY F 117 -43.03 32.49 -20.00
CA GLY F 117 -42.43 33.49 -20.88
C GLY F 117 -40.93 33.58 -20.79
N LEU F 118 -40.24 32.44 -20.67
CA LEU F 118 -38.79 32.42 -20.54
C LEU F 118 -38.11 32.48 -21.90
N LEU F 119 -36.94 33.13 -21.93
CA LEU F 119 -36.15 33.17 -23.14
C LEU F 119 -35.57 31.80 -23.48
N VAL F 120 -35.45 31.52 -24.78
CA VAL F 120 -34.91 30.25 -25.27
C VAL F 120 -34.33 30.48 -26.66
N GLY F 121 -33.24 29.77 -26.96
CA GLY F 121 -32.64 29.78 -28.28
C GLY F 121 -32.59 28.36 -28.85
N ALA F 122 -32.37 28.29 -30.16
CA ALA F 122 -32.37 27.01 -30.86
C ALA F 122 -31.31 27.00 -31.96
N ALA F 123 -30.63 25.87 -32.08
CA ALA F 123 -29.59 25.74 -33.10
C ALA F 123 -30.22 25.36 -34.42
N VAL F 124 -29.66 25.89 -35.51
CA VAL F 124 -30.05 25.53 -36.87
C VAL F 124 -28.78 25.31 -37.65
N GLY F 125 -28.79 24.28 -38.51
CA GLY F 125 -27.66 24.02 -39.36
C GLY F 125 -27.82 24.68 -40.71
N VAL F 126 -26.73 24.72 -41.47
CA VAL F 126 -26.78 25.32 -42.79
C VAL F 126 -27.14 24.17 -43.72
N THR F 127 -28.45 23.99 -43.92
CA THR F 127 -28.94 22.83 -44.65
C THR F 127 -30.04 23.26 -45.60
N ALA F 128 -30.50 22.31 -46.41
CA ALA F 128 -31.63 22.56 -47.28
C ALA F 128 -32.87 22.85 -46.47
N ASP F 129 -33.11 22.04 -45.44
CA ASP F 129 -34.28 22.16 -44.58
C ASP F 129 -34.09 23.21 -43.49
N ALA F 130 -33.13 24.12 -43.66
CA ALA F 130 -32.92 25.16 -42.67
C ALA F 130 -34.15 26.08 -42.59
N MET F 131 -34.65 26.54 -43.74
CA MET F 131 -35.76 27.47 -43.71
C MET F 131 -37.02 26.84 -43.12
N THR F 132 -37.26 25.56 -43.39
CA THR F 132 -38.40 24.90 -42.76
C THR F 132 -38.24 24.84 -41.24
N ARG F 133 -37.09 24.36 -40.76
CA ARG F 133 -36.86 24.26 -39.33
C ARG F 133 -36.90 25.64 -38.70
N ILE F 134 -36.31 26.65 -39.35
CA ILE F 134 -36.38 28.01 -38.84
C ILE F 134 -37.84 28.47 -38.81
N ASP F 135 -38.61 28.16 -39.86
CA ASP F 135 -39.99 28.58 -39.88
C ASP F 135 -40.78 27.99 -38.71
N ALA F 136 -40.57 26.70 -38.42
CA ALA F 136 -41.26 26.11 -37.29
C ALA F 136 -40.79 26.69 -35.97
N LEU F 137 -39.51 27.06 -35.88
CA LEU F 137 -38.98 27.65 -34.64
C LEU F 137 -39.50 29.07 -34.44
N VAL F 138 -39.63 29.85 -35.51
CA VAL F 138 -40.21 31.18 -35.39
C VAL F 138 -41.69 31.09 -35.01
N LYS F 139 -42.40 30.11 -35.57
CA LYS F 139 -43.80 29.92 -35.20
C LYS F 139 -43.96 29.54 -33.72
N ALA F 140 -42.97 28.87 -33.14
CA ALA F 140 -43.05 28.61 -31.71
C ALA F 140 -42.53 29.77 -30.88
N SER F 141 -42.22 30.90 -31.53
CA SER F 141 -41.85 32.16 -30.87
C SER F 141 -40.48 32.06 -30.20
N VAL F 142 -39.52 31.44 -30.90
CA VAL F 142 -38.16 31.36 -30.38
C VAL F 142 -37.58 32.77 -30.30
N ASP F 143 -36.69 32.99 -29.33
CA ASP F 143 -36.09 34.31 -29.16
C ASP F 143 -34.80 34.46 -29.94
N ALA F 144 -34.11 33.38 -30.26
CA ALA F 144 -32.90 33.53 -31.05
C ALA F 144 -32.62 32.22 -31.75
N ILE F 145 -32.20 32.33 -33.00
CA ILE F 145 -31.74 31.20 -33.80
C ILE F 145 -30.22 31.21 -33.81
N VAL F 146 -29.60 30.03 -33.72
CA VAL F 146 -28.15 29.95 -33.78
C VAL F 146 -27.80 29.20 -35.06
N LEU F 147 -27.28 29.93 -36.04
CA LEU F 147 -26.75 29.33 -37.27
C LEU F 147 -25.41 28.70 -36.94
N ASP F 148 -25.46 27.41 -36.58
CA ASP F 148 -24.33 26.68 -36.02
C ASP F 148 -23.65 25.88 -37.12
N THR F 149 -22.39 26.18 -37.36
CA THR F 149 -21.62 25.44 -38.35
C THR F 149 -20.17 25.33 -37.88
N ALA F 150 -19.46 24.35 -38.47
CA ALA F 150 -18.05 24.17 -38.13
C ALA F 150 -17.20 25.32 -38.64
N HIS F 151 -17.52 25.84 -39.82
CA HIS F 151 -16.73 26.89 -40.47
C HIS F 151 -17.68 28.01 -40.80
N GLY F 152 -17.83 28.94 -39.86
CA GLY F 152 -18.72 30.07 -40.06
C GLY F 152 -18.32 31.01 -41.17
N HIS F 153 -17.02 31.03 -41.53
CA HIS F 153 -16.53 31.89 -42.61
C HIS F 153 -16.61 31.19 -43.95
N SER F 154 -17.77 30.64 -44.30
CA SER F 154 -17.92 29.96 -45.57
C SER F 154 -19.06 30.58 -46.35
N GLN F 155 -19.01 30.46 -47.67
CA GLN F 155 -20.03 31.11 -48.50
C GLN F 155 -21.42 30.59 -48.15
N GLY F 156 -21.53 29.30 -47.85
CA GLY F 156 -22.83 28.74 -47.54
C GLY F 156 -23.47 29.36 -46.30
N VAL F 157 -22.69 29.53 -45.23
CA VAL F 157 -23.20 30.17 -44.02
C VAL F 157 -23.59 31.60 -44.31
N ILE F 158 -22.74 32.32 -45.05
CA ILE F 158 -23.01 33.73 -45.36
C ILE F 158 -24.36 33.89 -46.05
N ASP F 159 -24.54 33.18 -47.16
CA ASP F 159 -25.75 33.31 -47.95
C ASP F 159 -26.99 32.83 -47.19
N LYS F 160 -26.87 31.79 -46.37
CA LYS F 160 -28.04 31.40 -45.60
C LYS F 160 -28.40 32.44 -44.53
N VAL F 161 -27.39 33.14 -43.95
CA VAL F 161 -27.66 34.26 -43.04
C VAL F 161 -28.44 35.36 -43.75
N LYS F 162 -28.02 35.72 -44.96
CA LYS F 162 -28.70 36.75 -45.73
C LYS F 162 -30.16 36.37 -45.97
N GLU F 163 -30.41 35.11 -46.33
CA GLU F 163 -31.77 34.68 -46.61
C GLU F 163 -32.64 34.73 -45.37
N VAL F 164 -32.07 34.38 -44.22
CA VAL F 164 -32.86 34.41 -42.98
C VAL F 164 -33.11 35.85 -42.53
N ARG F 165 -32.12 36.73 -42.68
CA ARG F 165 -32.35 38.13 -42.36
C ARG F 165 -33.36 38.79 -43.30
N ALA F 166 -33.33 38.42 -44.58
CA ALA F 166 -34.25 39.02 -45.54
C ALA F 166 -35.70 38.70 -45.19
N LYS F 167 -35.95 37.47 -44.73
CA LYS F 167 -37.31 37.05 -44.41
C LYS F 167 -37.76 37.54 -43.04
N TYR F 168 -36.84 37.59 -42.08
CA TYR F 168 -37.16 37.97 -40.70
C TYR F 168 -36.21 39.10 -40.33
N PRO F 169 -36.55 40.33 -40.67
CA PRO F 169 -35.63 41.45 -40.40
C PRO F 169 -35.40 41.73 -38.91
N SER F 170 -36.27 41.25 -38.02
CA SER F 170 -36.11 41.50 -36.59
C SER F 170 -35.77 40.25 -35.77
N LEU F 171 -35.42 39.14 -36.43
CA LEU F 171 -35.09 37.91 -35.70
C LEU F 171 -33.67 37.96 -35.16
N ASN F 172 -33.49 37.59 -33.89
CA ASN F 172 -32.15 37.51 -33.34
C ASN F 172 -31.42 36.36 -34.01
N ILE F 173 -30.31 36.69 -34.67
CA ILE F 173 -29.52 35.74 -35.44
C ILE F 173 -28.11 35.69 -34.86
N ILE F 174 -27.76 34.56 -34.26
CA ILE F 174 -26.42 34.28 -33.76
C ILE F 174 -25.73 33.39 -34.78
N ALA F 175 -24.62 33.85 -35.37
CA ALA F 175 -23.94 33.05 -36.39
C ALA F 175 -22.53 32.69 -35.95
N GLY F 176 -22.14 31.45 -36.25
CA GLY F 176 -20.81 30.95 -35.92
C GLY F 176 -20.59 29.58 -36.52
N ASN F 177 -19.41 29.01 -36.29
CA ASN F 177 -18.34 29.64 -35.50
C ASN F 177 -17.24 30.21 -36.37
N VAL F 178 -16.63 31.27 -35.85
CA VAL F 178 -15.57 31.99 -36.54
C VAL F 178 -14.46 32.26 -35.54
N ALA F 179 -13.32 32.73 -36.08
CA ALA F 179 -12.19 33.04 -35.21
C ALA F 179 -11.35 34.20 -35.73
N THR F 180 -11.78 34.94 -36.75
CA THR F 180 -11.01 36.07 -37.20
C THR F 180 -11.90 37.29 -37.36
N ALA F 181 -11.26 38.45 -37.33
CA ALA F 181 -12.00 39.68 -37.59
C ALA F 181 -12.59 39.66 -38.99
N GLU F 182 -11.87 39.10 -39.98
CA GLU F 182 -12.43 39.05 -41.32
C GLU F 182 -13.77 38.31 -41.32
N ALA F 183 -13.80 37.16 -40.66
CA ALA F 183 -15.00 36.33 -40.58
C ALA F 183 -16.13 37.04 -39.87
N THR F 184 -15.80 37.70 -38.77
CA THR F 184 -16.76 38.48 -38.01
C THR F 184 -17.39 39.56 -38.88
N LYS F 185 -16.56 40.30 -39.61
CA LYS F 185 -17.05 41.31 -40.54
C LYS F 185 -17.99 40.70 -41.60
N ALA F 186 -17.65 39.52 -42.10
CA ALA F 186 -18.46 38.89 -43.14
C ALA F 186 -19.85 38.53 -42.63
N LEU F 187 -19.91 37.88 -41.45
CA LEU F 187 -21.18 37.44 -40.87
C LEU F 187 -22.03 38.62 -40.44
N ILE F 188 -21.41 39.68 -39.90
CA ILE F 188 -22.14 40.89 -39.53
C ILE F 188 -22.73 41.53 -40.77
N GLU F 189 -21.93 41.65 -41.82
CA GLU F 189 -22.46 42.20 -43.06
C GLU F 189 -23.44 41.24 -43.72
N ALA F 190 -23.37 39.95 -43.41
CA ALA F 190 -24.39 39.06 -43.95
C ALA F 190 -25.73 39.27 -43.27
N GLY F 191 -25.73 39.83 -42.06
CA GLY F 191 -26.97 40.17 -41.38
C GLY F 191 -27.14 39.69 -39.95
N ALA F 192 -26.11 39.06 -39.38
CA ALA F 192 -26.18 38.55 -38.02
C ALA F 192 -26.00 39.66 -36.97
N ASN F 193 -26.82 39.61 -35.93
CA ASN F 193 -26.72 40.56 -34.81
C ASN F 193 -25.82 40.05 -33.70
N VAL F 194 -25.45 38.77 -33.72
CA VAL F 194 -24.57 38.18 -32.72
C VAL F 194 -23.58 37.26 -33.41
N VAL F 195 -22.32 37.33 -33.00
CA VAL F 195 -21.24 36.50 -33.56
C VAL F 195 -20.70 35.58 -32.48
N LYS F 196 -20.52 34.32 -32.82
CA LYS F 196 -20.03 33.32 -31.88
C LYS F 196 -18.60 32.95 -32.23
N VAL F 197 -17.70 33.00 -31.25
CA VAL F 197 -16.28 32.88 -31.52
C VAL F 197 -15.74 31.57 -30.96
N GLY F 198 -14.96 30.86 -31.78
CA GLY F 198 -14.29 29.68 -31.31
C GLY F 198 -14.20 28.59 -32.36
N ILE F 199 -13.01 28.38 -32.89
CA ILE F 199 -12.75 27.27 -33.79
C ILE F 199 -11.77 26.39 -33.03
N GLY F 200 -12.30 25.32 -32.42
CA GLY F 200 -11.45 24.30 -31.84
C GLY F 200 -11.13 24.26 -30.35
N PRO F 201 -11.49 25.25 -29.52
CA PRO F 201 -11.05 25.18 -28.13
C PRO F 201 -11.85 24.20 -27.28
N GLY F 202 -12.95 23.66 -27.81
CA GLY F 202 -13.87 22.89 -26.99
C GLY F 202 -13.19 21.72 -26.27
N SER F 203 -13.66 21.45 -25.06
CA SER F 203 -13.12 20.36 -24.24
C SER F 203 -13.22 19.01 -24.95
N ILE F 204 -14.24 18.81 -25.77
CA ILE F 204 -14.44 17.54 -26.48
C ILE F 204 -14.05 17.64 -27.94
N CYS F 205 -13.35 18.69 -28.34
CA CYS F 205 -13.14 19.00 -29.74
C CYS F 205 -11.78 18.51 -30.23
N THR F 206 -11.76 17.98 -31.45
CA THR F 206 -10.50 17.60 -32.08
C THR F 206 -10.26 18.31 -33.39
N THR F 207 -11.03 19.36 -33.70
CA THR F 207 -10.84 20.05 -34.97
C THR F 207 -9.38 20.44 -35.19
N ARG F 208 -8.77 21.05 -34.20
CA ARG F 208 -7.38 21.48 -34.30
C ARG F 208 -6.40 20.33 -34.51
N VAL F 209 -6.70 19.13 -34.02
CA VAL F 209 -5.78 18.00 -34.17
C VAL F 209 -5.98 17.26 -35.50
N VAL F 210 -7.23 17.03 -35.92
CA VAL F 210 -7.47 16.24 -37.13
C VAL F 210 -7.45 17.11 -38.38
N ALA F 211 -7.79 18.39 -38.24
CA ALA F 211 -7.76 19.32 -39.36
C ALA F 211 -6.65 20.34 -39.26
N GLY F 212 -6.03 20.49 -38.09
CA GLY F 212 -4.92 21.40 -37.90
C GLY F 212 -5.25 22.87 -37.84
N VAL F 213 -6.53 23.23 -37.76
CA VAL F 213 -6.99 24.61 -37.94
C VAL F 213 -7.53 25.11 -36.62
N GLY F 214 -7.32 26.40 -36.35
CA GLY F 214 -7.91 27.05 -35.19
C GLY F 214 -7.23 28.38 -34.91
N VAL F 215 -7.77 29.06 -33.89
CA VAL F 215 -7.14 30.27 -33.36
C VAL F 215 -7.24 30.11 -31.84
N PRO F 216 -6.15 30.34 -31.11
CA PRO F 216 -6.21 30.32 -29.63
C PRO F 216 -7.33 31.20 -29.11
N GLN F 217 -8.13 30.62 -28.20
CA GLN F 217 -9.49 31.14 -27.99
C GLN F 217 -9.49 32.57 -27.47
N LEU F 218 -8.52 32.91 -26.60
CA LEU F 218 -8.50 34.28 -26.08
C LEU F 218 -8.13 35.28 -27.16
N THR F 219 -7.16 34.93 -28.02
CA THR F 219 -6.82 35.78 -29.17
C THR F 219 -7.98 35.85 -30.15
N ALA F 220 -8.67 34.72 -30.36
CA ALA F 220 -9.78 34.70 -31.30
C ALA F 220 -10.87 35.68 -30.85
N VAL F 221 -11.17 35.69 -29.55
CA VAL F 221 -12.22 36.58 -29.06
C VAL F 221 -11.83 38.04 -29.27
N TYR F 222 -10.61 38.40 -28.91
CA TYR F 222 -10.20 39.80 -29.01
C TYR F 222 -10.19 40.26 -30.46
N ASP F 223 -9.65 39.43 -31.36
CA ASP F 223 -9.60 39.80 -32.76
C ASP F 223 -10.99 40.00 -33.32
N CYS F 224 -11.93 39.11 -32.97
CA CYS F 224 -13.30 39.25 -33.46
C CYS F 224 -14.01 40.40 -32.76
N ALA F 225 -13.81 40.55 -31.44
CA ALA F 225 -14.39 41.67 -30.72
C ALA F 225 -13.83 43.00 -31.22
N THR F 226 -12.56 43.01 -31.67
CA THR F 226 -12.01 44.23 -32.24
C THR F 226 -12.79 44.68 -33.47
N GLU F 227 -13.19 43.74 -34.32
CA GLU F 227 -13.97 44.08 -35.53
C GLU F 227 -15.42 44.38 -35.18
N ALA F 228 -16.02 43.53 -34.37
CA ALA F 228 -17.45 43.69 -34.05
C ALA F 228 -17.71 44.98 -33.28
N ARG F 229 -16.76 45.43 -32.46
CA ARG F 229 -16.99 46.64 -31.67
C ARG F 229 -17.32 47.83 -32.54
N LYS F 230 -16.72 47.94 -33.73
CA LYS F 230 -17.01 49.06 -34.61
C LYS F 230 -18.42 48.99 -35.19
N HIS F 231 -19.02 47.81 -35.24
CA HIS F 231 -20.41 47.70 -35.67
C HIS F 231 -21.35 47.68 -34.49
N GLY F 232 -20.84 47.78 -33.28
CA GLY F 232 -21.67 47.73 -32.09
C GLY F 232 -22.34 46.39 -31.95
N ILE F 233 -21.64 45.31 -32.28
CA ILE F 233 -22.21 43.97 -32.34
C ILE F 233 -21.50 43.11 -31.30
N PRO F 234 -22.23 42.38 -30.46
CA PRO F 234 -21.58 41.55 -29.44
C PRO F 234 -21.06 40.24 -30.01
N VAL F 235 -20.09 39.66 -29.32
CA VAL F 235 -19.54 38.39 -29.75
C VAL F 235 -19.74 37.39 -28.62
N ILE F 236 -20.01 36.13 -28.99
CA ILE F 236 -20.12 35.08 -27.98
C ILE F 236 -18.80 34.35 -27.93
N ALA F 237 -18.20 34.28 -26.73
CA ALA F 237 -16.99 33.49 -26.53
C ALA F 237 -17.43 32.05 -26.25
N ASP F 238 -17.23 31.17 -27.24
CA ASP F 238 -17.79 29.82 -27.20
C ASP F 238 -16.64 28.82 -27.15
N GLY F 239 -16.54 28.12 -26.01
CA GLY F 239 -15.70 26.96 -25.82
C GLY F 239 -14.39 27.26 -25.08
N GLY F 240 -13.86 26.20 -24.42
CA GLY F 240 -12.56 26.24 -23.77
C GLY F 240 -12.56 26.72 -22.33
N ILE F 241 -13.68 27.15 -21.79
CA ILE F 241 -13.74 27.59 -20.42
C ILE F 241 -13.84 26.37 -19.52
N LYS F 242 -12.81 26.16 -18.70
CA LYS F 242 -12.69 25.01 -17.81
C LYS F 242 -12.91 25.33 -16.33
N TYR F 243 -12.64 26.56 -15.91
CA TYR F 243 -12.86 27.03 -14.54
C TYR F 243 -13.58 28.38 -14.64
N SER F 244 -14.14 28.85 -13.53
CA SER F 244 -14.90 30.08 -13.65
C SER F 244 -14.01 31.27 -14.06
N GLY F 245 -12.73 31.24 -13.71
CA GLY F 245 -11.87 32.34 -14.07
C GLY F 245 -11.69 32.49 -15.55
N ASP F 246 -11.83 31.39 -16.30
CA ASP F 246 -11.73 31.47 -17.75
C ASP F 246 -12.85 32.31 -18.33
N MET F 247 -14.05 32.22 -17.76
CA MET F 247 -15.15 33.05 -18.21
C MET F 247 -14.85 34.52 -17.99
N VAL F 248 -14.22 34.85 -16.86
CA VAL F 248 -13.82 36.22 -16.58
C VAL F 248 -12.84 36.72 -17.64
N LYS F 249 -11.89 35.87 -18.04
CA LYS F 249 -10.94 36.29 -19.05
C LYS F 249 -11.62 36.55 -20.40
N ALA F 250 -12.55 35.67 -20.79
CA ALA F 250 -13.19 35.76 -22.10
C ALA F 250 -14.01 37.03 -22.22
N LEU F 251 -14.77 37.34 -21.19
CA LEU F 251 -15.52 38.58 -21.18
C LEU F 251 -14.57 39.75 -21.08
N ALA F 252 -13.49 39.59 -20.32
CA ALA F 252 -12.53 40.68 -20.21
C ALA F 252 -11.81 40.90 -21.52
N ALA F 253 -11.73 39.89 -22.39
CA ALA F 253 -11.10 40.09 -23.68
C ALA F 253 -12.04 40.70 -24.72
N GLY F 254 -13.31 40.91 -24.41
CA GLY F 254 -14.15 41.61 -25.36
C GLY F 254 -15.50 40.97 -25.61
N ALA F 255 -15.69 39.72 -25.21
CA ALA F 255 -16.97 39.07 -25.45
C ALA F 255 -18.04 39.62 -24.49
N HIS F 256 -19.26 39.70 -24.99
CA HIS F 256 -20.40 40.07 -24.17
C HIS F 256 -20.88 38.92 -23.31
N VAL F 257 -20.68 37.68 -23.76
CA VAL F 257 -21.30 36.50 -23.15
C VAL F 257 -20.45 35.30 -23.52
N VAL F 258 -20.48 34.28 -22.66
CA VAL F 258 -19.75 33.04 -22.88
C VAL F 258 -20.74 31.93 -23.09
N MET F 259 -20.32 30.93 -23.83
CA MET F 259 -21.12 29.72 -24.00
C MET F 259 -20.34 28.56 -23.41
N LEU F 260 -21.03 27.73 -22.62
CA LEU F 260 -20.41 26.63 -21.93
C LEU F 260 -21.10 25.32 -22.32
N GLY F 261 -20.29 24.28 -22.52
CA GLY F 261 -20.77 22.92 -22.70
C GLY F 261 -20.38 22.00 -21.56
N SER F 262 -19.08 21.77 -21.37
CA SER F 262 -18.66 20.80 -20.36
C SER F 262 -18.99 21.27 -18.95
N MET F 263 -18.95 22.59 -18.67
CA MET F 263 -19.26 23.06 -17.31
C MET F 263 -20.73 22.85 -16.93
N PHE F 264 -21.60 22.58 -17.92
CA PHE F 264 -23.01 22.35 -17.67
C PHE F 264 -23.44 20.91 -17.90
N ALA F 265 -22.64 20.14 -18.64
CA ALA F 265 -23.10 18.82 -19.06
C ALA F 265 -23.29 17.87 -17.89
N GLY F 266 -22.57 18.08 -16.79
CA GLY F 266 -22.74 17.14 -15.70
C GLY F 266 -23.90 17.48 -14.80
N VAL F 267 -24.61 18.55 -15.10
CA VAL F 267 -25.62 19.05 -14.19
C VAL F 267 -26.93 18.27 -14.34
N ALA F 268 -27.75 18.32 -13.28
CA ALA F 268 -28.96 17.49 -13.22
C ALA F 268 -29.92 17.75 -14.37
N GLU F 269 -30.07 19.02 -14.76
CA GLU F 269 -31.06 19.41 -15.75
C GLU F 269 -30.69 19.06 -17.19
N SER F 270 -29.43 18.75 -17.46
CA SER F 270 -28.99 18.42 -18.82
C SER F 270 -29.55 17.07 -19.26
N PRO F 271 -29.72 16.86 -20.57
CA PRO F 271 -30.27 15.59 -21.06
C PRO F 271 -29.33 14.46 -20.72
N GLY F 272 -29.91 13.31 -20.46
CA GLY F 272 -29.10 12.19 -20.04
C GLY F 272 -29.20 11.97 -18.54
N GLU F 273 -28.88 10.76 -18.12
CA GLU F 273 -28.90 10.47 -16.71
C GLU F 273 -27.55 9.91 -16.27
N THR F 274 -27.49 9.58 -14.99
CA THR F 274 -26.24 9.25 -14.33
C THR F 274 -25.83 7.80 -14.56
N GLU F 275 -24.55 7.62 -14.84
CA GLU F 275 -23.91 6.31 -14.78
C GLU F 275 -22.95 6.35 -13.60
N ILE F 276 -22.77 5.22 -12.94
CA ILE F 276 -21.87 5.17 -11.78
C ILE F 276 -20.66 4.35 -12.15
N TYR F 277 -19.48 4.94 -12.01
CA TYR F 277 -18.23 4.25 -12.28
C TYR F 277 -17.22 4.54 -11.18
N GLN F 278 -16.69 3.47 -10.60
CA GLN F 278 -15.68 3.53 -9.54
C GLN F 278 -16.16 4.37 -8.35
N GLY F 279 -17.45 4.30 -8.05
CA GLY F 279 -18.01 4.96 -6.91
C GLY F 279 -18.47 6.39 -7.12
N ARG F 280 -18.16 7.00 -8.25
CA ARG F 280 -18.60 8.36 -8.50
C ARG F 280 -19.63 8.39 -9.62
N GLN F 281 -20.37 9.49 -9.68
CA GLN F 281 -21.44 9.70 -10.64
C GLN F 281 -20.96 10.51 -11.84
N PHE F 282 -21.37 10.09 -13.04
CA PHE F 282 -20.96 10.75 -14.25
C PHE F 282 -22.14 10.91 -15.20
N LYS F 283 -21.96 11.82 -16.16
CA LYS F 283 -22.90 12.03 -17.26
C LYS F 283 -22.11 12.03 -18.57
N VAL F 284 -22.76 11.52 -19.61
CA VAL F 284 -22.14 11.44 -20.93
C VAL F 284 -21.95 12.85 -21.47
N TYR F 285 -20.76 13.12 -22.02
CA TYR F 285 -20.51 14.40 -22.70
C TYR F 285 -19.74 14.11 -23.97
N ARG F 286 -20.26 14.57 -25.09
CA ARG F 286 -19.69 14.23 -26.39
C ARG F 286 -19.80 15.42 -27.32
N GLY F 287 -18.85 15.51 -28.24
CA GLY F 287 -18.90 16.53 -29.26
C GLY F 287 -19.95 16.21 -30.29
N MET F 288 -20.52 17.28 -30.86
CA MET F 288 -21.52 17.10 -31.91
C MET F 288 -20.88 16.64 -33.22
N GLY F 289 -19.57 16.79 -33.33
CA GLY F 289 -18.85 16.23 -34.44
C GLY F 289 -18.25 14.86 -34.19
N SER F 290 -18.59 14.19 -33.08
CA SER F 290 -18.11 12.84 -32.82
C SER F 290 -18.95 11.83 -33.59
N VAL F 291 -18.47 10.58 -33.64
CA VAL F 291 -19.18 9.54 -34.40
C VAL F 291 -20.57 9.32 -33.81
N GLY F 292 -20.63 9.11 -32.49
CA GLY F 292 -21.89 8.76 -31.86
C GLY F 292 -22.95 9.84 -31.98
N ALA F 293 -22.51 11.11 -31.93
CA ALA F 293 -23.49 12.19 -32.03
C ALA F 293 -24.12 12.21 -33.42
N MET F 294 -23.34 11.81 -34.42
CA MET F 294 -23.70 11.81 -35.82
C MET F 294 -24.51 10.59 -36.23
N GLU F 295 -24.59 9.55 -35.39
CA GLU F 295 -25.37 8.35 -35.66
C GLU F 295 -26.87 8.62 -35.56
N LYS F 296 -27.26 9.74 -34.97
CA LYS F 296 -28.65 10.15 -34.89
C LYS F 296 -28.96 11.14 -36.01
N LYS F 309 -18.57 6.39 -43.22
CA LYS F 309 -17.39 7.05 -43.75
C LYS F 309 -17.23 8.45 -43.12
N LEU F 310 -17.64 8.59 -41.87
CA LEU F 310 -17.54 9.87 -41.18
C LEU F 310 -16.12 10.11 -40.71
N VAL F 311 -15.68 11.35 -40.82
CA VAL F 311 -14.40 11.76 -40.24
C VAL F 311 -14.72 12.78 -39.16
N PRO F 312 -14.70 12.37 -37.90
CA PRO F 312 -15.19 13.23 -36.83
C PRO F 312 -14.22 14.34 -36.47
N GLU F 313 -14.75 15.33 -35.78
CA GLU F 313 -13.92 16.41 -35.27
C GLU F 313 -14.16 16.62 -33.78
N GLY F 314 -14.59 15.58 -33.09
CA GLY F 314 -14.82 15.58 -31.66
C GLY F 314 -14.74 14.15 -31.16
N ILE F 315 -14.82 14.02 -29.85
CA ILE F 315 -14.73 12.77 -29.12
C ILE F 315 -15.88 12.61 -28.13
N GLU F 316 -16.02 11.39 -27.61
CA GLU F 316 -17.08 11.02 -26.69
C GLU F 316 -16.48 10.81 -25.30
N GLY F 317 -17.14 11.34 -24.29
CA GLY F 317 -16.61 11.21 -22.96
C GLY F 317 -17.67 11.32 -21.91
N ARG F 318 -17.21 11.54 -20.68
CA ARG F 318 -18.09 11.71 -19.55
C ARG F 318 -17.49 12.74 -18.60
N VAL F 319 -18.37 13.46 -17.91
CA VAL F 319 -17.97 14.42 -16.89
C VAL F 319 -18.65 14.08 -15.57
N PRO F 320 -18.04 14.49 -14.45
CA PRO F 320 -18.63 14.19 -13.15
C PRO F 320 -19.98 14.86 -13.01
N TYR F 321 -20.87 14.19 -12.28
CA TYR F 321 -22.19 14.72 -11.98
C TYR F 321 -22.10 15.88 -10.99
N LYS F 322 -22.85 16.95 -11.25
CA LYS F 322 -22.76 18.16 -10.44
C LYS F 322 -24.02 18.52 -9.65
N GLY F 323 -25.13 17.84 -9.84
CA GLY F 323 -26.30 18.19 -9.09
C GLY F 323 -27.03 19.32 -9.77
N PRO F 324 -27.77 20.12 -8.99
CA PRO F 324 -28.61 21.16 -9.60
C PRO F 324 -27.78 22.25 -10.27
N LEU F 325 -28.34 22.80 -11.35
CA LEU F 325 -27.66 23.84 -12.10
C LEU F 325 -27.39 25.05 -11.24
N ALA F 326 -28.31 25.38 -10.33
CA ALA F 326 -28.19 26.57 -9.50
C ALA F 326 -26.89 26.56 -8.69
N ASP F 327 -26.40 25.39 -8.30
CA ASP F 327 -25.13 25.36 -7.60
C ASP F 327 -23.98 25.76 -8.53
N THR F 328 -23.98 25.22 -9.76
CA THR F 328 -22.94 25.57 -10.73
C THR F 328 -23.02 27.03 -11.12
N VAL F 329 -24.22 27.53 -11.40
CA VAL F 329 -24.34 28.94 -11.76
C VAL F 329 -23.88 29.80 -10.59
N HIS F 330 -24.21 29.39 -9.38
CA HIS F 330 -23.83 30.20 -8.22
C HIS F 330 -22.30 30.30 -8.12
N GLN F 331 -21.60 29.20 -8.35
CA GLN F 331 -20.15 29.27 -8.32
C GLN F 331 -19.62 30.04 -9.53
N LEU F 332 -20.25 29.87 -10.70
CA LEU F 332 -19.78 30.58 -11.89
C LEU F 332 -19.95 32.08 -11.76
N VAL F 333 -21.16 32.53 -11.43
CA VAL F 333 -21.39 33.96 -11.27
C VAL F 333 -20.58 34.48 -10.10
N GLY F 334 -20.36 33.65 -9.07
CA GLY F 334 -19.53 34.07 -7.95
C GLY F 334 -18.10 34.36 -8.33
N GLY F 335 -17.50 33.53 -9.19
CA GLY F 335 -16.15 33.81 -9.63
C GLY F 335 -16.06 35.09 -10.44
N LEU F 336 -17.07 35.33 -11.29
CA LEU F 336 -17.10 36.55 -12.09
C LEU F 336 -17.19 37.79 -11.21
N ARG F 337 -18.04 37.74 -10.18
CA ARG F 337 -18.17 38.89 -9.30
C ARG F 337 -16.82 39.23 -8.64
N ALA F 338 -16.14 38.20 -8.13
CA ALA F 338 -14.84 38.41 -7.49
C ALA F 338 -13.85 39.01 -8.47
N GLY F 339 -13.83 38.51 -9.70
CA GLY F 339 -12.93 39.05 -10.71
C GLY F 339 -13.21 40.51 -10.99
N MET F 340 -14.48 40.85 -11.18
CA MET F 340 -14.83 42.25 -11.42
C MET F 340 -14.41 43.10 -10.24
N GLY F 341 -14.54 42.56 -9.02
CA GLY F 341 -14.05 43.28 -7.87
C GLY F 341 -12.55 43.54 -7.97
N TYR F 342 -11.79 42.49 -8.32
CA TYR F 342 -10.34 42.64 -8.47
C TYR F 342 -10.00 43.63 -9.57
N CYS F 343 -10.80 43.69 -10.62
CA CYS F 343 -10.51 44.63 -11.69
C CYS F 343 -11.17 45.99 -11.49
N GLY F 344 -11.92 46.17 -10.41
CA GLY F 344 -12.64 47.43 -10.23
C GLY F 344 -13.75 47.69 -11.24
N ALA F 345 -14.38 46.62 -11.74
CA ALA F 345 -15.41 46.70 -12.78
C ALA F 345 -16.80 46.64 -12.14
N GLN F 346 -17.48 47.78 -12.15
CA GLN F 346 -18.84 47.84 -11.63
C GLN F 346 -19.81 47.08 -12.53
N ASP F 347 -19.59 47.12 -13.84
CA ASP F 347 -20.41 46.38 -14.79
C ASP F 347 -19.51 45.75 -15.83
N LEU F 348 -20.12 44.92 -16.68
CA LEU F 348 -19.35 44.17 -17.69
C LEU F 348 -18.86 45.09 -18.82
N GLU F 349 -19.56 46.18 -19.10
CA GLU F 349 -19.04 47.08 -20.12
C GLU F 349 -17.68 47.64 -19.71
N PHE F 350 -17.54 48.04 -18.44
CA PHE F 350 -16.25 48.49 -17.93
C PHE F 350 -15.20 47.40 -18.07
N LEU F 351 -15.55 46.16 -17.70
CA LEU F 351 -14.60 45.07 -17.81
C LEU F 351 -14.19 44.84 -19.27
N ARG F 352 -15.14 44.99 -20.20
CA ARG F 352 -14.85 44.80 -21.61
C ARG F 352 -13.84 45.82 -22.12
N GLU F 353 -13.96 47.06 -21.68
CA GLU F 353 -13.17 48.13 -22.26
C GLU F 353 -11.87 48.45 -21.52
N ASN F 354 -11.78 48.11 -20.22
CA ASN F 354 -10.70 48.58 -19.37
C ASN F 354 -9.80 47.52 -18.79
N ALA F 355 -10.26 46.26 -18.68
CA ALA F 355 -9.46 45.23 -18.03
C ALA F 355 -8.16 44.97 -18.81
N GLN F 356 -7.06 44.74 -18.06
CA GLN F 356 -5.76 44.48 -18.64
C GLN F 356 -5.30 43.06 -18.29
N PHE F 357 -4.51 42.45 -19.16
CA PHE F 357 -3.93 41.14 -18.89
C PHE F 357 -2.43 41.29 -18.67
N ILE F 358 -1.82 40.23 -18.15
CA ILE F 358 -0.37 40.07 -18.16
C ILE F 358 -0.06 38.64 -18.58
N ARG F 359 0.92 38.48 -19.47
CA ARG F 359 1.21 37.15 -19.98
C ARG F 359 2.18 36.46 -19.02
N MET F 360 2.02 35.14 -18.89
CA MET F 360 2.83 34.33 -17.99
C MET F 360 3.16 33.02 -18.69
N SER F 361 4.16 32.32 -18.16
CA SER F 361 4.61 31.07 -18.74
C SER F 361 3.93 29.88 -18.08
N GLY F 362 4.33 28.69 -18.52
CA GLY F 362 3.84 27.46 -17.91
C GLY F 362 4.15 27.40 -16.42
N ALA F 363 5.34 27.90 -16.03
CA ALA F 363 5.66 28.01 -14.61
C ALA F 363 4.70 28.96 -13.90
N GLY F 364 4.28 30.03 -14.58
CA GLY F 364 3.24 30.89 -14.02
C GLY F 364 1.94 30.15 -13.81
N LEU F 365 1.58 29.28 -14.76
CA LEU F 365 0.37 28.48 -14.67
C LEU F 365 0.44 27.49 -13.50
N LEU F 366 1.59 26.85 -13.28
CA LEU F 366 1.70 25.95 -12.13
C LEU F 366 1.63 26.70 -10.80
N GLU F 367 2.15 27.92 -10.76
CA GLU F 367 2.03 28.73 -9.55
C GLU F 367 0.60 29.22 -9.33
N SER F 368 -0.15 29.46 -10.42
CA SER F 368 -1.50 29.99 -10.30
C SER F 368 -2.44 28.95 -9.71
N HIS F 369 -2.30 27.69 -10.12
CA HIS F 369 -3.08 26.65 -9.48
C HIS F 369 -2.53 26.36 -8.09
N PRO F 370 -3.32 25.74 -7.21
CA PRO F 370 -2.74 25.22 -5.97
C PRO F 370 -1.66 24.20 -6.28
N HIS F 371 -0.63 24.19 -5.44
CA HIS F 371 0.55 23.39 -5.70
C HIS F 371 1.22 23.02 -4.39
N HIS F 372 1.89 21.88 -4.40
CA HIS F 372 2.77 21.48 -3.30
C HIS F 372 2.01 21.32 -2.00
N VAL F 373 0.77 20.88 -2.08
CA VAL F 373 -0.05 20.54 -0.92
C VAL F 373 -1.03 19.46 -1.38
N GLN F 374 -1.17 18.41 -0.59
CA GLN F 374 -2.15 17.41 -0.98
C GLN F 374 -3.55 17.92 -0.67
N ILE F 375 -4.37 18.09 -1.72
CA ILE F 375 -5.73 18.55 -1.55
C ILE F 375 -6.55 17.44 -0.90
N THR F 376 -7.24 17.76 0.20
CA THR F 376 -8.06 16.82 0.97
C THR F 376 -9.53 16.81 0.56
N LYS F 377 -10.15 17.98 0.43
CA LYS F 377 -11.56 18.12 0.12
C LYS F 377 -11.71 18.76 -1.26
N GLU F 378 -12.75 18.37 -2.00
CA GLU F 378 -12.99 19.03 -3.27
C GLU F 378 -13.70 20.35 -3.02
N ALA F 379 -13.24 21.39 -3.70
CA ALA F 379 -13.91 22.66 -3.52
C ALA F 379 -15.11 22.76 -4.47
N PRO F 380 -16.14 23.56 -4.12
CA PRO F 380 -17.25 23.76 -5.08
C PRO F 380 -16.79 24.45 -6.36
N ASN F 381 -15.57 25.00 -6.32
CA ASN F 381 -14.98 25.85 -7.33
C ASN F 381 -13.90 25.17 -8.14
N TYR F 382 -13.36 24.06 -7.65
CA TYR F 382 -12.12 23.52 -8.21
C TYR F 382 -12.13 22.00 -8.11
N SER F 383 -12.10 21.32 -9.25
CA SER F 383 -12.15 19.88 -9.28
C SER F 383 -10.77 19.33 -9.60
N LEU F 384 -10.50 18.13 -9.05
CA LEU F 384 -9.18 17.47 -8.89
C LEU F 384 -8.56 17.88 -7.55
N SER G 22 22.77 49.88 -8.56
CA SER G 22 22.12 50.82 -7.64
C SER G 22 21.24 51.83 -8.37
N ASN G 23 21.18 51.71 -9.69
CA ASN G 23 20.31 52.53 -10.54
C ASN G 23 20.02 51.73 -11.80
N ALA G 24 21.05 51.59 -12.63
CA ALA G 24 20.90 50.84 -13.87
C ALA G 24 20.77 49.35 -13.61
N MET G 25 21.38 48.85 -12.52
CA MET G 25 21.28 47.43 -12.22
C MET G 25 19.86 47.05 -11.78
N TRP G 26 19.10 47.99 -11.23
CA TRP G 26 17.73 47.68 -10.85
C TRP G 26 16.88 47.36 -12.07
N GLU G 27 17.01 48.15 -13.13
CA GLU G 27 16.21 47.92 -14.32
C GLU G 27 16.80 46.82 -15.20
N SER G 28 17.98 46.33 -14.86
CA SER G 28 18.67 45.31 -15.64
C SER G 28 18.52 43.91 -15.06
N LYS G 29 17.75 43.76 -13.98
CA LYS G 29 17.73 42.49 -13.25
C LYS G 29 17.28 41.32 -14.12
N PHE G 30 16.22 41.51 -14.92
CA PHE G 30 15.61 40.40 -15.62
C PHE G 30 15.85 40.43 -17.12
N VAL G 31 16.95 41.05 -17.56
CA VAL G 31 17.18 41.21 -18.99
C VAL G 31 17.78 39.95 -19.60
N LYS G 32 18.70 39.28 -18.90
CA LYS G 32 19.45 38.19 -19.50
C LYS G 32 18.55 36.97 -19.71
N GLU G 33 18.91 36.17 -20.71
CA GLU G 33 18.17 34.99 -21.15
C GLU G 33 19.15 33.85 -21.36
N GLY G 34 18.75 32.65 -20.94
CA GLY G 34 19.63 31.51 -20.97
C GLY G 34 18.99 30.32 -21.65
N LEU G 35 19.84 29.55 -22.31
CA LEU G 35 19.44 28.37 -23.06
C LEU G 35 20.22 27.19 -22.52
N THR G 36 19.60 26.02 -22.51
CA THR G 36 20.28 24.79 -22.15
C THR G 36 20.13 23.75 -23.27
N PHE G 37 20.65 22.54 -22.99
CA PHE G 37 20.79 21.53 -24.04
C PHE G 37 19.47 21.23 -24.72
N ASP G 38 18.42 21.00 -23.93
CA ASP G 38 17.16 20.66 -24.53
C ASP G 38 16.48 21.84 -25.21
N ASP G 39 17.03 23.06 -25.13
CA ASP G 39 16.40 24.18 -25.82
C ASP G 39 16.78 24.29 -27.29
N VAL G 40 17.79 23.57 -27.75
CA VAL G 40 18.38 23.84 -29.05
C VAL G 40 18.68 22.56 -29.80
N LEU G 41 18.90 22.73 -31.11
CA LEU G 41 19.44 21.68 -31.96
C LEU G 41 20.59 22.26 -32.76
N LEU G 42 21.47 21.37 -33.22
CA LEU G 42 22.56 21.76 -34.11
C LEU G 42 22.07 21.73 -35.56
N VAL G 43 22.32 22.80 -36.30
CA VAL G 43 21.85 22.85 -37.67
C VAL G 43 22.84 22.06 -38.53
N PRO G 44 22.36 21.06 -39.26
CA PRO G 44 23.25 20.31 -40.15
C PRO G 44 23.81 21.22 -41.24
N ALA G 45 25.03 20.91 -41.66
CA ALA G 45 25.71 21.69 -42.68
C ALA G 45 26.45 20.72 -43.60
N LYS G 46 26.94 21.24 -44.74
CA LYS G 46 27.59 20.38 -45.73
C LYS G 46 28.82 19.68 -45.16
N SER G 47 28.91 18.37 -45.42
CA SER G 47 29.99 17.54 -44.92
C SER G 47 30.62 16.77 -46.07
N ASP G 48 31.95 16.79 -46.12
CA ASP G 48 32.74 15.92 -46.96
C ASP G 48 33.47 14.87 -46.13
N VAL G 49 33.11 14.75 -44.86
CA VAL G 49 33.85 13.99 -43.87
C VAL G 49 32.93 12.89 -43.34
N LEU G 50 33.48 11.66 -43.24
CA LEU G 50 32.70 10.56 -42.68
C LEU G 50 32.87 10.55 -41.17
N PRO G 51 31.83 10.15 -40.44
CA PRO G 51 31.96 10.06 -38.98
C PRO G 51 33.16 9.23 -38.56
N ARG G 52 33.44 8.14 -39.28
CA ARG G 52 34.60 7.32 -38.96
C ARG G 52 35.93 8.01 -39.26
N GLU G 53 35.97 9.16 -39.93
CA GLU G 53 37.25 9.80 -40.25
C GLU G 53 37.55 11.05 -39.43
N VAL G 54 36.57 11.60 -38.72
CA VAL G 54 36.84 12.84 -38.02
C VAL G 54 37.79 12.59 -36.85
N SER G 55 38.44 13.67 -36.42
CA SER G 55 39.33 13.65 -35.27
C SER G 55 38.61 14.17 -34.04
N VAL G 56 38.71 13.41 -32.94
CA VAL G 56 38.14 13.82 -31.66
C VAL G 56 39.23 14.21 -30.67
N LYS G 57 40.47 14.37 -31.14
CA LYS G 57 41.54 14.79 -30.25
C LYS G 57 41.42 16.26 -29.85
N THR G 58 41.92 16.56 -28.64
CA THR G 58 41.86 17.90 -28.09
C THR G 58 43.08 18.15 -27.21
N VAL G 59 43.54 19.40 -27.20
CA VAL G 59 44.71 19.79 -26.45
C VAL G 59 44.26 20.81 -25.40
N LEU G 60 44.32 20.41 -24.14
CA LEU G 60 44.03 21.30 -23.02
C LEU G 60 45.25 22.15 -22.65
N SER G 61 46.43 21.53 -22.61
CA SER G 61 47.67 22.26 -22.40
C SER G 61 48.77 21.51 -23.13
N GLU G 62 49.96 22.11 -23.15
CA GLU G 62 51.10 21.48 -23.83
C GLU G 62 51.41 20.11 -23.24
N SER G 63 51.15 19.91 -21.95
CA SER G 63 51.42 18.66 -21.26
C SER G 63 50.15 17.87 -21.01
N LEU G 64 49.05 18.22 -21.66
CA LEU G 64 47.77 17.58 -21.38
C LEU G 64 46.97 17.53 -22.68
N GLN G 65 47.02 16.39 -23.36
CA GLN G 65 46.38 16.20 -24.64
C GLN G 65 45.63 14.89 -24.56
N LEU G 66 44.36 14.92 -24.96
CA LEU G 66 43.47 13.78 -24.85
C LEU G 66 43.08 13.26 -26.22
N ASN G 67 43.03 11.93 -26.36
CA ASN G 67 42.58 11.31 -27.60
C ASN G 67 41.06 11.39 -27.74
N ILE G 68 40.34 11.53 -26.62
CA ILE G 68 38.89 11.75 -26.62
C ILE G 68 38.55 12.83 -25.60
N PRO G 69 37.52 13.64 -25.90
CA PRO G 69 37.20 14.79 -25.03
C PRO G 69 36.27 14.44 -23.87
N LEU G 70 36.65 13.45 -23.08
CA LEU G 70 35.82 12.98 -21.97
C LEU G 70 36.64 12.93 -20.70
N ILE G 71 36.10 13.49 -19.63
CA ILE G 71 36.70 13.48 -18.31
C ILE G 71 35.65 12.98 -17.32
N SER G 72 36.02 12.03 -16.47
CA SER G 72 35.14 11.49 -15.44
C SER G 72 35.27 12.33 -14.16
N ALA G 73 34.13 12.70 -13.60
CA ALA G 73 34.07 13.65 -12.50
C ALA G 73 34.78 13.14 -11.25
N GLY G 74 35.38 14.08 -10.52
CA GLY G 74 36.06 13.76 -9.28
C GLY G 74 35.08 13.63 -8.12
N MET G 75 34.27 12.58 -8.16
CA MET G 75 33.30 12.32 -7.12
C MET G 75 33.52 10.92 -6.58
N ASP G 76 33.12 10.72 -5.32
CA ASP G 76 33.42 9.44 -4.68
C ASP G 76 32.55 8.31 -5.17
N THR G 77 31.60 8.56 -6.07
CA THR G 77 30.85 7.48 -6.69
C THR G 77 31.21 7.33 -8.16
N VAL G 78 32.26 8.03 -8.62
CA VAL G 78 32.55 8.06 -10.05
C VAL G 78 33.98 7.68 -10.39
N THR G 79 34.96 8.38 -9.80
CA THR G 79 36.36 8.23 -10.22
C THR G 79 37.25 7.91 -9.03
N GLU G 80 37.82 6.72 -9.02
CA GLU G 80 39.01 6.40 -8.22
C GLU G 80 40.04 5.82 -9.20
N ALA G 81 41.03 5.10 -8.68
CA ALA G 81 42.14 4.65 -9.54
C ALA G 81 41.65 3.77 -10.68
N ASP G 82 40.81 2.78 -10.38
CA ASP G 82 40.34 1.87 -11.42
C ASP G 82 39.59 2.63 -12.50
N MET G 83 38.80 3.62 -12.11
CA MET G 83 38.12 4.43 -13.11
C MET G 83 39.14 5.25 -13.89
N ALA G 84 40.13 5.83 -13.20
CA ALA G 84 41.10 6.70 -13.84
C ALA G 84 41.96 5.96 -14.86
N ILE G 85 42.38 4.73 -14.53
CA ILE G 85 43.16 3.93 -15.48
C ILE G 85 42.33 3.61 -16.72
N ALA G 86 41.08 3.20 -16.52
CA ALA G 86 40.24 2.81 -17.64
C ALA G 86 39.92 3.99 -18.54
N MET G 87 39.71 5.18 -17.96
CA MET G 87 39.48 6.38 -18.75
C MET G 87 40.70 6.74 -19.58
N ALA G 88 41.88 6.78 -18.95
CA ALA G 88 43.09 7.18 -19.67
C ALA G 88 43.37 6.21 -20.80
N ARG G 89 43.16 4.92 -20.57
CA ARG G 89 43.34 3.91 -21.61
C ARG G 89 42.36 4.08 -22.76
N GLN G 90 41.21 4.71 -22.50
CA GLN G 90 40.32 5.06 -23.59
C GLN G 90 40.75 6.33 -24.32
N GLY G 91 41.78 7.01 -23.85
CA GLY G 91 42.17 8.29 -24.41
C GLY G 91 41.61 9.48 -23.67
N GLY G 92 40.92 9.26 -22.56
CA GLY G 92 40.36 10.32 -21.75
C GLY G 92 41.15 10.57 -20.48
N LEU G 93 40.46 11.09 -19.47
CA LEU G 93 41.12 11.47 -18.24
C LEU G 93 40.16 11.24 -17.09
N GLY G 94 40.71 10.82 -15.96
CA GLY G 94 39.93 10.66 -14.72
C GLY G 94 40.50 11.53 -13.62
N ILE G 95 39.61 12.18 -12.86
CA ILE G 95 39.99 13.07 -11.76
C ILE G 95 39.80 12.32 -10.45
N ILE G 96 40.89 12.06 -9.73
CA ILE G 96 40.78 11.40 -8.44
C ILE G 96 40.15 12.36 -7.44
N HIS G 97 39.05 11.91 -6.79
CA HIS G 97 38.27 12.70 -5.85
C HIS G 97 39.02 12.86 -4.51
N LYS G 98 38.50 13.71 -3.63
CA LYS G 98 39.20 14.11 -2.42
C LYS G 98 38.55 13.59 -1.13
N ASN G 99 37.62 12.65 -1.22
CA ASN G 99 37.01 12.04 -0.03
C ASN G 99 37.87 10.87 0.47
N MET G 100 39.13 11.19 0.72
CA MET G 100 40.11 10.22 1.16
C MET G 100 41.24 11.03 1.77
N SER G 101 42.19 10.34 2.39
CA SER G 101 43.31 11.08 2.97
C SER G 101 44.29 11.58 1.91
N ILE G 102 45.10 12.56 2.30
CA ILE G 102 46.11 13.07 1.39
C ILE G 102 46.96 11.91 0.87
N GLU G 103 47.46 11.05 1.78
CA GLU G 103 48.21 9.88 1.34
C GLU G 103 47.33 9.02 0.45
N GLN G 104 46.06 8.79 0.88
CA GLN G 104 45.21 7.85 0.13
C GLN G 104 45.05 8.34 -1.30
N GLN G 105 45.07 9.66 -1.53
CA GLN G 105 44.93 10.14 -2.91
C GLN G 105 46.24 9.98 -3.67
N ALA G 106 47.35 10.20 -2.97
CA ALA G 106 48.65 10.00 -3.57
C ALA G 106 48.89 8.53 -3.95
N GLU G 107 48.47 7.53 -3.15
CA GLU G 107 48.65 6.18 -3.72
C GLU G 107 47.75 5.96 -4.92
N GLN G 108 46.54 6.50 -4.89
CA GLN G 108 45.69 6.33 -6.06
C GLN G 108 46.33 6.96 -7.29
N VAL G 109 46.84 8.19 -7.18
CA VAL G 109 47.46 8.82 -8.34
C VAL G 109 48.69 8.03 -8.78
N ASP G 110 49.56 7.68 -7.83
CA ASP G 110 50.74 6.90 -8.17
C ASP G 110 50.37 5.59 -8.87
N LYS G 111 49.30 4.93 -8.42
CA LYS G 111 48.89 3.67 -9.04
C LYS G 111 48.55 3.87 -10.51
N VAL G 112 47.90 4.97 -10.86
CA VAL G 112 47.54 5.21 -12.26
C VAL G 112 48.77 5.51 -13.10
N LYS G 113 49.68 6.34 -12.59
CA LYS G 113 50.86 6.71 -13.37
C LYS G 113 51.76 5.51 -13.62
N ARG G 114 51.94 4.68 -12.61
CA ARG G 114 52.78 3.49 -12.72
C ARG G 114 52.12 2.39 -13.53
N SER G 115 50.92 2.62 -14.03
CA SER G 115 50.20 1.64 -14.82
C SER G 115 50.30 1.95 -16.31
N GLY G 116 51.49 2.37 -16.77
CA GLY G 116 51.72 2.64 -18.16
C GLY G 116 51.93 4.09 -18.54
N GLY G 117 52.32 4.96 -17.61
CA GLY G 117 52.49 6.36 -17.93
C GLY G 117 51.19 7.06 -18.31
N LEU G 118 50.10 6.72 -17.63
CA LEU G 118 48.79 7.24 -17.95
C LEU G 118 48.58 8.61 -17.32
N LEU G 119 47.76 9.44 -17.98
CA LEU G 119 47.39 10.73 -17.43
C LEU G 119 46.47 10.55 -16.23
N VAL G 120 46.57 11.46 -15.26
CA VAL G 120 45.72 11.36 -14.08
C VAL G 120 45.56 12.75 -13.48
N GLY G 121 44.35 13.03 -13.00
CA GLY G 121 44.08 14.26 -12.29
C GLY G 121 43.51 13.98 -10.93
N ALA G 122 43.53 14.98 -10.07
CA ALA G 122 43.06 14.81 -8.71
C ALA G 122 42.42 16.10 -8.27
N ALA G 123 41.31 15.99 -7.55
CA ALA G 123 40.59 17.16 -7.06
C ALA G 123 41.22 17.69 -5.78
N VAL G 124 41.25 19.02 -5.65
CA VAL G 124 41.73 19.71 -4.44
C VAL G 124 40.72 20.78 -4.09
N GLY G 125 40.46 20.92 -2.78
CA GLY G 125 39.61 21.97 -2.27
C GLY G 125 40.41 23.17 -1.82
N VAL G 126 39.71 24.26 -1.54
CA VAL G 126 40.33 25.48 -1.03
C VAL G 126 40.27 25.36 0.49
N THR G 127 41.31 24.77 1.07
CA THR G 127 41.34 24.45 2.49
C THR G 127 42.69 24.83 3.06
N ALA G 128 42.83 24.64 4.38
CA ALA G 128 44.11 24.88 5.03
C ALA G 128 45.19 23.94 4.50
N ASP G 129 44.88 22.66 4.38
CA ASP G 129 45.83 21.68 3.88
C ASP G 129 45.82 21.55 2.36
N ALA G 130 45.33 22.56 1.63
CA ALA G 130 45.28 22.46 0.16
C ALA G 130 46.67 22.31 -0.45
N MET G 131 47.61 23.16 -0.04
CA MET G 131 48.97 23.07 -0.57
C MET G 131 49.65 21.78 -0.12
N THR G 132 49.36 21.32 1.11
CA THR G 132 49.91 20.05 1.57
C THR G 132 49.44 18.90 0.69
N ARG G 133 48.13 18.84 0.42
CA ARG G 133 47.61 17.78 -0.44
C ARG G 133 48.20 17.88 -1.84
N ILE G 134 48.30 19.11 -2.38
CA ILE G 134 48.91 19.27 -3.69
C ILE G 134 50.37 18.84 -3.65
N ASP G 135 51.07 19.14 -2.54
CA ASP G 135 52.47 18.73 -2.44
C ASP G 135 52.61 17.23 -2.61
N ALA G 136 51.75 16.46 -1.95
CA ALA G 136 51.82 15.02 -2.14
C ALA G 136 51.38 14.62 -3.55
N LEU G 137 50.43 15.34 -4.13
CA LEU G 137 49.96 14.98 -5.46
C LEU G 137 51.02 15.23 -6.52
N VAL G 138 51.79 16.31 -6.39
CA VAL G 138 52.85 16.53 -7.38
C VAL G 138 53.92 15.46 -7.21
N LYS G 139 54.20 15.05 -5.97
CA LYS G 139 55.20 14.00 -5.75
C LYS G 139 54.77 12.66 -6.34
N ALA G 140 53.48 12.37 -6.35
CA ALA G 140 53.02 11.12 -6.96
C ALA G 140 52.83 11.24 -8.47
N SER G 141 53.26 12.35 -9.06
CA SER G 141 53.28 12.57 -10.52
C SER G 141 51.89 12.79 -11.12
N VAL G 142 51.04 13.56 -10.43
CA VAL G 142 49.78 13.95 -11.01
C VAL G 142 50.03 14.86 -12.20
N ASP G 143 49.15 14.80 -13.20
CA ASP G 143 49.26 15.65 -14.38
C ASP G 143 48.46 16.95 -14.25
N ALA G 144 47.40 16.96 -13.43
CA ALA G 144 46.62 18.17 -13.23
C ALA G 144 45.86 18.07 -11.91
N ILE G 145 45.80 19.18 -11.19
CA ILE G 145 44.95 19.28 -10.02
C ILE G 145 43.69 20.04 -10.41
N VAL G 146 42.57 19.63 -9.86
CA VAL G 146 41.29 20.27 -10.11
C VAL G 146 40.95 21.01 -8.83
N LEU G 147 41.08 22.33 -8.86
CA LEU G 147 40.57 23.17 -7.78
C LEU G 147 39.06 23.25 -7.94
N ASP G 148 38.36 22.30 -7.31
CA ASP G 148 36.95 22.08 -7.55
C ASP G 148 36.21 22.69 -6.36
N THR G 149 35.41 23.73 -6.63
CA THR G 149 34.67 24.42 -5.58
C THR G 149 33.29 24.77 -6.08
N ALA G 150 32.39 25.04 -5.12
CA ALA G 150 31.01 25.37 -5.49
C ALA G 150 30.95 26.71 -6.22
N HIS G 151 31.73 27.68 -5.76
CA HIS G 151 31.74 29.04 -6.32
C HIS G 151 33.18 29.42 -6.62
N GLY G 152 33.61 29.14 -7.84
CA GLY G 152 34.95 29.53 -8.27
C GLY G 152 35.16 31.02 -8.36
N HIS G 153 34.07 31.81 -8.46
CA HIS G 153 34.24 33.26 -8.57
C HIS G 153 34.37 33.87 -7.19
N SER G 154 35.23 33.28 -6.37
CA SER G 154 35.42 33.73 -5.01
C SER G 154 36.90 33.97 -4.74
N GLN G 155 37.16 34.89 -3.82
CA GLN G 155 38.54 35.30 -3.54
C GLN G 155 39.37 34.12 -3.06
N GLY G 156 38.76 33.22 -2.27
CA GLY G 156 39.49 32.06 -1.78
C GLY G 156 40.04 31.20 -2.91
N VAL G 157 39.21 30.96 -3.92
CA VAL G 157 39.68 30.18 -5.07
C VAL G 157 40.78 30.93 -5.81
N ILE G 158 40.57 32.20 -6.13
CA ILE G 158 41.57 32.97 -6.86
C ILE G 158 42.90 32.98 -6.10
N ASP G 159 42.86 33.30 -4.80
CA ASP G 159 44.10 33.33 -4.02
C ASP G 159 44.78 31.98 -4.05
N LYS G 160 44.00 30.90 -3.95
CA LYS G 160 44.61 29.58 -3.95
C LYS G 160 45.19 29.26 -5.33
N VAL G 161 44.53 29.70 -6.39
CA VAL G 161 45.12 29.54 -7.72
C VAL G 161 46.46 30.27 -7.78
N LYS G 162 46.52 31.52 -7.31
CA LYS G 162 47.81 32.22 -7.35
C LYS G 162 48.89 31.52 -6.52
N GLU G 163 48.57 31.08 -5.29
CA GLU G 163 49.63 30.48 -4.49
C GLU G 163 50.10 29.15 -5.07
N VAL G 164 49.20 28.41 -5.72
CA VAL G 164 49.64 27.18 -6.36
C VAL G 164 50.45 27.47 -7.62
N ARG G 165 50.06 28.48 -8.39
CA ARG G 165 50.83 28.81 -9.59
C ARG G 165 52.24 29.31 -9.25
N ALA G 166 52.39 30.04 -8.15
CA ALA G 166 53.70 30.53 -7.76
C ALA G 166 54.63 29.39 -7.37
N LYS G 167 54.10 28.38 -6.66
CA LYS G 167 54.95 27.28 -6.22
C LYS G 167 55.21 26.28 -7.34
N TYR G 168 54.23 26.08 -8.22
CA TYR G 168 54.29 25.08 -9.30
C TYR G 168 53.99 25.77 -10.63
N PRO G 169 55.00 26.41 -11.24
CA PRO G 169 54.72 27.19 -12.46
C PRO G 169 54.33 26.36 -13.67
N SER G 170 54.68 25.08 -13.70
CA SER G 170 54.42 24.24 -14.87
C SER G 170 53.33 23.21 -14.60
N LEU G 171 52.63 23.33 -13.49
CA LEU G 171 51.57 22.40 -13.13
C LEU G 171 50.28 22.82 -13.84
N ASN G 172 49.61 21.84 -14.46
CA ASN G 172 48.31 22.07 -15.06
C ASN G 172 47.31 22.36 -13.96
N ILE G 173 46.68 23.52 -14.03
CA ILE G 173 45.71 23.94 -13.01
C ILE G 173 44.35 24.12 -13.66
N ILE G 174 43.40 23.27 -13.26
CA ILE G 174 41.99 23.41 -13.63
C ILE G 174 41.26 23.94 -12.42
N ALA G 175 40.65 25.14 -12.55
CA ALA G 175 39.95 25.82 -11.46
C ALA G 175 38.49 25.99 -11.84
N GLY G 176 37.60 25.80 -10.87
CA GLY G 176 36.17 25.93 -11.09
C GLY G 176 35.41 25.79 -9.79
N ASN G 177 34.07 25.84 -9.88
CA ASN G 177 33.30 26.00 -11.10
C ASN G 177 32.81 27.44 -11.25
N VAL G 178 32.64 27.89 -12.50
CA VAL G 178 32.13 29.22 -12.81
C VAL G 178 31.12 29.12 -13.95
N ALA G 179 30.45 30.25 -14.22
CA ALA G 179 29.40 30.29 -15.23
C ALA G 179 29.29 31.65 -15.91
N THR G 180 30.19 32.57 -15.64
CA THR G 180 30.14 33.89 -16.23
C THR G 180 31.47 34.18 -16.90
N ALA G 181 31.44 35.08 -17.88
CA ALA G 181 32.68 35.48 -18.55
C ALA G 181 33.60 36.21 -17.58
N GLU G 182 33.07 37.07 -16.72
CA GLU G 182 33.93 37.73 -15.75
C GLU G 182 34.61 36.73 -14.81
N ALA G 183 33.88 35.71 -14.35
CA ALA G 183 34.53 34.72 -13.49
C ALA G 183 35.63 33.98 -14.23
N THR G 184 35.42 33.71 -15.53
CA THR G 184 36.43 33.07 -16.39
C THR G 184 37.70 33.92 -16.48
N LYS G 185 37.54 35.20 -16.77
CA LYS G 185 38.68 36.11 -16.84
C LYS G 185 39.46 36.12 -15.53
N ALA G 186 38.75 36.08 -14.39
CA ALA G 186 39.41 36.10 -13.08
C ALA G 186 40.27 34.86 -12.86
N LEU G 187 39.75 33.68 -13.20
CA LEU G 187 40.56 32.46 -13.02
C LEU G 187 41.75 32.41 -13.98
N ILE G 188 41.57 32.90 -15.21
CA ILE G 188 42.69 32.92 -16.16
C ILE G 188 43.77 33.88 -15.67
N GLU G 189 43.36 35.06 -15.21
CA GLU G 189 44.35 35.98 -14.63
C GLU G 189 44.90 35.50 -13.29
N ALA G 190 44.20 34.62 -12.59
CA ALA G 190 44.76 34.05 -11.37
C ALA G 190 45.82 32.98 -11.63
N GLY G 191 45.81 32.33 -12.80
CA GLY G 191 46.85 31.37 -13.13
C GLY G 191 46.37 30.02 -13.65
N ALA G 192 45.07 29.86 -13.87
CA ALA G 192 44.51 28.59 -14.34
C ALA G 192 44.72 28.40 -15.84
N ASN G 193 45.03 27.16 -16.24
CA ASN G 193 45.17 26.82 -17.65
C ASN G 193 43.89 26.26 -18.26
N VAL G 194 42.96 25.81 -17.43
CA VAL G 194 41.69 25.28 -17.89
C VAL G 194 40.62 25.76 -16.92
N VAL G 195 39.47 26.16 -17.45
CA VAL G 195 38.38 26.68 -16.64
C VAL G 195 37.25 25.67 -16.65
N LYS G 196 36.66 25.40 -15.49
CA LYS G 196 35.58 24.42 -15.41
C LYS G 196 34.25 25.13 -15.24
N VAL G 197 33.31 24.86 -16.15
CA VAL G 197 32.07 25.61 -16.29
C VAL G 197 30.89 24.72 -15.93
N GLY G 198 29.99 25.28 -15.13
CA GLY G 198 28.77 24.59 -14.81
C GLY G 198 28.39 24.86 -13.38
N ILE G 199 27.39 25.70 -13.16
CA ILE G 199 26.89 25.99 -11.84
C ILE G 199 25.44 25.53 -11.81
N GLY G 200 25.20 24.35 -11.23
CA GLY G 200 23.84 23.87 -11.06
C GLY G 200 23.25 22.86 -12.06
N PRO G 201 23.94 22.50 -13.14
CA PRO G 201 23.28 21.60 -14.11
C PRO G 201 23.34 20.12 -13.73
N GLY G 202 24.13 19.76 -12.73
CA GLY G 202 24.40 18.35 -12.45
C GLY G 202 23.14 17.55 -12.21
N SER G 203 23.18 16.29 -12.66
CA SER G 203 22.05 15.38 -12.49
C SER G 203 21.69 15.19 -11.03
N ILE G 204 22.67 15.28 -10.13
CA ILE G 204 22.41 15.06 -8.71
C ILE G 204 22.34 16.36 -7.92
N CYS G 205 22.31 17.49 -8.59
CA CYS G 205 22.54 18.80 -7.98
C CYS G 205 21.25 19.56 -7.65
N THR G 206 21.22 20.22 -6.49
CA THR G 206 20.09 21.04 -6.07
C THR G 206 20.45 22.50 -5.82
N THR G 207 21.66 22.92 -6.18
CA THR G 207 22.09 24.29 -5.93
C THR G 207 21.06 25.31 -6.42
N ARG G 208 20.58 25.13 -7.65
CA ARG G 208 19.62 26.09 -8.20
C ARG G 208 18.29 26.08 -7.45
N VAL G 209 17.98 25.00 -6.74
CA VAL G 209 16.75 24.90 -5.96
C VAL G 209 16.95 25.46 -4.54
N VAL G 210 18.05 25.16 -3.87
CA VAL G 210 18.16 25.61 -2.50
C VAL G 210 18.79 27.00 -2.41
N ALA G 211 19.67 27.36 -3.35
CA ALA G 211 20.31 28.66 -3.34
C ALA G 211 19.77 29.63 -4.39
N GLY G 212 18.99 29.12 -5.35
CA GLY G 212 18.39 29.95 -6.39
C GLY G 212 19.35 30.42 -7.44
N VAL G 213 20.57 29.88 -7.45
CA VAL G 213 21.68 30.45 -8.20
C VAL G 213 22.11 29.50 -9.28
N GLY G 214 22.32 30.03 -10.48
CA GLY G 214 22.85 29.25 -11.57
C GLY G 214 22.66 29.94 -12.89
N VAL G 215 23.21 29.32 -13.93
CA VAL G 215 23.07 29.79 -15.31
C VAL G 215 22.82 28.59 -16.22
N PRO G 216 21.82 28.64 -17.10
CA PRO G 216 21.61 27.52 -18.05
C PRO G 216 22.91 27.15 -18.74
N GLN G 217 23.21 25.83 -18.72
CA GLN G 217 24.57 25.34 -18.93
C GLN G 217 25.11 25.65 -20.32
N LEU G 218 24.25 25.57 -21.34
CA LEU G 218 24.70 25.86 -22.70
C LEU G 218 25.11 27.31 -22.85
N THR G 219 24.32 28.22 -22.25
CA THR G 219 24.70 29.62 -22.20
C THR G 219 25.94 29.84 -21.32
N ALA G 220 26.09 29.08 -20.24
CA ALA G 220 27.27 29.24 -19.41
C ALA G 220 28.53 28.85 -20.17
N VAL G 221 28.47 27.74 -20.92
CA VAL G 221 29.62 27.30 -21.68
C VAL G 221 29.98 28.37 -22.71
N TYR G 222 28.97 28.88 -23.40
CA TYR G 222 29.19 29.84 -24.46
C TYR G 222 29.74 31.15 -23.90
N ASP G 223 29.14 31.65 -22.83
CA ASP G 223 29.64 32.89 -22.23
C ASP G 223 31.07 32.73 -21.72
N CYS G 224 31.36 31.61 -21.05
CA CYS G 224 32.71 31.43 -20.52
C CYS G 224 33.71 31.14 -21.63
N ALA G 225 33.33 30.33 -22.62
CA ALA G 225 34.23 30.07 -23.74
C ALA G 225 34.50 31.33 -24.55
N THR G 226 33.51 32.22 -24.66
CA THR G 226 33.72 33.48 -25.35
C THR G 226 34.84 34.27 -24.68
N GLU G 227 34.88 34.26 -23.34
CA GLU G 227 35.95 34.96 -22.66
C GLU G 227 37.26 34.18 -22.73
N ALA G 228 37.22 32.87 -22.51
CA ALA G 228 38.44 32.07 -22.45
C ALA G 228 39.16 32.01 -23.80
N ARG G 229 38.39 31.99 -24.90
CA ARG G 229 39.02 31.91 -26.22
C ARG G 229 39.87 33.15 -26.49
N LYS G 230 39.53 34.29 -25.87
CA LYS G 230 40.33 35.50 -26.04
C LYS G 230 41.72 35.38 -25.43
N HIS G 231 41.93 34.50 -24.45
CA HIS G 231 43.25 34.29 -23.90
C HIS G 231 43.88 33.01 -24.43
N GLY G 232 43.15 32.26 -25.23
CA GLY G 232 43.58 30.94 -25.67
C GLY G 232 43.53 29.88 -24.58
N ILE G 233 42.51 29.89 -23.74
CA ILE G 233 42.40 28.99 -22.59
C ILE G 233 41.19 28.09 -22.81
N PRO G 234 41.30 26.78 -22.63
CA PRO G 234 40.14 25.90 -22.80
C PRO G 234 39.23 25.87 -21.59
N VAL G 235 37.97 25.47 -21.85
CA VAL G 235 36.98 25.35 -20.79
C VAL G 235 36.42 23.93 -20.81
N ILE G 236 36.07 23.44 -19.63
CA ILE G 236 35.44 22.15 -19.49
C ILE G 236 33.96 22.39 -19.26
N ALA G 237 33.12 21.74 -20.06
CA ALA G 237 31.67 21.77 -19.86
C ALA G 237 31.34 20.68 -18.85
N ASP G 238 30.99 21.08 -17.61
CA ASP G 238 30.89 20.14 -16.50
C ASP G 238 29.46 20.08 -15.97
N GLY G 239 28.81 18.93 -16.17
CA GLY G 239 27.54 18.58 -15.59
C GLY G 239 26.37 18.76 -16.56
N GLY G 240 25.28 18.04 -16.28
CA GLY G 240 24.05 18.24 -17.01
C GLY G 240 23.93 17.48 -18.31
N ILE G 241 24.96 16.73 -18.71
CA ILE G 241 24.92 15.98 -19.96
C ILE G 241 24.16 14.68 -19.72
N LYS G 242 23.02 14.53 -20.41
CA LYS G 242 22.15 13.40 -20.24
C LYS G 242 22.31 12.35 -21.32
N TYR G 243 22.61 12.77 -22.54
CA TYR G 243 22.81 11.86 -23.67
C TYR G 243 24.04 12.34 -24.42
N SER G 244 24.46 11.51 -25.37
CA SER G 244 25.65 11.81 -26.17
C SER G 244 25.50 13.07 -27.02
N GLY G 245 24.26 13.41 -27.41
CA GLY G 245 24.04 14.63 -28.18
C GLY G 245 24.30 15.90 -27.39
N ASP G 246 24.13 15.86 -26.08
CA ASP G 246 24.39 17.04 -25.26
C ASP G 246 25.87 17.41 -25.26
N MET G 247 26.74 16.39 -25.31
CA MET G 247 28.17 16.59 -25.40
C MET G 247 28.54 17.29 -26.70
N VAL G 248 27.88 16.92 -27.81
CA VAL G 248 28.15 17.61 -29.06
C VAL G 248 27.78 19.07 -28.95
N LYS G 249 26.63 19.36 -28.35
CA LYS G 249 26.18 20.74 -28.15
C LYS G 249 27.14 21.49 -27.25
N ALA G 250 27.65 20.83 -26.21
CA ALA G 250 28.64 21.47 -25.34
C ALA G 250 29.92 21.79 -26.11
N LEU G 251 30.42 20.85 -26.92
CA LEU G 251 31.63 21.15 -27.69
C LEU G 251 31.36 22.22 -28.72
N ALA G 252 30.17 22.20 -29.34
CA ALA G 252 29.82 23.23 -30.30
C ALA G 252 29.63 24.60 -29.65
N ALA G 253 29.31 24.63 -28.37
CA ALA G 253 29.14 25.91 -27.70
C ALA G 253 30.47 26.50 -27.25
N GLY G 254 31.57 25.77 -27.42
CA GLY G 254 32.86 26.36 -27.18
C GLY G 254 33.75 25.57 -26.27
N ALA G 255 33.20 24.58 -25.55
CA ALA G 255 34.02 23.80 -24.63
C ALA G 255 34.91 22.84 -25.41
N HIS G 256 36.16 22.70 -24.95
CA HIS G 256 37.12 21.75 -25.51
C HIS G 256 36.81 20.33 -25.07
N VAL G 257 36.19 20.16 -23.91
CA VAL G 257 36.06 18.85 -23.31
C VAL G 257 34.84 18.89 -22.39
N VAL G 258 34.25 17.72 -22.15
CA VAL G 258 33.11 17.63 -21.27
C VAL G 258 33.44 16.73 -20.07
N MET G 259 32.84 17.04 -18.94
CA MET G 259 33.01 16.24 -17.74
C MET G 259 31.69 15.60 -17.37
N LEU G 260 31.73 14.30 -17.12
CA LEU G 260 30.53 13.52 -16.93
C LEU G 260 30.52 12.87 -15.56
N GLY G 261 29.35 12.92 -14.91
CA GLY G 261 29.14 12.24 -13.65
C GLY G 261 28.18 11.09 -13.73
N SER G 262 26.91 11.36 -14.04
CA SER G 262 25.90 10.31 -13.99
C SER G 262 26.11 9.25 -15.08
N MET G 263 26.55 9.69 -16.27
CA MET G 263 26.78 8.81 -17.42
C MET G 263 27.94 7.85 -17.22
N PHE G 264 28.79 8.08 -16.21
CA PHE G 264 29.88 7.19 -15.87
C PHE G 264 29.65 6.39 -14.61
N ALA G 265 28.71 6.80 -13.76
CA ALA G 265 28.55 6.18 -12.43
C ALA G 265 28.11 4.73 -12.50
N GLY G 266 27.49 4.32 -13.60
CA GLY G 266 27.02 2.95 -13.72
C GLY G 266 28.00 1.96 -14.30
N VAL G 267 29.23 2.41 -14.61
CA VAL G 267 30.20 1.51 -15.23
C VAL G 267 30.92 0.71 -14.15
N ALA G 268 31.47 -0.44 -14.58
CA ALA G 268 32.11 -1.36 -13.64
C ALA G 268 33.27 -0.71 -12.92
N GLU G 269 34.10 0.05 -13.64
CA GLU G 269 35.34 0.56 -13.07
C GLU G 269 35.12 1.67 -12.06
N SER G 270 33.95 2.28 -12.05
CA SER G 270 33.69 3.31 -11.06
C SER G 270 33.65 2.68 -9.67
N PRO G 271 33.98 3.44 -8.64
CA PRO G 271 33.99 2.87 -7.29
C PRO G 271 32.59 2.45 -6.86
N GLY G 272 32.54 1.40 -6.07
CA GLY G 272 31.27 0.87 -5.63
C GLY G 272 30.94 -0.46 -6.29
N GLU G 273 30.00 -1.17 -5.65
CA GLU G 273 29.51 -2.46 -6.12
C GLU G 273 28.13 -2.31 -6.73
N THR G 274 27.63 -3.44 -7.25
CA THR G 274 26.33 -3.51 -7.91
C THR G 274 25.28 -3.89 -6.87
N GLU G 275 24.18 -3.13 -6.87
CA GLU G 275 23.00 -3.42 -6.06
C GLU G 275 21.80 -3.66 -6.97
N ILE G 276 20.85 -4.45 -6.47
CA ILE G 276 19.67 -4.84 -7.25
C ILE G 276 18.44 -4.07 -6.77
N TYR G 277 17.80 -3.42 -7.73
CA TYR G 277 16.58 -2.70 -7.49
C TYR G 277 15.74 -2.85 -8.74
N GLN G 278 14.43 -2.87 -8.60
CA GLN G 278 13.51 -3.02 -9.73
C GLN G 278 13.83 -4.24 -10.59
N GLY G 279 14.52 -5.23 -10.05
CA GLY G 279 14.84 -6.40 -10.83
C GLY G 279 16.05 -6.23 -11.73
N ARG G 280 16.89 -5.22 -11.45
CA ARG G 280 18.02 -4.87 -12.30
C ARG G 280 19.18 -4.44 -11.42
N GLN G 281 20.37 -4.35 -12.03
CA GLN G 281 21.56 -3.97 -11.30
C GLN G 281 21.72 -2.46 -11.31
N PHE G 282 22.08 -1.89 -10.16
CA PHE G 282 22.29 -0.47 -9.98
C PHE G 282 23.55 -0.22 -9.14
N LYS G 283 24.02 1.02 -9.19
CA LYS G 283 25.17 1.49 -8.43
C LYS G 283 24.81 2.83 -7.82
N VAL G 284 25.41 3.12 -6.66
CA VAL G 284 25.18 4.38 -5.96
C VAL G 284 25.73 5.56 -6.77
N TYR G 285 24.96 6.63 -6.83
CA TYR G 285 25.44 7.88 -7.42
C TYR G 285 24.94 9.04 -6.57
N ARG G 286 25.86 9.86 -6.10
CA ARG G 286 25.45 10.93 -5.21
C ARG G 286 26.30 12.17 -5.45
N GLY G 287 25.70 13.33 -5.27
CA GLY G 287 26.45 14.55 -5.34
C GLY G 287 27.37 14.66 -4.14
N MET G 288 28.47 15.38 -4.31
CA MET G 288 29.45 15.58 -3.27
C MET G 288 28.93 16.47 -2.15
N GLY G 289 27.93 17.29 -2.45
CA GLY G 289 27.32 18.16 -1.48
C GLY G 289 26.10 17.56 -0.82
N SER G 290 25.84 16.27 -1.02
CA SER G 290 24.72 15.61 -0.39
C SER G 290 25.09 15.26 1.05
N VAL G 291 24.06 14.87 1.83
CA VAL G 291 24.29 14.51 3.22
C VAL G 291 25.32 13.38 3.32
N GLY G 292 25.09 12.29 2.58
CA GLY G 292 25.93 11.11 2.70
C GLY G 292 27.37 11.34 2.29
N ALA G 293 27.59 12.15 1.26
CA ALA G 293 28.94 12.42 0.77
C ALA G 293 29.74 13.28 1.75
N MET G 294 29.04 14.12 2.52
CA MET G 294 29.62 15.05 3.47
C MET G 294 29.98 14.41 4.80
N GLU G 295 29.46 13.21 5.09
CA GLU G 295 29.75 12.54 6.34
C GLU G 295 30.80 11.44 6.18
N LYS G 309 23.70 19.62 11.58
CA LYS G 309 22.80 19.88 10.47
C LYS G 309 23.43 20.89 9.49
N LEU G 310 23.35 20.61 8.20
CA LEU G 310 23.83 21.53 7.18
C LEU G 310 22.82 21.54 6.03
N VAL G 311 22.95 22.57 5.19
CA VAL G 311 22.17 22.70 3.97
C VAL G 311 22.95 22.02 2.83
N PRO G 312 22.52 20.86 2.38
CA PRO G 312 23.19 20.17 1.26
C PRO G 312 22.84 20.85 -0.06
N GLU G 313 23.62 20.54 -1.10
CA GLU G 313 23.34 21.03 -2.46
C GLU G 313 23.39 19.92 -3.49
N GLY G 314 23.08 18.70 -3.06
CA GLY G 314 23.00 17.55 -3.92
C GLY G 314 22.15 16.51 -3.23
N ILE G 315 21.85 15.44 -3.95
CA ILE G 315 21.04 14.36 -3.44
C ILE G 315 21.79 13.05 -3.59
N GLU G 316 21.23 12.01 -3.01
CA GLU G 316 21.76 10.66 -3.11
C GLU G 316 20.80 9.84 -3.92
N GLY G 317 21.36 9.05 -4.83
CA GLY G 317 20.55 8.27 -5.73
C GLY G 317 21.25 7.05 -6.26
N ARG G 318 20.70 6.53 -7.34
CA ARG G 318 21.27 5.36 -7.96
C ARG G 318 21.06 5.50 -9.46
N VAL G 319 22.02 5.00 -10.23
CA VAL G 319 21.89 5.03 -11.69
C VAL G 319 22.07 3.60 -12.18
N PRO G 320 21.52 3.26 -13.34
CA PRO G 320 21.57 1.87 -13.82
C PRO G 320 22.98 1.38 -14.11
N TYR G 321 23.18 0.07 -13.88
CA TYR G 321 24.45 -0.57 -14.20
C TYR G 321 24.59 -0.75 -15.70
N LYS G 322 25.74 -0.37 -16.25
CA LYS G 322 26.01 -0.33 -17.68
C LYS G 322 27.13 -1.24 -18.13
N GLY G 323 27.87 -1.86 -17.20
CA GLY G 323 28.97 -2.72 -17.57
C GLY G 323 30.27 -1.96 -17.73
N PRO G 324 31.20 -2.50 -18.52
CA PRO G 324 32.53 -1.90 -18.62
C PRO G 324 32.49 -0.54 -19.29
N LEU G 325 33.41 0.33 -18.86
CA LEU G 325 33.49 1.67 -19.40
C LEU G 325 33.63 1.69 -20.92
N ALA G 326 34.28 0.67 -21.50
CA ALA G 326 34.51 0.69 -22.95
C ALA G 326 33.21 0.83 -23.73
N ASP G 327 32.13 0.21 -23.27
CA ASP G 327 30.87 0.26 -24.02
C ASP G 327 30.24 1.65 -23.97
N THR G 328 30.27 2.29 -22.82
CA THR G 328 29.71 3.64 -22.73
C THR G 328 30.49 4.63 -23.60
N VAL G 329 31.83 4.57 -23.55
CA VAL G 329 32.67 5.50 -24.31
C VAL G 329 32.45 5.34 -25.79
N HIS G 330 32.28 4.09 -26.23
CA HIS G 330 32.05 3.87 -27.65
C HIS G 330 30.76 4.53 -28.10
N GLN G 331 29.71 4.46 -27.27
CA GLN G 331 28.47 5.12 -27.63
C GLN G 331 28.61 6.64 -27.61
N LEU G 332 29.38 7.18 -26.64
CA LEU G 332 29.57 8.63 -26.53
C LEU G 332 30.38 9.19 -27.69
N VAL G 333 31.58 8.65 -27.92
CA VAL G 333 32.38 9.13 -29.04
C VAL G 333 31.71 8.85 -30.38
N GLY G 334 31.02 7.71 -30.48
CA GLY G 334 30.31 7.37 -31.70
C GLY G 334 29.22 8.38 -32.03
N GLY G 335 28.49 8.82 -31.00
CA GLY G 335 27.49 9.86 -31.21
C GLY G 335 28.12 11.19 -31.58
N LEU G 336 29.26 11.50 -30.99
CA LEU G 336 29.98 12.72 -31.35
C LEU G 336 30.41 12.67 -32.82
N ARG G 337 30.92 11.52 -33.27
CA ARG G 337 31.37 11.43 -34.66
C ARG G 337 30.23 11.67 -35.65
N ALA G 338 29.06 11.09 -35.40
CA ALA G 338 27.91 11.32 -36.27
C ALA G 338 27.54 12.78 -36.29
N GLY G 339 27.51 13.41 -35.12
CA GLY G 339 27.19 14.83 -35.06
C GLY G 339 28.19 15.68 -35.82
N MET G 340 29.48 15.43 -35.60
CA MET G 340 30.48 16.18 -36.34
C MET G 340 30.32 15.92 -37.83
N GLY G 341 29.96 14.69 -38.19
CA GLY G 341 29.64 14.43 -39.57
C GLY G 341 28.50 15.30 -40.05
N TYR G 342 27.43 15.38 -39.25
CA TYR G 342 26.28 16.21 -39.59
C TYR G 342 26.66 17.68 -39.74
N CYS G 343 27.62 18.16 -38.95
CA CYS G 343 28.03 19.56 -38.98
C CYS G 343 29.22 19.84 -39.93
N GLY G 344 29.67 18.86 -40.69
CA GLY G 344 30.79 19.06 -41.60
C GLY G 344 32.11 19.38 -40.90
N ALA G 345 32.27 18.90 -39.68
CA ALA G 345 33.43 19.19 -38.84
C ALA G 345 34.44 18.06 -38.95
N GLN G 346 35.58 18.36 -39.59
CA GLN G 346 36.67 17.41 -39.65
C GLN G 346 37.33 17.23 -38.28
N ASP G 347 37.41 18.28 -37.48
CA ASP G 347 37.97 18.18 -36.14
C ASP G 347 37.14 19.06 -35.20
N LEU G 348 37.44 18.97 -33.90
CA LEU G 348 36.65 19.73 -32.92
C LEU G 348 36.90 21.24 -33.00
N GLU G 349 38.06 21.69 -33.48
CA GLU G 349 38.25 23.12 -33.69
C GLU G 349 37.24 23.66 -34.69
N PHE G 350 37.01 22.93 -35.80
CA PHE G 350 35.96 23.36 -36.74
C PHE G 350 34.58 23.38 -36.07
N LEU G 351 34.29 22.38 -35.23
CA LEU G 351 32.99 22.37 -34.56
C LEU G 351 32.87 23.57 -33.62
N ARG G 352 33.94 23.89 -32.91
CA ARG G 352 33.93 24.98 -31.95
C ARG G 352 33.60 26.32 -32.62
N GLU G 353 34.16 26.55 -33.81
CA GLU G 353 34.07 27.84 -34.47
C GLU G 353 32.92 27.96 -35.46
N ASN G 354 32.40 26.84 -35.98
CA ASN G 354 31.49 26.93 -37.11
C ASN G 354 30.09 26.42 -36.84
N ALA G 355 29.91 25.52 -35.89
CA ALA G 355 28.61 24.91 -35.68
C ALA G 355 27.57 25.95 -35.31
N GLN G 356 26.39 25.81 -35.88
CA GLN G 356 25.29 26.69 -35.59
C GLN G 356 24.19 25.94 -34.86
N PHE G 357 23.45 26.68 -34.05
CA PHE G 357 22.32 26.14 -33.32
C PHE G 357 21.04 26.74 -33.87
N ILE G 358 19.94 26.03 -33.62
CA ILE G 358 18.60 26.55 -33.83
C ILE G 358 17.79 26.27 -32.57
N ARG G 359 17.07 27.27 -32.11
CA ARG G 359 16.31 27.15 -30.88
C ARG G 359 14.94 26.54 -31.12
N MET G 360 14.42 25.82 -30.12
CA MET G 360 13.14 25.14 -30.22
C MET G 360 12.38 25.17 -28.90
N SER G 361 11.09 24.86 -28.98
CA SER G 361 10.22 24.87 -27.82
C SER G 361 10.14 23.48 -27.20
N GLY G 362 9.33 23.36 -26.16
CA GLY G 362 9.08 22.05 -25.58
C GLY G 362 8.53 21.07 -26.59
N ALA G 363 7.70 21.55 -27.52
CA ALA G 363 7.21 20.70 -28.60
C ALA G 363 8.36 20.28 -29.53
N GLY G 364 9.35 21.14 -29.73
CA GLY G 364 10.49 20.71 -30.50
C GLY G 364 11.24 19.60 -29.79
N LEU G 365 11.41 19.73 -28.49
CA LEU G 365 12.10 18.68 -27.75
C LEU G 365 11.33 17.37 -27.82
N LEU G 366 9.99 17.44 -27.67
CA LEU G 366 9.17 16.23 -27.70
C LEU G 366 9.12 15.61 -29.08
N GLU G 367 9.18 16.43 -30.13
CA GLU G 367 9.37 15.89 -31.47
C GLU G 367 10.75 15.27 -31.58
N SER G 368 11.73 15.85 -30.89
CA SER G 368 13.11 15.45 -31.03
C SER G 368 13.36 14.07 -30.40
N HIS G 369 12.76 13.79 -29.25
CA HIS G 369 12.80 12.45 -28.65
C HIS G 369 11.90 11.50 -29.42
N PRO G 370 12.05 10.19 -29.20
CA PRO G 370 11.02 9.24 -29.66
C PRO G 370 9.64 9.61 -29.12
N HIS G 371 8.60 9.37 -29.92
CA HIS G 371 7.26 9.77 -29.51
C HIS G 371 6.23 8.84 -30.15
N HIS G 372 5.08 8.71 -29.49
CA HIS G 372 3.92 8.04 -30.07
C HIS G 372 4.18 6.60 -30.50
N VAL G 373 5.07 5.92 -29.78
CA VAL G 373 5.39 4.52 -30.03
C VAL G 373 5.81 3.87 -28.73
N GLN G 374 5.28 2.69 -28.45
CA GLN G 374 5.70 1.93 -27.27
C GLN G 374 7.09 1.37 -27.55
N ILE G 375 8.08 1.80 -26.78
CA ILE G 375 9.46 1.35 -27.00
C ILE G 375 9.60 -0.08 -26.49
N THR G 376 10.07 -0.97 -27.37
CA THR G 376 10.17 -2.39 -27.09
C THR G 376 11.50 -2.75 -26.47
N LYS G 377 12.58 -2.29 -27.08
CA LYS G 377 13.91 -2.59 -26.60
C LYS G 377 14.62 -1.28 -26.28
N GLU G 378 15.43 -1.28 -25.24
CA GLU G 378 16.25 -0.10 -24.99
C GLU G 378 17.49 -0.18 -25.87
N ALA G 379 17.86 0.98 -26.40
CA ALA G 379 19.02 1.11 -27.25
C ALA G 379 20.28 1.27 -26.39
N PRO G 380 21.45 0.93 -26.94
CA PRO G 380 22.70 1.16 -26.20
C PRO G 380 22.96 2.62 -25.90
N ASN G 381 22.25 3.54 -26.55
CA ASN G 381 22.46 4.96 -26.33
C ASN G 381 21.19 5.71 -25.93
N TYR G 382 20.08 5.02 -25.66
CA TYR G 382 18.82 5.69 -25.35
C TYR G 382 18.01 4.94 -24.29
N SER G 383 17.73 5.64 -23.18
CA SER G 383 16.92 5.15 -22.04
C SER G 383 17.72 4.22 -21.14
N ASN H 23 -9.14 52.48 -28.72
CA ASN H 23 -8.40 53.45 -27.94
C ASN H 23 -7.26 52.74 -27.18
N ALA H 24 -6.68 53.42 -26.18
CA ALA H 24 -5.45 52.93 -25.59
C ALA H 24 -5.66 51.70 -24.71
N MET H 25 -6.72 51.67 -23.93
CA MET H 25 -6.87 50.54 -23.03
C MET H 25 -7.21 49.28 -23.79
N TRP H 26 -7.90 49.40 -24.92
CA TRP H 26 -8.19 48.22 -25.74
C TRP H 26 -6.91 47.67 -26.33
N GLU H 27 -6.03 48.55 -26.82
CA GLU H 27 -4.84 48.12 -27.52
C GLU H 27 -3.75 47.62 -26.59
N SER H 28 -3.85 47.89 -25.28
CA SER H 28 -2.81 47.48 -24.36
C SER H 28 -3.18 46.22 -23.57
N LYS H 29 -4.27 45.54 -23.93
CA LYS H 29 -4.80 44.47 -23.10
C LYS H 29 -3.77 43.36 -22.82
N PHE H 30 -3.03 42.94 -23.84
CA PHE H 30 -2.12 41.81 -23.71
C PHE H 30 -0.65 42.22 -23.82
N VAL H 31 -0.30 43.43 -23.40
CA VAL H 31 1.08 43.86 -23.59
C VAL H 31 1.96 43.33 -22.46
N LYS H 32 1.48 43.34 -21.23
CA LYS H 32 2.36 43.02 -20.12
C LYS H 32 2.71 41.54 -20.15
N GLU H 33 3.89 41.24 -19.60
CA GLU H 33 4.50 39.91 -19.55
C GLU H 33 5.10 39.74 -18.16
N GLY H 34 4.88 38.60 -17.53
CA GLY H 34 5.30 38.40 -16.15
C GLY H 34 6.02 37.09 -15.89
N LEU H 35 6.89 37.11 -14.89
CA LEU H 35 7.79 36.01 -14.53
C LEU H 35 7.52 35.56 -13.10
N THR H 36 7.75 34.28 -12.86
CA THR H 36 7.68 33.69 -11.52
C THR H 36 9.01 33.06 -11.17
N PHE H 37 9.08 32.48 -9.96
CA PHE H 37 10.33 31.96 -9.44
C PHE H 37 10.95 30.96 -10.41
N ASP H 38 10.14 30.01 -10.91
CA ASP H 38 10.69 28.98 -11.80
C ASP H 38 11.04 29.46 -13.21
N ASP H 39 10.82 30.73 -13.55
CA ASP H 39 11.23 31.23 -14.86
C ASP H 39 12.68 31.74 -14.87
N VAL H 40 13.33 31.90 -13.71
CA VAL H 40 14.58 32.64 -13.61
C VAL H 40 15.58 31.92 -12.72
N LEU H 41 16.84 32.29 -12.90
CA LEU H 41 17.91 31.90 -11.98
C LEU H 41 18.72 33.14 -11.64
N LEU H 42 19.33 33.14 -10.47
CA LEU H 42 20.23 34.22 -10.09
C LEU H 42 21.61 33.96 -10.65
N VAL H 43 22.18 34.99 -11.28
CA VAL H 43 23.48 34.87 -11.93
C VAL H 43 24.58 34.89 -10.86
N PRO H 44 25.47 33.90 -10.85
CA PRO H 44 26.57 33.95 -9.87
C PRO H 44 27.48 35.15 -10.09
N ALA H 45 28.06 35.67 -9.00
CA ALA H 45 28.92 36.85 -9.12
C ALA H 45 30.14 36.75 -8.18
N LYS H 46 31.10 37.64 -8.39
CA LYS H 46 32.33 37.66 -7.60
C LYS H 46 32.04 37.85 -6.12
N SER H 47 32.60 36.98 -5.29
CA SER H 47 32.34 36.98 -3.86
C SER H 47 33.64 36.87 -3.08
N ASP H 48 33.81 37.71 -2.07
CA ASP H 48 34.88 37.44 -1.13
C ASP H 48 34.34 37.00 0.23
N VAL H 49 33.05 36.68 0.30
CA VAL H 49 32.38 36.46 1.56
C VAL H 49 31.84 35.03 1.58
N LEU H 50 32.07 34.33 2.70
CA LEU H 50 31.59 32.98 2.94
C LEU H 50 30.16 33.02 3.43
N PRO H 51 29.35 31.99 3.14
CA PRO H 51 27.96 31.97 3.64
C PRO H 51 27.86 32.20 5.14
N ARG H 52 28.78 31.65 5.92
CA ARG H 52 28.72 31.85 7.37
C ARG H 52 29.01 33.28 7.79
N GLU H 53 29.42 34.13 6.85
CA GLU H 53 29.79 35.50 7.15
C GLU H 53 28.77 36.52 6.69
N VAL H 54 27.80 36.14 5.86
CA VAL H 54 26.85 37.14 5.39
C VAL H 54 25.89 37.51 6.51
N SER H 55 25.28 38.69 6.37
CA SER H 55 24.27 39.17 7.30
C SER H 55 22.89 39.00 6.69
N VAL H 56 21.99 38.40 7.46
CA VAL H 56 20.60 38.24 7.07
C VAL H 56 19.68 39.15 7.87
N LYS H 57 20.21 40.11 8.61
CA LYS H 57 19.36 41.04 9.33
C LYS H 57 18.62 41.92 8.33
N THR H 58 17.45 42.39 8.73
CA THR H 58 16.63 43.24 7.86
C THR H 58 15.82 44.17 8.72
N VAL H 59 15.61 45.39 8.23
CA VAL H 59 14.90 46.46 8.94
C VAL H 59 13.60 46.78 8.20
N LEU H 60 12.47 46.43 8.81
CA LEU H 60 11.19 46.85 8.25
C LEU H 60 10.87 48.27 8.69
N SER H 61 11.09 48.58 9.96
CA SER H 61 11.02 49.93 10.48
C SER H 61 11.92 50.03 11.71
N GLU H 62 12.08 51.25 12.23
CA GLU H 62 12.94 51.47 13.40
C GLU H 62 12.52 50.62 14.57
N SER H 63 11.22 50.32 14.67
CA SER H 63 10.70 49.55 15.78
C SER H 63 10.45 48.11 15.38
N LEU H 64 10.97 47.68 14.24
CA LEU H 64 10.66 46.35 13.75
C LEU H 64 11.89 45.86 13.01
N GLN H 65 12.73 45.08 13.67
CA GLN H 65 13.94 44.58 13.06
C GLN H 65 13.97 43.07 13.22
N LEU H 66 14.25 42.38 12.12
CA LEU H 66 14.25 40.93 12.10
C LEU H 66 15.69 40.48 11.96
N ASN H 67 16.04 39.44 12.71
CA ASN H 67 17.35 38.82 12.58
C ASN H 67 17.41 37.92 11.36
N ILE H 68 16.26 37.40 10.92
CA ILE H 68 16.12 36.59 9.71
C ILE H 68 14.90 37.07 8.94
N PRO H 69 14.93 37.06 7.59
CA PRO H 69 13.86 37.67 6.80
C PRO H 69 12.68 36.71 6.56
N LEU H 70 12.07 36.24 7.64
CA LEU H 70 11.00 35.28 7.56
C LEU H 70 9.83 35.68 8.45
N ILE H 71 8.64 35.64 7.88
CA ILE H 71 7.41 35.89 8.60
C ILE H 71 6.51 34.69 8.32
N SER H 72 5.93 34.14 9.38
CA SER H 72 4.97 33.05 9.21
C SER H 72 3.61 33.65 9.00
N ALA H 73 2.90 33.14 7.98
CA ALA H 73 1.65 33.73 7.53
C ALA H 73 0.58 33.70 8.61
N GLY H 74 -0.26 34.72 8.60
CA GLY H 74 -1.35 34.84 9.55
C GLY H 74 -2.57 34.06 9.13
N MET H 75 -2.48 32.73 9.18
CA MET H 75 -3.57 31.83 8.80
C MET H 75 -3.86 30.92 9.98
N ASP H 76 -5.09 30.43 10.06
CA ASP H 76 -5.43 29.66 11.26
C ASP H 76 -4.80 28.26 11.30
N THR H 77 -4.00 27.85 10.31
CA THR H 77 -3.24 26.60 10.43
C THR H 77 -1.74 26.86 10.40
N VAL H 78 -1.32 28.11 10.60
CA VAL H 78 0.10 28.43 10.49
C VAL H 78 0.60 29.08 11.79
N THR H 79 -0.03 30.18 12.22
CA THR H 79 0.48 30.99 13.33
C THR H 79 -0.59 31.19 14.39
N GLU H 80 -0.35 30.62 15.56
CA GLU H 80 -0.99 31.10 16.78
C GLU H 80 0.12 31.46 17.75
N ALA H 81 -0.20 31.57 19.04
CA ALA H 81 0.77 32.10 20.00
C ALA H 81 2.05 31.28 20.01
N ASP H 82 1.93 29.95 19.99
CA ASP H 82 3.13 29.11 20.05
C ASP H 82 4.04 29.41 18.88
N MET H 83 3.43 29.53 17.69
CA MET H 83 4.21 29.76 16.49
C MET H 83 4.89 31.12 16.54
N ALA H 84 4.18 32.15 17.00
CA ALA H 84 4.79 33.47 17.06
C ALA H 84 5.96 33.47 18.04
N ILE H 85 5.85 32.72 19.13
CA ILE H 85 6.94 32.63 20.09
C ILE H 85 8.17 31.98 19.46
N ALA H 86 7.96 30.82 18.82
CA ALA H 86 9.09 30.11 18.21
C ALA H 86 9.64 30.86 17.00
N MET H 87 8.76 31.50 16.23
CA MET H 87 9.24 32.30 15.11
C MET H 87 10.08 33.48 15.64
N ALA H 88 9.56 34.20 16.63
CA ALA H 88 10.31 35.34 17.15
C ALA H 88 11.63 34.91 17.76
N ARG H 89 11.65 33.80 18.48
CA ARG H 89 12.90 33.34 19.12
C ARG H 89 13.95 32.93 18.10
N GLN H 90 13.57 32.56 16.87
CA GLN H 90 14.51 32.31 15.78
C GLN H 90 14.95 33.58 15.08
N GLY H 91 14.39 34.74 15.44
CA GLY H 91 14.71 35.98 14.78
C GLY H 91 13.74 36.43 13.72
N GLY H 92 12.63 35.72 13.55
CA GLY H 92 11.62 36.12 12.61
C GLY H 92 10.38 36.69 13.27
N LEU H 93 9.24 36.58 12.61
CA LEU H 93 8.04 37.22 13.10
C LEU H 93 6.87 36.32 12.73
N GLY H 94 5.88 36.30 13.61
CA GLY H 94 4.65 35.56 13.38
C GLY H 94 3.46 36.50 13.42
N ILE H 95 2.54 36.31 12.48
CA ILE H 95 1.32 37.11 12.45
C ILE H 95 0.23 36.22 13.02
N ILE H 96 -0.29 36.58 14.19
CA ILE H 96 -1.40 35.84 14.75
C ILE H 96 -2.68 36.15 13.99
N HIS H 97 -3.38 35.09 13.53
CA HIS H 97 -4.54 35.20 12.66
C HIS H 97 -5.79 35.69 13.42
N LYS H 98 -6.81 36.13 12.65
CA LYS H 98 -7.98 36.84 13.17
C LYS H 98 -9.26 36.00 13.13
N ASN H 99 -9.18 34.75 12.70
CA ASN H 99 -10.32 33.84 12.80
C ASN H 99 -10.48 33.35 14.23
N MET H 100 -10.70 34.33 15.10
CA MET H 100 -10.89 34.11 16.52
C MET H 100 -11.53 35.39 17.06
N SER H 101 -11.93 35.34 18.34
CA SER H 101 -12.48 36.53 18.94
C SER H 101 -11.39 37.59 19.12
N ILE H 102 -11.82 38.85 19.20
CA ILE H 102 -10.90 39.96 19.45
C ILE H 102 -10.15 39.73 20.74
N GLU H 103 -10.85 39.31 21.78
CA GLU H 103 -10.17 39.03 23.03
C GLU H 103 -9.16 37.91 22.90
N GLN H 104 -9.54 36.83 22.20
CA GLN H 104 -8.61 35.70 22.13
C GLN H 104 -7.33 36.10 21.41
N GLN H 105 -7.41 37.02 20.46
CA GLN H 105 -6.22 37.47 19.74
C GLN H 105 -5.37 38.39 20.60
N ALA H 106 -5.99 39.23 21.43
CA ALA H 106 -5.22 40.09 22.32
C ALA H 106 -4.47 39.30 23.38
N GLU H 107 -5.09 38.26 23.96
CA GLU H 107 -4.35 37.43 24.90
C GLU H 107 -3.22 36.68 24.20
N GLN H 108 -3.50 36.15 23.01
CA GLN H 108 -2.43 35.49 22.26
C GLN H 108 -1.28 36.45 22.07
N VAL H 109 -1.58 37.71 21.76
CA VAL H 109 -0.53 38.71 21.62
C VAL H 109 0.22 38.92 22.93
N ASP H 110 -0.52 39.12 24.01
CA ASP H 110 0.11 39.41 25.30
C ASP H 110 1.02 38.27 25.74
N LYS H 111 0.58 37.04 25.52
CA LYS H 111 1.39 35.88 25.91
C LYS H 111 2.74 35.90 25.19
N VAL H 112 2.75 36.28 23.91
CA VAL H 112 4.01 36.32 23.18
C VAL H 112 4.88 37.47 23.67
N LYS H 113 4.28 38.64 23.88
CA LYS H 113 5.08 39.78 24.26
C LYS H 113 5.74 39.57 25.62
N ARG H 114 5.00 39.00 26.58
CA ARG H 114 5.59 38.71 27.87
C ARG H 114 6.47 37.45 27.85
N SER H 115 6.64 36.81 26.69
CA SER H 115 7.44 35.59 26.60
C SER H 115 8.88 35.91 26.17
N GLY H 116 9.39 37.01 26.71
CA GLY H 116 10.74 37.50 26.47
C GLY H 116 10.84 38.81 25.69
N GLY H 117 9.78 39.60 25.61
CA GLY H 117 9.78 40.83 24.84
C GLY H 117 9.94 40.62 23.34
N LEU H 118 9.33 39.57 22.80
CA LEU H 118 9.48 39.20 21.40
C LEU H 118 8.55 40.02 20.52
N LEU H 119 8.99 40.30 19.30
CA LEU H 119 8.15 40.98 18.34
C LEU H 119 6.97 40.08 17.97
N VAL H 120 5.82 40.70 17.68
CA VAL H 120 4.64 39.92 17.31
C VAL H 120 3.69 40.81 16.52
N GLY H 121 3.02 40.20 15.52
CA GLY H 121 2.02 40.88 14.72
C GLY H 121 0.66 40.19 14.74
N ALA H 122 -0.34 40.92 14.26
CA ALA H 122 -1.69 40.36 14.26
C ALA H 122 -2.45 40.90 13.06
N ALA H 123 -3.22 40.02 12.42
CA ALA H 123 -3.99 40.38 11.25
C ALA H 123 -5.32 40.99 11.64
N VAL H 124 -5.73 42.02 10.88
CA VAL H 124 -7.02 42.68 11.00
C VAL H 124 -7.64 42.83 9.62
N GLY H 125 -8.96 42.64 9.52
CA GLY H 125 -9.66 42.86 8.27
C GLY H 125 -10.20 44.28 8.18
N VAL H 126 -10.72 44.62 7.00
CA VAL H 126 -11.36 45.93 6.79
C VAL H 126 -12.85 45.72 7.05
N THR H 127 -13.27 45.93 8.30
CA THR H 127 -14.63 45.63 8.74
C THR H 127 -15.15 46.77 9.60
N ALA H 128 -16.39 46.61 10.07
CA ALA H 128 -16.97 47.59 10.97
C ALA H 128 -16.25 47.59 12.32
N ASP H 129 -16.17 46.43 12.96
CA ASP H 129 -15.53 46.39 14.28
C ASP H 129 -14.04 46.18 14.15
N ALA H 130 -13.48 46.51 12.99
CA ALA H 130 -12.04 46.41 12.78
C ALA H 130 -11.31 47.34 13.73
N MET H 131 -11.80 48.57 13.88
CA MET H 131 -11.16 49.51 14.79
C MET H 131 -11.19 49.00 16.23
N THR H 132 -12.25 48.26 16.61
CA THR H 132 -12.32 47.65 17.94
C THR H 132 -11.24 46.60 18.16
N ARG H 133 -11.02 45.72 17.17
CA ARG H 133 -9.99 44.68 17.29
C ARG H 133 -8.60 45.30 17.39
N ILE H 134 -8.32 46.32 16.56
CA ILE H 134 -7.02 46.98 16.57
C ILE H 134 -6.75 47.62 17.91
N ASP H 135 -7.78 48.21 18.52
CA ASP H 135 -7.62 48.80 19.85
C ASP H 135 -7.20 47.76 20.87
N ALA H 136 -7.85 46.59 20.85
CA ALA H 136 -7.50 45.55 21.81
C ALA H 136 -6.10 45.00 21.54
N LEU H 137 -5.66 44.96 20.28
CA LEU H 137 -4.30 44.50 20.00
C LEU H 137 -3.26 45.52 20.41
N VAL H 138 -3.51 46.80 20.17
CA VAL H 138 -2.54 47.83 20.57
C VAL H 138 -2.44 47.96 22.08
N LYS H 139 -3.56 47.91 22.80
CA LYS H 139 -3.46 47.94 24.26
C LYS H 139 -2.70 46.72 24.76
N ALA H 140 -2.72 45.61 23.99
CA ALA H 140 -1.97 44.40 24.29
C ALA H 140 -0.53 44.47 23.78
N SER H 141 -0.11 45.62 23.24
CA SER H 141 1.28 45.88 22.87
C SER H 141 1.75 45.06 21.66
N VAL H 142 0.92 44.92 20.62
CA VAL H 142 1.38 44.27 19.39
C VAL H 142 2.40 45.16 18.67
N ASP H 143 3.33 44.54 17.97
CA ASP H 143 4.37 45.30 17.29
C ASP H 143 4.00 45.73 15.87
N ALA H 144 3.04 45.07 15.23
CA ALA H 144 2.55 45.53 13.94
C ALA H 144 1.20 44.88 13.66
N ILE H 145 0.25 45.64 13.15
CA ILE H 145 -1.00 45.04 12.71
C ILE H 145 -0.91 44.81 11.21
N VAL H 146 -1.47 43.69 10.76
CA VAL H 146 -1.49 43.34 9.35
C VAL H 146 -2.93 43.50 8.89
N LEU H 147 -3.19 44.56 8.12
CA LEU H 147 -4.49 44.78 7.47
C LEU H 147 -4.54 43.87 6.25
N ASP H 148 -5.01 42.66 6.46
CA ASP H 148 -4.89 41.58 5.49
C ASP H 148 -6.22 41.42 4.77
N THR H 149 -6.23 41.62 3.46
CA THR H 149 -7.44 41.50 2.66
C THR H 149 -7.10 40.85 1.32
N ALA H 150 -8.15 40.40 0.61
CA ALA H 150 -7.94 39.79 -0.69
C ALA H 150 -7.50 40.81 -1.73
N HIS H 151 -8.02 42.03 -1.67
CA HIS H 151 -7.73 43.08 -2.66
C HIS H 151 -7.36 44.37 -1.93
N GLY H 152 -6.06 44.54 -1.64
CA GLY H 152 -5.59 45.74 -0.98
C GLY H 152 -5.76 47.01 -1.78
N HIS H 153 -5.86 46.91 -3.10
CA HIS H 153 -6.03 48.10 -3.91
C HIS H 153 -7.50 48.49 -3.97
N SER H 154 -8.16 48.56 -2.81
CA SER H 154 -9.58 48.90 -2.79
C SER H 154 -9.79 50.09 -1.86
N GLN H 155 -10.87 50.82 -2.13
CA GLN H 155 -11.13 52.04 -1.37
C GLN H 155 -11.27 51.69 0.11
N GLY H 156 -11.90 50.55 0.42
CA GLY H 156 -12.07 50.17 1.81
C GLY H 156 -10.74 50.02 2.54
N VAL H 157 -9.78 49.35 1.90
CA VAL H 157 -8.46 49.20 2.48
C VAL H 157 -7.82 50.57 2.65
N ILE H 158 -7.85 51.37 1.58
CA ILE H 158 -7.24 52.68 1.60
C ILE H 158 -7.77 53.48 2.77
N ASP H 159 -9.11 53.56 2.88
CA ASP H 159 -9.72 54.34 3.96
C ASP H 159 -9.35 53.77 5.32
N LYS H 160 -9.36 52.44 5.47
CA LYS H 160 -9.05 51.85 6.77
C LYS H 160 -7.62 52.12 7.15
N VAL H 161 -6.71 52.08 6.18
CA VAL H 161 -5.33 52.48 6.45
C VAL H 161 -5.30 53.92 6.97
N LYS H 162 -5.99 54.83 6.28
CA LYS H 162 -5.99 56.22 6.70
C LYS H 162 -6.54 56.39 8.11
N GLU H 163 -7.63 55.67 8.43
CA GLU H 163 -8.24 55.80 9.74
C GLU H 163 -7.31 55.29 10.85
N VAL H 164 -6.61 54.18 10.60
CA VAL H 164 -5.72 53.65 11.62
C VAL H 164 -4.48 54.52 11.76
N ARG H 165 -3.95 55.01 10.64
CA ARG H 165 -2.79 55.91 10.72
C ARG H 165 -3.13 57.19 11.46
N ALA H 166 -4.37 57.67 11.29
CA ALA H 166 -4.82 58.85 12.02
C ALA H 166 -4.89 58.58 13.51
N LYS H 167 -5.32 57.38 13.90
CA LYS H 167 -5.48 57.10 15.31
C LYS H 167 -4.16 56.73 16.00
N TYR H 168 -3.26 56.05 15.30
CA TYR H 168 -2.00 55.58 15.88
C TYR H 168 -0.84 55.96 14.96
N PRO H 169 -0.33 57.20 15.04
CA PRO H 169 0.67 57.66 14.06
C PRO H 169 1.98 56.88 14.07
N SER H 170 2.29 56.13 15.14
CA SER H 170 3.54 55.38 15.22
C SER H 170 3.34 53.87 15.23
N LEU H 171 2.14 53.38 14.94
CA LEU H 171 1.91 51.94 14.91
C LEU H 171 2.36 51.40 13.57
N ASN H 172 3.10 50.28 13.61
CA ASN H 172 3.50 49.60 12.37
C ASN H 172 2.28 49.01 11.69
N ILE H 173 2.04 49.43 10.44
CA ILE H 173 0.87 49.01 9.68
C ILE H 173 1.35 48.28 8.43
N ILE H 174 1.03 47.00 8.35
CA ILE H 174 1.29 46.19 7.18
C ILE H 174 -0.03 46.04 6.42
N ALA H 175 -0.04 46.51 5.18
CA ALA H 175 -1.23 46.49 4.33
C ALA H 175 -0.94 45.70 3.06
N GLY H 176 -1.92 44.92 2.64
CA GLY H 176 -1.85 44.10 1.44
C GLY H 176 -3.20 43.47 1.26
N ASN H 177 -3.31 42.63 0.23
CA ASN H 177 -2.21 42.32 -0.69
C ASN H 177 -2.37 43.04 -2.02
N VAL H 178 -1.24 43.34 -2.65
CA VAL H 178 -1.20 44.01 -3.95
C VAL H 178 -0.20 43.30 -4.84
N ALA H 179 -0.24 43.69 -6.13
CA ALA H 179 0.69 43.14 -7.10
C ALA H 179 1.04 44.14 -8.20
N THR H 180 0.64 45.41 -8.10
CA THR H 180 1.01 46.44 -9.06
C THR H 180 1.59 47.64 -8.32
N ALA H 181 2.44 48.40 -9.02
CA ALA H 181 3.05 49.57 -8.41
C ALA H 181 2.01 50.62 -8.04
N GLU H 182 1.00 50.79 -8.89
CA GLU H 182 -0.06 51.75 -8.60
C GLU H 182 -0.71 51.41 -7.26
N ALA H 183 -0.99 50.13 -7.01
CA ALA H 183 -1.58 49.74 -5.74
C ALA H 183 -0.63 50.04 -4.60
N THR H 184 0.66 49.73 -4.77
CA THR H 184 1.66 50.02 -3.75
C THR H 184 1.70 51.51 -3.44
N LYS H 185 1.77 52.34 -4.48
CA LYS H 185 1.76 53.77 -4.25
C LYS H 185 0.49 54.20 -3.52
N ALA H 186 -0.63 53.55 -3.82
CA ALA H 186 -1.88 53.88 -3.14
C ALA H 186 -1.80 53.62 -1.64
N LEU H 187 -1.29 52.43 -1.26
CA LEU H 187 -1.25 52.05 0.14
C LEU H 187 -0.21 52.86 0.91
N ILE H 188 0.92 53.18 0.28
CA ILE H 188 1.95 53.98 0.93
C ILE H 188 1.45 55.40 1.19
N GLU H 189 0.77 55.98 0.21
CA GLU H 189 0.17 57.29 0.45
C GLU H 189 -1.01 57.23 1.42
N ALA H 190 -1.64 56.05 1.57
CA ALA H 190 -2.72 55.93 2.55
C ALA H 190 -2.21 55.86 3.99
N GLY H 191 -0.96 55.45 4.21
CA GLY H 191 -0.39 55.48 5.54
C GLY H 191 0.26 54.19 5.97
N ALA H 192 0.31 53.19 5.09
CA ALA H 192 0.94 51.93 5.44
C ALA H 192 2.44 52.09 5.31
N ASN H 193 3.18 51.60 6.32
CA ASN H 193 4.63 51.70 6.25
C ASN H 193 5.29 50.44 5.73
N VAL H 194 4.55 49.33 5.66
CA VAL H 194 5.03 48.12 5.02
C VAL H 194 3.91 47.59 4.14
N VAL H 195 4.26 47.16 2.93
CA VAL H 195 3.30 46.73 1.93
C VAL H 195 3.55 45.26 1.65
N LYS H 196 2.48 44.47 1.60
CA LYS H 196 2.57 43.03 1.38
C LYS H 196 2.11 42.70 -0.04
N VAL H 197 2.97 41.96 -0.76
CA VAL H 197 2.83 41.74 -2.20
C VAL H 197 2.47 40.28 -2.44
N GLY H 198 1.46 40.06 -3.29
CA GLY H 198 1.05 38.72 -3.65
C GLY H 198 -0.43 38.53 -3.85
N ILE H 199 -0.87 38.37 -5.10
CA ILE H 199 -2.26 38.03 -5.38
C ILE H 199 -2.25 36.74 -6.18
N GLY H 200 -2.55 35.63 -5.52
CA GLY H 200 -2.74 34.36 -6.19
C GLY H 200 -1.66 33.28 -6.21
N PRO H 201 -0.40 33.55 -5.83
CA PRO H 201 0.61 32.49 -5.92
C PRO H 201 0.59 31.49 -4.76
N GLY H 202 -0.27 31.68 -3.77
CA GLY H 202 -0.25 30.83 -2.59
C GLY H 202 -0.44 29.36 -2.92
N SER H 203 0.22 28.51 -2.12
CA SER H 203 0.15 27.07 -2.35
C SER H 203 -1.29 26.56 -2.31
N ILE H 204 -2.10 27.13 -1.41
CA ILE H 204 -3.47 26.70 -1.20
C ILE H 204 -4.48 27.60 -1.91
N CYS H 205 -4.01 28.49 -2.78
CA CYS H 205 -4.81 29.57 -3.33
C CYS H 205 -5.35 29.20 -4.71
N THR H 206 -6.60 29.57 -4.98
CA THR H 206 -7.21 29.37 -6.30
C THR H 206 -7.73 30.67 -6.90
N THR H 207 -7.40 31.80 -6.28
CA THR H 207 -7.91 33.10 -6.74
C THR H 207 -7.73 33.27 -8.24
N ARG H 208 -6.53 32.95 -8.76
CA ARG H 208 -6.28 33.07 -10.19
C ARG H 208 -7.10 32.09 -11.02
N VAL H 209 -7.53 30.99 -10.42
CA VAL H 209 -8.28 30.01 -11.19
C VAL H 209 -9.76 30.37 -11.21
N VAL H 210 -10.32 30.72 -10.06
CA VAL H 210 -11.75 30.92 -10.04
C VAL H 210 -12.11 32.34 -10.44
N ALA H 211 -11.19 33.29 -10.23
CA ALA H 211 -11.42 34.68 -10.56
C ALA H 211 -10.60 35.16 -11.74
N GLY H 212 -9.57 34.42 -12.15
CA GLY H 212 -8.75 34.78 -13.28
C GLY H 212 -7.78 35.91 -13.05
N VAL H 213 -7.54 36.30 -11.80
CA VAL H 213 -6.84 37.55 -11.48
C VAL H 213 -5.51 37.24 -10.82
N GLY H 214 -4.47 37.97 -11.20
CA GLY H 214 -3.20 37.85 -10.52
C GLY H 214 -2.05 38.43 -11.32
N VAL H 215 -0.87 38.38 -10.69
CA VAL H 215 0.39 38.73 -11.34
C VAL H 215 1.42 37.67 -10.94
N PRO H 216 2.20 37.12 -11.87
CA PRO H 216 3.29 36.20 -11.49
C PRO H 216 4.13 36.83 -10.39
N GLN H 217 4.38 36.06 -9.33
CA GLN H 217 4.77 36.67 -8.06
C GLN H 217 6.10 37.42 -8.16
N LEU H 218 7.05 36.93 -8.95
CA LEU H 218 8.33 37.61 -9.08
C LEU H 218 8.18 38.99 -9.74
N THR H 219 7.39 39.06 -10.81
CA THR H 219 7.12 40.36 -11.42
C THR H 219 6.43 41.28 -10.43
N ALA H 220 5.54 40.70 -9.61
CA ALA H 220 4.81 41.48 -8.61
C ALA H 220 5.74 42.05 -7.53
N VAL H 221 6.68 41.26 -7.02
CA VAL H 221 7.60 41.81 -6.03
C VAL H 221 8.43 42.91 -6.67
N TYR H 222 8.91 42.67 -7.90
CA TYR H 222 9.76 43.64 -8.57
C TYR H 222 8.99 44.93 -8.91
N ASP H 223 7.78 44.81 -9.48
CA ASP H 223 7.00 46.02 -9.82
C ASP H 223 6.66 46.80 -8.55
N CYS H 224 6.28 46.09 -7.48
CA CYS H 224 5.88 46.76 -6.26
C CYS H 224 7.08 47.34 -5.54
N ALA H 225 8.21 46.61 -5.53
CA ALA H 225 9.42 47.17 -4.95
C ALA H 225 9.92 48.35 -5.76
N THR H 226 9.70 48.35 -7.08
CA THR H 226 10.12 49.49 -7.90
C THR H 226 9.48 50.76 -7.40
N GLU H 227 8.21 50.69 -6.98
CA GLU H 227 7.54 51.87 -6.48
C GLU H 227 7.95 52.19 -5.05
N ALA H 228 7.92 51.18 -4.18
CA ALA H 228 8.17 51.43 -2.76
C ALA H 228 9.58 51.94 -2.50
N ARG H 229 10.55 51.51 -3.32
CA ARG H 229 11.92 51.96 -3.08
C ARG H 229 12.03 53.46 -3.24
N LYS H 230 11.29 54.05 -4.17
CA LYS H 230 11.39 55.49 -4.32
C LYS H 230 10.78 56.21 -3.13
N HIS H 231 9.91 55.53 -2.37
CA HIS H 231 9.36 56.09 -1.14
C HIS H 231 10.05 55.56 0.11
N GLY H 232 11.02 54.65 -0.03
CA GLY H 232 11.69 54.08 1.13
C GLY H 232 10.82 53.17 1.99
N ILE H 233 9.95 52.39 1.39
CA ILE H 233 9.02 51.53 2.12
C ILE H 233 9.33 50.08 1.78
N PRO H 234 9.48 49.20 2.77
CA PRO H 234 9.82 47.80 2.46
C PRO H 234 8.62 47.02 1.95
N VAL H 235 8.94 45.98 1.21
CA VAL H 235 7.98 45.10 0.57
C VAL H 235 8.16 43.70 1.13
N ILE H 236 7.03 43.00 1.32
CA ILE H 236 6.98 41.60 1.76
C ILE H 236 6.58 40.72 0.57
N ALA H 237 7.39 39.71 0.31
CA ALA H 237 7.03 38.70 -0.69
C ALA H 237 6.19 37.62 -0.01
N ASP H 238 4.89 37.58 -0.33
CA ASP H 238 3.91 36.72 0.35
C ASP H 238 3.35 35.67 -0.60
N GLY H 239 3.73 34.42 -0.40
CA GLY H 239 3.16 33.28 -1.09
C GLY H 239 3.99 32.82 -2.28
N GLY H 240 3.82 31.54 -2.62
CA GLY H 240 4.45 30.95 -3.79
C GLY H 240 5.84 30.41 -3.59
N ILE H 241 6.42 30.59 -2.42
CA ILE H 241 7.74 30.06 -2.20
C ILE H 241 7.64 28.58 -1.87
N LYS H 242 8.28 27.76 -2.68
CA LYS H 242 8.23 26.31 -2.52
C LYS H 242 9.54 25.72 -2.04
N TYR H 243 10.66 26.35 -2.37
CA TYR H 243 11.97 25.91 -1.91
C TYR H 243 12.75 27.11 -1.37
N SER H 244 13.83 26.84 -0.64
CA SER H 244 14.59 27.94 -0.05
C SER H 244 15.15 28.88 -1.11
N GLY H 245 15.44 28.35 -2.30
CA GLY H 245 15.93 29.18 -3.39
C GLY H 245 14.91 30.18 -3.89
N ASP H 246 13.62 29.88 -3.73
CA ASP H 246 12.62 30.88 -4.10
C ASP H 246 12.67 32.11 -3.22
N MET H 247 12.98 31.92 -1.93
CA MET H 247 13.10 33.05 -1.02
C MET H 247 14.27 33.95 -1.45
N VAL H 248 15.36 33.35 -1.91
CA VAL H 248 16.50 34.12 -2.40
C VAL H 248 16.10 34.98 -3.60
N LYS H 249 15.31 34.42 -4.53
CA LYS H 249 14.84 35.18 -5.69
C LYS H 249 13.90 36.32 -5.29
N ALA H 250 13.00 36.03 -4.35
CA ALA H 250 12.07 37.05 -3.90
C ALA H 250 12.82 38.20 -3.23
N LEU H 251 13.82 37.89 -2.40
CA LEU H 251 14.65 38.93 -1.78
C LEU H 251 15.52 39.64 -2.81
N ALA H 252 16.02 38.89 -3.80
CA ALA H 252 16.84 39.53 -4.84
C ALA H 252 16.01 40.42 -5.76
N ALA H 253 14.71 40.18 -5.87
CA ALA H 253 13.84 40.96 -6.73
C ALA H 253 13.32 42.25 -6.09
N GLY H 254 13.61 42.51 -4.81
CA GLY H 254 13.24 43.75 -4.15
C GLY H 254 12.58 43.63 -2.78
N ALA H 255 12.18 42.41 -2.39
CA ALA H 255 11.48 42.22 -1.12
C ALA H 255 12.44 42.30 0.06
N HIS H 256 11.99 42.95 1.14
CA HIS H 256 12.79 43.05 2.38
C HIS H 256 12.73 41.78 3.21
N VAL H 257 11.62 41.03 3.11
CA VAL H 257 11.35 39.90 4.00
C VAL H 257 10.33 39.03 3.28
N VAL H 258 10.30 37.75 3.61
CA VAL H 258 9.36 36.85 2.95
C VAL H 258 8.34 36.34 3.95
N MET H 259 7.12 36.09 3.46
CA MET H 259 6.06 35.47 4.25
C MET H 259 5.74 34.11 3.67
N LEU H 260 5.74 33.09 4.52
CA LEU H 260 5.52 31.71 4.11
C LEU H 260 4.38 31.13 4.91
N GLY H 261 3.58 30.30 4.24
CA GLY H 261 2.58 29.55 4.94
C GLY H 261 2.91 28.08 4.93
N SER H 262 2.90 27.48 3.73
CA SER H 262 3.01 26.02 3.64
C SER H 262 4.35 25.51 4.13
N MET H 263 5.43 26.26 3.96
CA MET H 263 6.72 25.80 4.50
C MET H 263 6.72 25.75 6.02
N PHE H 264 5.76 26.41 6.67
CA PHE H 264 5.71 26.38 8.13
C PHE H 264 4.57 25.56 8.69
N ALA H 265 3.54 25.25 7.88
CA ALA H 265 2.32 24.66 8.42
C ALA H 265 2.54 23.28 9.03
N GLY H 266 3.54 22.55 8.57
CA GLY H 266 3.78 21.24 9.11
C GLY H 266 4.67 21.19 10.33
N VAL H 267 5.17 22.33 10.85
CA VAL H 267 6.12 22.28 11.95
C VAL H 267 5.38 22.16 13.29
N ALA H 268 6.10 21.66 14.29
CA ALA H 268 5.46 21.34 15.56
C ALA H 268 4.74 22.54 16.15
N GLU H 269 5.34 23.72 16.02
CA GLU H 269 4.81 24.89 16.69
C GLU H 269 3.53 25.45 16.06
N SER H 270 3.20 25.04 14.82
CA SER H 270 2.00 25.54 14.15
C SER H 270 0.73 25.03 14.82
N PRO H 271 -0.36 25.79 14.76
CA PRO H 271 -1.59 25.34 15.42
C PRO H 271 -2.13 24.10 14.77
N GLY H 272 -2.75 23.26 15.58
CA GLY H 272 -3.27 22.00 15.09
C GLY H 272 -2.46 20.81 15.56
N GLU H 273 -3.12 19.66 15.55
CA GLU H 273 -2.56 18.40 16.01
C GLU H 273 -2.03 17.63 14.80
N THR H 274 -1.34 16.52 15.06
CA THR H 274 -0.72 15.77 13.97
C THR H 274 -1.70 14.69 13.52
N GLU H 275 -2.35 14.91 12.38
CA GLU H 275 -3.17 13.90 11.75
C GLU H 275 -2.31 12.78 11.15
N ILE H 276 -2.87 11.58 11.12
CA ILE H 276 -2.18 10.41 10.57
C ILE H 276 -2.86 10.00 9.26
N TYR H 277 -2.09 9.97 8.19
CA TYR H 277 -2.57 9.55 6.87
C TYR H 277 -1.55 8.56 6.33
N GLN H 278 -2.02 7.36 5.97
CA GLN H 278 -1.15 6.28 5.50
C GLN H 278 -0.01 6.01 6.48
N GLY H 279 -0.27 6.18 7.78
CA GLY H 279 0.76 5.92 8.78
C GLY H 279 1.69 7.10 9.00
N ARG H 280 2.03 7.82 7.93
CA ARG H 280 2.91 8.97 8.07
C ARG H 280 2.16 10.13 8.72
N GLN H 281 2.93 11.06 9.26
CA GLN H 281 2.36 12.18 9.97
C GLN H 281 2.18 13.40 9.06
N PHE H 282 1.02 14.06 9.21
CA PHE H 282 0.64 15.24 8.43
C PHE H 282 -0.02 16.25 9.34
N LYS H 283 -0.18 17.47 8.85
CA LYS H 283 -0.99 18.45 9.54
C LYS H 283 -1.89 19.16 8.54
N VAL H 284 -3.06 19.57 9.02
CA VAL H 284 -4.00 20.26 8.16
C VAL H 284 -3.42 21.61 7.76
N TYR H 285 -3.52 21.94 6.47
CA TYR H 285 -3.15 23.26 5.94
C TYR H 285 -4.21 23.69 4.94
N ARG H 286 -4.82 24.85 5.18
CA ARG H 286 -5.93 25.33 4.36
C ARG H 286 -5.84 26.84 4.17
N GLY H 287 -6.31 27.30 3.01
CA GLY H 287 -6.35 28.72 2.76
C GLY H 287 -7.45 29.38 3.59
N MET H 288 -7.19 30.64 3.98
CA MET H 288 -8.20 31.34 4.75
C MET H 288 -9.42 31.66 3.91
N GLY H 289 -9.33 31.55 2.58
CA GLY H 289 -10.48 31.69 1.73
C GLY H 289 -11.17 30.40 1.32
N SER H 290 -10.82 29.27 1.91
CA SER H 290 -11.50 28.01 1.60
C SER H 290 -12.81 27.90 2.36
N VAL H 291 -13.60 26.90 1.99
CA VAL H 291 -14.87 26.64 2.67
C VAL H 291 -14.64 26.40 4.15
N GLY H 292 -13.68 25.53 4.47
CA GLY H 292 -13.48 25.15 5.86
C GLY H 292 -13.05 26.31 6.74
N ALA H 293 -12.21 27.19 6.22
CA ALA H 293 -11.75 28.31 7.06
C ALA H 293 -12.85 29.33 7.29
N MET H 294 -13.78 29.48 6.33
CA MET H 294 -14.80 30.53 6.42
C MET H 294 -15.99 30.15 7.31
N GLU H 295 -16.17 28.88 7.63
CA GLU H 295 -17.25 28.46 8.51
C GLU H 295 -16.89 28.75 9.96
N LYS H 309 -24.02 29.39 -0.44
CA LYS H 309 -23.92 30.79 -0.85
C LYS H 309 -22.49 31.33 -0.69
N LEU H 310 -21.49 30.52 -0.97
CA LEU H 310 -20.10 30.88 -0.66
C LEU H 310 -19.20 30.43 -1.79
N VAL H 311 -18.43 31.36 -2.35
CA VAL H 311 -17.53 31.05 -3.45
C VAL H 311 -16.10 31.17 -2.95
N PRO H 312 -15.44 30.07 -2.65
CA PRO H 312 -14.11 30.14 -2.03
C PRO H 312 -13.04 30.47 -3.05
N GLU H 313 -11.86 30.88 -2.54
CA GLU H 313 -10.68 31.13 -3.35
C GLU H 313 -9.46 30.36 -2.85
N GLY H 314 -9.72 29.25 -2.16
CA GLY H 314 -8.67 28.39 -1.65
C GLY H 314 -9.22 27.01 -1.42
N ILE H 315 -8.29 26.11 -1.09
CA ILE H 315 -8.61 24.72 -0.82
C ILE H 315 -8.07 24.36 0.54
N GLU H 316 -8.35 23.14 0.97
CA GLU H 316 -7.83 22.57 2.20
C GLU H 316 -6.95 21.39 1.84
N GLY H 317 -5.86 21.23 2.57
CA GLY H 317 -4.97 20.15 2.26
C GLY H 317 -4.20 19.64 3.46
N ARG H 318 -3.11 18.94 3.19
CA ARG H 318 -2.27 18.35 4.21
C ARG H 318 -0.84 18.58 3.78
N VAL H 319 0.04 18.87 4.73
CA VAL H 319 1.46 18.91 4.40
C VAL H 319 2.16 18.01 5.42
N PRO H 320 3.24 17.36 5.04
CA PRO H 320 3.88 16.43 5.96
C PRO H 320 4.39 17.15 7.21
N TYR H 321 4.36 16.44 8.32
CA TYR H 321 4.89 16.94 9.57
C TYR H 321 6.40 17.07 9.47
N LYS H 322 6.93 18.20 9.93
CA LYS H 322 8.36 18.47 9.80
C LYS H 322 9.09 18.53 11.14
N GLY H 323 8.39 18.48 12.25
CA GLY H 323 9.04 18.55 13.52
C GLY H 323 9.19 19.98 13.97
N PRO H 324 10.21 20.25 14.78
CA PRO H 324 10.38 21.59 15.37
C PRO H 324 10.72 22.63 14.31
N LEU H 325 10.24 23.86 14.54
CA LEU H 325 10.41 24.93 13.56
C LEU H 325 11.87 25.20 13.25
N ALA H 326 12.75 25.07 14.25
CA ALA H 326 14.16 25.42 14.13
C ALA H 326 14.87 24.68 13.00
N ASP H 327 14.48 23.43 12.73
CA ASP H 327 15.16 22.68 11.68
C ASP H 327 14.81 23.22 10.30
N THR H 328 13.54 23.55 10.09
CA THR H 328 13.13 24.18 8.84
C THR H 328 13.81 25.52 8.67
N VAL H 329 13.88 26.31 9.75
CA VAL H 329 14.54 27.61 9.68
C VAL H 329 16.00 27.45 9.31
N HIS H 330 16.68 26.45 9.88
CA HIS H 330 18.09 26.26 9.55
C HIS H 330 18.30 25.97 8.07
N GLN H 331 17.43 25.15 7.47
CA GLN H 331 17.57 24.92 6.03
C GLN H 331 17.26 26.16 5.22
N LEU H 332 16.22 26.91 5.62
CA LEU H 332 15.81 28.12 4.89
C LEU H 332 16.91 29.17 4.96
N VAL H 333 17.34 29.52 6.18
CA VAL H 333 18.42 30.49 6.33
C VAL H 333 19.69 29.94 5.72
N GLY H 334 19.91 28.63 5.84
CA GLY H 334 21.06 28.04 5.20
C GLY H 334 21.02 28.23 3.69
N GLY H 335 19.84 28.08 3.10
CA GLY H 335 19.73 28.31 1.67
C GLY H 335 19.98 29.76 1.30
N LEU H 336 19.51 30.69 2.12
CA LEU H 336 19.76 32.11 1.84
C LEU H 336 21.25 32.45 1.93
N ARG H 337 21.94 31.92 2.94
CA ARG H 337 23.37 32.25 3.07
C ARG H 337 24.16 31.75 1.88
N ALA H 338 23.91 30.52 1.45
CA ALA H 338 24.63 29.98 0.30
C ALA H 338 24.36 30.83 -0.92
N GLY H 339 23.10 31.24 -1.11
CA GLY H 339 22.77 32.07 -2.25
C GLY H 339 23.48 33.41 -2.21
N MET H 340 23.46 34.06 -1.05
CA MET H 340 24.11 35.36 -0.96
C MET H 340 25.60 35.22 -1.22
N GLY H 341 26.19 34.13 -0.75
CA GLY H 341 27.59 33.88 -1.05
C GLY H 341 27.82 33.78 -2.55
N TYR H 342 26.92 33.09 -3.26
CA TYR H 342 27.05 32.97 -4.71
C TYR H 342 26.98 34.32 -5.40
N CYS H 343 26.16 35.25 -4.89
CA CYS H 343 26.00 36.57 -5.46
C CYS H 343 26.97 37.60 -4.91
N GLY H 344 27.87 37.22 -4.02
CA GLY H 344 28.77 38.20 -3.41
C GLY H 344 28.07 39.23 -2.55
N ALA H 345 26.94 38.86 -1.96
CA ALA H 345 26.13 39.77 -1.15
C ALA H 345 26.45 39.54 0.32
N GLN H 346 27.14 40.51 0.93
CA GLN H 346 27.39 40.46 2.37
C GLN H 346 26.12 40.73 3.18
N ASP H 347 25.21 41.60 2.67
CA ASP H 347 23.92 41.81 3.32
C ASP H 347 22.81 41.89 2.26
N LEU H 348 21.56 41.89 2.75
CA LEU H 348 20.40 41.81 1.86
C LEU H 348 20.17 43.09 1.08
N GLU H 349 20.59 44.25 1.60
CA GLU H 349 20.50 45.45 0.75
C GLU H 349 21.36 45.27 -0.48
N PHE H 350 22.59 44.76 -0.30
CA PHE H 350 23.42 44.46 -1.46
C PHE H 350 22.71 43.48 -2.38
N LEU H 351 22.01 42.49 -1.81
CA LEU H 351 21.28 41.54 -2.63
C LEU H 351 20.13 42.21 -3.38
N ARG H 352 19.41 43.09 -2.70
CA ARG H 352 18.28 43.76 -3.32
C ARG H 352 18.75 44.67 -4.47
N GLU H 353 19.88 45.36 -4.26
CA GLU H 353 20.36 46.38 -5.18
C GLU H 353 21.29 45.87 -6.27
N ASN H 354 21.89 44.69 -6.11
CA ASN H 354 22.89 44.26 -7.08
C ASN H 354 22.62 42.91 -7.74
N ALA H 355 21.89 42.00 -7.09
CA ALA H 355 21.73 40.69 -7.69
C ALA H 355 20.99 40.78 -9.02
N GLN H 356 21.50 40.05 -10.01
CA GLN H 356 20.96 40.00 -11.37
C GLN H 356 20.39 38.61 -11.62
N PHE H 357 19.33 38.55 -12.43
CA PHE H 357 18.68 37.30 -12.79
C PHE H 357 18.99 36.93 -14.24
N ILE H 358 18.77 35.66 -14.57
CA ILE H 358 18.77 35.19 -15.96
C ILE H 358 17.53 34.35 -16.19
N ARG H 359 16.84 34.57 -17.30
CA ARG H 359 15.62 33.84 -17.56
C ARG H 359 15.91 32.55 -18.32
N MET H 360 15.06 31.55 -18.09
CA MET H 360 15.24 30.22 -18.63
C MET H 360 13.91 29.60 -19.07
N SER H 361 14.00 28.52 -19.85
CA SER H 361 12.81 27.86 -20.33
C SER H 361 12.43 26.73 -19.40
N GLY H 362 11.36 26.01 -19.76
CA GLY H 362 11.04 24.79 -19.04
C GLY H 362 12.16 23.77 -19.09
N ALA H 363 12.87 23.71 -20.21
CA ALA H 363 14.04 22.86 -20.27
C ALA H 363 15.09 23.32 -19.27
N GLY H 364 15.21 24.63 -19.07
CA GLY H 364 16.13 25.13 -18.06
C GLY H 364 15.75 24.73 -16.64
N LEU H 365 14.47 24.86 -16.27
CA LEU H 365 14.03 24.45 -14.92
C LEU H 365 14.26 22.97 -14.67
N LEU H 366 14.00 22.13 -15.67
CA LEU H 366 14.24 20.70 -15.53
C LEU H 366 15.72 20.38 -15.43
N GLU H 367 16.58 21.24 -15.99
CA GLU H 367 18.01 21.10 -15.77
C GLU H 367 18.39 21.47 -14.34
N SER H 368 17.66 22.42 -13.72
CA SER H 368 18.04 22.90 -12.39
C SER H 368 17.76 21.88 -11.28
N HIS H 369 16.62 21.20 -11.38
CA HIS H 369 16.30 20.14 -10.43
C HIS H 369 17.19 18.94 -10.66
N PRO H 370 17.23 18.02 -9.71
CA PRO H 370 17.81 16.71 -9.99
C PRO H 370 17.03 16.07 -11.11
N HIS H 371 17.74 15.37 -11.99
CA HIS H 371 17.11 14.77 -13.16
C HIS H 371 17.91 13.53 -13.53
N HIS H 372 17.22 12.54 -14.08
CA HIS H 372 17.86 11.35 -14.62
C HIS H 372 18.60 10.57 -13.53
N VAL H 373 18.03 10.54 -12.34
CA VAL H 373 18.56 9.75 -11.24
C VAL H 373 17.41 9.36 -10.32
N GLN H 374 17.39 8.11 -9.89
CA GLN H 374 16.39 7.70 -8.92
C GLN H 374 16.88 8.14 -7.55
N ILE H 375 16.12 8.98 -6.84
CA ILE H 375 16.56 9.50 -5.54
C ILE H 375 16.54 8.39 -4.50
N THR H 376 17.60 8.30 -3.70
CA THR H 376 17.62 7.24 -2.68
C THR H 376 16.93 7.73 -1.42
N LYS H 377 17.37 8.88 -0.92
CA LYS H 377 16.99 9.41 0.38
C LYS H 377 16.33 10.77 0.22
N GLU H 378 15.57 11.15 1.23
CA GLU H 378 15.04 12.51 1.29
C GLU H 378 16.15 13.45 1.78
N ALA H 379 16.26 14.69 1.09
CA ALA H 379 17.17 15.72 1.56
C ALA H 379 16.46 16.62 2.57
N PRO H 380 17.19 17.19 3.54
CA PRO H 380 16.54 18.11 4.49
C PRO H 380 15.99 19.37 3.84
N ASN H 381 16.43 19.72 2.63
CA ASN H 381 15.98 20.92 1.93
C ASN H 381 15.30 20.61 0.59
N TYR H 382 15.06 19.33 0.26
CA TYR H 382 14.44 18.94 -1.02
C TYR H 382 13.56 17.72 -0.81
N SER H 383 12.24 17.89 -0.98
CA SER H 383 11.28 16.80 -0.77
C SER H 383 10.96 16.11 -2.09
#